data_2OQP
#
_entry.id   2OQP
#
_entity_poly.entity_id   1
_entity_poly.type   'polypeptide(L)'
_entity_poly.pdbx_seq_one_letter_code
;MQGQDRHMIRMRQLIDIVDQLKNYVNDLVPEFLPAPEDVETNCEWSAFSCFQKAQLKSANTGNNERIINVSIKKLKRKPP
STNAGRRQKHRLTCPSCDSYEKKPPKEFLERFKSLLQKMIHQHLSSRTHGSEDS
;
_entity_poly.pdbx_strand_id   A
#
# COMPACT_ATOMS: atom_id res chain seq x y z
N MET A 1 -17.09 -5.66 19.67
CA MET A 1 -17.99 -6.77 19.89
C MET A 1 -18.27 -7.52 18.59
N GLN A 2 -18.73 -6.78 17.60
CA GLN A 2 -19.04 -7.35 16.29
C GLN A 2 -19.18 -6.26 15.25
N GLY A 3 -19.08 -6.66 13.99
CA GLY A 3 -19.19 -5.73 12.88
C GLY A 3 -17.93 -5.76 12.00
N GLN A 4 -18.00 -5.00 10.92
CA GLN A 4 -16.87 -4.94 10.00
C GLN A 4 -16.87 -3.58 9.27
N ASP A 5 -16.03 -2.69 9.76
CA ASP A 5 -15.92 -1.36 9.17
C ASP A 5 -15.52 -1.50 7.70
N ARG A 6 -16.09 -0.64 6.87
CA ARG A 6 -15.81 -0.66 5.45
C ARG A 6 -14.34 -0.32 5.20
N HIS A 7 -13.88 0.72 5.86
CA HIS A 7 -12.50 1.15 5.72
C HIS A 7 -11.57 -0.01 6.10
N MET A 8 -11.75 -0.51 7.30
CA MET A 8 -10.95 -1.60 7.80
C MET A 8 -10.74 -2.67 6.72
N ILE A 9 -11.85 -3.13 6.17
CA ILE A 9 -11.81 -4.14 5.12
C ILE A 9 -10.65 -3.83 4.17
N ARG A 10 -10.58 -2.57 3.75
CA ARG A 10 -9.54 -2.14 2.84
C ARG A 10 -8.17 -2.33 3.48
N MET A 11 -7.96 -1.65 4.60
CA MET A 11 -6.71 -1.74 5.32
C MET A 11 -6.21 -3.19 5.39
N ARG A 12 -6.94 -3.99 6.16
CA ARG A 12 -6.58 -5.39 6.33
C ARG A 12 -6.37 -6.04 4.96
N GLN A 13 -7.28 -5.73 4.04
CA GLN A 13 -7.20 -6.27 2.69
C GLN A 13 -5.84 -5.94 2.06
N LEU A 14 -5.47 -4.68 2.17
CA LEU A 14 -4.21 -4.21 1.62
C LEU A 14 -3.07 -5.08 2.16
N ILE A 15 -3.08 -5.25 3.47
CA ILE A 15 -2.06 -6.05 4.13
C ILE A 15 -2.27 -7.52 3.77
N ASP A 16 -3.51 -7.86 3.49
CA ASP A 16 -3.86 -9.23 3.14
C ASP A 16 -3.28 -9.55 1.76
N ILE A 17 -3.78 -8.85 0.76
CA ILE A 17 -3.31 -9.05 -0.60
C ILE A 17 -1.79 -9.04 -0.63
N VAL A 18 -1.21 -8.07 0.07
CA VAL A 18 0.23 -7.94 0.13
C VAL A 18 0.83 -9.28 0.57
N ASP A 19 0.40 -9.73 1.74
CA ASP A 19 0.89 -10.99 2.29
C ASP A 19 0.49 -12.13 1.35
N GLN A 20 -0.67 -11.97 0.74
CA GLN A 20 -1.18 -12.98 -0.18
C GLN A 20 -0.26 -13.12 -1.39
N LEU A 21 -0.04 -12.00 -2.06
CA LEU A 21 0.82 -11.97 -3.22
C LEU A 21 2.24 -12.34 -2.82
N LYS A 22 2.62 -11.89 -1.62
CA LYS A 22 3.95 -12.17 -1.10
C LYS A 22 4.18 -13.68 -1.09
N ASN A 23 3.23 -14.39 -0.51
CA ASN A 23 3.31 -15.84 -0.42
C ASN A 23 3.59 -16.41 -1.82
N TYR A 24 3.26 -15.62 -2.82
CA TYR A 24 3.47 -16.03 -4.20
C TYR A 24 4.63 -15.26 -4.83
N VAL A 25 5.61 -14.94 -4.01
CA VAL A 25 6.78 -14.20 -4.47
C VAL A 25 7.33 -14.87 -5.73
N ASN A 26 7.21 -16.19 -5.75
CA ASN A 26 7.70 -16.96 -6.88
C ASN A 26 7.05 -16.44 -8.17
N ASP A 27 5.96 -15.72 -7.99
CA ASP A 27 5.24 -15.15 -9.12
C ASP A 27 5.34 -13.62 -9.08
N LEU A 28 6.54 -13.16 -8.74
CA LEU A 28 6.78 -11.73 -8.67
C LEU A 28 7.91 -11.35 -9.61
N VAL A 29 7.58 -10.52 -10.58
CA VAL A 29 8.56 -10.07 -11.56
C VAL A 29 9.31 -8.85 -11.00
N PRO A 30 10.67 -8.93 -11.08
CA PRO A 30 11.51 -7.86 -10.60
C PRO A 30 11.50 -6.68 -11.56
N GLU A 31 10.88 -5.58 -11.12
CA GLU A 31 10.79 -4.39 -11.93
C GLU A 31 10.91 -3.14 -11.05
N PHE A 32 11.24 -2.03 -11.70
CA PHE A 32 11.39 -0.78 -10.99
C PHE A 32 10.04 -0.29 -10.45
N LEU A 33 9.82 -0.56 -9.18
CA LEU A 33 8.58 -0.16 -8.52
C LEU A 33 8.89 0.92 -7.49
N PRO A 34 8.01 1.98 -7.50
CA PRO A 34 8.18 3.09 -6.58
C PRO A 34 7.74 2.69 -5.17
N ALA A 35 8.63 2.95 -4.21
CA ALA A 35 8.35 2.62 -2.82
C ALA A 35 8.79 3.78 -1.94
N PRO A 36 7.77 4.48 -1.35
CA PRO A 36 8.04 5.60 -0.48
C PRO A 36 8.56 5.14 0.88
N GLU A 37 9.83 5.44 1.13
CA GLU A 37 10.46 5.06 2.38
C GLU A 37 10.38 6.22 3.38
N ASP A 38 9.69 5.96 4.49
CA ASP A 38 9.55 6.97 5.53
C ASP A 38 8.83 8.19 4.95
N VAL A 39 7.52 8.22 5.15
CA VAL A 39 6.71 9.32 4.66
C VAL A 39 6.25 10.19 5.83
N GLU A 40 6.04 11.46 5.54
CA GLU A 40 5.61 12.39 6.56
C GLU A 40 4.33 11.89 7.23
N THR A 41 4.06 12.43 8.40
CA THR A 41 2.87 12.04 9.15
C THR A 41 1.67 11.92 8.21
N ASN A 42 1.45 12.97 7.44
CA ASN A 42 0.34 12.98 6.50
C ASN A 42 0.89 12.94 5.08
N CYS A 43 1.67 11.91 4.80
CA CYS A 43 2.27 11.74 3.50
C CYS A 43 1.89 10.35 2.98
N GLU A 44 1.94 9.38 3.87
CA GLU A 44 1.61 8.01 3.51
C GLU A 44 0.44 7.99 2.50
N TRP A 45 -0.48 8.92 2.70
CA TRP A 45 -1.63 9.02 1.82
C TRP A 45 -1.12 9.30 0.40
N SER A 46 -0.39 10.40 0.27
CA SER A 46 0.16 10.79 -1.02
C SER A 46 1.07 9.68 -1.55
N ALA A 47 1.53 8.84 -0.63
CA ALA A 47 2.41 7.75 -1.00
C ALA A 47 1.56 6.54 -1.41
N PHE A 48 0.43 6.40 -0.75
CA PHE A 48 -0.47 5.29 -1.03
C PHE A 48 -0.72 5.17 -2.54
N SER A 49 -0.53 6.28 -3.23
CA SER A 49 -0.72 6.30 -4.68
C SER A 49 0.49 5.69 -5.38
N CYS A 50 1.65 5.92 -4.79
CA CYS A 50 2.89 5.40 -5.34
C CYS A 50 2.78 3.88 -5.40
N PHE A 51 1.95 3.34 -4.52
CA PHE A 51 1.74 1.91 -4.44
C PHE A 51 0.66 1.45 -5.42
N GLN A 52 -0.01 2.43 -6.00
CA GLN A 52 -1.08 2.15 -6.95
C GLN A 52 -0.52 2.09 -8.37
N LYS A 53 0.21 3.13 -8.74
CA LYS A 53 0.80 3.20 -10.06
C LYS A 53 1.93 2.17 -10.17
N ALA A 54 2.40 1.74 -9.01
CA ALA A 54 3.47 0.76 -8.96
C ALA A 54 3.18 -0.38 -9.94
N GLN A 55 1.94 -0.85 -9.87
CA GLN A 55 1.50 -1.94 -10.74
C GLN A 55 2.29 -3.21 -10.44
N LEU A 56 1.72 -4.03 -9.57
CA LEU A 56 2.36 -5.27 -9.18
C LEU A 56 2.27 -6.27 -10.34
N LYS A 57 3.42 -6.60 -10.89
CA LYS A 57 3.48 -7.54 -12.00
C LYS A 57 4.11 -8.86 -11.52
N SER A 58 3.47 -9.95 -11.92
CA SER A 58 3.95 -11.26 -11.53
C SER A 58 4.84 -11.84 -12.63
N ALA A 59 5.74 -12.72 -12.23
CA ALA A 59 6.66 -13.34 -13.15
C ALA A 59 5.87 -13.88 -14.36
N ASN A 60 4.61 -14.18 -14.10
CA ASN A 60 3.73 -14.70 -15.14
C ASN A 60 4.45 -15.83 -15.88
N THR A 61 4.55 -16.96 -15.19
CA THR A 61 5.22 -18.13 -15.76
C THR A 61 4.35 -19.38 -15.57
N GLY A 62 3.14 -19.15 -15.07
CA GLY A 62 2.21 -20.24 -14.84
C GLY A 62 2.31 -20.76 -13.40
N ASN A 63 1.25 -20.50 -12.64
CA ASN A 63 1.22 -20.93 -11.25
C ASN A 63 0.25 -20.03 -10.48
N ASN A 64 0.79 -18.91 -10.00
CA ASN A 64 -0.01 -17.96 -9.24
C ASN A 64 -0.12 -16.66 -10.02
N GLU A 65 -0.25 -16.79 -11.33
CA GLU A 65 -0.36 -15.62 -12.20
C GLU A 65 -1.76 -15.03 -12.12
N ARG A 66 -2.73 -15.82 -12.55
CA ARG A 66 -4.12 -15.39 -12.53
C ARG A 66 -4.54 -15.00 -11.11
N ILE A 67 -4.05 -15.78 -10.15
CA ILE A 67 -4.36 -15.52 -8.75
C ILE A 67 -3.82 -14.14 -8.36
N ILE A 68 -2.57 -13.90 -8.72
CA ILE A 68 -1.93 -12.64 -8.40
C ILE A 68 -2.87 -11.49 -8.80
N ASN A 69 -3.57 -11.69 -9.90
CA ASN A 69 -4.50 -10.69 -10.40
C ASN A 69 -5.48 -10.31 -9.28
N VAL A 70 -5.59 -11.22 -8.32
CA VAL A 70 -6.49 -10.99 -7.19
C VAL A 70 -5.86 -9.97 -6.25
N SER A 71 -4.54 -9.98 -6.20
CA SER A 71 -3.81 -9.07 -5.35
C SER A 71 -3.70 -7.69 -6.01
N ILE A 72 -3.51 -7.73 -7.32
CA ILE A 72 -3.39 -6.50 -8.10
C ILE A 72 -4.64 -5.63 -7.87
N LYS A 73 -5.79 -6.25 -8.11
CA LYS A 73 -7.06 -5.56 -7.95
C LYS A 73 -7.03 -4.76 -6.64
N LYS A 74 -6.95 -5.49 -5.54
CA LYS A 74 -6.91 -4.87 -4.22
C LYS A 74 -5.73 -3.90 -4.15
N LEU A 75 -4.55 -4.44 -4.37
CA LEU A 75 -3.34 -3.64 -4.33
C LEU A 75 -3.60 -2.29 -5.01
N LYS A 76 -4.30 -2.37 -6.14
CA LYS A 76 -4.62 -1.17 -6.89
C LYS A 76 -5.84 -0.49 -6.26
N ARG A 77 -5.72 -0.23 -4.95
CA ARG A 77 -6.79 0.42 -4.22
C ARG A 77 -6.63 1.93 -4.27
N LYS A 78 -7.76 2.61 -4.45
CA LYS A 78 -7.76 4.06 -4.53
C LYS A 78 -7.74 4.64 -3.11
N PRO A 79 -7.06 5.81 -2.97
CA PRO A 79 -6.95 6.47 -1.69
C PRO A 79 -8.27 7.16 -1.32
N PRO A 80 -8.31 7.69 -0.07
CA PRO A 80 -9.49 8.37 0.42
C PRO A 80 -9.64 9.76 -0.21
N SER A 81 -10.26 9.78 -1.37
CA SER A 81 -10.46 11.04 -2.09
C SER A 81 -9.11 11.62 -2.51
N THR A 82 -9.13 12.31 -3.64
CA THR A 82 -7.91 12.93 -4.16
C THR A 82 -6.70 12.08 -3.80
N ASN A 83 -6.04 12.48 -2.72
CA ASN A 83 -4.86 11.77 -2.26
C ASN A 83 -4.37 12.39 -0.95
N ALA A 84 -3.94 13.64 -1.04
CA ALA A 84 -3.45 14.35 0.12
C ALA A 84 -4.12 15.73 0.19
N GLY A 85 -5.20 15.79 0.93
CA GLY A 85 -5.94 17.03 1.07
C GLY A 85 -6.69 17.39 -0.21
N ARG A 86 -7.66 18.28 -0.06
CA ARG A 86 -8.46 18.71 -1.20
C ARG A 86 -8.38 20.22 -1.35
N ARG A 87 -8.50 20.91 -0.22
CA ARG A 87 -8.45 22.36 -0.23
C ARG A 87 -7.06 22.84 0.18
N GLN A 88 -6.17 22.84 -0.81
CA GLN A 88 -4.80 23.28 -0.57
C GLN A 88 -4.27 22.68 0.74
N LYS A 89 -4.27 21.35 0.78
CA LYS A 89 -3.79 20.65 1.97
C LYS A 89 -4.45 21.25 3.21
N HIS A 90 -3.96 20.83 4.37
CA HIS A 90 -4.49 21.30 5.63
C HIS A 90 -3.48 21.04 6.74
N ARG A 91 -3.59 19.87 7.34
CA ARG A 91 -2.70 19.48 8.42
C ARG A 91 -1.26 19.88 8.09
N LEU A 92 -0.86 19.59 6.86
CA LEU A 92 0.48 19.92 6.41
C LEU A 92 0.62 19.55 4.94
N THR A 93 1.60 20.16 4.30
CA THR A 93 1.86 19.93 2.89
C THR A 93 2.89 18.81 2.71
N CYS A 94 2.82 18.14 1.57
CA CYS A 94 3.73 17.06 1.28
C CYS A 94 4.26 17.25 -0.14
N PRO A 95 5.51 16.76 -0.36
CA PRO A 95 6.14 16.87 -1.67
C PRO A 95 5.53 15.87 -2.66
N SER A 96 6.17 15.77 -3.81
CA SER A 96 5.71 14.85 -4.84
C SER A 96 5.72 13.41 -4.30
N CYS A 97 5.24 12.50 -5.14
CA CYS A 97 5.19 11.10 -4.76
C CYS A 97 6.40 10.39 -5.36
N ASP A 98 6.39 10.29 -6.68
CA ASP A 98 7.48 9.64 -7.39
C ASP A 98 8.75 10.48 -7.26
N SER A 99 9.43 10.29 -6.14
CA SER A 99 10.67 11.02 -5.87
C SER A 99 11.74 10.06 -5.37
N TYR A 100 11.35 9.20 -4.44
CA TYR A 100 12.27 8.24 -3.86
C TYR A 100 12.81 7.29 -4.94
N GLU A 101 13.51 6.27 -4.48
CA GLU A 101 14.09 5.29 -5.39
C GLU A 101 13.16 4.09 -5.51
N LYS A 102 13.36 3.34 -6.59
CA LYS A 102 12.55 2.16 -6.84
C LYS A 102 13.08 0.99 -6.00
N LYS A 103 12.37 -0.12 -6.10
CA LYS A 103 12.76 -1.31 -5.35
C LYS A 103 12.07 -2.54 -5.97
N PRO A 104 12.42 -3.72 -5.39
CA PRO A 104 11.85 -4.98 -5.88
C PRO A 104 10.39 -5.13 -5.43
N PRO A 105 9.74 -6.21 -5.93
CA PRO A 105 8.36 -6.48 -5.58
C PRO A 105 8.25 -7.04 -4.16
N LYS A 106 9.14 -7.96 -3.85
CA LYS A 106 9.15 -8.57 -2.53
C LYS A 106 9.22 -7.48 -1.47
N GLU A 107 10.05 -6.48 -1.72
CA GLU A 107 10.21 -5.38 -0.81
C GLU A 107 9.05 -4.40 -0.95
N PHE A 108 8.79 -4.00 -2.19
CA PHE A 108 7.71 -3.06 -2.47
C PHE A 108 6.43 -3.49 -1.76
N LEU A 109 6.28 -4.79 -1.60
CA LEU A 109 5.10 -5.33 -0.94
C LEU A 109 5.33 -5.32 0.58
N GLU A 110 6.43 -5.94 0.99
CA GLU A 110 6.77 -6.01 2.39
C GLU A 110 6.82 -4.60 3.00
N ARG A 111 6.95 -3.62 2.13
CA ARG A 111 7.01 -2.24 2.56
C ARG A 111 5.62 -1.61 2.53
N PHE A 112 4.96 -1.75 1.39
CA PHE A 112 3.64 -1.20 1.21
C PHE A 112 2.71 -1.64 2.36
N LYS A 113 2.61 -2.94 2.54
CA LYS A 113 1.77 -3.49 3.58
C LYS A 113 2.14 -2.85 4.92
N SER A 114 3.44 -2.73 5.14
CA SER A 114 3.93 -2.14 6.37
C SER A 114 3.54 -0.66 6.44
N LEU A 115 3.90 0.07 5.39
CA LEU A 115 3.59 1.48 5.32
C LEU A 115 2.13 1.69 5.71
N LEU A 116 1.28 0.79 5.26
CA LEU A 116 -0.14 0.87 5.56
C LEU A 116 -0.35 0.68 7.06
N GLN A 117 -0.09 -0.53 7.52
CA GLN A 117 -0.24 -0.85 8.93
C GLN A 117 0.64 0.06 9.78
N LYS A 118 1.48 0.83 9.09
CA LYS A 118 2.38 1.74 9.77
C LYS A 118 1.62 3.01 10.15
N MET A 119 1.20 3.74 9.13
CA MET A 119 0.46 4.97 9.34
C MET A 119 -1.05 4.73 9.27
N ILE A 120 -1.49 4.31 8.09
CA ILE A 120 -2.90 4.04 7.86
C ILE A 120 -3.51 3.45 9.14
N HIS A 121 -2.95 2.32 9.55
CA HIS A 121 -3.43 1.65 10.75
C HIS A 121 -3.60 2.66 11.88
N GLN A 122 -2.46 3.11 12.40
CA GLN A 122 -2.46 4.08 13.48
C GLN A 122 -3.44 5.21 13.18
N HIS A 123 -3.49 5.58 11.90
CA HIS A 123 -4.38 6.64 11.47
C HIS A 123 -5.73 6.50 12.16
N LEU A 124 -6.06 5.27 12.50
CA LEU A 124 -7.32 4.98 13.18
C LEU A 124 -7.10 4.99 14.69
N SER A 125 -6.13 4.21 15.11
CA SER A 125 -5.81 4.11 16.53
C SER A 125 -4.35 3.66 16.71
N SER A 126 -3.65 4.35 17.60
CA SER A 126 -2.27 4.04 17.87
C SER A 126 -2.11 2.53 18.09
N ARG A 127 -2.50 2.09 19.27
CA ARG A 127 -2.40 0.68 19.61
C ARG A 127 -0.95 0.29 19.85
N THR A 128 -0.52 0.43 21.10
CA THR A 128 0.85 0.08 21.46
C THR A 128 1.81 0.50 20.34
N HIS A 129 2.30 1.73 20.46
CA HIS A 129 3.24 2.25 19.47
C HIS A 129 4.67 1.91 19.89
N GLY A 130 5.42 1.42 18.92
CA GLY A 130 6.81 1.05 19.17
C GLY A 130 7.30 0.00 18.17
N SER A 131 7.79 0.50 17.03
CA SER A 131 8.28 -0.39 15.98
C SER A 131 9.59 0.17 15.42
N GLU A 132 10.60 -0.68 15.42
CA GLU A 132 11.90 -0.30 14.91
C GLU A 132 12.90 -1.45 15.06
N ASP A 133 13.63 -1.69 13.99
CA ASP A 133 14.63 -2.76 13.99
C ASP A 133 15.87 -2.30 13.22
N SER A 134 15.63 -1.89 11.98
CA SER A 134 16.72 -1.44 11.13
C SER A 134 16.54 0.06 10.83
N MET A 1 -11.58 -12.34 16.83
CA MET A 1 -12.87 -13.00 16.83
C MET A 1 -13.91 -12.19 17.62
N GLN A 2 -14.49 -11.22 16.95
CA GLN A 2 -15.49 -10.37 17.57
C GLN A 2 -15.92 -9.26 16.62
N GLY A 3 -16.75 -9.63 15.66
CA GLY A 3 -17.24 -8.68 14.67
C GLY A 3 -16.10 -8.13 13.83
N GLN A 4 -16.42 -7.12 13.03
CA GLN A 4 -15.43 -6.50 12.17
C GLN A 4 -15.87 -5.08 11.78
N ASP A 5 -14.95 -4.35 11.18
CA ASP A 5 -15.23 -3.00 10.76
C ASP A 5 -14.97 -2.87 9.25
N ARG A 6 -15.72 -1.97 8.63
CA ARG A 6 -15.59 -1.74 7.20
C ARG A 6 -14.25 -1.06 6.90
N HIS A 7 -13.71 -0.41 7.91
CA HIS A 7 -12.44 0.29 7.77
C HIS A 7 -11.29 -0.70 7.94
N MET A 8 -11.48 -1.62 8.88
CA MET A 8 -10.47 -2.63 9.16
C MET A 8 -10.26 -3.54 7.95
N ILE A 9 -11.37 -3.96 7.35
CA ILE A 9 -11.31 -4.82 6.19
C ILE A 9 -10.74 -4.04 5.00
N ARG A 10 -11.02 -2.74 5.00
CA ARG A 10 -10.55 -1.87 3.93
C ARG A 10 -9.02 -1.95 3.84
N MET A 11 -8.38 -1.98 5.00
CA MET A 11 -6.94 -2.03 5.07
C MET A 11 -6.45 -3.48 5.25
N ARG A 12 -7.11 -4.17 6.17
CA ARG A 12 -6.75 -5.55 6.45
C ARG A 12 -6.66 -6.35 5.15
N GLN A 13 -7.67 -6.21 4.32
CA GLN A 13 -7.71 -6.91 3.05
C GLN A 13 -6.41 -6.67 2.28
N LEU A 14 -5.97 -5.42 2.29
CA LEU A 14 -4.74 -5.04 1.60
C LEU A 14 -3.56 -5.78 2.22
N ILE A 15 -3.29 -5.45 3.48
CA ILE A 15 -2.20 -6.07 4.20
C ILE A 15 -2.17 -7.57 3.89
N ASP A 16 -3.35 -8.17 3.89
CA ASP A 16 -3.48 -9.58 3.60
C ASP A 16 -3.12 -9.84 2.14
N ILE A 17 -3.74 -9.05 1.27
CA ILE A 17 -3.49 -9.17 -0.16
C ILE A 17 -1.99 -9.20 -0.42
N VAL A 18 -1.29 -8.29 0.25
CA VAL A 18 0.15 -8.20 0.10
C VAL A 18 0.80 -9.51 0.56
N ASP A 19 0.67 -9.78 1.86
CA ASP A 19 1.23 -10.99 2.43
C ASP A 19 0.97 -12.16 1.49
N GLN A 20 -0.23 -12.16 0.92
CA GLN A 20 -0.61 -13.22 -0.01
C GLN A 20 0.31 -13.23 -1.22
N LEU A 21 0.52 -12.04 -1.78
CA LEU A 21 1.38 -11.89 -2.94
C LEU A 21 2.84 -12.09 -2.52
N LYS A 22 3.13 -11.66 -1.31
CA LYS A 22 4.48 -11.78 -0.78
C LYS A 22 4.87 -13.26 -0.74
N ASN A 23 3.95 -14.07 -0.26
CA ASN A 23 4.19 -15.50 -0.16
C ASN A 23 4.16 -16.12 -1.56
N TYR A 24 3.88 -15.26 -2.54
CA TYR A 24 3.83 -15.71 -3.92
C TYR A 24 4.91 -15.03 -4.76
N VAL A 25 5.77 -14.29 -4.07
CA VAL A 25 6.86 -13.59 -4.73
C VAL A 25 7.47 -14.50 -5.81
N ASN A 26 7.42 -15.79 -5.54
CA ASN A 26 7.95 -16.77 -6.48
C ASN A 26 7.48 -16.43 -7.90
N ASP A 27 6.35 -15.74 -7.95
CA ASP A 27 5.79 -15.34 -9.24
C ASP A 27 5.68 -13.82 -9.29
N LEU A 28 6.80 -13.16 -9.04
CA LEU A 28 6.85 -11.71 -9.06
C LEU A 28 7.88 -11.25 -10.09
N VAL A 29 7.51 -10.20 -10.81
CA VAL A 29 8.39 -9.64 -11.83
C VAL A 29 9.04 -8.36 -11.30
N PRO A 30 10.40 -8.35 -11.33
CA PRO A 30 11.15 -7.19 -10.85
C PRO A 30 11.07 -6.04 -11.86
N GLU A 31 10.48 -4.95 -11.42
CA GLU A 31 10.33 -3.78 -12.26
C GLU A 31 10.47 -2.50 -11.44
N PHE A 32 10.73 -1.40 -12.13
CA PHE A 32 10.90 -0.11 -11.47
C PHE A 32 9.58 0.33 -10.83
N LEU A 33 9.44 0.00 -9.56
CA LEU A 33 8.24 0.37 -8.82
C LEU A 33 8.58 1.48 -7.83
N PRO A 34 7.74 2.55 -7.84
CA PRO A 34 7.94 3.68 -6.94
C PRO A 34 7.51 3.32 -5.52
N ALA A 35 8.50 2.97 -4.70
CA ALA A 35 8.24 2.62 -3.33
C ALA A 35 8.72 3.74 -2.40
N PRO A 36 7.74 4.39 -1.72
CA PRO A 36 8.06 5.49 -0.82
C PRO A 36 8.65 4.96 0.48
N GLU A 37 9.90 5.34 0.73
CA GLU A 37 10.59 4.92 1.92
C GLU A 37 10.46 5.98 3.02
N ASP A 38 9.70 5.63 4.05
CA ASP A 38 9.49 6.54 5.16
C ASP A 38 8.91 7.86 4.64
N VAL A 39 7.60 7.99 4.78
CA VAL A 39 6.92 9.19 4.32
C VAL A 39 6.50 10.02 5.53
N GLU A 40 6.27 11.30 5.28
CA GLU A 40 5.86 12.22 6.33
C GLU A 40 4.61 11.69 7.05
N THR A 41 4.35 12.26 8.20
CA THR A 41 3.20 11.86 8.99
C THR A 41 1.95 11.82 8.12
N ASN A 42 1.75 12.89 7.37
CA ASN A 42 0.59 12.99 6.49
C ASN A 42 1.07 13.07 5.04
N CYS A 43 1.86 12.07 4.65
CA CYS A 43 2.38 12.02 3.30
C CYS A 43 2.05 10.66 2.70
N GLU A 44 2.26 9.63 3.50
CA GLU A 44 1.98 8.27 3.07
C GLU A 44 0.68 8.23 2.26
N TRP A 45 -0.24 9.11 2.62
CA TRP A 45 -1.52 9.18 1.93
C TRP A 45 -1.25 9.54 0.47
N SER A 46 -0.47 10.58 0.27
CA SER A 46 -0.13 11.03 -1.07
C SER A 46 0.80 10.02 -1.74
N ALA A 47 1.39 9.17 -0.90
CA ALA A 47 2.30 8.15 -1.41
C ALA A 47 1.51 6.90 -1.81
N PHE A 48 0.41 6.68 -1.10
CA PHE A 48 -0.44 5.54 -1.36
C PHE A 48 -0.69 5.39 -2.87
N SER A 49 -0.58 6.50 -3.57
CA SER A 49 -0.79 6.51 -5.01
C SER A 49 0.34 5.76 -5.70
N CYS A 50 1.56 6.00 -5.23
CA CYS A 50 2.73 5.35 -5.79
C CYS A 50 2.46 3.85 -5.86
N PHE A 51 1.98 3.31 -4.75
CA PHE A 51 1.66 1.89 -4.67
C PHE A 51 0.55 1.52 -5.65
N GLN A 52 -0.24 2.52 -6.01
CA GLN A 52 -1.34 2.32 -6.93
C GLN A 52 -0.84 2.32 -8.38
N LYS A 53 0.09 3.22 -8.64
CA LYS A 53 0.67 3.34 -9.97
C LYS A 53 1.71 2.24 -10.17
N ALA A 54 2.39 1.90 -9.08
CA ALA A 54 3.41 0.87 -9.13
C ALA A 54 2.94 -0.29 -10.00
N GLN A 55 1.77 -0.80 -9.66
CA GLN A 55 1.19 -1.91 -10.41
C GLN A 55 2.07 -3.16 -10.28
N LEU A 56 1.72 -3.97 -9.30
CA LEU A 56 2.47 -5.20 -9.05
C LEU A 56 2.14 -6.22 -10.14
N LYS A 57 3.18 -6.72 -10.78
CA LYS A 57 3.03 -7.69 -11.84
C LYS A 57 3.80 -8.97 -11.48
N SER A 58 3.28 -10.09 -11.97
CA SER A 58 3.91 -11.37 -11.72
C SER A 58 4.79 -11.78 -12.90
N ALA A 59 5.76 -12.63 -12.61
CA ALA A 59 6.68 -13.10 -13.64
C ALA A 59 5.88 -13.71 -14.79
N ASN A 60 4.64 -14.07 -14.47
CA ASN A 60 3.76 -14.68 -15.46
C ASN A 60 4.35 -16.00 -15.92
N THR A 61 4.76 -16.80 -14.95
CA THR A 61 5.34 -18.09 -15.25
C THR A 61 4.94 -19.13 -14.18
N GLY A 62 3.78 -18.88 -13.58
CA GLY A 62 3.26 -19.76 -12.56
C GLY A 62 1.74 -19.64 -12.45
N ASN A 63 1.14 -20.66 -11.84
CA ASN A 63 -0.30 -20.69 -11.67
C ASN A 63 -0.73 -19.45 -10.88
N ASN A 64 -0.03 -19.20 -9.78
CA ASN A 64 -0.34 -18.06 -8.93
C ASN A 64 -0.60 -16.84 -9.81
N GLU A 65 0.04 -16.84 -10.98
CA GLU A 65 -0.13 -15.74 -11.91
C GLU A 65 -1.58 -15.25 -11.91
N ARG A 66 -2.50 -16.20 -11.89
CA ARG A 66 -3.91 -15.87 -11.89
C ARG A 66 -4.32 -15.31 -10.52
N ILE A 67 -4.03 -16.09 -9.49
CA ILE A 67 -4.37 -15.69 -8.13
C ILE A 67 -3.82 -14.27 -7.88
N ILE A 68 -2.57 -14.08 -8.27
CA ILE A 68 -1.93 -12.79 -8.10
C ILE A 68 -2.87 -11.68 -8.57
N ASN A 69 -3.57 -11.97 -9.65
CA ASN A 69 -4.51 -11.02 -10.21
C ASN A 69 -5.45 -10.51 -9.12
N VAL A 70 -5.56 -11.33 -8.07
CA VAL A 70 -6.42 -10.98 -6.94
C VAL A 70 -5.73 -9.91 -6.09
N SER A 71 -4.41 -9.99 -6.04
CA SER A 71 -3.63 -9.04 -5.27
C SER A 71 -3.51 -7.72 -6.05
N ILE A 72 -3.83 -7.79 -7.33
CA ILE A 72 -3.76 -6.62 -8.19
C ILE A 72 -5.05 -5.80 -8.02
N LYS A 73 -6.15 -6.40 -8.47
CA LYS A 73 -7.44 -5.75 -8.38
C LYS A 73 -7.55 -5.03 -7.05
N LYS A 74 -6.99 -5.65 -6.02
CA LYS A 74 -7.02 -5.08 -4.68
C LYS A 74 -5.94 -4.01 -4.57
N LEU A 75 -4.70 -4.44 -4.76
CA LEU A 75 -3.57 -3.54 -4.68
C LEU A 75 -3.93 -2.22 -5.36
N LYS A 76 -4.75 -2.32 -6.38
CA LYS A 76 -5.18 -1.15 -7.13
C LYS A 76 -6.33 -0.46 -6.37
N ARG A 77 -6.07 -0.17 -5.10
CA ARG A 77 -7.06 0.47 -4.27
C ARG A 77 -6.91 2.00 -4.36
N LYS A 78 -8.05 2.67 -4.22
CA LYS A 78 -8.06 4.13 -4.27
C LYS A 78 -7.91 4.70 -2.87
N PRO A 79 -7.31 5.91 -2.80
CA PRO A 79 -7.10 6.58 -1.52
C PRO A 79 -8.41 7.15 -0.98
N PRO A 80 -8.33 7.69 0.27
CA PRO A 80 -9.50 8.27 0.92
C PRO A 80 -9.83 9.62 0.31
N SER A 81 -10.94 10.19 0.77
CA SER A 81 -11.39 11.47 0.28
C SER A 81 -10.33 12.54 0.57
N THR A 82 -9.35 12.60 -0.31
CA THR A 82 -8.26 13.56 -0.17
C THR A 82 -7.26 13.40 -1.31
N ASN A 83 -6.75 12.19 -1.45
CA ASN A 83 -5.78 11.90 -2.50
C ASN A 83 -4.48 12.63 -2.19
N ALA A 84 -4.53 13.95 -2.29
CA ALA A 84 -3.37 14.77 -2.03
C ALA A 84 -2.28 14.45 -3.06
N GLY A 85 -2.35 15.17 -4.18
CA GLY A 85 -1.38 14.97 -5.25
C GLY A 85 -1.84 15.68 -6.53
N ARG A 86 -1.92 17.00 -6.44
CA ARG A 86 -2.33 17.80 -7.57
C ARG A 86 -1.62 19.16 -7.55
N ARG A 87 -1.94 19.94 -6.52
CA ARG A 87 -1.33 21.25 -6.38
C ARG A 87 -1.79 21.89 -5.07
N GLN A 88 -0.82 22.46 -4.35
CA GLN A 88 -1.11 23.10 -3.09
C GLN A 88 -1.81 22.13 -2.14
N LYS A 89 -1.02 21.58 -1.23
CA LYS A 89 -1.54 20.63 -0.26
C LYS A 89 -1.52 21.27 1.14
N HIS A 90 -2.70 21.37 1.73
CA HIS A 90 -2.83 21.94 3.05
C HIS A 90 -1.98 21.14 4.05
N ARG A 91 -2.26 19.85 4.11
CA ARG A 91 -1.53 18.97 5.01
C ARG A 91 -0.05 18.98 4.67
N LEU A 92 0.63 20.00 5.19
CA LEU A 92 2.06 20.14 4.95
C LEU A 92 2.37 19.83 3.48
N THR A 93 3.66 19.70 3.19
CA THR A 93 4.08 19.40 1.83
C THR A 93 5.10 18.26 1.84
N CYS A 94 4.77 17.22 1.07
CA CYS A 94 5.64 16.06 0.99
C CYS A 94 6.49 16.20 -0.28
N PRO A 95 7.82 15.89 -0.12
CA PRO A 95 8.74 15.98 -1.23
C PRO A 95 8.55 14.81 -2.20
N SER A 96 7.53 14.93 -3.03
CA SER A 96 7.24 13.89 -4.01
C SER A 96 7.33 12.52 -3.35
N CYS A 97 7.34 11.49 -4.19
CA CYS A 97 7.43 10.13 -3.71
C CYS A 97 8.45 9.37 -4.56
N ASP A 98 8.25 9.46 -5.87
CA ASP A 98 9.15 8.80 -6.80
C ASP A 98 10.57 9.33 -6.60
N SER A 99 10.66 10.48 -5.94
CA SER A 99 11.94 11.09 -5.67
C SER A 99 12.81 10.16 -4.82
N TYR A 100 12.15 9.17 -4.24
CA TYR A 100 12.84 8.20 -3.40
C TYR A 100 13.36 7.02 -4.23
N GLU A 101 13.43 7.25 -5.53
CA GLU A 101 13.91 6.21 -6.44
C GLU A 101 12.87 5.09 -6.55
N LYS A 102 13.31 3.99 -7.14
CA LYS A 102 12.43 2.85 -7.32
C LYS A 102 12.84 1.74 -6.35
N LYS A 103 12.29 0.55 -6.58
CA LYS A 103 12.58 -0.59 -5.73
C LYS A 103 11.93 -1.84 -6.31
N PRO A 104 12.30 -3.01 -5.74
CA PRO A 104 11.75 -4.28 -6.20
C PRO A 104 10.31 -4.46 -5.72
N PRO A 105 9.67 -5.55 -6.21
CA PRO A 105 8.30 -5.85 -5.83
C PRO A 105 8.23 -6.40 -4.40
N LYS A 106 9.09 -7.37 -4.13
CA LYS A 106 9.14 -7.98 -2.81
C LYS A 106 9.10 -6.89 -1.74
N GLU A 107 10.12 -6.04 -1.77
CA GLU A 107 10.22 -4.96 -0.82
C GLU A 107 9.02 -4.02 -0.96
N PHE A 108 8.79 -3.58 -2.19
CA PHE A 108 7.68 -2.69 -2.47
C PHE A 108 6.39 -3.17 -1.81
N LEU A 109 6.27 -4.49 -1.74
CA LEU A 109 5.09 -5.09 -1.14
C LEU A 109 5.28 -5.16 0.38
N GLU A 110 6.49 -5.54 0.78
CA GLU A 110 6.81 -5.64 2.19
C GLU A 110 6.73 -4.27 2.86
N ARG A 111 6.86 -3.23 2.04
CA ARG A 111 6.80 -1.87 2.53
C ARG A 111 5.37 -1.35 2.49
N PHE A 112 4.71 -1.61 1.37
CA PHE A 112 3.34 -1.18 1.19
C PHE A 112 2.44 -1.71 2.31
N LYS A 113 2.46 -3.02 2.47
CA LYS A 113 1.66 -3.67 3.50
C LYS A 113 1.88 -2.96 4.83
N SER A 114 3.15 -2.69 5.13
CA SER A 114 3.50 -2.01 6.36
C SER A 114 2.86 -0.62 6.40
N LEU A 115 3.29 0.22 5.47
CA LEU A 115 2.79 1.57 5.39
C LEU A 115 1.29 1.56 5.71
N LEU A 116 0.62 0.52 5.25
CA LEU A 116 -0.80 0.38 5.49
C LEU A 116 -1.06 0.17 6.99
N GLN A 117 -0.45 -0.88 7.51
CA GLN A 117 -0.60 -1.20 8.92
C GLN A 117 0.16 -0.19 9.78
N LYS A 118 0.85 0.73 9.10
CA LYS A 118 1.62 1.75 9.79
C LYS A 118 0.70 2.94 10.08
N MET A 119 0.37 3.67 9.03
CA MET A 119 -0.49 4.83 9.17
C MET A 119 -1.97 4.45 8.98
N ILE A 120 -2.29 4.06 7.76
CA ILE A 120 -3.66 3.66 7.45
C ILE A 120 -4.28 2.95 8.66
N HIS A 121 -3.45 2.16 9.32
CA HIS A 121 -3.90 1.44 10.50
C HIS A 121 -4.23 2.42 11.62
N GLN A 122 -3.19 3.02 12.18
CA GLN A 122 -3.36 3.98 13.26
C GLN A 122 -4.46 4.98 12.89
N HIS A 123 -4.46 5.38 11.64
CA HIS A 123 -5.44 6.35 11.16
C HIS A 123 -6.80 6.03 11.78
N LEU A 124 -7.21 4.78 11.65
CA LEU A 124 -8.48 4.34 12.19
C LEU A 124 -8.43 4.41 13.72
N SER A 125 -7.45 3.71 14.28
CA SER A 125 -7.29 3.68 15.72
C SER A 125 -7.48 5.07 16.29
N SER A 126 -6.52 5.93 16.01
CA SER A 126 -6.57 7.30 16.50
C SER A 126 -7.61 8.11 15.70
N ARG A 127 -8.87 7.89 16.05
CA ARG A 127 -9.96 8.58 15.39
C ARG A 127 -11.28 8.25 16.06
N THR A 128 -12.24 9.16 15.90
CA THR A 128 -13.55 8.97 16.49
C THR A 128 -14.64 8.98 15.40
N HIS A 129 -14.61 7.94 14.59
CA HIS A 129 -15.57 7.81 13.51
C HIS A 129 -15.64 6.34 13.06
N GLY A 130 -16.82 5.76 13.24
CA GLY A 130 -17.03 4.38 12.86
C GLY A 130 -18.30 3.82 13.52
N SER A 131 -19.04 3.04 12.73
CA SER A 131 -20.27 2.44 13.23
C SER A 131 -20.44 1.05 12.63
N GLU A 132 -20.79 0.10 13.49
CA GLU A 132 -20.99 -1.27 13.06
C GLU A 132 -21.36 -2.15 14.26
N ASP A 133 -22.64 -2.11 14.61
CA ASP A 133 -23.13 -2.90 15.73
C ASP A 133 -23.31 -4.35 15.28
N SER A 134 -22.46 -5.21 15.82
CA SER A 134 -22.52 -6.62 15.50
C SER A 134 -21.98 -7.45 16.66
N MET A 1 -12.77 -10.87 20.51
CA MET A 1 -13.10 -9.53 20.07
C MET A 1 -13.57 -9.53 18.61
N GLN A 2 -14.86 -9.32 18.44
CA GLN A 2 -15.45 -9.29 17.11
C GLN A 2 -15.23 -7.92 16.46
N GLY A 3 -15.57 -7.84 15.18
CA GLY A 3 -15.43 -6.60 14.44
C GLY A 3 -16.35 -6.57 13.23
N GLN A 4 -16.84 -5.37 12.91
CA GLN A 4 -17.72 -5.20 11.78
C GLN A 4 -17.61 -3.78 11.23
N ASP A 5 -16.51 -3.53 10.53
CA ASP A 5 -16.27 -2.23 9.94
C ASP A 5 -15.88 -2.39 8.48
N ARG A 6 -16.14 -1.35 7.70
CA ARG A 6 -15.82 -1.37 6.29
C ARG A 6 -14.40 -0.84 6.06
N HIS A 7 -13.94 -0.03 7.01
CA HIS A 7 -12.61 0.53 6.92
C HIS A 7 -11.57 -0.48 7.42
N MET A 8 -11.97 -1.21 8.46
CA MET A 8 -11.09 -2.22 9.04
C MET A 8 -10.74 -3.29 8.01
N ILE A 9 -11.75 -3.69 7.25
CA ILE A 9 -11.57 -4.71 6.23
C ILE A 9 -10.90 -4.09 5.00
N ARG A 10 -10.98 -2.76 4.93
CA ARG A 10 -10.39 -2.03 3.82
C ARG A 10 -8.87 -2.03 3.95
N MET A 11 -8.40 -2.02 5.18
CA MET A 11 -6.97 -2.00 5.46
C MET A 11 -6.45 -3.42 5.72
N ARG A 12 -7.32 -4.23 6.30
CA ARG A 12 -6.95 -5.61 6.61
C ARG A 12 -6.72 -6.40 5.33
N GLN A 13 -7.78 -6.53 4.55
CA GLN A 13 -7.71 -7.25 3.29
C GLN A 13 -6.45 -6.84 2.51
N LEU A 14 -6.10 -5.57 2.65
CA LEU A 14 -4.94 -5.04 1.97
C LEU A 14 -3.68 -5.71 2.53
N ILE A 15 -3.36 -5.38 3.78
CA ILE A 15 -2.20 -5.93 4.43
C ILE A 15 -2.16 -7.44 4.19
N ASP A 16 -3.33 -8.06 4.27
CA ASP A 16 -3.45 -9.48 4.06
C ASP A 16 -3.14 -9.82 2.60
N ILE A 17 -3.78 -9.06 1.71
CA ILE A 17 -3.59 -9.26 0.29
C ILE A 17 -2.09 -9.26 -0.03
N VAL A 18 -1.40 -8.30 0.57
CA VAL A 18 0.04 -8.18 0.37
C VAL A 18 0.73 -9.46 0.84
N ASP A 19 0.61 -9.71 2.14
CA ASP A 19 1.22 -10.90 2.72
C ASP A 19 0.82 -12.13 1.91
N GLN A 20 -0.29 -12.00 1.20
CA GLN A 20 -0.80 -13.09 0.38
C GLN A 20 0.06 -13.23 -0.89
N LEU A 21 0.24 -12.11 -1.56
CA LEU A 21 1.02 -12.10 -2.78
C LEU A 21 2.46 -12.50 -2.47
N LYS A 22 2.99 -11.91 -1.41
CA LYS A 22 4.35 -12.20 -0.99
C LYS A 22 4.57 -13.71 -1.00
N ASN A 23 3.73 -14.41 -0.24
CA ASN A 23 3.83 -15.86 -0.16
C ASN A 23 4.04 -16.43 -1.57
N TYR A 24 3.54 -15.70 -2.55
CA TYR A 24 3.67 -16.13 -3.94
C TYR A 24 4.68 -15.25 -4.68
N VAL A 25 5.83 -15.07 -4.06
CA VAL A 25 6.88 -14.26 -4.65
C VAL A 25 7.49 -15.01 -5.83
N ASN A 26 7.37 -16.33 -5.78
CA ASN A 26 7.90 -17.17 -6.84
C ASN A 26 7.36 -16.70 -8.19
N ASP A 27 6.26 -15.96 -8.12
CA ASP A 27 5.63 -15.44 -9.32
C ASP A 27 5.62 -13.91 -9.27
N LEU A 28 6.77 -13.36 -8.92
CA LEU A 28 6.91 -11.92 -8.83
C LEU A 28 8.00 -11.45 -9.80
N VAL A 29 7.63 -10.51 -10.65
CA VAL A 29 8.56 -9.97 -11.62
C VAL A 29 9.24 -8.74 -11.04
N PRO A 30 10.60 -8.84 -10.93
CA PRO A 30 11.38 -7.75 -10.39
C PRO A 30 11.53 -6.62 -11.41
N GLU A 31 10.80 -5.54 -11.16
CA GLU A 31 10.83 -4.40 -12.05
C GLU A 31 11.01 -3.10 -11.25
N PHE A 32 11.41 -2.05 -11.95
CA PHE A 32 11.62 -0.77 -11.30
C PHE A 32 10.30 -0.19 -10.79
N LEU A 33 10.03 -0.46 -9.53
CA LEU A 33 8.80 0.03 -8.91
C LEU A 33 9.14 1.17 -7.94
N PRO A 34 8.33 2.26 -8.02
CA PRO A 34 8.53 3.41 -7.16
C PRO A 34 8.07 3.12 -5.74
N ALA A 35 8.90 3.53 -4.79
CA ALA A 35 8.59 3.33 -3.38
C ALA A 35 8.93 4.59 -2.60
N PRO A 36 7.88 5.18 -1.95
CA PRO A 36 8.07 6.39 -1.17
C PRO A 36 8.76 6.08 0.16
N GLU A 37 10.00 6.52 0.26
CA GLU A 37 10.78 6.30 1.48
C GLU A 37 10.67 7.52 2.40
N ASP A 38 10.17 7.26 3.60
CA ASP A 38 10.01 8.32 4.58
C ASP A 38 8.85 9.22 4.17
N VAL A 39 7.69 8.94 4.74
CA VAL A 39 6.50 9.71 4.45
C VAL A 39 6.05 10.46 5.71
N GLU A 40 5.82 11.76 5.54
CA GLU A 40 5.40 12.60 6.64
C GLU A 40 4.13 12.03 7.29
N THR A 41 3.92 12.40 8.54
CA THR A 41 2.76 11.94 9.27
C THR A 41 1.54 11.86 8.36
N ASN A 42 1.47 12.82 7.44
CA ASN A 42 0.36 12.88 6.50
C ASN A 42 0.91 12.75 5.07
N CYS A 43 1.75 11.74 4.88
CA CYS A 43 2.34 11.50 3.58
C CYS A 43 2.05 10.06 3.17
N GLU A 44 2.19 9.16 4.13
CA GLU A 44 1.94 7.75 3.89
C GLU A 44 0.77 7.58 2.91
N TRP A 45 -0.20 8.47 3.05
CA TRP A 45 -1.38 8.42 2.20
C TRP A 45 -0.95 8.82 0.79
N SER A 46 -0.39 10.02 0.69
CA SER A 46 0.06 10.53 -0.59
C SER A 46 1.03 9.54 -1.23
N ALA A 47 1.58 8.67 -0.39
CA ALA A 47 2.52 7.66 -0.86
C ALA A 47 1.75 6.44 -1.37
N PHE A 48 0.51 6.34 -0.93
CA PHE A 48 -0.34 5.23 -1.34
C PHE A 48 -0.48 5.17 -2.86
N SER A 49 -1.05 6.22 -3.41
CA SER A 49 -1.25 6.31 -4.85
C SER A 49 -0.02 5.75 -5.58
N CYS A 50 1.15 6.15 -5.09
CA CYS A 50 2.40 5.70 -5.67
C CYS A 50 2.29 4.20 -5.96
N PHE A 51 1.92 3.46 -4.92
CA PHE A 51 1.77 2.02 -5.04
C PHE A 51 0.73 1.66 -6.11
N GLN A 52 -0.23 2.56 -6.27
CA GLN A 52 -1.29 2.35 -7.24
C GLN A 52 -0.73 2.43 -8.66
N LYS A 53 0.36 3.18 -8.79
CA LYS A 53 1.00 3.36 -10.07
C LYS A 53 2.07 2.27 -10.26
N ALA A 54 2.72 1.94 -9.17
CA ALA A 54 3.76 0.92 -9.19
C ALA A 54 3.32 -0.23 -10.10
N GLN A 55 2.12 -0.71 -9.85
CA GLN A 55 1.56 -1.80 -10.64
C GLN A 55 2.39 -3.07 -10.42
N LEU A 56 1.85 -3.94 -9.57
CA LEU A 56 2.52 -5.19 -9.27
C LEU A 56 2.27 -6.19 -10.40
N LYS A 57 3.35 -6.78 -10.88
CA LYS A 57 3.26 -7.75 -11.96
C LYS A 57 3.99 -9.03 -11.55
N SER A 58 3.41 -10.16 -11.93
CA SER A 58 3.98 -11.46 -11.61
C SER A 58 4.92 -11.90 -12.73
N ALA A 59 5.86 -12.76 -12.37
CA ALA A 59 6.82 -13.26 -13.34
C ALA A 59 6.08 -13.73 -14.59
N ASN A 60 4.84 -14.15 -14.39
CA ASN A 60 4.02 -14.61 -15.50
C ASN A 60 4.44 -16.04 -15.87
N THR A 61 4.26 -16.93 -14.91
CA THR A 61 4.61 -18.33 -15.12
C THR A 61 3.37 -19.22 -14.96
N GLY A 62 2.29 -18.61 -14.51
CA GLY A 62 1.05 -19.32 -14.31
C GLY A 62 1.00 -19.94 -12.90
N ASN A 63 -0.12 -20.60 -12.62
CA ASN A 63 -0.31 -21.23 -11.33
C ASN A 63 -0.77 -20.19 -10.31
N ASN A 64 0.15 -19.30 -9.96
CA ASN A 64 -0.15 -18.25 -9.01
C ASN A 64 -0.36 -16.93 -9.75
N GLU A 65 0.28 -16.83 -10.90
CA GLU A 65 0.16 -15.63 -11.72
C GLU A 65 -1.26 -15.08 -11.65
N ARG A 66 -2.21 -15.99 -11.51
CA ARG A 66 -3.62 -15.61 -11.43
C ARG A 66 -3.94 -15.10 -10.02
N ILE A 67 -3.58 -15.90 -9.03
CA ILE A 67 -3.83 -15.53 -7.64
C ILE A 67 -3.13 -14.21 -7.33
N ILE A 68 -2.13 -13.91 -8.13
CA ILE A 68 -1.37 -12.67 -7.96
C ILE A 68 -2.14 -11.52 -8.62
N ASN A 69 -2.87 -11.85 -9.66
CA ASN A 69 -3.65 -10.86 -10.38
C ASN A 69 -4.85 -10.46 -9.53
N VAL A 70 -5.00 -11.14 -8.41
CA VAL A 70 -6.11 -10.86 -7.51
C VAL A 70 -5.77 -9.64 -6.64
N SER A 71 -4.48 -9.50 -6.37
CA SER A 71 -4.02 -8.38 -5.56
C SER A 71 -3.99 -7.10 -6.39
N ILE A 72 -4.14 -7.28 -7.70
CA ILE A 72 -4.13 -6.17 -8.62
C ILE A 72 -5.39 -5.31 -8.40
N LYS A 73 -6.54 -5.96 -8.51
CA LYS A 73 -7.80 -5.28 -8.32
C LYS A 73 -7.73 -4.42 -7.06
N LYS A 74 -7.31 -5.05 -5.97
CA LYS A 74 -7.20 -4.35 -4.70
C LYS A 74 -6.06 -3.34 -4.79
N LEU A 75 -4.89 -3.83 -5.15
CA LEU A 75 -3.71 -2.98 -5.27
C LEU A 75 -4.10 -1.69 -5.99
N LYS A 76 -5.13 -1.80 -6.81
CA LYS A 76 -5.61 -0.64 -7.57
C LYS A 76 -6.68 0.08 -6.75
N ARG A 77 -6.43 0.18 -5.45
CA ARG A 77 -7.36 0.84 -4.56
C ARG A 77 -7.22 2.37 -4.68
N LYS A 78 -8.21 3.06 -4.14
CA LYS A 78 -8.21 4.51 -4.18
C LYS A 78 -7.97 5.06 -2.77
N PRO A 79 -7.25 6.21 -2.72
CA PRO A 79 -6.94 6.85 -1.45
C PRO A 79 -8.18 7.54 -0.88
N PRO A 80 -8.02 8.06 0.38
CA PRO A 80 -9.10 8.74 1.05
C PRO A 80 -9.32 10.14 0.46
N SER A 81 -8.57 11.09 1.00
CA SER A 81 -8.67 12.47 0.55
C SER A 81 -7.32 12.93 0.00
N THR A 82 -6.31 12.88 0.86
CA THR A 82 -4.97 13.30 0.48
C THR A 82 -4.40 12.34 -0.56
N ASN A 83 -4.98 12.40 -1.75
CA ASN A 83 -4.53 11.55 -2.84
C ASN A 83 -3.19 12.07 -3.38
N ALA A 84 -3.17 13.35 -3.69
CA ALA A 84 -1.96 13.97 -4.20
C ALA A 84 -1.43 13.16 -5.38
N GLY A 85 -0.25 13.54 -5.86
CA GLY A 85 0.37 12.86 -6.98
C GLY A 85 0.22 13.68 -8.26
N ARG A 86 0.83 14.86 -8.24
CA ARG A 86 0.78 15.75 -9.39
C ARG A 86 1.95 16.74 -9.34
N ARG A 87 1.98 17.51 -8.26
CA ARG A 87 3.02 18.51 -8.08
C ARG A 87 3.36 18.65 -6.60
N GLN A 88 2.37 19.06 -5.83
CA GLN A 88 2.55 19.25 -4.40
C GLN A 88 1.25 19.70 -3.75
N LYS A 89 1.08 19.31 -2.50
CA LYS A 89 -0.11 19.66 -1.75
C LYS A 89 0.24 20.71 -0.70
N HIS A 90 -0.74 21.01 0.15
CA HIS A 90 -0.55 21.98 1.20
C HIS A 90 -0.92 21.37 2.55
N ARG A 91 -0.87 22.19 3.59
CA ARG A 91 -1.20 21.74 4.93
C ARG A 91 -0.01 21.01 5.54
N LEU A 92 1.07 20.94 4.78
CA LEU A 92 2.29 20.30 5.24
C LEU A 92 3.31 20.28 4.11
N THR A 93 4.46 19.68 4.41
CA THR A 93 5.54 19.60 3.42
C THR A 93 5.84 18.14 3.09
N CYS A 94 4.82 17.44 2.60
CA CYS A 94 4.98 16.04 2.24
C CYS A 94 5.48 15.97 0.80
N PRO A 95 6.64 15.28 0.64
CA PRO A 95 7.24 15.13 -0.67
C PRO A 95 6.48 14.11 -1.52
N SER A 96 6.68 14.18 -2.83
CA SER A 96 6.01 13.27 -3.74
C SER A 96 6.75 11.94 -3.78
N CYS A 97 6.18 10.99 -4.51
CA CYS A 97 6.77 9.68 -4.63
C CYS A 97 7.42 9.57 -6.02
N ASP A 98 8.35 10.47 -6.27
CA ASP A 98 9.05 10.49 -7.54
C ASP A 98 10.54 10.73 -7.30
N SER A 99 10.82 11.70 -6.46
CA SER A 99 12.21 12.04 -6.13
C SER A 99 12.80 10.97 -5.22
N TYR A 100 12.79 9.74 -5.72
CA TYR A 100 13.32 8.63 -4.95
C TYR A 100 13.97 7.59 -5.87
N GLU A 101 14.27 6.43 -5.30
CA GLU A 101 14.88 5.35 -6.07
C GLU A 101 13.95 4.15 -6.13
N LYS A 102 13.84 3.59 -7.32
CA LYS A 102 12.99 2.43 -7.53
C LYS A 102 13.39 1.32 -6.55
N LYS A 103 12.61 0.25 -6.56
CA LYS A 103 12.87 -0.88 -5.69
C LYS A 103 12.20 -2.13 -6.26
N PRO A 104 12.56 -3.30 -5.67
CA PRO A 104 12.00 -4.57 -6.12
C PRO A 104 10.56 -4.72 -5.61
N PRO A 105 9.91 -5.83 -6.07
CA PRO A 105 8.54 -6.11 -5.67
C PRO A 105 8.48 -6.64 -4.24
N LYS A 106 9.33 -7.62 -3.98
CA LYS A 106 9.39 -8.21 -2.64
C LYS A 106 9.41 -7.10 -1.59
N GLU A 107 10.20 -6.08 -1.87
CA GLU A 107 10.32 -4.95 -0.95
C GLU A 107 9.10 -4.04 -1.09
N PHE A 108 8.86 -3.60 -2.32
CA PHE A 108 7.74 -2.71 -2.58
C PHE A 108 6.46 -3.22 -1.90
N LEU A 109 6.37 -4.53 -1.80
CA LEU A 109 5.22 -5.16 -1.17
C LEU A 109 5.41 -5.16 0.35
N GLU A 110 6.59 -5.62 0.76
CA GLU A 110 6.91 -5.69 2.17
C GLU A 110 6.85 -4.30 2.79
N ARG A 111 6.95 -3.29 1.94
CA ARG A 111 6.91 -1.92 2.40
C ARG A 111 5.47 -1.40 2.40
N PHE A 112 4.79 -1.63 1.28
CA PHE A 112 3.41 -1.21 1.13
C PHE A 112 2.55 -1.73 2.28
N LYS A 113 2.60 -3.03 2.48
CA LYS A 113 1.84 -3.67 3.54
C LYS A 113 2.05 -2.90 4.84
N SER A 114 3.31 -2.74 5.20
CA SER A 114 3.66 -2.02 6.42
C SER A 114 3.06 -0.61 6.39
N LEU A 115 3.31 0.08 5.29
CA LEU A 115 2.80 1.43 5.12
C LEU A 115 1.33 1.46 5.52
N LEU A 116 0.61 0.43 5.13
CA LEU A 116 -0.80 0.33 5.45
C LEU A 116 -0.98 0.10 6.95
N GLN A 117 -0.29 -0.93 7.44
CA GLN A 117 -0.36 -1.26 8.86
C GLN A 117 0.32 -0.17 9.70
N LYS A 118 0.90 0.79 8.99
CA LYS A 118 1.58 1.88 9.66
C LYS A 118 0.60 3.05 9.84
N MET A 119 0.33 3.72 8.73
CA MET A 119 -0.59 4.85 8.75
C MET A 119 -2.05 4.38 8.70
N ILE A 120 -2.41 3.80 7.57
CA ILE A 120 -3.77 3.31 7.39
C ILE A 120 -4.26 2.66 8.68
N HIS A 121 -3.30 2.11 9.42
CA HIS A 121 -3.62 1.46 10.69
C HIS A 121 -3.99 2.52 11.72
N GLN A 122 -2.98 3.26 12.16
CA GLN A 122 -3.19 4.31 13.14
C GLN A 122 -4.45 5.10 12.81
N HIS A 123 -4.71 5.25 11.52
CA HIS A 123 -5.88 5.98 11.05
C HIS A 123 -7.08 5.62 11.93
N LEU A 124 -7.36 4.33 12.00
CA LEU A 124 -8.48 3.84 12.79
C LEU A 124 -7.97 3.39 14.16
N SER A 125 -7.03 2.45 14.13
CA SER A 125 -6.45 1.94 15.35
C SER A 125 -5.10 2.60 15.63
N SER A 126 -5.16 3.75 16.29
CA SER A 126 -3.95 4.49 16.61
C SER A 126 -2.87 3.54 17.12
N ARG A 127 -3.17 2.92 18.25
CA ARG A 127 -2.23 1.98 18.85
C ARG A 127 -0.95 2.69 19.27
N THR A 128 -0.71 2.72 20.57
CA THR A 128 0.47 3.37 21.11
C THR A 128 1.72 2.85 20.42
N HIS A 129 2.59 3.79 20.05
CA HIS A 129 3.83 3.45 19.37
C HIS A 129 4.56 2.36 20.16
N GLY A 130 4.80 1.25 19.49
CA GLY A 130 5.49 0.13 20.11
C GLY A 130 5.39 -1.13 19.24
N SER A 131 6.41 -1.32 18.42
CA SER A 131 6.45 -2.47 17.54
C SER A 131 7.11 -3.66 18.25
N GLU A 132 6.47 -4.82 18.11
CA GLU A 132 6.98 -6.02 18.74
C GLU A 132 8.22 -6.53 17.99
N ASP A 133 9.36 -5.94 18.32
CA ASP A 133 10.61 -6.31 17.68
C ASP A 133 10.81 -7.83 17.81
N SER A 134 11.18 -8.44 16.69
CA SER A 134 11.39 -9.88 16.65
C SER A 134 12.77 -10.19 16.08
N MET A 1 -10.89 -13.48 16.28
CA MET A 1 -10.85 -13.01 17.65
C MET A 1 -11.81 -11.83 17.86
N GLN A 2 -12.91 -11.88 17.13
CA GLN A 2 -13.91 -10.82 17.22
C GLN A 2 -13.31 -9.49 16.80
N GLY A 3 -13.14 -9.34 15.49
CA GLY A 3 -12.57 -8.12 14.95
C GLY A 3 -12.76 -8.05 13.43
N GLN A 4 -13.97 -7.69 13.03
CA GLN A 4 -14.29 -7.59 11.61
C GLN A 4 -15.14 -6.36 11.34
N ASP A 5 -14.47 -5.21 11.30
CA ASP A 5 -15.16 -3.95 11.06
C ASP A 5 -14.99 -3.56 9.59
N ARG A 6 -16.06 -2.99 9.04
CA ARG A 6 -16.04 -2.57 7.65
C ARG A 6 -14.73 -1.85 7.32
N HIS A 7 -14.14 -1.26 8.36
CA HIS A 7 -12.90 -0.54 8.20
C HIS A 7 -11.71 -1.50 8.38
N MET A 8 -11.77 -2.26 9.45
CA MET A 8 -10.73 -3.22 9.75
C MET A 8 -10.44 -4.11 8.54
N ILE A 9 -11.51 -4.49 7.85
CA ILE A 9 -11.39 -5.33 6.68
C ILE A 9 -10.90 -4.49 5.50
N ARG A 10 -11.29 -3.22 5.53
CA ARG A 10 -10.91 -2.30 4.46
C ARG A 10 -9.38 -2.21 4.37
N MET A 11 -8.74 -2.27 5.53
CA MET A 11 -7.29 -2.19 5.59
C MET A 11 -6.67 -3.59 5.64
N ARG A 12 -7.26 -4.43 6.47
CA ARG A 12 -6.77 -5.79 6.62
C ARG A 12 -6.72 -6.50 5.27
N GLN A 13 -7.86 -6.46 4.58
CA GLN A 13 -7.96 -7.09 3.27
C GLN A 13 -6.73 -6.74 2.42
N LEU A 14 -6.30 -5.49 2.55
CA LEU A 14 -5.15 -5.02 1.80
C LEU A 14 -3.89 -5.71 2.33
N ILE A 15 -3.56 -5.40 3.58
CA ILE A 15 -2.39 -5.97 4.21
C ILE A 15 -2.37 -7.48 3.95
N ASP A 16 -3.54 -8.09 4.05
CA ASP A 16 -3.67 -9.52 3.83
C ASP A 16 -3.42 -9.83 2.36
N ILE A 17 -4.03 -9.02 1.50
CA ILE A 17 -3.88 -9.20 0.07
C ILE A 17 -2.39 -9.23 -0.28
N VAL A 18 -1.65 -8.34 0.34
CA VAL A 18 -0.21 -8.26 0.11
C VAL A 18 0.46 -9.55 0.60
N ASP A 19 0.24 -9.84 1.88
CA ASP A 19 0.81 -11.02 2.48
C ASP A 19 0.45 -12.24 1.63
N GLN A 20 -0.62 -12.10 0.86
CA GLN A 20 -1.08 -13.18 0.00
C GLN A 20 -0.21 -13.26 -1.25
N LEU A 21 -0.01 -12.11 -1.87
CA LEU A 21 0.79 -12.03 -3.07
C LEU A 21 2.25 -12.30 -2.73
N LYS A 22 2.68 -11.71 -1.62
CA LYS A 22 4.06 -11.88 -1.17
C LYS A 22 4.32 -13.37 -0.91
N ASN A 23 3.26 -14.08 -0.56
CA ASN A 23 3.36 -15.50 -0.28
C ASN A 23 3.84 -16.22 -1.54
N TYR A 24 3.77 -15.51 -2.66
CA TYR A 24 4.18 -16.07 -3.93
C TYR A 24 5.25 -15.20 -4.59
N VAL A 25 6.10 -14.62 -3.76
CA VAL A 25 7.17 -13.76 -4.25
C VAL A 25 7.90 -14.47 -5.39
N ASN A 26 8.01 -15.78 -5.24
CA ASN A 26 8.69 -16.59 -6.25
C ASN A 26 8.07 -16.33 -7.62
N ASP A 27 6.86 -15.78 -7.59
CA ASP A 27 6.14 -15.48 -8.82
C ASP A 27 5.96 -13.97 -8.94
N LEU A 28 7.03 -13.24 -8.62
CA LEU A 28 6.99 -11.79 -8.67
C LEU A 28 8.11 -11.30 -9.61
N VAL A 29 7.70 -10.57 -10.63
CA VAL A 29 8.65 -10.04 -11.60
C VAL A 29 9.29 -8.78 -11.04
N PRO A 30 10.63 -8.84 -10.87
CA PRO A 30 11.38 -7.71 -10.33
C PRO A 30 11.52 -6.61 -11.38
N GLU A 31 10.87 -5.49 -11.13
CA GLU A 31 10.92 -4.36 -12.03
C GLU A 31 10.95 -3.05 -11.25
N PHE A 32 11.36 -1.99 -11.95
CA PHE A 32 11.45 -0.68 -11.33
C PHE A 32 10.06 -0.16 -10.92
N LEU A 33 9.71 -0.44 -9.68
CA LEU A 33 8.41 -0.01 -9.16
C LEU A 33 8.62 1.15 -8.19
N PRO A 34 7.75 2.19 -8.33
CA PRO A 34 7.82 3.35 -7.48
C PRO A 34 7.28 3.04 -6.08
N ALA A 35 8.15 3.18 -5.09
CA ALA A 35 7.78 2.92 -3.72
C ALA A 35 8.38 4.00 -2.81
N PRO A 36 7.47 4.67 -2.04
CA PRO A 36 7.90 5.73 -1.15
C PRO A 36 8.58 5.15 0.10
N GLU A 37 9.81 5.57 0.32
CA GLU A 37 10.57 5.11 1.46
C GLU A 37 10.57 6.16 2.57
N ASP A 38 9.95 5.79 3.68
CA ASP A 38 9.86 6.69 4.82
C ASP A 38 9.11 7.96 4.42
N VAL A 39 7.84 8.00 4.77
CA VAL A 39 7.00 9.13 4.45
C VAL A 39 6.59 9.85 5.75
N GLU A 40 6.43 11.15 5.64
CA GLU A 40 6.04 11.96 6.78
C GLU A 40 4.74 11.42 7.39
N THR A 41 4.55 11.75 8.66
CA THR A 41 3.37 11.31 9.37
C THR A 41 2.11 11.59 8.54
N ASN A 42 2.10 12.77 7.94
CA ASN A 42 0.97 13.18 7.12
C ASN A 42 1.36 13.11 5.65
N CYS A 43 2.08 12.04 5.31
CA CYS A 43 2.53 11.84 3.94
C CYS A 43 2.17 10.42 3.52
N GLU A 44 2.37 9.50 4.45
CA GLU A 44 2.07 8.10 4.19
C GLU A 44 0.81 7.98 3.33
N TRP A 45 -0.10 8.94 3.50
CA TRP A 45 -1.33 8.95 2.76
C TRP A 45 -1.03 9.44 1.34
N SER A 46 -0.48 10.65 1.27
CA SER A 46 -0.13 11.23 -0.01
C SER A 46 0.76 10.27 -0.81
N ALA A 47 1.38 9.35 -0.09
CA ALA A 47 2.25 8.37 -0.71
C ALA A 47 1.42 7.17 -1.16
N PHE A 48 0.27 7.02 -0.54
CA PHE A 48 -0.62 5.92 -0.87
C PHE A 48 -0.90 5.87 -2.37
N SER A 49 -0.74 7.02 -3.00
CA SER A 49 -0.97 7.12 -4.44
C SER A 49 0.24 6.57 -5.20
N CYS A 50 1.41 6.76 -4.61
CA CYS A 50 2.64 6.28 -5.21
C CYS A 50 2.46 4.80 -5.58
N PHE A 51 2.01 4.04 -4.60
CA PHE A 51 1.79 2.61 -4.80
C PHE A 51 0.74 2.38 -5.89
N GLN A 52 -0.19 3.31 -5.99
CA GLN A 52 -1.26 3.21 -6.98
C GLN A 52 -0.66 3.14 -8.38
N LYS A 53 0.50 3.74 -8.53
CA LYS A 53 1.18 3.75 -9.81
C LYS A 53 1.98 2.45 -9.97
N ALA A 54 2.52 1.98 -8.86
CA ALA A 54 3.31 0.76 -8.86
C ALA A 54 2.40 -0.42 -9.20
N GLN A 55 2.65 -1.00 -10.36
CA GLN A 55 1.87 -2.14 -10.81
C GLN A 55 2.62 -3.44 -10.54
N LEU A 56 1.92 -4.37 -9.89
CA LEU A 56 2.50 -5.65 -9.56
C LEU A 56 2.18 -6.66 -10.67
N LYS A 57 3.20 -7.41 -11.06
CA LYS A 57 3.04 -8.41 -12.11
C LYS A 57 3.81 -9.67 -11.73
N SER A 58 3.19 -10.81 -12.02
CA SER A 58 3.80 -12.08 -11.70
C SER A 58 4.96 -12.36 -12.67
N ALA A 59 5.81 -13.29 -12.26
CA ALA A 59 6.96 -13.65 -13.08
C ALA A 59 6.52 -14.65 -14.14
N ASN A 60 5.42 -14.32 -14.81
CA ASN A 60 4.89 -15.18 -15.85
C ASN A 60 5.06 -16.65 -15.44
N THR A 61 5.00 -16.86 -14.13
CA THR A 61 5.15 -18.21 -13.59
C THR A 61 3.88 -19.02 -13.85
N GLY A 62 2.76 -18.33 -13.86
CA GLY A 62 1.48 -18.97 -14.09
C GLY A 62 0.92 -19.56 -12.80
N ASN A 63 1.78 -20.27 -12.08
CA ASN A 63 1.39 -20.88 -10.83
C ASN A 63 0.48 -19.93 -10.05
N ASN A 64 1.08 -18.90 -9.50
CA ASN A 64 0.34 -17.91 -8.74
C ASN A 64 0.29 -16.59 -9.52
N GLU A 65 0.01 -16.71 -10.80
CA GLU A 65 -0.06 -15.55 -11.67
C GLU A 65 -1.44 -14.89 -11.56
N ARG A 66 -2.46 -15.71 -11.75
CA ARG A 66 -3.83 -15.21 -11.67
C ARG A 66 -4.17 -14.81 -10.24
N ILE A 67 -3.69 -15.63 -9.30
CA ILE A 67 -3.93 -15.36 -7.89
C ILE A 67 -3.24 -14.07 -7.48
N ILE A 68 -2.37 -13.59 -8.37
CA ILE A 68 -1.63 -12.37 -8.12
C ILE A 68 -2.46 -11.17 -8.62
N ASN A 69 -2.99 -11.32 -9.82
CA ASN A 69 -3.79 -10.27 -10.42
C ASN A 69 -4.89 -9.86 -9.45
N VAL A 70 -5.39 -10.85 -8.71
CA VAL A 70 -6.44 -10.60 -7.74
C VAL A 70 -6.00 -9.50 -6.79
N SER A 71 -4.70 -9.48 -6.50
CA SER A 71 -4.14 -8.48 -5.61
C SER A 71 -3.99 -7.15 -6.34
N ILE A 72 -3.63 -7.24 -7.61
CA ILE A 72 -3.45 -6.05 -8.43
C ILE A 72 -4.68 -5.16 -8.30
N LYS A 73 -5.83 -5.75 -8.59
CA LYS A 73 -7.09 -5.01 -8.50
C LYS A 73 -7.09 -4.17 -7.24
N LYS A 74 -7.09 -4.86 -6.10
CA LYS A 74 -7.10 -4.18 -4.81
C LYS A 74 -5.92 -3.21 -4.74
N LEU A 75 -4.74 -3.76 -5.00
CA LEU A 75 -3.52 -2.97 -4.96
C LEU A 75 -3.78 -1.61 -5.63
N LYS A 76 -4.64 -1.65 -6.63
CA LYS A 76 -4.99 -0.43 -7.36
C LYS A 76 -6.17 0.26 -6.66
N ARG A 77 -6.04 0.38 -5.35
CA ARG A 77 -7.07 1.02 -4.56
C ARG A 77 -6.92 2.54 -4.60
N LYS A 78 -8.01 3.22 -4.27
CA LYS A 78 -8.01 4.68 -4.27
C LYS A 78 -7.97 5.18 -2.83
N PRO A 79 -7.29 6.35 -2.64
CA PRO A 79 -7.17 6.95 -1.33
C PRO A 79 -8.49 7.60 -0.90
N PRO A 80 -8.57 7.92 0.42
CA PRO A 80 -9.76 8.54 0.97
C PRO A 80 -9.85 10.01 0.57
N SER A 81 -10.92 10.34 -0.13
CA SER A 81 -11.14 11.70 -0.58
C SER A 81 -9.87 12.25 -1.22
N THR A 82 -9.59 11.75 -2.42
CA THR A 82 -8.41 12.18 -3.16
C THR A 82 -7.13 11.79 -2.39
N ASN A 83 -6.08 11.56 -3.15
CA ASN A 83 -4.81 11.18 -2.56
C ASN A 83 -4.33 12.30 -1.62
N ALA A 84 -4.43 13.52 -2.11
CA ALA A 84 -4.02 14.68 -1.34
C ALA A 84 -4.87 15.88 -1.72
N GLY A 85 -4.81 16.24 -3.00
CA GLY A 85 -5.58 17.36 -3.51
C GLY A 85 -5.40 17.50 -5.03
N ARG A 86 -6.07 18.51 -5.58
CA ARG A 86 -5.99 18.75 -7.01
C ARG A 86 -4.78 19.62 -7.33
N ARG A 87 -3.73 18.96 -7.80
CA ARG A 87 -2.50 19.66 -8.15
C ARG A 87 -1.91 20.33 -6.91
N GLN A 88 -0.65 19.98 -6.63
CA GLN A 88 0.05 20.54 -5.49
C GLN A 88 -0.73 20.23 -4.20
N LYS A 89 -0.13 20.62 -3.08
CA LYS A 89 -0.74 20.40 -1.78
C LYS A 89 -0.21 21.43 -0.79
N HIS A 90 -1.13 22.24 -0.29
CA HIS A 90 -0.77 23.28 0.67
C HIS A 90 -0.60 22.66 2.05
N ARG A 91 -1.62 21.93 2.48
CA ARG A 91 -1.59 21.29 3.79
C ARG A 91 -0.16 20.86 4.13
N LEU A 92 0.29 19.82 3.45
CA LEU A 92 1.62 19.30 3.68
C LEU A 92 2.22 18.83 2.35
N THR A 93 3.48 19.19 2.14
CA THR A 93 4.17 18.82 0.92
C THR A 93 4.92 17.50 1.12
N CYS A 94 4.76 16.61 0.14
CA CYS A 94 5.41 15.31 0.19
C CYS A 94 6.14 15.09 -1.13
N PRO A 95 7.24 14.30 -1.06
CA PRO A 95 8.04 14.00 -2.23
C PRO A 95 7.32 12.99 -3.14
N SER A 96 7.23 13.35 -4.41
CA SER A 96 6.58 12.48 -5.38
C SER A 96 7.37 11.18 -5.54
N CYS A 97 6.93 10.37 -6.49
CA CYS A 97 7.60 9.11 -6.77
C CYS A 97 8.93 9.41 -7.44
N ASP A 98 9.03 10.60 -8.01
CA ASP A 98 10.25 11.01 -8.68
C ASP A 98 11.37 11.17 -7.65
N SER A 99 10.96 11.48 -6.43
CA SER A 99 11.91 11.67 -5.35
C SER A 99 11.77 10.54 -4.33
N TYR A 100 12.35 9.39 -4.67
CA TYR A 100 12.29 8.24 -3.80
C TYR A 100 13.13 7.09 -4.37
N GLU A 101 13.08 6.96 -5.69
CA GLU A 101 13.83 5.91 -6.36
C GLU A 101 12.99 4.63 -6.45
N LYS A 102 13.11 3.95 -7.57
CA LYS A 102 12.38 2.72 -7.80
C LYS A 102 12.74 1.71 -6.71
N LYS A 103 12.20 0.51 -6.86
CA LYS A 103 12.46 -0.55 -5.90
C LYS A 103 11.89 -1.87 -6.44
N PRO A 104 12.30 -2.99 -5.77
CA PRO A 104 11.83 -4.30 -6.17
C PRO A 104 10.39 -4.54 -5.73
N PRO A 105 9.84 -5.70 -6.15
CA PRO A 105 8.47 -6.04 -5.82
C PRO A 105 8.37 -6.49 -4.36
N LYS A 106 9.29 -7.36 -3.97
CA LYS A 106 9.32 -7.87 -2.60
C LYS A 106 9.20 -6.70 -1.62
N GLU A 107 10.00 -5.67 -1.88
CA GLU A 107 10.00 -4.49 -1.03
C GLU A 107 8.73 -3.66 -1.27
N PHE A 108 8.50 -3.34 -2.54
CA PHE A 108 7.34 -2.56 -2.91
C PHE A 108 6.10 -3.03 -2.16
N LEU A 109 6.00 -4.35 -2.01
CA LEU A 109 4.87 -4.94 -1.31
C LEU A 109 5.12 -4.88 0.20
N GLU A 110 6.37 -5.14 0.57
CA GLU A 110 6.75 -5.11 1.98
C GLU A 110 6.63 -3.70 2.54
N ARG A 111 6.64 -2.74 1.63
CA ARG A 111 6.53 -1.34 2.03
C ARG A 111 5.07 -0.90 2.02
N PHE A 112 4.38 -1.29 0.95
CA PHE A 112 2.98 -0.94 0.80
C PHE A 112 2.14 -1.51 1.95
N LYS A 113 2.22 -2.82 2.10
CA LYS A 113 1.48 -3.51 3.14
C LYS A 113 1.78 -2.83 4.49
N SER A 114 3.06 -2.66 4.76
CA SER A 114 3.49 -2.03 5.99
C SER A 114 2.83 -0.65 6.13
N LEU A 115 3.16 0.22 5.20
CA LEU A 115 2.61 1.57 5.20
C LEU A 115 1.15 1.52 5.66
N LEU A 116 0.42 0.55 5.12
CA LEU A 116 -0.98 0.38 5.46
C LEU A 116 -1.11 0.15 6.96
N GLN A 117 -0.50 -0.94 7.41
CA GLN A 117 -0.55 -1.30 8.83
C GLN A 117 0.25 -0.27 9.64
N LYS A 118 0.89 0.65 8.94
CA LYS A 118 1.68 1.68 9.58
C LYS A 118 0.75 2.82 10.04
N MET A 119 0.28 3.58 9.06
CA MET A 119 -0.61 4.69 9.34
C MET A 119 -2.08 4.26 9.20
N ILE A 120 -2.43 3.88 7.99
CA ILE A 120 -3.80 3.44 7.72
C ILE A 120 -4.35 2.69 8.93
N HIS A 121 -3.52 1.81 9.45
CA HIS A 121 -3.91 1.01 10.61
C HIS A 121 -4.27 1.94 11.78
N GLN A 122 -3.24 2.55 12.34
CA GLN A 122 -3.43 3.46 13.46
C GLN A 122 -4.64 4.36 13.20
N HIS A 123 -4.88 4.61 11.91
CA HIS A 123 -5.99 5.47 11.52
C HIS A 123 -7.23 5.11 12.35
N LEU A 124 -7.32 3.84 12.70
CA LEU A 124 -8.44 3.35 13.49
C LEU A 124 -8.05 3.33 14.96
N SER A 125 -6.95 2.67 15.24
CA SER A 125 -6.46 2.56 16.61
C SER A 125 -7.23 1.47 17.36
N SER A 126 -8.50 1.76 17.59
CA SER A 126 -9.35 0.81 18.29
C SER A 126 -10.70 1.48 18.63
N ARG A 127 -11.69 0.64 18.87
CA ARG A 127 -13.02 1.12 19.19
C ARG A 127 -13.33 2.41 18.42
N THR A 128 -13.14 2.33 17.11
CA THR A 128 -13.40 3.47 16.26
C THR A 128 -12.43 4.61 16.58
N HIS A 129 -12.11 5.39 15.57
CA HIS A 129 -11.20 6.51 15.74
C HIS A 129 -11.96 7.71 16.32
N GLY A 130 -11.22 8.78 16.58
CA GLY A 130 -11.81 9.98 17.14
C GLY A 130 -13.00 10.44 16.29
N SER A 131 -12.78 10.46 14.98
CA SER A 131 -13.82 10.88 14.05
C SER A 131 -14.32 12.28 14.43
N GLU A 132 -15.14 12.83 13.55
CA GLU A 132 -15.69 14.16 13.78
C GLU A 132 -16.99 14.33 13.00
N ASP A 133 -17.70 15.40 13.31
CA ASP A 133 -18.96 15.70 12.65
C ASP A 133 -18.77 15.57 11.14
N SER A 134 -17.77 16.27 10.63
CA SER A 134 -17.48 16.25 9.21
C SER A 134 -16.59 15.04 8.88
N MET A 1 -12.37 -6.83 21.14
CA MET A 1 -12.11 -5.46 20.73
C MET A 1 -12.26 -5.29 19.22
N GLN A 2 -11.47 -6.08 18.50
CA GLN A 2 -11.50 -6.03 17.05
C GLN A 2 -12.51 -7.04 16.50
N GLY A 3 -13.49 -6.52 15.77
CA GLY A 3 -14.52 -7.37 15.19
C GLY A 3 -14.46 -7.32 13.66
N GLN A 4 -15.57 -6.89 13.07
CA GLN A 4 -15.65 -6.79 11.63
C GLN A 4 -16.13 -5.40 11.21
N ASP A 5 -15.58 -4.93 10.10
CA ASP A 5 -15.94 -3.62 9.58
C ASP A 5 -15.39 -3.46 8.16
N ARG A 6 -15.99 -2.55 7.43
CA ARG A 6 -15.57 -2.29 6.06
C ARG A 6 -14.29 -1.46 6.04
N HIS A 7 -14.14 -0.65 7.08
CA HIS A 7 -12.96 0.21 7.19
C HIS A 7 -11.77 -0.63 7.67
N MET A 8 -12.08 -1.67 8.42
CA MET A 8 -11.05 -2.55 8.94
C MET A 8 -10.54 -3.50 7.84
N ILE A 9 -11.47 -4.08 7.13
CA ILE A 9 -11.13 -5.01 6.05
C ILE A 9 -10.36 -4.25 4.97
N ARG A 10 -10.70 -2.99 4.81
CA ARG A 10 -10.04 -2.15 3.82
C ARG A 10 -8.52 -2.21 3.99
N MET A 11 -8.10 -2.23 5.25
CA MET A 11 -6.69 -2.29 5.57
C MET A 11 -6.23 -3.74 5.79
N ARG A 12 -7.11 -4.50 6.44
CA ARG A 12 -6.80 -5.89 6.72
C ARG A 12 -6.46 -6.63 5.43
N GLN A 13 -7.31 -6.45 4.43
CA GLN A 13 -7.09 -7.10 3.15
C GLN A 13 -5.78 -6.63 2.53
N LEU A 14 -5.57 -5.32 2.57
CA LEU A 14 -4.35 -4.74 2.03
C LEU A 14 -3.15 -5.56 2.48
N ILE A 15 -3.02 -5.68 3.80
CA ILE A 15 -1.92 -6.43 4.38
C ILE A 15 -2.12 -7.92 4.09
N ASP A 16 -3.38 -8.29 3.91
CA ASP A 16 -3.70 -9.68 3.62
C ASP A 16 -3.17 -10.05 2.24
N ILE A 17 -3.72 -9.41 1.23
CA ILE A 17 -3.30 -9.66 -0.14
C ILE A 17 -1.77 -9.59 -0.23
N VAL A 18 -1.21 -8.63 0.49
CA VAL A 18 0.22 -8.44 0.49
C VAL A 18 0.90 -9.76 0.85
N ASP A 19 0.67 -10.20 2.08
CA ASP A 19 1.25 -11.44 2.56
C ASP A 19 0.87 -12.57 1.61
N GLN A 20 -0.23 -12.37 0.90
CA GLN A 20 -0.70 -13.36 -0.05
C GLN A 20 0.17 -13.35 -1.31
N LEU A 21 0.33 -12.16 -1.86
CA LEU A 21 1.14 -12.01 -3.07
C LEU A 21 2.61 -12.28 -2.73
N LYS A 22 3.00 -11.82 -1.55
CA LYS A 22 4.37 -12.02 -1.10
C LYS A 22 4.68 -13.51 -1.05
N ASN A 23 3.80 -14.25 -0.41
CA ASN A 23 3.97 -15.69 -0.29
C ASN A 23 4.09 -16.30 -1.68
N TYR A 24 3.65 -15.54 -2.66
CA TYR A 24 3.71 -16.00 -4.04
C TYR A 24 4.81 -15.27 -4.82
N VAL A 25 5.79 -14.79 -4.07
CA VAL A 25 6.90 -14.07 -4.67
C VAL A 25 7.44 -14.87 -5.86
N ASN A 26 7.30 -16.19 -5.75
CA ASN A 26 7.76 -17.08 -6.80
C ASN A 26 7.23 -16.60 -8.15
N ASP A 27 6.13 -15.84 -8.08
CA ASP A 27 5.52 -15.32 -9.28
C ASP A 27 5.55 -13.79 -9.23
N LEU A 28 6.72 -13.27 -8.93
CA LEU A 28 6.90 -11.82 -8.85
C LEU A 28 8.01 -11.39 -9.82
N VAL A 29 7.65 -10.49 -10.72
CA VAL A 29 8.58 -10.00 -11.70
C VAL A 29 9.29 -8.76 -11.15
N PRO A 30 10.65 -8.85 -11.10
CA PRO A 30 11.45 -7.76 -10.59
C PRO A 30 11.54 -6.62 -11.62
N GLU A 31 10.92 -5.51 -11.26
CA GLU A 31 10.91 -4.34 -12.15
C GLU A 31 11.01 -3.07 -11.32
N PHE A 32 11.37 -1.98 -12.00
CA PHE A 32 11.49 -0.69 -11.35
C PHE A 32 10.14 -0.21 -10.83
N LEU A 33 9.88 -0.52 -9.57
CA LEU A 33 8.63 -0.12 -8.95
C LEU A 33 8.89 1.08 -8.03
N PRO A 34 8.07 2.16 -8.25
CA PRO A 34 8.20 3.36 -7.46
C PRO A 34 7.61 3.17 -6.06
N ALA A 35 8.44 3.43 -5.06
CA ALA A 35 8.02 3.28 -3.68
C ALA A 35 8.55 4.47 -2.86
N PRO A 36 7.59 5.16 -2.18
CA PRO A 36 7.95 6.30 -1.37
C PRO A 36 8.61 5.87 -0.06
N GLU A 37 9.83 6.35 0.15
CA GLU A 37 10.58 6.02 1.34
C GLU A 37 10.47 7.15 2.37
N ASP A 38 10.06 6.77 3.58
CA ASP A 38 9.91 7.74 4.65
C ASP A 38 9.01 8.88 4.18
N VAL A 39 7.76 8.82 4.60
CA VAL A 39 6.79 9.84 4.24
C VAL A 39 6.33 10.58 5.50
N GLU A 40 5.96 11.84 5.30
CA GLU A 40 5.51 12.67 6.41
C GLU A 40 4.35 11.98 7.14
N THR A 41 4.06 12.49 8.33
CA THR A 41 2.98 11.95 9.13
C THR A 41 1.70 11.85 8.31
N ASN A 42 1.36 12.96 7.67
CA ASN A 42 0.16 13.01 6.84
C ASN A 42 0.55 12.95 5.37
N CYS A 43 1.52 12.09 5.08
CA CYS A 43 1.99 11.93 3.72
C CYS A 43 2.01 10.44 3.40
N GLU A 44 1.49 9.66 4.32
CA GLU A 44 1.45 8.21 4.14
C GLU A 44 0.31 7.83 3.19
N TRP A 45 -0.55 8.80 2.93
CA TRP A 45 -1.68 8.59 2.05
C TRP A 45 -1.26 9.03 0.64
N SER A 46 -0.80 10.27 0.56
CA SER A 46 -0.37 10.82 -0.71
C SER A 46 0.67 9.90 -1.36
N ALA A 47 1.32 9.11 -0.52
CA ALA A 47 2.33 8.19 -1.00
C ALA A 47 1.65 6.93 -1.54
N PHE A 48 0.44 6.69 -1.06
CA PHE A 48 -0.33 5.53 -1.48
C PHE A 48 -0.43 5.48 -3.00
N SER A 49 -0.62 6.65 -3.60
CA SER A 49 -0.74 6.75 -5.05
C SER A 49 0.50 6.16 -5.72
N CYS A 50 1.66 6.50 -5.16
CA CYS A 50 2.92 6.03 -5.69
C CYS A 50 2.92 4.50 -5.63
N PHE A 51 2.44 3.98 -4.50
CA PHE A 51 2.38 2.54 -4.31
C PHE A 51 1.35 1.91 -5.25
N GLN A 52 0.21 2.57 -5.37
CA GLN A 52 -0.85 2.09 -6.22
C GLN A 52 -0.40 2.09 -7.68
N LYS A 53 0.02 3.25 -8.15
CA LYS A 53 0.49 3.41 -9.51
C LYS A 53 1.57 2.37 -9.80
N ALA A 54 2.33 2.06 -8.76
CA ALA A 54 3.41 1.09 -8.88
C ALA A 54 2.93 -0.10 -9.72
N GLN A 55 1.79 -0.64 -9.32
CA GLN A 55 1.21 -1.77 -10.03
C GLN A 55 2.13 -2.99 -9.93
N LEU A 56 1.63 -4.01 -9.25
CA LEU A 56 2.39 -5.24 -9.08
C LEU A 56 2.25 -6.11 -10.32
N LYS A 57 3.35 -6.74 -10.70
CA LYS A 57 3.36 -7.61 -11.86
C LYS A 57 4.06 -8.92 -11.51
N SER A 58 3.37 -10.01 -11.80
CA SER A 58 3.91 -11.33 -11.52
C SER A 58 4.78 -11.80 -12.69
N ALA A 59 5.71 -12.69 -12.38
CA ALA A 59 6.60 -13.23 -13.39
C ALA A 59 5.78 -13.85 -14.51
N ASN A 60 4.53 -14.15 -14.21
CA ASN A 60 3.63 -14.74 -15.17
C ASN A 60 4.27 -16.02 -15.73
N THR A 61 4.46 -16.98 -14.85
CA THR A 61 5.07 -18.24 -15.24
C THR A 61 4.47 -19.39 -14.42
N GLY A 62 3.28 -19.13 -13.87
CA GLY A 62 2.60 -20.13 -13.06
C GLY A 62 1.10 -19.82 -12.98
N ASN A 63 0.40 -20.63 -12.19
CA ASN A 63 -1.03 -20.47 -12.02
C ASN A 63 -1.29 -19.27 -11.10
N ASN A 64 -0.40 -19.10 -10.14
CA ASN A 64 -0.52 -18.01 -9.18
C ASN A 64 -0.87 -16.72 -9.94
N GLU A 65 -0.42 -16.66 -11.18
CA GLU A 65 -0.68 -15.50 -12.02
C GLU A 65 -2.09 -14.98 -11.78
N ARG A 66 -2.99 -15.91 -11.48
CA ARG A 66 -4.38 -15.56 -11.23
C ARG A 66 -4.57 -15.15 -9.76
N ILE A 67 -3.97 -15.95 -8.88
CA ILE A 67 -4.06 -15.67 -7.46
C ILE A 67 -3.37 -14.34 -7.14
N ILE A 68 -2.66 -13.84 -8.13
CA ILE A 68 -1.94 -12.58 -7.99
C ILE A 68 -2.88 -11.42 -8.35
N ASN A 69 -3.50 -11.54 -9.52
CA ASN A 69 -4.42 -10.53 -9.99
C ASN A 69 -5.45 -10.22 -8.90
N VAL A 70 -5.86 -11.28 -8.22
CA VAL A 70 -6.84 -11.15 -7.15
C VAL A 70 -6.33 -10.14 -6.12
N SER A 71 -5.02 -10.15 -5.93
CA SER A 71 -4.40 -9.25 -4.97
C SER A 71 -4.18 -7.88 -5.62
N ILE A 72 -4.08 -7.89 -6.94
CA ILE A 72 -3.87 -6.66 -7.69
C ILE A 72 -5.17 -5.85 -7.70
N LYS A 73 -6.23 -6.50 -8.17
CA LYS A 73 -7.53 -5.85 -8.24
C LYS A 73 -7.80 -5.12 -6.92
N LYS A 74 -7.42 -5.78 -5.83
CA LYS A 74 -7.62 -5.21 -4.51
C LYS A 74 -6.53 -4.17 -4.24
N LEU A 75 -5.29 -4.61 -4.39
CA LEU A 75 -4.15 -3.73 -4.15
C LEU A 75 -4.39 -2.40 -4.89
N LYS A 76 -5.07 -2.50 -6.02
CA LYS A 76 -5.37 -1.32 -6.83
C LYS A 76 -6.55 -0.58 -6.21
N ARG A 77 -6.41 -0.25 -4.94
CA ARG A 77 -7.46 0.46 -4.23
C ARG A 77 -7.26 1.97 -4.37
N LYS A 78 -8.34 2.70 -4.13
CA LYS A 78 -8.30 4.15 -4.22
C LYS A 78 -8.10 4.74 -2.83
N PRO A 79 -7.44 5.93 -2.80
CA PRO A 79 -7.17 6.62 -1.54
C PRO A 79 -8.45 7.28 -1.00
N PRO A 80 -8.34 7.81 0.25
CA PRO A 80 -9.46 8.47 0.88
C PRO A 80 -9.71 9.85 0.27
N SER A 81 -10.85 9.98 -0.39
CA SER A 81 -11.21 11.23 -1.02
C SER A 81 -10.29 11.51 -2.20
N THR A 82 -9.03 11.77 -1.89
CA THR A 82 -8.04 12.04 -2.91
C THR A 82 -6.62 11.94 -2.32
N ASN A 83 -5.74 11.33 -3.10
CA ASN A 83 -4.36 11.16 -2.67
C ASN A 83 -3.83 12.50 -2.15
N ALA A 84 -4.00 13.53 -2.96
CA ALA A 84 -3.54 14.86 -2.60
C ALA A 84 -2.02 14.84 -2.43
N GLY A 85 -1.37 15.78 -3.10
CA GLY A 85 0.08 15.88 -3.03
C GLY A 85 0.65 16.38 -4.36
N ARG A 86 0.22 17.57 -4.76
CA ARG A 86 0.69 18.16 -6.00
C ARG A 86 0.03 19.52 -6.21
N ARG A 87 -1.29 19.50 -6.37
CA ARG A 87 -2.05 20.71 -6.57
C ARG A 87 -3.33 20.70 -5.74
N GLN A 88 -3.65 21.86 -5.19
CA GLN A 88 -4.84 21.98 -4.36
C GLN A 88 -4.70 21.14 -3.09
N LYS A 89 -5.34 21.61 -2.04
CA LYS A 89 -5.30 20.91 -0.76
C LYS A 89 -3.93 21.11 -0.12
N HIS A 90 -3.65 22.35 0.24
CA HIS A 90 -2.38 22.68 0.87
C HIS A 90 -2.45 22.40 2.36
N ARG A 91 -2.90 21.20 2.69
CA ARG A 91 -3.02 20.80 4.09
C ARG A 91 -1.76 20.06 4.54
N LEU A 92 -0.78 20.04 3.65
CA LEU A 92 0.48 19.38 3.94
C LEU A 92 1.41 19.48 2.73
N THR A 93 2.70 19.55 3.03
CA THR A 93 3.70 19.65 1.97
C THR A 93 3.98 18.28 1.36
N CYS A 94 4.76 17.49 2.08
CA CYS A 94 5.11 16.16 1.62
C CYS A 94 5.95 16.30 0.34
N PRO A 95 7.05 15.50 0.29
CA PRO A 95 7.94 15.52 -0.85
C PRO A 95 7.32 14.80 -2.04
N SER A 96 7.86 15.09 -3.22
CA SER A 96 7.37 14.48 -4.43
C SER A 96 8.02 13.10 -4.63
N CYS A 97 7.41 12.32 -5.50
CA CYS A 97 7.91 10.98 -5.78
C CYS A 97 9.01 11.10 -6.84
N ASP A 98 10.25 11.15 -6.35
CA ASP A 98 11.40 11.26 -7.23
C ASP A 98 12.66 10.88 -6.47
N SER A 99 12.98 11.70 -5.47
CA SER A 99 14.16 11.45 -4.66
C SER A 99 13.94 10.22 -3.78
N TYR A 100 13.77 9.09 -4.44
CA TYR A 100 13.55 7.83 -3.74
C TYR A 100 14.16 6.66 -4.51
N GLU A 101 13.89 6.65 -5.81
CA GLU A 101 14.40 5.59 -6.67
C GLU A 101 13.44 4.39 -6.65
N LYS A 102 13.44 3.67 -7.75
CA LYS A 102 12.59 2.49 -7.88
C LYS A 102 13.13 1.38 -6.99
N LYS A 103 12.32 0.33 -6.84
CA LYS A 103 12.71 -0.80 -6.02
C LYS A 103 12.03 -2.06 -6.56
N PRO A 104 12.41 -3.22 -5.97
CA PRO A 104 11.86 -4.49 -6.39
C PRO A 104 10.43 -4.67 -5.86
N PRO A 105 9.78 -5.78 -6.30
CA PRO A 105 8.42 -6.07 -5.88
C PRO A 105 8.39 -6.58 -4.44
N LYS A 106 9.39 -7.38 -4.10
CA LYS A 106 9.49 -7.94 -2.77
C LYS A 106 9.48 -6.81 -1.74
N GLU A 107 10.21 -5.74 -2.07
CA GLU A 107 10.29 -4.59 -1.19
C GLU A 107 9.03 -3.72 -1.33
N PHE A 108 8.73 -3.36 -2.56
CA PHE A 108 7.56 -2.54 -2.85
C PHE A 108 6.36 -3.00 -2.02
N LEU A 109 6.28 -4.32 -1.84
CA LEU A 109 5.18 -4.90 -1.08
C LEU A 109 5.53 -4.88 0.41
N GLU A 110 6.72 -5.37 0.71
CA GLU A 110 7.20 -5.42 2.09
C GLU A 110 7.05 -4.04 2.74
N ARG A 111 7.09 -3.02 1.89
CA ARG A 111 6.97 -1.65 2.37
C ARG A 111 5.51 -1.22 2.37
N PHE A 112 4.85 -1.45 1.24
CA PHE A 112 3.45 -1.09 1.09
C PHE A 112 2.65 -1.51 2.32
N LYS A 113 2.63 -2.81 2.56
CA LYS A 113 1.91 -3.35 3.70
C LYS A 113 2.20 -2.50 4.94
N SER A 114 3.48 -2.26 5.17
CA SER A 114 3.90 -1.47 6.31
C SER A 114 3.21 -0.10 6.28
N LEU A 115 3.39 0.59 5.16
CA LEU A 115 2.79 1.91 4.99
C LEU A 115 1.32 1.84 5.38
N LEU A 116 0.68 0.74 5.03
CA LEU A 116 -0.72 0.55 5.33
C LEU A 116 -0.88 0.33 6.84
N GLN A 117 -0.27 -0.74 7.32
CA GLN A 117 -0.33 -1.07 8.73
C GLN A 117 0.28 0.05 9.57
N LYS A 118 0.89 1.00 8.88
CA LYS A 118 1.53 2.13 9.53
C LYS A 118 0.52 3.26 9.69
N MET A 119 0.18 3.87 8.56
CA MET A 119 -0.78 4.97 8.56
C MET A 119 -2.21 4.44 8.48
N ILE A 120 -2.54 3.86 7.33
CA ILE A 120 -3.87 3.32 7.11
C ILE A 120 -4.40 2.74 8.42
N HIS A 121 -3.64 1.79 8.96
CA HIS A 121 -4.01 1.15 10.21
C HIS A 121 -4.60 2.19 11.16
N GLN A 122 -3.82 3.23 11.41
CA GLN A 122 -4.24 4.30 12.29
C GLN A 122 -5.71 4.62 12.08
N HIS A 123 -6.10 4.64 10.80
CA HIS A 123 -7.49 4.92 10.45
C HIS A 123 -8.43 4.21 11.42
N LEU A 124 -8.03 3.02 11.82
CA LEU A 124 -8.84 2.23 12.73
C LEU A 124 -8.28 2.40 14.16
N SER A 125 -7.01 2.04 14.30
CA SER A 125 -6.36 2.15 15.59
C SER A 125 -7.20 1.45 16.68
N SER A 126 -7.28 0.14 16.56
CA SER A 126 -8.04 -0.65 17.50
C SER A 126 -9.35 0.06 17.85
N ARG A 127 -10.35 -0.16 17.00
CA ARG A 127 -11.65 0.45 17.20
C ARG A 127 -12.69 -0.21 16.30
N THR A 128 -13.92 -0.25 16.81
CA THR A 128 -15.02 -0.86 16.06
C THR A 128 -16.34 -0.19 16.43
N HIS A 129 -17.25 -0.17 15.46
CA HIS A 129 -18.55 0.43 15.67
C HIS A 129 -19.63 -0.65 15.65
N GLY A 130 -20.39 -0.71 16.74
CA GLY A 130 -21.45 -1.69 16.86
C GLY A 130 -22.62 -1.37 15.93
N SER A 131 -22.65 -2.07 14.81
CA SER A 131 -23.70 -1.87 13.83
C SER A 131 -23.68 -3.00 12.78
N GLU A 132 -24.67 -3.86 12.88
CA GLU A 132 -24.77 -4.98 11.95
C GLU A 132 -26.22 -5.15 11.47
N ASP A 133 -27.10 -5.42 12.43
CA ASP A 133 -28.51 -5.60 12.12
C ASP A 133 -29.18 -4.23 11.98
N SER A 134 -29.07 -3.44 13.04
CA SER A 134 -29.65 -2.11 13.05
C SER A 134 -28.57 -1.06 12.82
N MET A 1 -24.83 -9.43 13.57
CA MET A 1 -26.16 -9.17 13.05
C MET A 1 -26.21 -9.38 11.54
N GLN A 2 -25.41 -8.58 10.84
CA GLN A 2 -25.35 -8.67 9.39
C GLN A 2 -23.90 -8.58 8.91
N GLY A 3 -23.15 -9.63 9.23
CA GLY A 3 -21.75 -9.69 8.84
C GLY A 3 -20.96 -8.53 9.44
N GLN A 4 -19.66 -8.56 9.22
CA GLN A 4 -18.78 -7.51 9.74
C GLN A 4 -18.60 -6.41 8.70
N ASP A 5 -18.22 -5.24 9.19
CA ASP A 5 -18.01 -4.09 8.32
C ASP A 5 -16.99 -4.46 7.23
N ARG A 6 -17.14 -3.82 6.09
CA ARG A 6 -16.24 -4.08 4.97
C ARG A 6 -14.99 -3.19 5.07
N HIS A 7 -15.04 -2.28 6.03
CA HIS A 7 -13.92 -1.37 6.25
C HIS A 7 -12.88 -2.05 7.14
N MET A 8 -13.30 -2.38 8.35
CA MET A 8 -12.41 -3.03 9.30
C MET A 8 -11.61 -4.15 8.62
N ILE A 9 -12.29 -4.87 7.74
CA ILE A 9 -11.66 -5.96 7.02
C ILE A 9 -10.76 -5.40 5.93
N ARG A 10 -11.19 -4.28 5.36
CA ARG A 10 -10.43 -3.64 4.31
C ARG A 10 -8.98 -3.43 4.75
N MET A 11 -8.78 -3.45 6.06
CA MET A 11 -7.46 -3.26 6.62
C MET A 11 -6.70 -4.60 6.70
N ARG A 12 -7.17 -5.45 7.59
CA ARG A 12 -6.56 -6.76 7.78
C ARG A 12 -6.46 -7.49 6.43
N GLN A 13 -7.45 -7.24 5.59
CA GLN A 13 -7.49 -7.86 4.27
C GLN A 13 -6.39 -7.28 3.38
N LEU A 14 -6.19 -5.97 3.51
CA LEU A 14 -5.19 -5.28 2.72
C LEU A 14 -3.81 -5.86 3.05
N ILE A 15 -3.56 -6.00 4.34
CA ILE A 15 -2.29 -6.53 4.80
C ILE A 15 -2.16 -7.99 4.36
N ASP A 16 -3.28 -8.71 4.45
CA ASP A 16 -3.31 -10.11 4.06
C ASP A 16 -3.10 -10.22 2.56
N ILE A 17 -3.82 -9.37 1.82
CA ILE A 17 -3.73 -9.37 0.38
C ILE A 17 -2.26 -9.26 -0.04
N VAL A 18 -1.60 -8.26 0.50
CA VAL A 18 -0.19 -8.04 0.20
C VAL A 18 0.60 -9.31 0.53
N ASP A 19 0.51 -9.72 1.77
CA ASP A 19 1.20 -10.92 2.22
C ASP A 19 0.85 -12.09 1.29
N GLN A 20 -0.40 -12.10 0.87
CA GLN A 20 -0.87 -13.15 -0.02
C GLN A 20 0.00 -13.20 -1.28
N LEU A 21 0.13 -12.05 -1.93
CA LEU A 21 0.92 -11.97 -3.14
C LEU A 21 2.37 -12.34 -2.83
N LYS A 22 2.88 -11.76 -1.75
CA LYS A 22 4.24 -12.01 -1.32
C LYS A 22 4.46 -13.53 -1.21
N ASN A 23 3.47 -14.19 -0.60
CA ASN A 23 3.54 -15.63 -0.41
C ASN A 23 3.64 -16.31 -1.79
N TYR A 24 3.31 -15.55 -2.82
CA TYR A 24 3.35 -16.06 -4.18
C TYR A 24 4.45 -15.38 -4.98
N VAL A 25 5.50 -14.98 -4.28
CA VAL A 25 6.63 -14.31 -4.92
C VAL A 25 7.09 -15.15 -6.10
N ASN A 26 6.89 -16.46 -6.00
CA ASN A 26 7.29 -17.37 -7.05
C ASN A 26 6.69 -16.91 -8.37
N ASP A 27 5.64 -16.11 -8.27
CA ASP A 27 4.97 -15.58 -9.45
C ASP A 27 5.07 -14.06 -9.45
N LEU A 28 6.25 -13.56 -9.14
CA LEU A 28 6.48 -12.13 -9.09
C LEU A 28 7.59 -11.77 -10.08
N VAL A 29 7.40 -10.62 -10.73
CA VAL A 29 8.38 -10.15 -11.70
C VAL A 29 9.11 -8.94 -11.13
N PRO A 30 10.47 -9.06 -11.09
CA PRO A 30 11.30 -7.97 -10.57
C PRO A 30 11.38 -6.82 -11.58
N GLU A 31 10.64 -5.76 -11.28
CA GLU A 31 10.63 -4.59 -12.14
C GLU A 31 10.84 -3.32 -11.31
N PHE A 32 11.22 -2.26 -12.00
CA PHE A 32 11.45 -0.98 -11.34
C PHE A 32 10.17 -0.42 -10.76
N LEU A 33 9.95 -0.73 -9.47
CA LEU A 33 8.76 -0.26 -8.78
C LEU A 33 9.16 0.87 -7.83
N PRO A 34 8.42 2.00 -7.95
CA PRO A 34 8.67 3.15 -7.10
C PRO A 34 8.15 2.93 -5.68
N ALA A 35 8.98 3.27 -4.72
CA ALA A 35 8.62 3.11 -3.32
C ALA A 35 9.06 4.34 -2.53
N PRO A 36 8.05 5.01 -1.89
CA PRO A 36 8.32 6.20 -1.11
C PRO A 36 8.98 5.84 0.22
N GLU A 37 10.21 6.30 0.38
CA GLU A 37 10.96 6.04 1.60
C GLU A 37 10.88 7.24 2.54
N ASP A 38 10.44 6.98 3.76
CA ASP A 38 10.31 8.03 4.76
C ASP A 38 9.37 9.11 4.24
N VAL A 39 8.10 8.95 4.57
CA VAL A 39 7.09 9.91 4.13
C VAL A 39 6.55 10.65 5.36
N GLU A 40 6.26 11.94 5.15
CA GLU A 40 5.75 12.76 6.22
C GLU A 40 4.48 12.14 6.82
N THR A 41 4.12 12.63 7.99
CA THR A 41 2.94 12.14 8.68
C THR A 41 1.68 12.41 7.84
N ASN A 42 1.86 13.24 6.83
CA ASN A 42 0.76 13.59 5.95
C ASN A 42 1.17 13.33 4.50
N CYS A 43 2.12 12.43 4.34
CA CYS A 43 2.62 12.07 3.02
C CYS A 43 2.32 10.60 2.77
N GLU A 44 2.46 9.81 3.82
CA GLU A 44 2.22 8.38 3.74
C GLU A 44 1.03 8.11 2.82
N TRP A 45 0.08 9.04 2.82
CA TRP A 45 -1.10 8.91 1.99
C TRP A 45 -0.70 9.22 0.54
N SER A 46 -0.22 10.44 0.35
CA SER A 46 0.20 10.87 -0.98
C SER A 46 1.16 9.83 -1.59
N ALA A 47 1.76 9.05 -0.71
CA ALA A 47 2.70 8.03 -1.15
C ALA A 47 1.92 6.78 -1.57
N PHE A 48 0.80 6.56 -0.89
CA PHE A 48 -0.04 5.41 -1.18
C PHE A 48 -0.17 5.20 -2.69
N SER A 49 -0.46 6.30 -3.39
CA SER A 49 -0.61 6.24 -4.83
C SER A 49 0.65 5.68 -5.47
N CYS A 50 1.80 6.16 -4.99
CA CYS A 50 3.08 5.71 -5.51
C CYS A 50 3.08 4.18 -5.53
N PHE A 51 2.65 3.61 -4.42
CA PHE A 51 2.60 2.16 -4.30
C PHE A 51 1.57 1.57 -5.27
N GLN A 52 0.49 2.31 -5.47
CA GLN A 52 -0.56 1.87 -6.36
C GLN A 52 -0.10 1.97 -7.81
N LYS A 53 0.54 3.09 -8.12
CA LYS A 53 1.03 3.31 -9.48
C LYS A 53 2.09 2.27 -9.81
N ALA A 54 2.78 1.82 -8.78
CA ALA A 54 3.82 0.82 -8.94
C ALA A 54 3.30 -0.31 -9.85
N GLN A 55 2.10 -0.78 -9.52
CA GLN A 55 1.47 -1.84 -10.30
C GLN A 55 2.28 -3.13 -10.15
N LEU A 56 1.73 -4.05 -9.36
CA LEU A 56 2.38 -5.32 -9.14
C LEU A 56 2.23 -6.21 -10.38
N LYS A 57 3.35 -6.74 -10.83
CA LYS A 57 3.34 -7.60 -12.00
C LYS A 57 3.94 -8.96 -11.64
N SER A 58 3.27 -10.01 -12.09
CA SER A 58 3.73 -11.36 -11.82
C SER A 58 4.71 -11.81 -12.90
N ALA A 59 5.50 -12.82 -12.56
CA ALA A 59 6.50 -13.35 -13.47
C ALA A 59 5.80 -13.80 -14.76
N ASN A 60 4.49 -13.97 -14.65
CA ASN A 60 3.70 -14.40 -15.80
C ASN A 60 3.78 -15.92 -15.92
N THR A 61 4.99 -16.40 -16.20
CA THR A 61 5.21 -17.83 -16.34
C THR A 61 5.00 -18.55 -15.01
N GLY A 62 3.74 -18.57 -14.58
CA GLY A 62 3.41 -19.22 -13.32
C GLY A 62 1.92 -19.59 -13.29
N ASN A 63 1.46 -19.93 -12.09
CA ASN A 63 0.07 -20.31 -11.90
C ASN A 63 -0.65 -19.22 -11.11
N ASN A 64 -0.01 -18.79 -10.04
CA ASN A 64 -0.57 -17.75 -9.19
C ASN A 64 -0.79 -16.49 -10.02
N GLU A 65 -0.15 -16.45 -11.17
CA GLU A 65 -0.26 -15.30 -12.06
C GLU A 65 -1.70 -14.76 -12.04
N ARG A 66 -2.64 -15.68 -11.88
CA ARG A 66 -4.04 -15.30 -11.84
C ARG A 66 -4.44 -14.89 -10.42
N ILE A 67 -4.05 -15.73 -9.47
CA ILE A 67 -4.36 -15.47 -8.08
C ILE A 67 -3.68 -14.17 -7.64
N ILE A 68 -2.74 -13.73 -8.47
CA ILE A 68 -2.00 -12.51 -8.17
C ILE A 68 -2.88 -11.30 -8.52
N ASN A 69 -3.66 -11.46 -9.57
CA ASN A 69 -4.55 -10.39 -10.01
C ASN A 69 -5.48 -10.01 -8.86
N VAL A 70 -5.63 -10.92 -7.92
CA VAL A 70 -6.48 -10.68 -6.77
C VAL A 70 -5.83 -9.64 -5.86
N SER A 71 -4.51 -9.67 -5.83
CA SER A 71 -3.76 -8.73 -5.01
C SER A 71 -3.58 -7.40 -5.77
N ILE A 72 -3.71 -7.49 -7.08
CA ILE A 72 -3.56 -6.32 -7.93
C ILE A 72 -4.78 -5.42 -7.76
N LYS A 73 -5.93 -5.95 -8.17
CA LYS A 73 -7.17 -5.21 -8.08
C LYS A 73 -7.31 -4.61 -6.67
N LYS A 74 -6.74 -5.33 -5.71
CA LYS A 74 -6.78 -4.88 -4.32
C LYS A 74 -5.68 -3.85 -4.09
N LEU A 75 -4.44 -4.29 -4.31
CA LEU A 75 -3.29 -3.43 -4.12
C LEU A 75 -3.57 -2.07 -4.76
N LYS A 76 -4.37 -2.10 -5.82
CA LYS A 76 -4.73 -0.87 -6.51
C LYS A 76 -5.81 -0.13 -5.72
N ARG A 77 -5.50 0.13 -4.46
CA ARG A 77 -6.42 0.83 -3.59
C ARG A 77 -6.12 2.34 -3.60
N LYS A 78 -7.19 3.12 -3.73
CA LYS A 78 -7.06 4.56 -3.75
C LYS A 78 -7.33 5.12 -2.34
N PRO A 79 -6.69 6.29 -2.06
CA PRO A 79 -6.85 6.93 -0.77
C PRO A 79 -8.23 7.60 -0.65
N PRO A 80 -8.63 7.84 0.62
CA PRO A 80 -9.91 8.48 0.88
C PRO A 80 -9.86 9.98 0.57
N SER A 81 -10.78 10.40 -0.28
CA SER A 81 -10.86 11.80 -0.67
C SER A 81 -9.73 12.12 -1.65
N THR A 82 -8.51 12.00 -1.16
CA THR A 82 -7.34 12.29 -1.99
C THR A 82 -6.06 11.92 -1.24
N ASN A 83 -5.94 12.45 -0.04
CA ASN A 83 -4.77 12.20 0.79
C ASN A 83 -4.94 12.90 2.13
N ALA A 84 -5.39 14.15 2.06
CA ALA A 84 -5.60 14.93 3.26
C ALA A 84 -6.08 16.34 2.87
N GLY A 85 -7.34 16.40 2.46
CA GLY A 85 -7.93 17.66 2.06
C GLY A 85 -9.20 17.95 2.86
N ARG A 86 -10.30 17.37 2.39
CA ARG A 86 -11.57 17.56 3.05
C ARG A 86 -11.45 17.30 4.56
N ARG A 87 -12.39 17.84 5.31
CA ARG A 87 -12.40 17.67 6.75
C ARG A 87 -11.14 18.30 7.37
N GLN A 88 -11.22 18.55 8.66
CA GLN A 88 -10.10 19.15 9.37
C GLN A 88 -8.77 18.56 8.88
N LYS A 89 -7.80 19.44 8.73
CA LYS A 89 -6.48 19.02 8.28
C LYS A 89 -5.50 20.18 8.41
N HIS A 90 -4.23 19.86 8.28
CA HIS A 90 -3.19 20.86 8.40
C HIS A 90 -1.84 20.26 7.98
N ARG A 91 -0.79 21.05 8.16
CA ARG A 91 0.54 20.61 7.79
C ARG A 91 0.50 19.80 6.50
N LEU A 92 -0.38 20.21 5.60
CA LEU A 92 -0.53 19.52 4.33
C LEU A 92 0.52 20.05 3.34
N THR A 93 1.42 19.17 2.95
CA THR A 93 2.47 19.53 2.02
C THR A 93 3.03 18.28 1.33
N CYS A 94 4.18 17.84 1.81
CA CYS A 94 4.83 16.67 1.26
C CYS A 94 5.24 16.99 -0.17
N PRO A 95 6.46 16.50 -0.54
CA PRO A 95 6.98 16.72 -1.88
C PRO A 95 6.27 15.83 -2.91
N SER A 96 6.90 15.70 -4.07
CA SER A 96 6.35 14.88 -5.13
C SER A 96 7.08 13.53 -5.18
N CYS A 97 6.38 12.55 -5.75
CA CYS A 97 6.95 11.22 -5.86
C CYS A 97 7.97 11.23 -7.00
N ASP A 98 9.12 11.80 -6.71
CA ASP A 98 10.19 11.88 -7.70
C ASP A 98 11.54 11.68 -7.00
N SER A 99 11.72 12.39 -5.89
CA SER A 99 12.95 12.31 -5.13
C SER A 99 13.05 10.94 -4.45
N TYR A 100 13.24 9.92 -5.28
CA TYR A 100 13.36 8.56 -4.77
C TYR A 100 14.00 7.65 -5.81
N GLU A 101 13.87 6.34 -5.57
CA GLU A 101 14.42 5.36 -6.48
C GLU A 101 13.44 4.22 -6.69
N LYS A 102 13.95 3.12 -7.25
CA LYS A 102 13.12 1.96 -7.52
C LYS A 102 13.48 0.84 -6.53
N LYS A 103 12.50 -0.01 -6.28
CA LYS A 103 12.70 -1.12 -5.37
C LYS A 103 12.03 -2.38 -5.94
N PRO A 104 12.39 -3.54 -5.34
CA PRO A 104 11.84 -4.82 -5.78
C PRO A 104 10.39 -4.97 -5.30
N PRO A 105 9.75 -6.07 -5.78
CA PRO A 105 8.37 -6.35 -5.41
C PRO A 105 8.28 -6.88 -3.98
N LYS A 106 9.24 -7.71 -3.63
CA LYS A 106 9.29 -8.28 -2.29
C LYS A 106 9.17 -7.17 -1.25
N GLU A 107 9.98 -6.13 -1.46
CA GLU A 107 9.98 -5.00 -0.55
C GLU A 107 8.76 -4.11 -0.81
N PHE A 108 8.68 -3.62 -2.03
CA PHE A 108 7.57 -2.75 -2.42
C PHE A 108 6.27 -3.21 -1.77
N LEU A 109 6.16 -4.52 -1.60
CA LEU A 109 4.98 -5.10 -0.99
C LEU A 109 5.13 -5.08 0.53
N GLU A 110 6.23 -5.64 0.99
CA GLU A 110 6.51 -5.70 2.42
C GLU A 110 6.47 -4.28 3.02
N ARG A 111 6.69 -3.31 2.16
CA ARG A 111 6.68 -1.92 2.59
C ARG A 111 5.27 -1.34 2.49
N PHE A 112 4.66 -1.52 1.33
CA PHE A 112 3.32 -1.02 1.10
C PHE A 112 2.36 -1.52 2.18
N LYS A 113 2.45 -2.81 2.46
CA LYS A 113 1.60 -3.42 3.47
C LYS A 113 1.90 -2.79 4.84
N SER A 114 3.19 -2.60 5.10
CA SER A 114 3.62 -2.01 6.35
C SER A 114 3.07 -0.58 6.48
N LEU A 115 3.32 0.21 5.45
CA LEU A 115 2.87 1.59 5.43
C LEU A 115 1.33 1.61 5.46
N LEU A 116 0.75 0.65 4.76
CA LEU A 116 -0.70 0.54 4.70
C LEU A 116 -1.24 0.13 6.07
N GLN A 117 -0.43 -0.65 6.78
CA GLN A 117 -0.81 -1.13 8.09
C GLN A 117 -0.19 -0.24 9.18
N LYS A 118 0.60 0.72 8.73
CA LYS A 118 1.26 1.64 9.63
C LYS A 118 0.39 2.89 9.80
N MET A 119 0.37 3.70 8.75
CA MET A 119 -0.40 4.92 8.76
C MET A 119 -1.88 4.64 8.48
N ILE A 120 -2.16 4.27 7.24
CA ILE A 120 -3.52 3.96 6.83
C ILE A 120 -4.25 3.28 7.98
N HIS A 121 -3.68 2.18 8.44
CA HIS A 121 -4.27 1.43 9.54
C HIS A 121 -4.81 2.40 10.58
N GLN A 122 -3.96 3.34 10.97
CA GLN A 122 -4.33 4.33 11.97
C GLN A 122 -5.80 4.74 11.78
N HIS A 123 -6.23 4.71 10.53
CA HIS A 123 -7.59 5.08 10.20
C HIS A 123 -8.54 4.55 11.29
N LEU A 124 -8.30 3.31 11.68
CA LEU A 124 -9.12 2.67 12.71
C LEU A 124 -8.40 2.75 14.05
N SER A 125 -7.13 2.36 14.03
CA SER A 125 -6.32 2.38 15.24
C SER A 125 -6.89 1.39 16.25
N SER A 126 -6.21 1.32 17.39
CA SER A 126 -6.62 0.41 18.45
C SER A 126 -6.58 -1.03 17.96
N ARG A 127 -5.71 -1.82 18.60
CA ARG A 127 -5.55 -3.21 18.24
C ARG A 127 -4.90 -3.34 16.87
N THR A 128 -3.81 -4.09 16.82
CA THR A 128 -3.08 -4.30 15.58
C THR A 128 -1.78 -5.07 15.85
N HIS A 129 -1.16 -4.73 16.96
CA HIS A 129 0.09 -5.38 17.34
C HIS A 129 -0.16 -6.87 17.58
N GLY A 130 0.93 -7.61 17.65
CA GLY A 130 0.85 -9.04 17.89
C GLY A 130 2.17 -9.59 18.43
N SER A 131 2.83 -10.39 17.60
CA SER A 131 4.10 -10.98 17.98
C SER A 131 3.92 -11.86 19.22
N GLU A 132 4.90 -12.72 19.44
CA GLU A 132 4.86 -13.63 20.58
C GLU A 132 6.05 -13.37 21.50
N ASP A 133 7.24 -13.58 20.95
CA ASP A 133 8.47 -13.38 21.71
C ASP A 133 9.62 -13.13 20.74
N SER A 134 10.71 -12.60 21.28
CA SER A 134 11.89 -12.31 20.48
C SER A 134 11.46 -11.75 19.12
N MET A 1 -15.91 -10.63 14.20
CA MET A 1 -15.32 -11.38 13.09
C MET A 1 -15.62 -10.70 11.76
N GLN A 2 -16.89 -10.39 11.55
CA GLN A 2 -17.33 -9.75 10.33
C GLN A 2 -18.37 -8.68 10.63
N GLY A 3 -17.96 -7.43 10.50
CA GLY A 3 -18.84 -6.31 10.75
C GLY A 3 -18.26 -5.38 11.82
N GLN A 4 -16.99 -5.04 11.64
CA GLN A 4 -16.31 -4.17 12.57
C GLN A 4 -15.30 -3.29 11.82
N ASP A 5 -15.41 -1.99 12.06
CA ASP A 5 -14.52 -1.04 11.43
C ASP A 5 -14.71 -1.10 9.91
N ARG A 6 -15.00 0.06 9.33
CA ARG A 6 -15.22 0.16 7.89
C ARG A 6 -13.87 0.34 7.17
N HIS A 7 -12.88 0.77 7.94
CA HIS A 7 -11.56 1.00 7.39
C HIS A 7 -10.74 -0.28 7.48
N MET A 8 -10.80 -0.90 8.66
CA MET A 8 -10.07 -2.13 8.89
C MET A 8 -10.39 -3.18 7.82
N ILE A 9 -11.65 -3.23 7.44
CA ILE A 9 -12.09 -4.16 6.42
C ILE A 9 -11.23 -4.01 5.18
N ARG A 10 -10.84 -2.77 4.92
CA ARG A 10 -10.00 -2.48 3.77
C ARG A 10 -8.52 -2.54 4.14
N MET A 11 -8.27 -2.37 5.43
CA MET A 11 -6.90 -2.40 5.94
C MET A 11 -6.32 -3.81 5.84
N ARG A 12 -6.93 -4.73 6.58
CA ARG A 12 -6.49 -6.10 6.59
C ARG A 12 -6.48 -6.66 5.17
N GLN A 13 -7.63 -6.59 4.52
CA GLN A 13 -7.75 -7.08 3.16
C GLN A 13 -6.49 -6.75 2.35
N LEU A 14 -6.01 -5.54 2.54
CA LEU A 14 -4.82 -5.09 1.85
C LEU A 14 -3.60 -5.86 2.38
N ILE A 15 -3.26 -5.57 3.62
CA ILE A 15 -2.13 -6.22 4.26
C ILE A 15 -2.15 -7.71 3.93
N ASP A 16 -3.35 -8.27 3.91
CA ASP A 16 -3.53 -9.69 3.62
C ASP A 16 -3.20 -9.93 2.14
N ILE A 17 -3.82 -9.13 1.29
CA ILE A 17 -3.60 -9.25 -0.15
C ILE A 17 -2.09 -9.19 -0.43
N VAL A 18 -1.45 -8.19 0.15
CA VAL A 18 -0.02 -8.01 -0.02
C VAL A 18 0.70 -9.31 0.35
N ASP A 19 0.56 -9.68 1.61
CA ASP A 19 1.19 -10.89 2.10
C ASP A 19 0.87 -12.06 1.16
N GLN A 20 -0.39 -12.11 0.74
CA GLN A 20 -0.84 -13.15 -0.16
C GLN A 20 0.05 -13.19 -1.41
N LEU A 21 0.35 -12.01 -1.92
CA LEU A 21 1.18 -11.90 -3.11
C LEU A 21 2.62 -12.23 -2.74
N LYS A 22 3.03 -11.75 -1.57
CA LYS A 22 4.38 -11.99 -1.10
C LYS A 22 4.66 -13.49 -1.11
N ASN A 23 3.80 -14.23 -0.44
CA ASN A 23 3.94 -15.67 -0.36
C ASN A 23 4.19 -16.23 -1.77
N TYR A 24 3.74 -15.48 -2.76
CA TYR A 24 3.91 -15.88 -4.14
C TYR A 24 4.96 -15.02 -4.85
N VAL A 25 6.06 -14.80 -4.13
CA VAL A 25 7.14 -14.00 -4.66
C VAL A 25 7.76 -14.73 -5.86
N ASN A 26 7.70 -16.05 -5.80
CA ASN A 26 8.25 -16.87 -6.86
C ASN A 26 7.65 -16.44 -8.20
N ASP A 27 6.51 -15.78 -8.11
CA ASP A 27 5.82 -15.31 -9.30
C ASP A 27 5.78 -13.78 -9.29
N LEU A 28 6.90 -13.19 -8.93
CA LEU A 28 7.01 -11.74 -8.87
C LEU A 28 8.15 -11.28 -9.78
N VAL A 29 7.81 -10.39 -10.70
CA VAL A 29 8.79 -9.86 -11.63
C VAL A 29 9.44 -8.61 -11.03
N PRO A 30 10.79 -8.66 -10.90
CA PRO A 30 11.53 -7.56 -10.35
C PRO A 30 11.65 -6.41 -11.36
N GLU A 31 10.98 -5.32 -11.05
CA GLU A 31 11.01 -4.15 -11.92
C GLU A 31 11.05 -2.87 -11.09
N PHE A 32 11.41 -1.78 -11.76
CA PHE A 32 11.50 -0.49 -11.09
C PHE A 32 10.12 -0.03 -10.62
N LEU A 33 9.83 -0.36 -9.37
CA LEU A 33 8.55 0.02 -8.78
C LEU A 33 8.77 1.16 -7.79
N PRO A 34 7.99 2.26 -7.99
CA PRO A 34 8.09 3.42 -7.13
C PRO A 34 7.43 3.16 -5.78
N ALA A 35 8.24 3.21 -4.73
CA ALA A 35 7.74 2.98 -3.39
C ALA A 35 8.33 4.02 -2.44
N PRO A 36 7.43 4.84 -1.85
CA PRO A 36 7.86 5.88 -0.92
C PRO A 36 8.26 5.28 0.43
N GLU A 37 9.50 5.53 0.81
CA GLU A 37 10.02 5.03 2.06
C GLU A 37 10.04 6.14 3.11
N ASP A 38 9.25 5.92 4.16
CA ASP A 38 9.16 6.90 5.24
C ASP A 38 8.50 8.17 4.72
N VAL A 39 7.20 8.27 4.99
CA VAL A 39 6.44 9.43 4.56
C VAL A 39 6.06 10.27 5.78
N GLU A 40 5.84 11.56 5.53
CA GLU A 40 5.47 12.47 6.60
C GLU A 40 4.23 11.97 7.33
N THR A 41 3.99 12.55 8.50
CA THR A 41 2.85 12.16 9.30
C THR A 41 1.59 12.08 8.43
N ASN A 42 1.37 13.14 7.67
CA ASN A 42 0.21 13.20 6.78
C ASN A 42 0.68 13.25 5.33
N CYS A 43 1.49 12.26 4.97
CA CYS A 43 2.01 12.18 3.62
C CYS A 43 1.71 10.78 3.07
N GLU A 44 1.91 9.79 3.93
CA GLU A 44 1.67 8.41 3.55
C GLU A 44 0.41 8.31 2.67
N TRP A 45 -0.54 9.16 2.99
CA TRP A 45 -1.80 9.18 2.25
C TRP A 45 -1.48 9.60 0.80
N SER A 46 -0.82 10.74 0.68
CA SER A 46 -0.46 11.25 -0.62
C SER A 46 0.55 10.32 -1.29
N ALA A 47 1.10 9.42 -0.49
CA ALA A 47 2.08 8.48 -0.99
C ALA A 47 1.37 7.18 -1.38
N PHE A 48 0.30 6.89 -0.65
CA PHE A 48 -0.48 5.69 -0.91
C PHE A 48 -0.78 5.53 -2.40
N SER A 49 -0.97 6.67 -3.06
CA SER A 49 -1.26 6.68 -4.48
C SER A 49 -0.06 6.14 -5.26
N CYS A 50 1.13 6.50 -4.80
CA CYS A 50 2.35 6.07 -5.44
C CYS A 50 2.29 4.55 -5.62
N PHE A 51 1.97 3.86 -4.53
CA PHE A 51 1.86 2.42 -4.54
C PHE A 51 0.81 1.96 -5.55
N GLN A 52 -0.09 2.88 -5.87
CA GLN A 52 -1.16 2.58 -6.82
C GLN A 52 -0.61 2.54 -8.25
N LYS A 53 0.06 3.62 -8.62
CA LYS A 53 0.64 3.72 -9.95
C LYS A 53 1.74 2.65 -10.11
N ALA A 54 2.31 2.27 -8.98
CA ALA A 54 3.36 1.27 -8.98
C ALA A 54 2.91 0.06 -9.79
N GLN A 55 1.86 -0.58 -9.30
CA GLN A 55 1.31 -1.75 -9.97
C GLN A 55 2.25 -2.94 -9.82
N LEU A 56 1.66 -4.10 -9.54
CA LEU A 56 2.44 -5.30 -9.36
C LEU A 56 2.30 -6.18 -10.62
N LYS A 57 3.41 -6.81 -10.98
CA LYS A 57 3.43 -7.66 -12.15
C LYS A 57 4.12 -8.99 -11.79
N SER A 58 3.43 -10.08 -12.10
CA SER A 58 3.96 -11.40 -11.82
C SER A 58 5.08 -11.74 -12.82
N ALA A 59 5.90 -12.70 -12.42
CA ALA A 59 7.01 -13.12 -13.25
C ALA A 59 6.47 -13.87 -14.48
N ASN A 60 5.17 -14.12 -14.44
CA ASN A 60 4.52 -14.82 -15.54
C ASN A 60 4.89 -16.31 -15.48
N THR A 61 4.90 -16.84 -14.26
CA THR A 61 5.24 -18.24 -14.06
C THR A 61 3.98 -19.10 -14.12
N GLY A 62 2.85 -18.47 -13.85
CA GLY A 62 1.58 -19.17 -13.87
C GLY A 62 1.24 -19.75 -12.49
N ASN A 63 0.12 -20.44 -12.43
CA ASN A 63 -0.33 -21.04 -11.18
C ASN A 63 -0.92 -19.96 -10.27
N ASN A 64 -0.04 -19.10 -9.78
CA ASN A 64 -0.47 -18.02 -8.89
C ASN A 64 -0.63 -16.75 -9.72
N GLU A 65 -0.07 -16.77 -10.92
CA GLU A 65 -0.14 -15.62 -11.81
C GLU A 65 -1.55 -15.03 -11.78
N ARG A 66 -2.52 -15.90 -11.56
CA ARG A 66 -3.92 -15.48 -11.52
C ARG A 66 -4.26 -14.94 -10.13
N ILE A 67 -3.81 -15.67 -9.12
CA ILE A 67 -4.07 -15.29 -7.75
C ILE A 67 -3.33 -13.98 -7.44
N ILE A 68 -2.47 -13.60 -8.37
CA ILE A 68 -1.70 -12.37 -8.22
C ILE A 68 -2.49 -11.20 -8.81
N ASN A 69 -2.98 -11.42 -10.02
CA ASN A 69 -3.75 -10.40 -10.71
C ASN A 69 -4.90 -9.95 -9.83
N VAL A 70 -5.30 -10.83 -8.92
CA VAL A 70 -6.39 -10.55 -8.01
C VAL A 70 -5.92 -9.52 -6.97
N SER A 71 -4.64 -9.60 -6.64
CA SER A 71 -4.06 -8.69 -5.66
C SER A 71 -3.87 -7.32 -6.29
N ILE A 72 -4.02 -7.27 -7.60
CA ILE A 72 -3.87 -6.02 -8.33
C ILE A 72 -5.08 -5.11 -8.04
N LYS A 73 -6.25 -5.65 -8.31
CA LYS A 73 -7.48 -4.90 -8.08
C LYS A 73 -7.36 -4.12 -6.78
N LYS A 74 -7.28 -4.85 -5.68
CA LYS A 74 -7.16 -4.23 -4.37
C LYS A 74 -5.93 -3.32 -4.36
N LEU A 75 -4.79 -3.94 -4.58
CA LEU A 75 -3.54 -3.20 -4.59
C LEU A 75 -3.75 -1.86 -5.28
N LYS A 76 -4.64 -1.86 -6.26
CA LYS A 76 -4.94 -0.65 -7.00
C LYS A 76 -6.08 0.09 -6.31
N ARG A 77 -5.88 0.35 -5.02
CA ARG A 77 -6.87 1.06 -4.24
C ARG A 77 -6.54 2.55 -4.18
N LYS A 78 -7.58 3.35 -3.97
CA LYS A 78 -7.42 4.79 -3.89
C LYS A 78 -7.63 5.25 -2.45
N PRO A 79 -6.94 6.38 -2.11
CA PRO A 79 -7.04 6.93 -0.77
C PRO A 79 -8.40 7.63 -0.56
N PRO A 80 -8.64 8.04 0.71
CA PRO A 80 -9.87 8.72 1.05
C PRO A 80 -9.87 10.16 0.55
N SER A 81 -10.79 10.96 1.08
CA SER A 81 -10.90 12.35 0.70
C SER A 81 -9.54 13.03 0.80
N THR A 82 -8.75 12.55 1.76
CA THR A 82 -7.42 13.10 1.98
C THR A 82 -6.41 12.47 1.02
N ASN A 83 -6.75 12.50 -0.26
CA ASN A 83 -5.90 11.93 -1.28
C ASN A 83 -4.81 12.96 -1.65
N ALA A 84 -5.28 14.12 -2.08
CA ALA A 84 -4.36 15.19 -2.47
C ALA A 84 -5.15 16.29 -3.18
N GLY A 85 -4.41 17.22 -3.76
CA GLY A 85 -5.02 18.33 -4.46
C GLY A 85 -4.85 18.19 -5.98
N ARG A 86 -5.27 19.21 -6.70
CA ARG A 86 -5.17 19.20 -8.14
C ARG A 86 -3.78 18.74 -8.57
N ARG A 87 -2.80 19.59 -8.31
CA ARG A 87 -1.41 19.29 -8.67
C ARG A 87 -0.46 20.15 -7.84
N GLN A 88 -0.92 20.53 -6.66
CA GLN A 88 -0.11 21.36 -5.77
C GLN A 88 -0.48 21.07 -4.31
N LYS A 89 -0.44 19.79 -3.97
CA LYS A 89 -0.76 19.38 -2.61
C LYS A 89 0.20 20.05 -1.63
N HIS A 90 -0.24 21.21 -1.13
CA HIS A 90 0.57 21.96 -0.19
C HIS A 90 0.46 21.32 1.20
N ARG A 91 0.31 22.19 2.20
CA ARG A 91 0.20 21.73 3.57
C ARG A 91 1.53 21.14 4.06
N LEU A 92 1.86 19.99 3.50
CA LEU A 92 3.10 19.32 3.86
C LEU A 92 3.70 18.67 2.61
N THR A 93 4.99 18.93 2.42
CA THR A 93 5.69 18.38 1.28
C THR A 93 5.79 16.86 1.37
N CYS A 94 5.25 16.20 0.37
CA CYS A 94 5.26 14.75 0.33
C CYS A 94 6.09 14.30 -0.88
N PRO A 95 6.61 13.05 -0.79
CA PRO A 95 7.42 12.49 -1.85
C PRO A 95 6.55 12.06 -3.03
N SER A 96 6.58 12.89 -4.08
CA SER A 96 5.79 12.61 -5.27
C SER A 96 5.84 11.11 -5.59
N CYS A 97 6.82 10.74 -6.40
CA CYS A 97 6.97 9.34 -6.79
C CYS A 97 8.35 9.17 -7.43
N ASP A 98 8.61 10.00 -8.43
CA ASP A 98 9.89 9.95 -9.12
C ASP A 98 10.92 10.79 -8.34
N SER A 99 11.14 10.38 -7.10
CA SER A 99 12.09 11.06 -6.24
C SER A 99 13.18 10.09 -5.77
N TYR A 100 12.73 8.91 -5.38
CA TYR A 100 13.65 7.88 -4.91
C TYR A 100 14.36 7.20 -6.08
N GLU A 101 14.87 6.02 -5.81
CA GLU A 101 15.57 5.26 -6.83
C GLU A 101 14.82 3.96 -7.14
N LYS A 102 13.57 3.94 -6.75
CA LYS A 102 12.73 2.77 -6.98
C LYS A 102 13.14 1.65 -6.03
N LYS A 103 12.44 0.53 -6.14
CA LYS A 103 12.74 -0.62 -5.30
C LYS A 103 12.13 -1.87 -5.93
N PRO A 104 12.48 -3.05 -5.33
CA PRO A 104 11.98 -4.31 -5.82
C PRO A 104 10.52 -4.52 -5.42
N PRO A 105 9.94 -5.64 -5.94
CA PRO A 105 8.55 -5.96 -5.63
C PRO A 105 8.40 -6.49 -4.20
N LYS A 106 9.26 -7.46 -3.89
CA LYS A 106 9.23 -8.06 -2.55
C LYS A 106 9.23 -6.95 -1.50
N GLU A 107 10.08 -5.97 -1.73
CA GLU A 107 10.19 -4.85 -0.81
C GLU A 107 8.99 -3.90 -0.98
N PHE A 108 8.78 -3.50 -2.22
CA PHE A 108 7.68 -2.60 -2.53
C PHE A 108 6.40 -3.03 -1.82
N LEU A 109 6.25 -4.34 -1.69
CA LEU A 109 5.07 -4.90 -1.04
C LEU A 109 5.28 -4.89 0.48
N GLU A 110 6.46 -5.34 0.89
CA GLU A 110 6.80 -5.39 2.30
C GLU A 110 6.70 -4.00 2.92
N ARG A 111 6.74 -2.99 2.05
CA ARG A 111 6.65 -1.61 2.49
C ARG A 111 5.20 -1.13 2.43
N PHE A 112 4.57 -1.36 1.28
CA PHE A 112 3.19 -0.96 1.10
C PHE A 112 2.30 -1.51 2.20
N LYS A 113 2.39 -2.82 2.40
CA LYS A 113 1.59 -3.47 3.42
C LYS A 113 1.90 -2.84 4.78
N SER A 114 3.18 -2.73 5.07
CA SER A 114 3.62 -2.14 6.32
C SER A 114 3.08 -0.71 6.45
N LEU A 115 3.25 0.04 5.38
CA LEU A 115 2.80 1.42 5.36
C LEU A 115 1.32 1.47 5.80
N LEU A 116 0.58 0.48 5.34
CA LEU A 116 -0.84 0.40 5.66
C LEU A 116 -0.99 0.15 7.17
N GLN A 117 -0.46 -0.97 7.61
CA GLN A 117 -0.54 -1.33 9.02
C GLN A 117 0.26 -0.34 9.87
N LYS A 118 0.95 0.56 9.17
CA LYS A 118 1.75 1.56 9.85
C LYS A 118 0.85 2.73 10.27
N MET A 119 0.40 3.47 9.28
CA MET A 119 -0.47 4.61 9.54
C MET A 119 -1.94 4.22 9.38
N ILE A 120 -2.28 3.82 8.16
CA ILE A 120 -3.65 3.43 7.86
C ILE A 120 -4.24 2.69 9.07
N HIS A 121 -3.53 1.64 9.48
CA HIS A 121 -3.97 0.84 10.61
C HIS A 121 -4.29 1.76 11.80
N GLN A 122 -3.24 2.32 12.37
CA GLN A 122 -3.40 3.22 13.50
C GLN A 122 -4.50 4.25 13.23
N HIS A 123 -4.49 4.75 12.00
CA HIS A 123 -5.47 5.73 11.60
C HIS A 123 -6.84 5.37 12.19
N LEU A 124 -7.13 4.08 12.15
CA LEU A 124 -8.39 3.58 12.67
C LEU A 124 -8.35 3.61 14.21
N SER A 125 -7.32 2.99 14.75
CA SER A 125 -7.15 2.93 16.19
C SER A 125 -7.52 4.29 16.81
N SER A 126 -6.63 5.25 16.60
CA SER A 126 -6.85 6.59 17.13
C SER A 126 -5.74 7.52 16.66
N ARG A 127 -5.29 7.29 15.43
CA ARG A 127 -4.23 8.10 14.86
C ARG A 127 -3.10 8.29 15.87
N THR A 128 -2.16 7.35 15.85
CA THR A 128 -1.03 7.41 16.74
C THR A 128 -0.07 8.53 16.34
N HIS A 129 0.63 9.06 17.33
CA HIS A 129 1.58 10.13 17.09
C HIS A 129 2.82 9.58 16.38
N GLY A 130 3.46 8.64 17.03
CA GLY A 130 4.65 8.02 16.48
C GLY A 130 5.87 8.27 17.38
N SER A 131 6.55 7.20 17.72
CA SER A 131 7.72 7.29 18.57
C SER A 131 8.75 6.22 18.17
N GLU A 132 10.01 6.63 18.16
CA GLU A 132 11.08 5.71 17.79
C GLU A 132 12.42 6.23 18.33
N ASP A 133 13.42 5.37 18.25
CA ASP A 133 14.75 5.72 18.72
C ASP A 133 15.79 4.91 17.96
N SER A 134 15.64 3.59 18.04
CA SER A 134 16.56 2.69 17.37
C SER A 134 18.00 2.97 17.81
N MET A 1 -25.96 -9.11 16.03
CA MET A 1 -24.94 -10.10 16.36
C MET A 1 -23.54 -9.56 16.07
N GLN A 2 -22.60 -9.96 16.92
CA GLN A 2 -21.23 -9.53 16.78
C GLN A 2 -20.37 -10.64 16.16
N GLY A 3 -19.14 -10.29 15.84
CA GLY A 3 -18.22 -11.25 15.25
C GLY A 3 -16.80 -10.69 15.21
N GLN A 4 -16.47 -10.03 14.11
CA GLN A 4 -15.15 -9.45 13.94
C GLN A 4 -15.26 -8.08 13.27
N ASP A 5 -14.14 -7.37 13.27
CA ASP A 5 -14.10 -6.04 12.67
C ASP A 5 -14.51 -6.14 11.21
N ARG A 6 -15.77 -5.82 10.95
CA ARG A 6 -16.30 -5.87 9.60
C ARG A 6 -15.81 -4.67 8.79
N HIS A 7 -15.24 -3.70 9.51
CA HIS A 7 -14.71 -2.51 8.87
C HIS A 7 -13.25 -2.72 8.48
N MET A 8 -12.47 -3.12 9.47
CA MET A 8 -11.05 -3.37 9.24
C MET A 8 -10.82 -4.03 7.88
N ILE A 9 -11.74 -4.91 7.51
CA ILE A 9 -11.66 -5.61 6.25
C ILE A 9 -11.17 -4.65 5.17
N ARG A 10 -11.61 -3.40 5.29
CA ARG A 10 -11.22 -2.38 4.33
C ARG A 10 -9.71 -2.41 4.10
N MET A 11 -8.97 -2.34 5.20
CA MET A 11 -7.52 -2.35 5.12
C MET A 11 -6.98 -3.77 5.33
N ARG A 12 -7.68 -4.53 6.17
CA ARG A 12 -7.29 -5.90 6.46
C ARG A 12 -7.03 -6.65 5.16
N GLN A 13 -7.92 -6.45 4.20
CA GLN A 13 -7.80 -7.12 2.91
C GLN A 13 -6.52 -6.66 2.20
N LEU A 14 -6.17 -5.40 2.43
CA LEU A 14 -4.98 -4.84 1.82
C LEU A 14 -3.74 -5.56 2.36
N ILE A 15 -3.54 -5.41 3.66
CA ILE A 15 -2.40 -6.04 4.32
C ILE A 15 -2.32 -7.52 3.90
N ASP A 16 -3.49 -8.14 3.83
CA ASP A 16 -3.57 -9.54 3.44
C ASP A 16 -3.17 -9.68 1.97
N ILE A 17 -3.70 -8.78 1.15
CA ILE A 17 -3.41 -8.80 -0.27
C ILE A 17 -1.90 -8.85 -0.47
N VAL A 18 -1.20 -8.07 0.34
CA VAL A 18 0.25 -8.02 0.26
C VAL A 18 0.83 -9.37 0.68
N ASP A 19 0.52 -9.75 1.91
CA ASP A 19 1.00 -11.02 2.44
C ASP A 19 0.61 -12.15 1.48
N GLN A 20 -0.47 -11.92 0.75
CA GLN A 20 -0.96 -12.91 -0.19
C GLN A 20 0.02 -13.05 -1.36
N LEU A 21 0.30 -11.92 -2.00
CA LEU A 21 1.21 -11.91 -3.13
C LEU A 21 2.62 -12.25 -2.64
N LYS A 22 2.89 -11.87 -1.40
CA LYS A 22 4.19 -12.13 -0.80
C LYS A 22 4.44 -13.64 -0.76
N ASN A 23 3.38 -14.37 -0.42
CA ASN A 23 3.47 -15.82 -0.34
C ASN A 23 3.59 -16.40 -1.75
N TYR A 24 3.55 -15.51 -2.72
CA TYR A 24 3.66 -15.92 -4.12
C TYR A 24 4.81 -15.20 -4.82
N VAL A 25 5.71 -14.66 -4.01
CA VAL A 25 6.86 -13.94 -4.53
C VAL A 25 7.50 -14.77 -5.64
N ASN A 26 7.51 -16.08 -5.43
CA ASN A 26 8.09 -16.99 -6.40
C ASN A 26 7.54 -16.66 -7.79
N ASP A 27 6.39 -16.00 -7.81
CA ASP A 27 5.76 -15.62 -9.06
C ASP A 27 5.68 -14.10 -9.14
N LEU A 28 6.82 -13.46 -8.89
CA LEU A 28 6.89 -12.01 -8.93
C LEU A 28 7.95 -11.58 -9.95
N VAL A 29 7.55 -10.66 -10.81
CA VAL A 29 8.45 -10.16 -11.85
C VAL A 29 9.21 -8.95 -11.30
N PRO A 30 10.56 -9.08 -11.28
CA PRO A 30 11.40 -8.01 -10.78
C PRO A 30 11.51 -6.88 -11.81
N GLU A 31 11.00 -5.71 -11.41
CA GLU A 31 11.02 -4.55 -12.28
C GLU A 31 11.18 -3.27 -11.46
N PHE A 32 11.55 -2.21 -12.14
CA PHE A 32 11.74 -0.92 -11.48
C PHE A 32 10.42 -0.39 -10.94
N LEU A 33 10.17 -0.70 -9.67
CA LEU A 33 8.95 -0.27 -9.02
C LEU A 33 9.26 0.91 -8.08
N PRO A 34 8.50 2.02 -8.29
CA PRO A 34 8.69 3.21 -7.47
C PRO A 34 8.10 3.01 -6.07
N ALA A 35 8.91 3.36 -5.08
CA ALA A 35 8.48 3.23 -3.69
C ALA A 35 8.85 4.50 -2.93
N PRO A 36 7.93 4.90 -2.01
CA PRO A 36 8.15 6.10 -1.21
C PRO A 36 9.20 5.85 -0.12
N GLU A 37 10.29 6.58 -0.21
CA GLU A 37 11.37 6.44 0.76
C GLU A 37 11.23 7.51 1.86
N ASP A 38 10.92 7.04 3.05
CA ASP A 38 10.75 7.93 4.19
C ASP A 38 9.74 9.03 3.82
N VAL A 39 8.48 8.74 4.09
CA VAL A 39 7.42 9.69 3.81
C VAL A 39 7.08 10.48 5.07
N GLU A 40 6.61 11.70 4.86
CA GLU A 40 6.25 12.56 5.97
C GLU A 40 5.27 11.84 6.91
N THR A 41 5.11 12.41 8.09
CA THR A 41 4.22 11.85 9.08
C THR A 41 2.77 11.84 8.56
N ASN A 42 2.56 12.59 7.49
CA ASN A 42 1.24 12.67 6.88
C ASN A 42 1.38 12.58 5.37
N CYS A 43 2.36 11.81 4.93
CA CYS A 43 2.61 11.63 3.51
C CYS A 43 2.30 10.16 3.15
N GLU A 44 2.50 9.29 4.14
CA GLU A 44 2.25 7.87 3.94
C GLU A 44 1.00 7.67 3.08
N TRP A 45 0.09 8.62 3.20
CA TRP A 45 -1.15 8.56 2.44
C TRP A 45 -0.84 8.94 0.98
N SER A 46 -0.29 10.13 0.83
CA SER A 46 0.05 10.63 -0.49
C SER A 46 0.97 9.64 -1.20
N ALA A 47 1.61 8.79 -0.39
CA ALA A 47 2.53 7.80 -0.92
C ALA A 47 1.72 6.61 -1.46
N PHE A 48 0.56 6.40 -0.86
CA PHE A 48 -0.31 5.32 -1.27
C PHE A 48 -0.42 5.25 -2.80
N SER A 49 -0.38 6.42 -3.42
CA SER A 49 -0.47 6.50 -4.87
C SER A 49 0.69 5.75 -5.51
N CYS A 50 1.87 5.93 -4.94
CA CYS A 50 3.06 5.28 -5.44
C CYS A 50 2.78 3.78 -5.53
N PHE A 51 2.26 3.24 -4.44
CA PHE A 51 1.94 1.81 -4.40
C PHE A 51 0.82 1.47 -5.38
N GLN A 52 0.08 2.50 -5.76
CA GLN A 52 -1.03 2.32 -6.69
C GLN A 52 -0.51 2.41 -8.14
N LYS A 53 0.46 3.29 -8.34
CA LYS A 53 1.03 3.48 -9.65
C LYS A 53 2.09 2.41 -9.91
N ALA A 54 2.76 2.03 -8.83
CA ALA A 54 3.80 1.02 -8.93
C ALA A 54 3.28 -0.17 -9.73
N GLN A 55 2.12 -0.66 -9.32
CA GLN A 55 1.50 -1.79 -9.99
C GLN A 55 2.38 -3.04 -9.86
N LEU A 56 1.78 -4.10 -9.33
CA LEU A 56 2.48 -5.35 -9.14
C LEU A 56 2.21 -6.27 -10.32
N LYS A 57 3.26 -6.94 -10.78
CA LYS A 57 3.13 -7.85 -11.90
C LYS A 57 3.83 -9.17 -11.56
N SER A 58 3.16 -10.27 -11.89
CA SER A 58 3.70 -11.59 -11.61
C SER A 58 4.79 -11.92 -12.63
N ALA A 59 5.63 -12.88 -12.26
CA ALA A 59 6.71 -13.31 -13.14
C ALA A 59 6.19 -13.46 -14.56
N ASN A 60 4.89 -13.71 -14.66
CA ASN A 60 4.26 -13.88 -15.95
C ASN A 60 4.47 -15.31 -16.44
N THR A 61 4.22 -16.25 -15.54
CA THR A 61 4.39 -17.66 -15.87
C THR A 61 4.30 -18.52 -14.60
N GLY A 62 4.72 -17.92 -13.49
CA GLY A 62 4.69 -18.60 -12.21
C GLY A 62 3.25 -18.79 -11.73
N ASN A 63 3.05 -19.88 -10.99
CA ASN A 63 1.74 -20.19 -10.45
C ASN A 63 1.20 -18.97 -9.69
N ASN A 64 0.04 -19.16 -9.08
CA ASN A 64 -0.59 -18.09 -8.32
C ASN A 64 -0.59 -16.81 -9.15
N GLU A 65 -0.64 -16.99 -10.47
CA GLU A 65 -0.65 -15.87 -11.37
C GLU A 65 -2.00 -15.15 -11.33
N ARG A 66 -3.05 -15.96 -11.39
CA ARG A 66 -4.40 -15.42 -11.35
C ARG A 66 -4.71 -14.85 -9.97
N ILE A 67 -4.25 -15.57 -8.95
CA ILE A 67 -4.47 -15.15 -7.58
C ILE A 67 -3.66 -13.88 -7.30
N ILE A 68 -2.81 -13.53 -8.26
CA ILE A 68 -1.99 -12.35 -8.13
C ILE A 68 -2.71 -11.15 -8.75
N ASN A 69 -3.27 -11.38 -9.93
CA ASN A 69 -3.99 -10.34 -10.65
C ASN A 69 -5.12 -9.82 -9.76
N VAL A 70 -5.53 -10.65 -8.82
CA VAL A 70 -6.59 -10.29 -7.90
C VAL A 70 -6.08 -9.23 -6.92
N SER A 71 -4.81 -9.36 -6.57
CA SER A 71 -4.20 -8.43 -5.64
C SER A 71 -4.01 -7.06 -6.32
N ILE A 72 -4.22 -7.05 -7.63
CA ILE A 72 -4.08 -5.84 -8.40
C ILE A 72 -5.25 -4.90 -8.09
N LYS A 73 -6.44 -5.36 -8.44
CA LYS A 73 -7.64 -4.58 -8.21
C LYS A 73 -7.58 -3.95 -6.82
N LYS A 74 -7.34 -4.81 -5.83
CA LYS A 74 -7.26 -4.35 -4.45
C LYS A 74 -6.11 -3.36 -4.32
N LEU A 75 -4.92 -3.81 -4.70
CA LEU A 75 -3.74 -2.97 -4.63
C LEU A 75 -4.09 -1.57 -5.15
N LYS A 76 -4.87 -1.55 -6.23
CA LYS A 76 -5.28 -0.30 -6.84
C LYS A 76 -6.35 0.35 -5.98
N ARG A 77 -6.00 0.59 -4.72
CA ARG A 77 -6.92 1.21 -3.79
C ARG A 77 -6.64 2.71 -3.67
N LYS A 78 -7.71 3.48 -3.54
CA LYS A 78 -7.58 4.92 -3.42
C LYS A 78 -7.74 5.32 -1.95
N PRO A 79 -7.10 6.46 -1.58
CA PRO A 79 -7.18 6.96 -0.22
C PRO A 79 -8.55 7.59 0.06
N PRO A 80 -8.75 7.96 1.36
CA PRO A 80 -10.00 8.57 1.77
C PRO A 80 -10.08 10.02 1.31
N SER A 81 -11.13 10.69 1.76
CA SER A 81 -11.33 12.09 1.40
C SER A 81 -10.00 12.84 1.46
N THR A 82 -9.25 12.58 2.51
CA THR A 82 -7.96 13.23 2.69
C THR A 82 -6.94 12.65 1.72
N ASN A 83 -7.27 12.74 0.44
CA ASN A 83 -6.39 12.25 -0.61
C ASN A 83 -5.32 13.29 -0.92
N ALA A 84 -4.40 13.46 0.02
CA ALA A 84 -3.33 14.43 -0.15
C ALA A 84 -2.73 14.28 -1.54
N GLY A 85 -2.12 15.36 -2.01
CA GLY A 85 -1.50 15.37 -3.32
C GLY A 85 -0.02 15.72 -3.24
N ARG A 86 0.30 16.93 -3.68
CA ARG A 86 1.67 17.40 -3.66
C ARG A 86 1.76 18.74 -2.91
N ARG A 87 1.18 19.76 -3.53
CA ARG A 87 1.19 21.09 -2.94
C ARG A 87 -0.24 21.51 -2.59
N GLN A 88 -0.32 22.60 -1.84
CA GLN A 88 -1.62 23.13 -1.43
C GLN A 88 -2.09 22.44 -0.14
N LYS A 89 -1.95 21.11 -0.15
CA LYS A 89 -2.36 20.32 1.00
C LYS A 89 -1.85 20.99 2.28
N HIS A 90 -2.78 21.55 3.04
CA HIS A 90 -2.44 22.21 4.29
C HIS A 90 -1.70 21.24 5.20
N ARG A 91 -2.19 20.01 5.23
CA ARG A 91 -1.59 18.98 6.05
C ARG A 91 -0.17 18.67 5.56
N LEU A 92 0.74 19.58 5.86
CA LEU A 92 2.13 19.43 5.46
C LEU A 92 2.21 19.38 3.93
N THR A 93 3.40 19.66 3.42
CA THR A 93 3.62 19.65 1.99
C THR A 93 4.48 18.46 1.59
N CYS A 94 3.84 17.30 1.55
CA CYS A 94 4.53 16.08 1.18
C CYS A 94 5.11 16.25 -0.22
N PRO A 95 6.34 15.68 -0.41
CA PRO A 95 7.01 15.77 -1.70
C PRO A 95 6.38 14.83 -2.72
N SER A 96 6.66 15.11 -3.98
CA SER A 96 6.12 14.30 -5.06
C SER A 96 6.16 12.82 -4.68
N CYS A 97 5.35 12.04 -5.37
CA CYS A 97 5.28 10.61 -5.12
C CYS A 97 6.11 9.89 -6.19
N ASP A 98 7.37 10.25 -6.27
CA ASP A 98 8.27 9.65 -7.24
C ASP A 98 9.55 10.48 -7.32
N SER A 99 10.31 10.43 -6.23
CA SER A 99 11.57 11.17 -6.16
C SER A 99 12.45 10.61 -5.04
N TYR A 100 12.74 9.32 -5.15
CA TYR A 100 13.55 8.65 -4.16
C TYR A 100 14.40 7.54 -4.80
N GLU A 101 13.70 6.55 -5.33
CA GLU A 101 14.37 5.42 -5.97
C GLU A 101 13.35 4.33 -6.32
N LYS A 102 13.88 3.23 -6.82
CA LYS A 102 13.03 2.10 -7.19
C LYS A 102 13.22 0.96 -6.20
N LYS A 103 12.84 -0.23 -6.63
CA LYS A 103 12.97 -1.40 -5.79
C LYS A 103 12.15 -2.56 -6.39
N PRO A 104 12.44 -3.78 -5.89
CA PRO A 104 11.74 -4.97 -6.37
C PRO A 104 10.32 -5.04 -5.82
N PRO A 105 9.55 -6.05 -6.31
CA PRO A 105 8.18 -6.22 -5.88
C PRO A 105 8.12 -6.82 -4.48
N LYS A 106 8.91 -7.88 -4.29
CA LYS A 106 8.95 -8.56 -3.00
C LYS A 106 9.00 -7.51 -1.88
N GLU A 107 10.02 -6.66 -1.96
CA GLU A 107 10.19 -5.62 -0.96
C GLU A 107 9.05 -4.61 -1.05
N PHE A 108 8.91 -4.01 -2.22
CA PHE A 108 7.87 -3.02 -2.46
C PHE A 108 6.57 -3.44 -1.77
N LEU A 109 6.37 -4.75 -1.72
CA LEU A 109 5.16 -5.29 -1.10
C LEU A 109 5.37 -5.39 0.41
N GLU A 110 6.52 -5.90 0.79
CA GLU A 110 6.85 -6.05 2.19
C GLU A 110 6.82 -4.69 2.90
N ARG A 111 7.02 -3.65 2.11
CA ARG A 111 7.01 -2.30 2.63
C ARG A 111 5.59 -1.71 2.59
N PHE A 112 4.96 -1.87 1.43
CA PHE A 112 3.61 -1.38 1.24
C PHE A 112 2.69 -1.81 2.39
N LYS A 113 2.67 -3.11 2.62
CA LYS A 113 1.85 -3.67 3.68
C LYS A 113 2.07 -2.87 4.97
N SER A 114 3.34 -2.76 5.35
CA SER A 114 3.71 -2.03 6.54
C SER A 114 3.08 -0.63 6.52
N LEU A 115 3.46 0.14 5.51
CA LEU A 115 2.95 1.49 5.37
C LEU A 115 1.47 1.50 5.76
N LEU A 116 0.72 0.57 5.18
CA LEU A 116 -0.70 0.47 5.46
C LEU A 116 -0.91 0.37 6.97
N GLN A 117 -0.43 -0.73 7.53
CA GLN A 117 -0.56 -0.96 8.96
C GLN A 117 0.18 0.13 9.75
N LYS A 118 0.90 0.96 9.01
CA LYS A 118 1.65 2.04 9.61
C LYS A 118 0.72 3.24 9.85
N MET A 119 0.29 3.84 8.76
CA MET A 119 -0.60 4.98 8.84
C MET A 119 -2.06 4.56 8.69
N ILE A 120 -2.36 4.00 7.53
CA ILE A 120 -3.72 3.53 7.26
C ILE A 120 -4.32 2.96 8.53
N HIS A 121 -3.72 1.88 9.01
CA HIS A 121 -4.19 1.24 10.22
C HIS A 121 -4.68 2.30 11.22
N GLN A 122 -3.78 3.22 11.52
CA GLN A 122 -4.10 4.29 12.45
C GLN A 122 -5.55 4.74 12.28
N HIS A 123 -5.94 4.91 11.01
CA HIS A 123 -7.28 5.34 10.69
C HIS A 123 -8.27 4.67 11.64
N LEU A 124 -8.41 3.36 11.49
CA LEU A 124 -9.31 2.59 12.33
C LEU A 124 -9.04 2.93 13.80
N SER A 125 -7.80 2.73 14.21
CA SER A 125 -7.40 3.00 15.58
C SER A 125 -8.10 4.28 16.07
N SER A 126 -7.84 5.36 15.36
CA SER A 126 -8.44 6.64 15.72
C SER A 126 -7.76 7.19 16.97
N ARG A 127 -7.89 6.45 18.06
CA ARG A 127 -7.29 6.86 19.33
C ARG A 127 -7.08 5.63 20.22
N THR A 128 -8.16 4.93 20.48
CA THR A 128 -8.11 3.74 21.32
C THR A 128 -8.72 2.54 20.60
N HIS A 129 -8.21 1.37 20.93
CA HIS A 129 -8.71 0.14 20.32
C HIS A 129 -9.58 -0.62 21.33
N GLY A 130 -10.66 0.02 21.74
CA GLY A 130 -11.57 -0.57 22.70
C GLY A 130 -12.80 -1.15 21.99
N SER A 131 -13.79 -1.50 22.79
CA SER A 131 -15.02 -2.06 22.25
C SER A 131 -16.15 -1.90 23.27
N GLU A 132 -17.04 -0.96 22.98
CA GLU A 132 -18.17 -0.69 23.85
C GLU A 132 -19.26 -1.74 23.64
N ASP A 133 -19.51 -2.04 22.37
CA ASP A 133 -20.52 -3.03 22.02
C ASP A 133 -21.88 -2.56 22.54
N SER A 134 -22.14 -2.90 23.80
CA SER A 134 -23.40 -2.52 24.43
C SER A 134 -24.57 -3.17 23.69
N MET A 1 -18.74 0.53 17.99
CA MET A 1 -17.40 0.04 17.73
C MET A 1 -17.04 -1.12 18.67
N GLN A 2 -17.48 -2.31 18.28
CA GLN A 2 -17.22 -3.50 19.08
C GLN A 2 -17.63 -4.74 18.30
N GLY A 3 -17.24 -4.78 17.03
CA GLY A 3 -17.55 -5.92 16.18
C GLY A 3 -17.30 -5.58 14.71
N GLN A 4 -18.39 -5.32 14.00
CA GLN A 4 -18.30 -4.99 12.59
C GLN A 4 -17.59 -3.64 12.40
N ASP A 5 -16.79 -3.58 11.35
CA ASP A 5 -16.05 -2.36 11.05
C ASP A 5 -15.46 -2.46 9.65
N ARG A 6 -16.31 -2.19 8.67
CA ARG A 6 -15.90 -2.24 7.27
C ARG A 6 -14.47 -1.69 7.12
N HIS A 7 -14.29 -0.48 7.66
CA HIS A 7 -12.99 0.17 7.59
C HIS A 7 -11.90 -0.82 8.01
N MET A 8 -12.03 -1.31 9.23
CA MET A 8 -11.07 -2.26 9.76
C MET A 8 -10.71 -3.31 8.73
N ILE A 9 -11.71 -4.08 8.32
CA ILE A 9 -11.50 -5.13 7.34
C ILE A 9 -10.64 -4.58 6.20
N ARG A 10 -11.05 -3.44 5.66
CA ARG A 10 -10.33 -2.82 4.58
C ARG A 10 -8.82 -2.89 4.83
N MET A 11 -8.44 -2.54 6.06
CA MET A 11 -7.04 -2.56 6.44
C MET A 11 -6.48 -3.98 6.40
N ARG A 12 -7.04 -4.82 7.25
CA ARG A 12 -6.60 -6.21 7.33
C ARG A 12 -6.57 -6.82 5.94
N GLN A 13 -7.57 -6.48 5.15
CA GLN A 13 -7.66 -6.99 3.79
C GLN A 13 -6.47 -6.52 2.96
N LEU A 14 -6.19 -5.23 3.05
CA LEU A 14 -5.07 -4.64 2.32
C LEU A 14 -3.80 -5.43 2.63
N ILE A 15 -3.55 -5.62 3.91
CA ILE A 15 -2.37 -6.35 4.36
C ILE A 15 -2.44 -7.78 3.82
N ASP A 16 -3.53 -8.46 4.15
CA ASP A 16 -3.72 -9.83 3.70
C ASP A 16 -3.47 -9.90 2.19
N ILE A 17 -4.02 -8.94 1.48
CA ILE A 17 -3.87 -8.88 0.03
C ILE A 17 -2.38 -8.93 -0.32
N VAL A 18 -1.63 -8.02 0.30
CA VAL A 18 -0.20 -7.93 0.06
C VAL A 18 0.45 -9.26 0.45
N ASP A 19 0.30 -9.61 1.72
CA ASP A 19 0.87 -10.84 2.23
C ASP A 19 0.50 -11.99 1.28
N GLN A 20 -0.74 -12.00 0.85
CA GLN A 20 -1.22 -13.02 -0.06
C GLN A 20 -0.33 -13.11 -1.29
N LEU A 21 -0.11 -11.96 -1.90
CA LEU A 21 0.72 -11.88 -3.09
C LEU A 21 2.17 -12.25 -2.72
N LYS A 22 2.60 -11.71 -1.58
CA LYS A 22 3.95 -11.96 -1.11
C LYS A 22 4.17 -13.47 -1.00
N ASN A 23 3.15 -14.15 -0.50
CA ASN A 23 3.22 -15.60 -0.33
C ASN A 23 3.40 -16.25 -1.71
N TYR A 24 3.18 -15.46 -2.74
CA TYR A 24 3.31 -15.95 -4.10
C TYR A 24 4.46 -15.24 -4.82
N VAL A 25 5.45 -14.83 -4.04
CA VAL A 25 6.61 -14.15 -4.59
C VAL A 25 7.15 -14.95 -5.78
N ASN A 26 6.97 -16.26 -5.70
CA ASN A 26 7.43 -17.14 -6.77
C ASN A 26 6.87 -16.66 -8.11
N ASP A 27 5.80 -15.87 -8.01
CA ASP A 27 5.15 -15.35 -9.20
C ASP A 27 5.20 -13.82 -9.17
N LEU A 28 6.37 -13.30 -8.83
CA LEU A 28 6.55 -11.86 -8.76
C LEU A 28 7.68 -11.45 -9.72
N VAL A 29 7.30 -10.65 -10.71
CA VAL A 29 8.25 -10.18 -11.70
C VAL A 29 9.01 -8.98 -11.13
N PRO A 30 10.37 -9.12 -11.11
CA PRO A 30 11.23 -8.07 -10.60
C PRO A 30 11.32 -6.91 -11.59
N GLU A 31 10.76 -5.78 -11.19
CA GLU A 31 10.77 -4.59 -12.02
C GLU A 31 10.98 -3.34 -11.17
N PHE A 32 11.37 -2.26 -11.84
CA PHE A 32 11.61 -1.01 -11.15
C PHE A 32 10.30 -0.43 -10.59
N LEU A 33 10.05 -0.75 -9.34
CA LEU A 33 8.84 -0.28 -8.66
C LEU A 33 9.20 0.85 -7.71
N PRO A 34 8.47 1.98 -7.84
CA PRO A 34 8.70 3.14 -6.99
C PRO A 34 8.14 2.90 -5.58
N ALA A 35 8.96 3.25 -4.60
CA ALA A 35 8.57 3.07 -3.21
C ALA A 35 8.99 4.32 -2.40
N PRO A 36 8.03 4.81 -1.58
CA PRO A 36 8.28 5.98 -0.76
C PRO A 36 9.19 5.64 0.42
N GLU A 37 10.21 6.46 0.60
CA GLU A 37 11.16 6.25 1.69
C GLU A 37 10.87 7.24 2.83
N ASP A 38 10.42 6.70 3.95
CA ASP A 38 10.11 7.52 5.10
C ASP A 38 9.24 8.70 4.68
N VAL A 39 7.95 8.44 4.59
CA VAL A 39 7.00 9.46 4.19
C VAL A 39 6.62 10.31 5.41
N GLU A 40 6.35 11.58 5.16
CA GLU A 40 5.98 12.49 6.22
C GLU A 40 4.77 11.96 6.99
N THR A 41 4.54 12.55 8.14
CA THR A 41 3.42 12.14 8.98
C THR A 41 2.16 11.97 8.14
N ASN A 42 1.84 13.01 7.38
CA ASN A 42 0.67 12.98 6.52
C ASN A 42 1.11 12.93 5.06
N CYS A 43 1.92 11.94 4.74
CA CYS A 43 2.42 11.77 3.40
C CYS A 43 2.03 10.37 2.90
N GLU A 44 2.10 9.42 3.83
CA GLU A 44 1.77 8.04 3.51
C GLU A 44 0.61 8.00 2.50
N TRP A 45 -0.30 8.95 2.65
CA TRP A 45 -1.44 9.03 1.77
C TRP A 45 -0.93 9.34 0.35
N SER A 46 -0.26 10.48 0.24
CA SER A 46 0.28 10.90 -1.04
C SER A 46 1.29 9.86 -1.54
N ALA A 47 1.70 8.99 -0.64
CA ALA A 47 2.66 7.95 -0.98
C ALA A 47 1.90 6.70 -1.46
N PHE A 48 0.80 6.43 -0.78
CA PHE A 48 -0.02 5.28 -1.13
C PHE A 48 -0.09 5.09 -2.65
N SER A 49 -0.45 6.16 -3.33
CA SER A 49 -0.56 6.13 -4.78
C SER A 49 0.70 5.51 -5.39
N CYS A 50 1.84 5.90 -4.82
CA CYS A 50 3.12 5.41 -5.29
C CYS A 50 3.01 3.89 -5.46
N PHE A 51 2.36 3.26 -4.49
CA PHE A 51 2.18 1.82 -4.52
C PHE A 51 1.07 1.42 -5.51
N GLN A 52 0.06 2.28 -5.58
CA GLN A 52 -1.06 2.03 -6.46
C GLN A 52 -0.61 2.09 -7.92
N LYS A 53 0.15 3.14 -8.23
CA LYS A 53 0.65 3.33 -9.58
C LYS A 53 1.72 2.27 -9.87
N ALA A 54 2.50 1.97 -8.85
CA ALA A 54 3.56 0.98 -8.98
C ALA A 54 3.06 -0.18 -9.85
N GLN A 55 1.94 -0.74 -9.44
CA GLN A 55 1.35 -1.86 -10.17
C GLN A 55 2.27 -3.08 -10.10
N LEU A 56 1.88 -4.03 -9.27
CA LEU A 56 2.66 -5.25 -9.11
C LEU A 56 2.37 -6.20 -10.28
N LYS A 57 3.43 -6.66 -10.91
CA LYS A 57 3.30 -7.56 -12.04
C LYS A 57 3.80 -8.95 -11.63
N SER A 58 3.13 -9.97 -12.16
CA SER A 58 3.50 -11.34 -11.86
C SER A 58 4.56 -11.82 -12.85
N ALA A 59 5.25 -12.89 -12.45
CA ALA A 59 6.30 -13.46 -13.29
C ALA A 59 5.68 -13.96 -14.60
N ASN A 60 4.35 -14.00 -14.61
CA ASN A 60 3.63 -14.46 -15.78
C ASN A 60 3.83 -15.97 -15.95
N THR A 61 5.06 -16.34 -16.29
CA THR A 61 5.40 -17.74 -16.48
C THR A 61 5.39 -18.48 -15.14
N GLY A 62 4.21 -18.51 -14.53
CA GLY A 62 4.05 -19.18 -13.25
C GLY A 62 2.68 -19.83 -13.14
N ASN A 63 2.10 -19.73 -11.95
CA ASN A 63 0.79 -20.31 -11.70
C ASN A 63 -0.06 -19.31 -10.92
N ASN A 64 0.53 -18.75 -9.88
CA ASN A 64 -0.15 -17.78 -9.05
C ASN A 64 -0.53 -16.56 -9.90
N GLU A 65 0.08 -16.48 -11.08
CA GLU A 65 -0.19 -15.39 -11.98
C GLU A 65 -1.67 -15.00 -11.93
N ARG A 66 -2.50 -16.01 -11.72
CA ARG A 66 -3.93 -15.79 -11.65
C ARG A 66 -4.32 -15.28 -10.26
N ILE A 67 -3.84 -15.98 -9.25
CA ILE A 67 -4.13 -15.61 -7.88
C ILE A 67 -3.56 -14.22 -7.60
N ILE A 68 -2.72 -13.76 -8.51
CA ILE A 68 -2.11 -12.45 -8.38
C ILE A 68 -3.04 -11.39 -8.99
N ASN A 69 -3.47 -11.66 -10.21
CA ASN A 69 -4.36 -10.74 -10.90
C ASN A 69 -5.52 -10.37 -9.98
N VAL A 70 -5.86 -11.31 -9.11
CA VAL A 70 -6.96 -11.10 -8.18
C VAL A 70 -6.58 -9.98 -7.20
N SER A 71 -5.29 -9.92 -6.89
CA SER A 71 -4.78 -8.90 -5.99
C SER A 71 -4.60 -7.57 -6.73
N ILE A 72 -3.91 -7.65 -7.84
CA ILE A 72 -3.65 -6.47 -8.65
C ILE A 72 -4.89 -5.58 -8.65
N LYS A 73 -6.04 -6.23 -8.81
CA LYS A 73 -7.31 -5.51 -8.83
C LYS A 73 -7.41 -4.63 -7.58
N LYS A 74 -7.56 -5.29 -6.44
CA LYS A 74 -7.68 -4.58 -5.18
C LYS A 74 -6.43 -3.73 -4.97
N LEU A 75 -5.28 -4.36 -5.13
CA LEU A 75 -4.01 -3.67 -4.95
C LEU A 75 -4.12 -2.26 -5.55
N LYS A 76 -4.95 -2.15 -6.58
CA LYS A 76 -5.15 -0.88 -7.24
C LYS A 76 -6.22 -0.08 -6.49
N ARG A 77 -6.05 -0.02 -5.18
CA ARG A 77 -6.99 0.71 -4.35
C ARG A 77 -6.45 2.11 -4.03
N LYS A 78 -7.06 3.10 -4.67
CA LYS A 78 -6.67 4.48 -4.47
C LYS A 78 -7.06 4.92 -3.06
N PRO A 79 -6.47 6.07 -2.64
CA PRO A 79 -6.74 6.61 -1.32
C PRO A 79 -8.13 7.26 -1.27
N PRO A 80 -8.61 7.49 -0.02
CA PRO A 80 -9.92 8.10 0.18
C PRO A 80 -9.87 9.60 -0.11
N SER A 81 -11.02 10.23 0.02
CA SER A 81 -11.13 11.66 -0.22
C SER A 81 -10.03 12.40 0.55
N THR A 82 -9.66 11.83 1.68
CA THR A 82 -8.64 12.43 2.52
C THR A 82 -7.31 12.51 1.76
N ASN A 83 -7.26 11.78 0.66
CA ASN A 83 -6.06 11.75 -0.17
C ASN A 83 -5.53 13.18 -0.32
N ALA A 84 -6.28 13.98 -1.06
CA ALA A 84 -5.89 15.37 -1.29
C ALA A 84 -4.56 15.40 -2.04
N GLY A 85 -4.20 16.59 -2.48
CA GLY A 85 -2.95 16.78 -3.22
C GLY A 85 -2.49 18.24 -3.15
N ARG A 86 -1.64 18.60 -4.11
CA ARG A 86 -1.12 19.95 -4.18
C ARG A 86 -1.97 20.80 -5.12
N ARG A 87 -2.65 21.78 -4.54
CA ARG A 87 -3.50 22.67 -5.32
C ARG A 87 -4.09 23.76 -4.43
N GLN A 88 -4.88 23.31 -3.45
CA GLN A 88 -5.51 24.24 -2.53
C GLN A 88 -5.79 23.54 -1.19
N LYS A 89 -6.49 22.42 -1.29
CA LYS A 89 -6.84 21.65 -0.11
C LYS A 89 -5.60 21.52 0.79
N HIS A 90 -5.66 22.19 1.94
CA HIS A 90 -4.56 22.16 2.88
C HIS A 90 -4.39 20.74 3.42
N ARG A 91 -4.56 20.62 4.73
CA ARG A 91 -4.43 19.33 5.38
C ARG A 91 -2.98 18.83 5.30
N LEU A 92 -2.54 18.59 4.08
CA LEU A 92 -1.19 18.12 3.86
C LEU A 92 -0.66 18.70 2.54
N THR A 93 0.54 19.26 2.61
CA THR A 93 1.16 19.85 1.44
C THR A 93 2.45 19.10 1.08
N CYS A 94 2.30 17.79 0.92
CA CYS A 94 3.43 16.95 0.57
C CYS A 94 3.81 17.24 -0.89
N PRO A 95 5.09 16.91 -1.21
CA PRO A 95 5.59 17.12 -2.56
C PRO A 95 5.03 16.08 -3.53
N SER A 96 5.53 14.85 -3.38
CA SER A 96 5.09 13.76 -4.23
C SER A 96 6.09 12.60 -4.14
N CYS A 97 5.65 11.45 -4.64
CA CYS A 97 6.50 10.27 -4.62
C CYS A 97 7.25 10.20 -5.95
N ASP A 98 8.46 10.74 -5.93
CA ASP A 98 9.31 10.75 -7.11
C ASP A 98 10.77 10.91 -6.70
N SER A 99 10.99 11.86 -5.79
CA SER A 99 12.34 12.12 -5.31
C SER A 99 12.81 10.96 -4.43
N TYR A 100 12.89 9.79 -5.04
CA TYR A 100 13.34 8.60 -4.34
C TYR A 100 13.94 7.58 -5.31
N GLU A 101 14.16 6.39 -4.78
CA GLU A 101 14.72 5.31 -5.59
C GLU A 101 13.79 4.10 -5.61
N LYS A 102 13.67 3.49 -6.77
CA LYS A 102 12.82 2.33 -6.93
C LYS A 102 13.28 1.23 -5.97
N LYS A 103 12.62 0.08 -6.09
CA LYS A 103 12.95 -1.05 -5.24
C LYS A 103 12.32 -2.32 -5.82
N PRO A 104 12.68 -3.48 -5.20
CA PRO A 104 12.15 -4.76 -5.65
C PRO A 104 10.69 -4.94 -5.22
N PRO A 105 10.09 -6.05 -5.71
CA PRO A 105 8.69 -6.34 -5.38
C PRO A 105 8.57 -6.86 -3.95
N LYS A 106 9.43 -7.82 -3.62
CA LYS A 106 9.42 -8.41 -2.29
C LYS A 106 9.44 -7.29 -1.24
N GLU A 107 10.29 -6.30 -1.49
CA GLU A 107 10.41 -5.18 -0.59
C GLU A 107 9.23 -4.21 -0.77
N PHE A 108 8.99 -3.85 -2.02
CA PHE A 108 7.90 -2.95 -2.34
C PHE A 108 6.60 -3.39 -1.67
N LEU A 109 6.44 -4.70 -1.59
CA LEU A 109 5.25 -5.27 -0.97
C LEU A 109 5.41 -5.25 0.56
N GLU A 110 6.53 -5.80 1.01
CA GLU A 110 6.81 -5.86 2.42
C GLU A 110 6.75 -4.45 3.03
N ARG A 111 7.08 -3.48 2.21
CA ARG A 111 7.06 -2.10 2.65
C ARG A 111 5.64 -1.53 2.57
N PHE A 112 5.03 -1.71 1.42
CA PHE A 112 3.67 -1.23 1.20
C PHE A 112 2.74 -1.71 2.30
N LYS A 113 2.63 -3.03 2.42
CA LYS A 113 1.77 -3.62 3.43
C LYS A 113 1.99 -2.91 4.77
N SER A 114 3.25 -2.88 5.18
CA SER A 114 3.61 -2.23 6.43
C SER A 114 3.18 -0.77 6.40
N LEU A 115 3.82 0.00 5.54
CA LEU A 115 3.52 1.41 5.40
C LEU A 115 2.00 1.61 5.41
N LEU A 116 1.32 0.66 4.78
CA LEU A 116 -0.13 0.72 4.71
C LEU A 116 -0.72 0.38 6.08
N GLN A 117 -0.22 -0.70 6.64
CA GLN A 117 -0.68 -1.14 7.96
C GLN A 117 -0.08 -0.27 9.06
N LYS A 118 0.71 0.71 8.63
CA LYS A 118 1.35 1.62 9.56
C LYS A 118 0.50 2.88 9.69
N MET A 119 0.28 3.53 8.56
CA MET A 119 -0.51 4.75 8.54
C MET A 119 -2.01 4.44 8.53
N ILE A 120 -2.48 3.97 7.38
CA ILE A 120 -3.88 3.62 7.21
C ILE A 120 -4.37 2.91 8.48
N HIS A 121 -3.47 2.14 9.06
CA HIS A 121 -3.80 1.39 10.26
C HIS A 121 -3.96 2.36 11.44
N GLN A 122 -2.84 2.93 11.86
CA GLN A 122 -2.84 3.87 12.97
C GLN A 122 -3.92 4.93 12.75
N HIS A 123 -4.17 5.23 11.48
CA HIS A 123 -5.17 6.22 11.13
C HIS A 123 -6.44 6.00 11.96
N LEU A 124 -6.87 4.75 12.00
CA LEU A 124 -8.05 4.38 12.74
C LEU A 124 -7.76 4.48 14.24
N SER A 125 -6.70 3.80 14.65
CA SER A 125 -6.29 3.79 16.04
C SER A 125 -4.78 3.98 16.15
N SER A 126 -4.41 5.17 16.61
CA SER A 126 -2.99 5.48 16.77
C SER A 126 -2.58 5.31 18.23
N ARG A 127 -1.27 5.28 18.44
CA ARG A 127 -0.72 5.12 19.77
C ARG A 127 0.74 5.58 19.82
N THR A 128 0.91 6.85 20.15
CA THR A 128 2.24 7.43 20.23
C THR A 128 3.07 7.01 19.02
N HIS A 129 4.38 7.22 19.14
CA HIS A 129 5.30 6.89 18.07
C HIS A 129 4.95 7.70 16.82
N GLY A 130 5.88 8.55 16.43
CA GLY A 130 5.69 9.39 15.27
C GLY A 130 6.25 10.80 15.51
N SER A 131 7.55 10.93 15.29
CA SER A 131 8.21 12.21 15.47
C SER A 131 9.57 12.21 14.76
N GLU A 132 9.67 13.03 13.73
CA GLU A 132 10.90 13.13 12.96
C GLU A 132 10.75 14.18 11.86
N ASP A 133 10.90 15.44 12.27
CA ASP A 133 10.79 16.54 11.32
C ASP A 133 11.01 17.86 12.07
N SER A 134 11.45 18.85 11.32
CA SER A 134 11.70 20.17 11.89
C SER A 134 10.39 20.82 12.32
N MET A 1 -10.05 -10.63 16.65
CA MET A 1 -10.85 -11.14 17.76
C MET A 1 -12.30 -10.66 17.64
N GLN A 2 -13.16 -11.56 17.21
CA GLN A 2 -14.57 -11.24 17.05
C GLN A 2 -14.76 -10.16 16.00
N GLY A 3 -14.88 -10.59 14.75
CA GLY A 3 -15.06 -9.67 13.64
C GLY A 3 -16.19 -8.67 13.95
N GLN A 4 -15.83 -7.40 13.92
CA GLN A 4 -16.79 -6.34 14.19
C GLN A 4 -16.49 -5.12 13.33
N ASP A 5 -15.36 -4.50 13.62
CA ASP A 5 -14.94 -3.32 12.88
C ASP A 5 -15.00 -3.61 11.38
N ARG A 6 -15.98 -3.00 10.73
CA ARG A 6 -16.16 -3.19 9.30
C ARG A 6 -15.07 -2.43 8.53
N HIS A 7 -14.44 -1.50 9.22
CA HIS A 7 -13.38 -0.71 8.62
C HIS A 7 -12.08 -1.51 8.59
N MET A 8 -11.75 -2.07 9.75
CA MET A 8 -10.54 -2.86 9.87
C MET A 8 -10.38 -3.80 8.68
N ILE A 9 -11.49 -4.42 8.32
CA ILE A 9 -11.49 -5.36 7.20
C ILE A 9 -10.89 -4.67 5.97
N ARG A 10 -11.40 -3.47 5.70
CA ARG A 10 -10.95 -2.71 4.55
C ARG A 10 -9.42 -2.79 4.43
N MET A 11 -8.75 -2.20 5.40
CA MET A 11 -7.29 -2.21 5.42
C MET A 11 -6.76 -3.62 5.66
N ARG A 12 -7.29 -4.25 6.69
CA ARG A 12 -6.88 -5.60 7.05
C ARG A 12 -6.76 -6.47 5.79
N GLN A 13 -7.75 -6.32 4.92
CA GLN A 13 -7.76 -7.08 3.68
C GLN A 13 -6.54 -6.74 2.82
N LEU A 14 -6.22 -5.45 2.78
CA LEU A 14 -5.08 -4.98 2.02
C LEU A 14 -3.81 -5.64 2.56
N ILE A 15 -3.49 -5.31 3.80
CA ILE A 15 -2.31 -5.86 4.44
C ILE A 15 -2.21 -7.36 4.13
N ASP A 16 -3.32 -8.04 4.36
CA ASP A 16 -3.38 -9.47 4.11
C ASP A 16 -3.14 -9.74 2.63
N ILE A 17 -3.95 -9.10 1.80
CA ILE A 17 -3.84 -9.26 0.36
C ILE A 17 -2.36 -9.24 -0.03
N VAL A 18 -1.64 -8.31 0.57
CA VAL A 18 -0.22 -8.17 0.29
C VAL A 18 0.51 -9.45 0.72
N ASP A 19 0.43 -9.73 2.01
CA ASP A 19 1.08 -10.90 2.56
C ASP A 19 0.72 -12.12 1.69
N GLN A 20 -0.43 -12.04 1.05
CA GLN A 20 -0.89 -13.12 0.20
C GLN A 20 -0.08 -13.16 -1.09
N LEU A 21 0.07 -11.98 -1.70
CA LEU A 21 0.82 -11.86 -2.94
C LEU A 21 2.31 -12.03 -2.64
N LYS A 22 2.72 -11.50 -1.50
CA LYS A 22 4.11 -11.58 -1.09
C LYS A 22 4.48 -13.04 -0.85
N ASN A 23 3.49 -13.81 -0.41
CA ASN A 23 3.71 -15.22 -0.15
C ASN A 23 4.13 -15.92 -1.43
N TYR A 24 3.89 -15.24 -2.55
CA TYR A 24 4.24 -15.79 -3.85
C TYR A 24 5.25 -14.89 -4.57
N VAL A 25 6.13 -14.29 -3.77
CA VAL A 25 7.15 -13.42 -4.31
C VAL A 25 7.87 -14.12 -5.46
N ASN A 26 8.00 -15.42 -5.33
CA ASN A 26 8.66 -16.22 -6.34
C ASN A 26 7.94 -16.04 -7.68
N ASP A 27 6.72 -15.53 -7.60
CA ASP A 27 5.92 -15.30 -8.78
C ASP A 27 5.78 -13.80 -9.01
N LEU A 28 6.85 -13.08 -8.71
CA LEU A 28 6.86 -11.64 -8.88
C LEU A 28 8.00 -11.25 -9.83
N VAL A 29 7.66 -10.39 -10.78
CA VAL A 29 8.65 -9.93 -11.75
C VAL A 29 9.24 -8.60 -11.26
N PRO A 30 10.60 -8.55 -11.29
CA PRO A 30 11.31 -7.35 -10.86
C PRO A 30 11.21 -6.25 -11.92
N GLU A 31 10.45 -5.22 -11.59
CA GLU A 31 10.27 -4.10 -12.50
C GLU A 31 10.42 -2.78 -11.75
N PHE A 32 10.64 -1.71 -12.52
CA PHE A 32 10.80 -0.40 -11.94
C PHE A 32 9.51 0.08 -11.28
N LEU A 33 9.42 -0.19 -9.98
CA LEU A 33 8.24 0.21 -9.22
C LEU A 33 8.64 1.29 -8.22
N PRO A 34 7.80 2.37 -8.18
CA PRO A 34 8.04 3.47 -7.28
C PRO A 34 7.67 3.10 -5.83
N ALA A 35 8.62 3.34 -4.95
CA ALA A 35 8.41 3.03 -3.54
C ALA A 35 8.87 4.21 -2.68
N PRO A 36 7.90 4.82 -1.96
CA PRO A 36 8.20 5.96 -1.11
C PRO A 36 8.92 5.51 0.17
N GLU A 37 10.06 6.13 0.41
CA GLU A 37 10.85 5.80 1.60
C GLU A 37 10.60 6.83 2.70
N ASP A 38 9.98 6.35 3.78
CA ASP A 38 9.68 7.22 4.91
C ASP A 38 8.88 8.42 4.42
N VAL A 39 7.58 8.39 4.72
CA VAL A 39 6.70 9.47 4.32
C VAL A 39 6.23 10.24 5.57
N GLU A 40 5.94 11.51 5.35
CA GLU A 40 5.49 12.36 6.45
C GLU A 40 4.25 11.75 7.12
N THR A 41 3.94 12.26 8.30
CA THR A 41 2.78 11.77 9.04
C THR A 41 1.53 11.81 8.16
N ASN A 42 1.36 12.93 7.46
CA ASN A 42 0.22 13.10 6.59
C ASN A 42 0.67 12.99 5.13
N CYS A 43 1.49 11.99 4.88
CA CYS A 43 2.01 11.75 3.54
C CYS A 43 1.75 10.29 3.17
N GLU A 44 1.96 9.42 4.14
CA GLU A 44 1.77 8.00 3.94
C GLU A 44 0.57 7.76 3.01
N TRP A 45 -0.41 8.64 3.11
CA TRP A 45 -1.60 8.55 2.30
C TRP A 45 -1.25 9.00 0.88
N SER A 46 -0.77 10.23 0.79
CA SER A 46 -0.39 10.79 -0.50
C SER A 46 0.60 9.86 -1.21
N ALA A 47 1.23 9.00 -0.41
CA ALA A 47 2.19 8.06 -0.94
C ALA A 47 1.45 6.79 -1.41
N PHE A 48 0.28 6.58 -0.83
CA PHE A 48 -0.53 5.42 -1.17
C PHE A 48 -0.69 5.30 -2.69
N SER A 49 -0.56 6.44 -3.36
CA SER A 49 -0.70 6.47 -4.81
C SER A 49 0.56 5.89 -5.46
N CYS A 50 1.69 6.22 -4.87
CA CYS A 50 2.97 5.75 -5.39
C CYS A 50 2.93 4.22 -5.45
N PHE A 51 2.30 3.64 -4.43
CA PHE A 51 2.18 2.19 -4.36
C PHE A 51 1.11 1.69 -5.33
N GLN A 52 0.11 2.52 -5.54
CA GLN A 52 -0.97 2.17 -6.44
C GLN A 52 -0.49 2.17 -7.90
N LYS A 53 0.03 3.31 -8.32
CA LYS A 53 0.53 3.45 -9.67
C LYS A 53 1.61 2.40 -9.92
N ALA A 54 2.18 1.91 -8.83
CA ALA A 54 3.22 0.90 -8.92
C ALA A 54 2.68 -0.31 -9.68
N GLN A 55 1.77 -1.01 -9.04
CA GLN A 55 1.17 -2.20 -9.64
C GLN A 55 2.20 -3.33 -9.75
N LEU A 56 1.86 -4.45 -9.13
CA LEU A 56 2.75 -5.60 -9.15
C LEU A 56 2.45 -6.46 -10.38
N LYS A 57 3.48 -7.13 -10.87
CA LYS A 57 3.33 -7.98 -12.04
C LYS A 57 3.95 -9.35 -11.74
N SER A 58 3.26 -10.38 -12.18
CA SER A 58 3.73 -11.74 -11.98
C SER A 58 4.88 -12.05 -12.94
N ALA A 59 5.73 -12.97 -12.52
CA ALA A 59 6.87 -13.37 -13.32
C ALA A 59 6.38 -14.08 -14.58
N ASN A 60 5.09 -14.40 -14.59
CA ASN A 60 4.48 -15.07 -15.71
C ASN A 60 4.89 -16.55 -15.69
N THR A 61 4.65 -17.18 -14.55
CA THR A 61 4.99 -18.58 -14.40
C THR A 61 3.72 -19.42 -14.22
N GLY A 62 2.62 -18.73 -14.01
CA GLY A 62 1.34 -19.38 -13.83
C GLY A 62 1.17 -19.89 -12.39
N ASN A 63 0.22 -20.79 -12.22
CA ASN A 63 -0.04 -21.35 -10.90
C ASN A 63 -0.66 -20.28 -10.01
N ASN A 64 0.19 -19.41 -9.51
CA ASN A 64 -0.26 -18.33 -8.65
C ASN A 64 -0.13 -16.99 -9.38
N GLU A 65 -0.22 -17.07 -10.70
CA GLU A 65 -0.11 -15.88 -11.52
C GLU A 65 -1.37 -15.02 -11.39
N ARG A 66 -2.50 -15.64 -11.68
CA ARG A 66 -3.78 -14.95 -11.59
C ARG A 66 -4.02 -14.47 -10.17
N ILE A 67 -3.85 -15.38 -9.22
CA ILE A 67 -4.04 -15.05 -7.82
C ILE A 67 -3.21 -13.82 -7.46
N ILE A 68 -2.28 -13.50 -8.36
CA ILE A 68 -1.41 -12.36 -8.15
C ILE A 68 -1.99 -11.14 -8.86
N ASN A 69 -2.51 -11.38 -10.05
CA ASN A 69 -3.11 -10.32 -10.84
C ASN A 69 -4.45 -9.92 -10.22
N VAL A 70 -4.99 -10.82 -9.41
CA VAL A 70 -6.25 -10.57 -8.75
C VAL A 70 -6.06 -9.49 -7.67
N SER A 71 -4.93 -9.58 -6.98
CA SER A 71 -4.62 -8.63 -5.93
C SER A 71 -4.39 -7.24 -6.53
N ILE A 72 -4.12 -7.24 -7.83
CA ILE A 72 -3.88 -5.99 -8.54
C ILE A 72 -5.10 -5.08 -8.40
N LYS A 73 -6.28 -5.69 -8.55
CA LYS A 73 -7.52 -4.96 -8.44
C LYS A 73 -7.56 -4.22 -7.10
N LYS A 74 -7.48 -4.99 -6.03
CA LYS A 74 -7.50 -4.42 -4.69
C LYS A 74 -6.30 -3.49 -4.52
N LEU A 75 -5.12 -4.05 -4.77
CA LEU A 75 -3.89 -3.28 -4.65
C LEU A 75 -4.12 -1.87 -5.18
N LYS A 76 -4.62 -1.82 -6.41
CA LYS A 76 -4.87 -0.54 -7.05
C LYS A 76 -6.13 0.09 -6.43
N ARG A 77 -6.02 0.38 -5.14
CA ARG A 77 -7.13 0.99 -4.42
C ARG A 77 -7.02 2.51 -4.45
N LYS A 78 -8.12 3.16 -4.12
CA LYS A 78 -8.16 4.61 -4.11
C LYS A 78 -8.05 5.11 -2.66
N PRO A 79 -7.35 6.26 -2.51
CA PRO A 79 -7.17 6.85 -1.19
C PRO A 79 -8.46 7.52 -0.70
N PRO A 80 -8.41 7.98 0.58
CA PRO A 80 -9.57 8.64 1.17
C PRO A 80 -9.72 10.07 0.62
N SER A 81 -10.67 10.79 1.21
CA SER A 81 -10.93 12.14 0.80
C SER A 81 -9.61 12.86 0.47
N THR A 82 -8.65 12.67 1.35
CA THR A 82 -7.34 13.28 1.18
C THR A 82 -6.50 12.47 0.19
N ASN A 83 -6.90 12.54 -1.07
CA ASN A 83 -6.19 11.83 -2.12
C ASN A 83 -4.93 12.61 -2.50
N ALA A 84 -5.12 13.89 -2.78
CA ALA A 84 -4.02 14.74 -3.16
C ALA A 84 -3.22 14.08 -4.29
N GLY A 85 -3.57 14.47 -5.52
CA GLY A 85 -2.91 13.92 -6.69
C GLY A 85 -2.26 15.03 -7.52
N ARG A 86 -1.47 15.86 -6.84
CA ARG A 86 -0.80 16.96 -7.51
C ARG A 86 -1.73 18.16 -7.63
N ARG A 87 -1.36 19.24 -6.96
CA ARG A 87 -2.16 20.45 -6.99
C ARG A 87 -3.59 20.16 -6.53
N GLN A 88 -4.41 21.20 -6.56
CA GLN A 88 -5.79 21.07 -6.15
C GLN A 88 -5.89 20.86 -4.64
N LYS A 89 -5.48 19.67 -4.21
CA LYS A 89 -5.51 19.34 -2.80
C LYS A 89 -4.22 19.82 -2.14
N HIS A 90 -4.37 20.81 -1.28
CA HIS A 90 -3.22 21.37 -0.58
C HIS A 90 -3.36 21.10 0.92
N ARG A 91 -3.70 19.86 1.24
CA ARG A 91 -3.87 19.47 2.63
C ARG A 91 -2.58 18.83 3.16
N LEU A 92 -1.56 18.86 2.32
CA LEU A 92 -0.27 18.29 2.69
C LEU A 92 0.70 18.42 1.51
N THR A 93 1.98 18.32 1.82
CA THR A 93 3.00 18.41 0.80
C THR A 93 4.01 17.26 0.94
N CYS A 94 3.97 16.36 -0.02
CA CYS A 94 4.87 15.21 -0.01
C CYS A 94 5.79 15.32 -1.23
N PRO A 95 7.03 14.79 -1.06
CA PRO A 95 8.01 14.82 -2.14
C PRO A 95 7.66 13.78 -3.22
N SER A 96 7.68 14.24 -4.46
CA SER A 96 7.38 13.37 -5.59
C SER A 96 8.21 12.08 -5.48
N CYS A 97 7.69 11.03 -6.12
CA CYS A 97 8.36 9.75 -6.12
C CYS A 97 9.59 9.85 -7.03
N ASP A 98 10.49 10.75 -6.65
CA ASP A 98 11.71 10.95 -7.42
C ASP A 98 12.92 10.77 -6.50
N SER A 99 12.83 11.41 -5.34
CA SER A 99 13.91 11.33 -4.36
C SER A 99 13.76 10.08 -3.52
N TYR A 100 13.65 8.94 -4.20
CA TYR A 100 13.50 7.67 -3.52
C TYR A 100 14.12 6.54 -4.33
N GLU A 101 13.86 6.56 -5.64
CA GLU A 101 14.39 5.55 -6.53
C GLU A 101 13.46 4.34 -6.57
N LYS A 102 13.38 3.74 -7.76
CA LYS A 102 12.53 2.58 -7.95
C LYS A 102 12.89 1.51 -6.92
N LYS A 103 12.16 0.40 -6.99
CA LYS A 103 12.40 -0.70 -6.08
C LYS A 103 11.76 -1.97 -6.62
N PRO A 104 12.18 -3.13 -6.06
CA PRO A 104 11.65 -4.41 -6.48
C PRO A 104 10.23 -4.63 -5.94
N PRO A 105 9.60 -5.75 -6.39
CA PRO A 105 8.25 -6.08 -5.97
C PRO A 105 8.25 -6.61 -4.53
N LYS A 106 9.42 -7.07 -4.10
CA LYS A 106 9.56 -7.60 -2.75
C LYS A 106 9.44 -6.46 -1.74
N GLU A 107 10.28 -5.45 -1.93
CA GLU A 107 10.27 -4.30 -1.04
C GLU A 107 8.99 -3.48 -1.25
N PHE A 108 8.64 -3.30 -2.51
CA PHE A 108 7.46 -2.54 -2.86
C PHE A 108 6.24 -3.01 -2.07
N LEU A 109 6.13 -4.33 -1.96
CA LEU A 109 5.02 -4.93 -1.23
C LEU A 109 5.31 -4.86 0.27
N GLU A 110 6.57 -5.07 0.61
CA GLU A 110 7.00 -5.04 2.00
C GLU A 110 6.73 -3.66 2.60
N ARG A 111 6.81 -2.65 1.75
CA ARG A 111 6.58 -1.28 2.18
C ARG A 111 5.08 -0.96 2.17
N PHE A 112 4.43 -1.38 1.09
CA PHE A 112 3.00 -1.15 0.94
C PHE A 112 2.23 -1.69 2.15
N LYS A 113 2.35 -3.00 2.35
CA LYS A 113 1.66 -3.65 3.46
C LYS A 113 1.98 -2.91 4.76
N SER A 114 3.27 -2.64 4.95
CA SER A 114 3.72 -1.94 6.13
C SER A 114 3.06 -0.56 6.21
N LEU A 115 3.36 0.25 5.21
CA LEU A 115 2.80 1.60 5.14
C LEU A 115 1.34 1.56 5.58
N LEU A 116 0.66 0.51 5.15
CA LEU A 116 -0.75 0.34 5.49
C LEU A 116 -0.89 0.17 7.00
N GLN A 117 -0.35 -0.93 7.50
CA GLN A 117 -0.41 -1.22 8.92
C GLN A 117 0.34 -0.14 9.71
N LYS A 118 1.00 0.74 8.97
CA LYS A 118 1.76 1.81 9.59
C LYS A 118 0.82 2.98 9.87
N MET A 119 0.37 3.62 8.80
CA MET A 119 -0.52 4.76 8.91
C MET A 119 -1.99 4.31 8.85
N ILE A 120 -2.36 3.77 7.70
CA ILE A 120 -3.71 3.30 7.49
C ILE A 120 -4.24 2.69 8.79
N HIS A 121 -3.54 1.66 9.24
CA HIS A 121 -3.92 0.97 10.46
C HIS A 121 -4.38 1.99 11.51
N GLN A 122 -3.54 2.98 11.71
CA GLN A 122 -3.84 4.03 12.68
C GLN A 122 -5.32 4.37 12.64
N HIS A 123 -5.89 4.27 11.44
CA HIS A 123 -7.30 4.57 11.26
C HIS A 123 -8.12 3.87 12.34
N LEU A 124 -7.84 2.59 12.52
CA LEU A 124 -8.54 1.80 13.52
C LEU A 124 -8.74 2.64 14.78
N SER A 125 -7.69 3.35 15.16
CA SER A 125 -7.74 4.19 16.34
C SER A 125 -6.73 5.34 16.21
N SER A 126 -7.27 6.52 15.95
CA SER A 126 -6.43 7.70 15.80
C SER A 126 -7.31 8.94 15.56
N ARG A 127 -8.36 8.73 14.79
CA ARG A 127 -9.28 9.81 14.47
C ARG A 127 -10.41 9.29 13.58
N THR A 128 -11.26 8.46 14.17
CA THR A 128 -12.38 7.90 13.44
C THR A 128 -13.32 9.01 12.97
N HIS A 129 -13.78 8.86 11.73
CA HIS A 129 -14.69 9.83 11.15
C HIS A 129 -16.14 9.46 11.47
N GLY A 130 -16.54 8.31 10.96
CA GLY A 130 -17.90 7.82 11.18
C GLY A 130 -18.62 7.58 9.86
N SER A 131 -19.75 8.25 9.72
CA SER A 131 -20.56 8.13 8.51
C SER A 131 -20.98 6.67 8.31
N GLU A 132 -21.90 6.47 7.37
CA GLU A 132 -22.39 5.14 7.07
C GLU A 132 -23.05 5.11 5.70
N ASP A 133 -22.45 5.85 4.77
CA ASP A 133 -22.96 5.93 3.42
C ASP A 133 -22.95 4.53 2.80
N SER A 134 -21.76 3.94 2.75
CA SER A 134 -21.59 2.62 2.20
C SER A 134 -22.37 2.50 0.88
N MET A 1 -12.17 -10.30 16.30
CA MET A 1 -12.84 -11.59 16.31
C MET A 1 -14.00 -11.61 15.31
N GLN A 2 -14.89 -10.64 15.47
CA GLN A 2 -16.05 -10.55 14.60
C GLN A 2 -16.43 -9.09 14.38
N GLY A 3 -16.67 -8.75 13.13
CA GLY A 3 -17.05 -7.39 12.78
C GLY A 3 -17.18 -7.23 11.26
N GLN A 4 -16.06 -7.43 10.57
CA GLN A 4 -16.03 -7.31 9.13
C GLN A 4 -16.64 -5.97 8.70
N ASP A 5 -15.85 -4.92 8.84
CA ASP A 5 -16.30 -3.59 8.46
C ASP A 5 -15.57 -3.16 7.19
N ARG A 6 -16.36 -2.69 6.23
CA ARG A 6 -15.81 -2.23 4.96
C ARG A 6 -14.55 -1.40 5.20
N HIS A 7 -14.49 -0.78 6.37
CA HIS A 7 -13.35 0.04 6.72
C HIS A 7 -12.28 -0.82 7.38
N MET A 8 -12.69 -1.53 8.43
CA MET A 8 -11.78 -2.39 9.15
C MET A 8 -11.13 -3.42 8.21
N ILE A 9 -11.86 -3.75 7.15
CA ILE A 9 -11.37 -4.71 6.18
C ILE A 9 -10.56 -3.97 5.11
N ARG A 10 -10.88 -2.69 4.94
CA ARG A 10 -10.20 -1.87 3.96
C ARG A 10 -8.68 -1.95 4.16
N MET A 11 -8.28 -2.00 5.44
CA MET A 11 -6.88 -2.08 5.77
C MET A 11 -6.44 -3.53 5.94
N ARG A 12 -7.26 -4.28 6.66
CA ARG A 12 -6.97 -5.69 6.90
C ARG A 12 -6.68 -6.41 5.58
N GLN A 13 -7.51 -6.11 4.59
CA GLN A 13 -7.35 -6.73 3.29
C GLN A 13 -6.06 -6.26 2.63
N LEU A 14 -5.90 -4.94 2.57
CA LEU A 14 -4.71 -4.35 1.98
C LEU A 14 -3.48 -5.14 2.43
N ILE A 15 -3.37 -5.33 3.74
CA ILE A 15 -2.25 -6.06 4.30
C ILE A 15 -2.38 -7.54 3.94
N ASP A 16 -3.62 -7.99 3.83
CA ASP A 16 -3.89 -9.38 3.49
C ASP A 16 -3.40 -9.65 2.06
N ILE A 17 -4.03 -8.96 1.11
CA ILE A 17 -3.67 -9.13 -0.28
C ILE A 17 -2.15 -9.04 -0.43
N VAL A 18 -1.60 -7.95 0.08
CA VAL A 18 -0.17 -7.73 0.02
C VAL A 18 0.55 -9.02 0.39
N ASP A 19 0.34 -9.46 1.62
CA ASP A 19 0.96 -10.67 2.10
C ASP A 19 0.58 -11.84 1.19
N GLN A 20 -0.70 -11.84 0.80
CA GLN A 20 -1.21 -12.89 -0.07
C GLN A 20 -0.35 -13.00 -1.33
N LEU A 21 -0.02 -11.83 -1.89
CA LEU A 21 0.79 -11.78 -3.09
C LEU A 21 2.25 -12.07 -2.73
N LYS A 22 2.65 -11.56 -1.57
CA LYS A 22 4.01 -11.75 -1.10
C LYS A 22 4.27 -13.24 -0.88
N ASN A 23 3.25 -13.92 -0.39
CA ASN A 23 3.35 -15.35 -0.14
C ASN A 23 3.57 -16.09 -1.46
N TYR A 24 3.35 -15.36 -2.55
CA TYR A 24 3.53 -15.94 -3.88
C TYR A 24 4.61 -15.19 -4.65
N VAL A 25 5.56 -14.65 -3.91
CA VAL A 25 6.65 -13.91 -4.52
C VAL A 25 7.21 -14.72 -5.70
N ASN A 26 7.05 -16.03 -5.61
CA ASN A 26 7.54 -16.92 -6.64
C ASN A 26 6.95 -16.49 -7.99
N ASP A 27 5.85 -15.74 -7.91
CA ASP A 27 5.19 -15.26 -9.11
C ASP A 27 5.26 -13.73 -9.15
N LEU A 28 6.44 -13.21 -8.80
CA LEU A 28 6.65 -11.78 -8.79
C LEU A 28 7.82 -11.44 -9.73
N VAL A 29 7.54 -10.55 -10.67
CA VAL A 29 8.54 -10.13 -11.63
C VAL A 29 9.26 -8.88 -11.10
N PRO A 30 10.61 -8.96 -11.07
CA PRO A 30 11.42 -7.85 -10.60
C PRO A 30 11.47 -6.72 -11.63
N GLU A 31 10.70 -5.68 -11.36
CA GLU A 31 10.65 -4.54 -12.26
C GLU A 31 10.86 -3.24 -11.48
N PHE A 32 11.18 -2.19 -12.21
CA PHE A 32 11.42 -0.89 -11.61
C PHE A 32 10.13 -0.34 -10.97
N LEU A 33 9.98 -0.62 -9.68
CA LEU A 33 8.80 -0.16 -8.96
C LEU A 33 9.21 0.92 -7.97
N PRO A 34 8.49 2.07 -8.04
CA PRO A 34 8.76 3.19 -7.15
C PRO A 34 8.26 2.90 -5.74
N ALA A 35 9.14 3.13 -4.77
CA ALA A 35 8.79 2.91 -3.38
C ALA A 35 9.30 4.09 -2.54
N PRO A 36 8.31 4.90 -2.04
CA PRO A 36 8.64 6.05 -1.23
C PRO A 36 9.05 5.63 0.18
N GLU A 37 9.95 6.43 0.77
CA GLU A 37 10.43 6.15 2.10
C GLU A 37 10.65 7.46 2.87
N ASP A 38 10.24 7.44 4.13
CA ASP A 38 10.38 8.61 4.98
C ASP A 38 9.16 9.52 4.80
N VAL A 39 8.20 9.03 4.03
CA VAL A 39 6.98 9.78 3.78
C VAL A 39 6.55 10.49 5.06
N GLU A 40 6.29 11.78 4.92
CA GLU A 40 5.87 12.58 6.06
C GLU A 40 4.65 11.95 6.73
N THR A 41 4.46 12.30 8.00
CA THR A 41 3.34 11.77 8.75
C THR A 41 2.05 11.80 7.92
N ASN A 42 1.87 12.90 7.21
CA ASN A 42 0.69 13.07 6.37
C ASN A 42 1.09 12.84 4.91
N CYS A 43 1.96 11.87 4.71
CA CYS A 43 2.43 11.53 3.38
C CYS A 43 2.08 10.07 3.09
N GLU A 44 2.22 9.25 4.12
CA GLU A 44 1.93 7.83 4.00
C GLU A 44 0.70 7.63 3.10
N TRP A 45 -0.19 8.61 3.13
CA TRP A 45 -1.39 8.55 2.33
C TRP A 45 -1.03 8.90 0.89
N SER A 46 -0.47 10.08 0.72
CA SER A 46 -0.06 10.55 -0.59
C SER A 46 0.86 9.52 -1.25
N ALA A 47 1.43 8.66 -0.42
CA ALA A 47 2.33 7.63 -0.91
C ALA A 47 1.51 6.45 -1.43
N PHE A 48 0.28 6.34 -0.92
CA PHE A 48 -0.61 5.27 -1.32
C PHE A 48 -0.80 5.27 -2.84
N SER A 49 -1.23 6.42 -3.35
CA SER A 49 -1.47 6.57 -4.77
C SER A 49 -0.21 6.20 -5.55
N CYS A 50 0.92 6.27 -4.87
CA CYS A 50 2.20 5.95 -5.47
C CYS A 50 2.33 4.43 -5.54
N PHE A 51 2.14 3.80 -4.38
CA PHE A 51 2.23 2.35 -4.28
C PHE A 51 1.23 1.67 -5.22
N GLN A 52 -0.02 2.09 -5.10
CA GLN A 52 -1.08 1.53 -5.93
C GLN A 52 -0.80 1.82 -7.41
N LYS A 53 0.14 2.73 -7.63
CA LYS A 53 0.51 3.10 -8.99
C LYS A 53 1.68 2.23 -9.46
N ALA A 54 2.52 1.88 -8.51
CA ALA A 54 3.68 1.05 -8.81
C ALA A 54 3.27 -0.05 -9.80
N GLN A 55 2.10 -0.60 -9.56
CA GLN A 55 1.58 -1.65 -10.42
C GLN A 55 2.39 -2.94 -10.23
N LEU A 56 1.80 -3.86 -9.48
CA LEU A 56 2.46 -5.13 -9.22
C LEU A 56 2.32 -6.04 -10.44
N LYS A 57 3.42 -6.68 -10.79
CA LYS A 57 3.43 -7.58 -11.93
C LYS A 57 4.06 -8.91 -11.52
N SER A 58 3.42 -9.99 -11.95
CA SER A 58 3.91 -11.33 -11.64
C SER A 58 4.88 -11.80 -12.72
N ALA A 59 5.68 -12.79 -12.37
CA ALA A 59 6.65 -13.34 -13.29
C ALA A 59 5.91 -13.93 -14.50
N ASN A 60 4.61 -14.10 -14.34
CA ASN A 60 3.79 -14.65 -15.40
C ASN A 60 4.07 -16.15 -15.54
N THR A 61 5.30 -16.45 -15.95
CA THR A 61 5.71 -17.83 -16.12
C THR A 61 5.82 -18.53 -14.77
N GLY A 62 4.69 -18.58 -14.07
CA GLY A 62 4.65 -19.22 -12.76
C GLY A 62 3.38 -20.07 -12.60
N ASN A 63 2.67 -19.81 -11.51
CA ASN A 63 1.45 -20.53 -11.23
C ASN A 63 0.43 -19.57 -10.61
N ASN A 64 0.90 -18.80 -9.65
CA ASN A 64 0.04 -17.84 -8.97
C ASN A 64 0.00 -16.54 -9.79
N GLU A 65 -0.21 -16.70 -11.08
CA GLU A 65 -0.26 -15.56 -11.98
C GLU A 65 -1.69 -14.99 -12.02
N ARG A 66 -2.60 -15.81 -12.52
CA ARG A 66 -3.99 -15.40 -12.62
C ARG A 66 -4.53 -15.01 -11.24
N ILE A 67 -3.93 -15.60 -10.21
CA ILE A 67 -4.35 -15.31 -8.84
C ILE A 67 -3.82 -13.93 -8.44
N ILE A 68 -2.53 -13.73 -8.68
CA ILE A 68 -1.90 -12.46 -8.34
C ILE A 68 -2.78 -11.31 -8.83
N ASN A 69 -3.36 -11.51 -10.00
CA ASN A 69 -4.23 -10.50 -10.59
C ASN A 69 -5.28 -10.07 -9.56
N VAL A 70 -5.52 -10.97 -8.60
CA VAL A 70 -6.49 -10.69 -7.56
C VAL A 70 -5.90 -9.68 -6.57
N SER A 71 -4.59 -9.78 -6.38
CA SER A 71 -3.90 -8.88 -5.48
C SER A 71 -3.75 -7.50 -6.11
N ILE A 72 -4.04 -7.44 -7.41
CA ILE A 72 -3.94 -6.19 -8.14
C ILE A 72 -5.13 -5.29 -7.78
N LYS A 73 -6.32 -5.80 -8.06
CA LYS A 73 -7.54 -5.06 -7.78
C LYS A 73 -7.39 -4.37 -6.42
N LYS A 74 -7.30 -5.18 -5.38
CA LYS A 74 -7.16 -4.67 -4.03
C LYS A 74 -5.99 -3.69 -3.98
N LEU A 75 -4.81 -4.21 -4.30
CA LEU A 75 -3.61 -3.39 -4.29
C LEU A 75 -3.93 -2.00 -4.85
N LYS A 76 -4.80 -2.00 -5.85
CA LYS A 76 -5.20 -0.75 -6.48
C LYS A 76 -6.30 -0.09 -5.63
N ARG A 77 -6.00 0.10 -4.36
CA ARG A 77 -6.94 0.71 -3.45
C ARG A 77 -6.66 2.21 -3.32
N LYS A 78 -7.71 2.99 -3.53
CA LYS A 78 -7.58 4.44 -3.45
C LYS A 78 -7.81 4.88 -1.99
N PRO A 79 -7.24 6.06 -1.66
CA PRO A 79 -7.38 6.60 -0.31
C PRO A 79 -8.78 7.17 -0.09
N PRO A 80 -9.19 7.20 1.20
CA PRO A 80 -10.49 7.72 1.56
C PRO A 80 -10.53 9.25 1.48
N SER A 81 -11.36 9.74 0.58
CA SER A 81 -11.50 11.18 0.40
C SER A 81 -10.12 11.85 0.52
N THR A 82 -9.24 11.49 -0.41
CA THR A 82 -7.90 12.06 -0.41
C THR A 82 -7.38 12.19 1.02
N ASN A 83 -7.40 11.08 1.74
CA ASN A 83 -6.93 11.06 3.12
C ASN A 83 -7.42 12.33 3.84
N ALA A 84 -8.65 12.25 4.31
CA ALA A 84 -9.25 13.38 5.01
C ALA A 84 -10.51 12.91 5.75
N GLY A 85 -10.63 13.36 6.99
CA GLY A 85 -11.78 12.99 7.81
C GLY A 85 -13.07 13.56 7.21
N ARG A 86 -13.14 14.89 7.21
CA ARG A 86 -14.31 15.57 6.68
C ARG A 86 -13.89 16.90 6.03
N ARG A 87 -13.22 17.72 6.82
CA ARG A 87 -12.76 19.02 6.34
C ARG A 87 -11.56 18.84 5.40
N GLN A 88 -11.21 19.94 4.74
CA GLN A 88 -10.08 19.92 3.82
C GLN A 88 -8.94 19.07 4.40
N LYS A 89 -8.37 19.58 5.49
CA LYS A 89 -7.28 18.88 6.14
C LYS A 89 -5.96 19.28 5.49
N HIS A 90 -5.95 19.24 4.16
CA HIS A 90 -4.77 19.61 3.40
C HIS A 90 -3.67 18.57 3.64
N ARG A 91 -3.24 17.95 2.56
CA ARG A 91 -2.20 16.93 2.64
C ARG A 91 -0.82 17.58 2.58
N LEU A 92 -0.71 18.73 3.24
CA LEU A 92 0.54 19.46 3.28
C LEU A 92 1.19 19.41 1.88
N THR A 93 2.49 19.17 1.89
CA THR A 93 3.24 19.10 0.64
C THR A 93 3.68 17.67 0.37
N CYS A 94 4.68 17.23 1.15
CA CYS A 94 5.20 15.89 1.00
C CYS A 94 5.83 15.76 -0.39
N PRO A 95 7.02 15.11 -0.43
CA PRO A 95 7.72 14.91 -1.69
C PRO A 95 7.05 13.82 -2.53
N SER A 96 6.93 14.11 -3.81
CA SER A 96 6.31 13.18 -4.74
C SER A 96 7.13 11.89 -4.81
N CYS A 97 6.42 10.77 -4.87
CA CYS A 97 7.06 9.48 -4.94
C CYS A 97 7.58 9.26 -6.36
N ASP A 98 8.47 10.15 -6.77
CA ASP A 98 9.05 10.07 -8.10
C ASP A 98 10.56 10.23 -8.01
N SER A 99 10.97 11.27 -7.30
CA SER A 99 12.39 11.54 -7.12
C SER A 99 12.92 10.77 -5.90
N TYR A 100 12.60 9.49 -5.86
CA TYR A 100 13.05 8.64 -4.77
C TYR A 100 14.03 7.58 -5.26
N GLU A 101 13.47 6.47 -5.71
CA GLU A 101 14.28 5.36 -6.21
C GLU A 101 13.39 4.17 -6.56
N LYS A 102 13.98 3.23 -7.29
CA LYS A 102 13.26 2.05 -7.70
C LYS A 102 13.57 0.90 -6.73
N LYS A 103 12.58 0.04 -6.55
CA LYS A 103 12.73 -1.10 -5.65
C LYS A 103 12.03 -2.32 -6.26
N PRO A 104 12.40 -3.51 -5.71
CA PRO A 104 11.81 -4.76 -6.19
C PRO A 104 10.38 -4.91 -5.68
N PRO A 105 9.72 -6.00 -6.17
CA PRO A 105 8.34 -6.28 -5.76
C PRO A 105 8.29 -6.84 -4.34
N LYS A 106 9.16 -7.81 -4.08
CA LYS A 106 9.22 -8.43 -2.78
C LYS A 106 9.28 -7.34 -1.70
N GLU A 107 10.12 -6.35 -1.95
CA GLU A 107 10.28 -5.25 -1.01
C GLU A 107 9.10 -4.29 -1.12
N PHE A 108 8.88 -3.82 -2.34
CA PHE A 108 7.78 -2.89 -2.59
C PHE A 108 6.52 -3.32 -1.86
N LEU A 109 6.34 -4.63 -1.78
CA LEU A 109 5.17 -5.18 -1.10
C LEU A 109 5.42 -5.20 0.41
N GLU A 110 6.59 -5.72 0.76
CA GLU A 110 6.97 -5.80 2.17
C GLU A 110 6.73 -4.46 2.86
N ARG A 111 6.89 -3.39 2.09
CA ARG A 111 6.70 -2.05 2.62
C ARG A 111 5.22 -1.65 2.52
N PHE A 112 4.66 -1.85 1.34
CA PHE A 112 3.27 -1.52 1.10
C PHE A 112 2.40 -1.93 2.29
N LYS A 113 2.41 -3.22 2.58
CA LYS A 113 1.63 -3.75 3.69
C LYS A 113 1.90 -2.91 4.94
N SER A 114 3.18 -2.73 5.22
CA SER A 114 3.59 -1.95 6.38
C SER A 114 3.02 -0.54 6.30
N LEU A 115 3.45 0.17 5.26
CA LEU A 115 2.99 1.54 5.06
C LEU A 115 1.52 1.65 5.46
N LEU A 116 0.74 0.67 5.00
CA LEU A 116 -0.68 0.65 5.30
C LEU A 116 -0.87 0.57 6.81
N GLN A 117 -0.48 -0.56 7.37
CA GLN A 117 -0.59 -0.77 8.81
C GLN A 117 0.15 0.32 9.57
N LYS A 118 0.90 1.12 8.82
CA LYS A 118 1.67 2.20 9.42
C LYS A 118 0.72 3.38 9.71
N MET A 119 0.16 3.93 8.64
CA MET A 119 -0.75 5.05 8.77
C MET A 119 -2.21 4.58 8.75
N ILE A 120 -2.57 3.97 7.63
CA ILE A 120 -3.93 3.46 7.47
C ILE A 120 -4.43 2.90 8.79
N HIS A 121 -3.80 1.80 9.20
CA HIS A 121 -4.17 1.14 10.45
C HIS A 121 -4.56 2.19 11.48
N GLN A 122 -3.62 3.11 11.72
CA GLN A 122 -3.85 4.18 12.68
C GLN A 122 -5.31 4.60 12.67
N HIS A 123 -5.88 4.66 11.47
CA HIS A 123 -7.27 5.05 11.31
C HIS A 123 -8.10 4.43 12.44
N LEU A 124 -7.80 3.18 12.74
CA LEU A 124 -8.51 2.48 13.80
C LEU A 124 -7.85 2.78 15.15
N SER A 125 -6.56 2.47 15.22
CA SER A 125 -5.81 2.69 16.44
C SER A 125 -5.27 4.12 16.46
N SER A 126 -6.00 5.01 17.13
CA SER A 126 -5.61 6.39 17.23
C SER A 126 -5.07 6.69 18.62
N ARG A 127 -3.77 6.51 18.77
CA ARG A 127 -3.11 6.75 20.04
C ARG A 127 -3.71 7.99 20.72
N THR A 128 -3.68 7.97 22.04
CA THR A 128 -4.21 9.07 22.82
C THR A 128 -5.70 9.22 22.58
N HIS A 129 -6.42 8.11 22.77
CA HIS A 129 -7.86 8.12 22.58
C HIS A 129 -8.47 9.35 23.25
N GLY A 130 -9.60 9.78 22.70
CA GLY A 130 -10.30 10.94 23.24
C GLY A 130 -9.63 12.24 22.76
N SER A 131 -10.47 13.13 22.24
CA SER A 131 -9.98 14.41 21.75
C SER A 131 -9.02 14.19 20.58
N GLU A 132 -9.48 14.54 19.40
CA GLU A 132 -8.68 14.39 18.20
C GLU A 132 -8.34 12.92 17.98
N ASP A 133 -8.67 12.43 16.79
CA ASP A 133 -8.41 11.05 16.44
C ASP A 133 -7.13 10.98 15.59
N SER A 134 -7.19 11.63 14.43
CA SER A 134 -6.05 11.64 13.54
C SER A 134 -5.52 13.07 13.39
N MET A 1 -2.97 -5.98 17.92
CA MET A 1 -4.16 -6.69 17.48
C MET A 1 -5.42 -6.10 18.14
N GLN A 2 -6.06 -5.19 17.41
CA GLN A 2 -7.26 -4.55 17.91
C GLN A 2 -8.34 -4.54 16.83
N GLY A 3 -9.11 -5.63 16.80
CA GLY A 3 -10.17 -5.76 15.83
C GLY A 3 -11.30 -4.76 16.11
N GLN A 4 -11.01 -3.50 15.78
CA GLN A 4 -11.98 -2.44 16.00
C GLN A 4 -12.50 -1.93 14.65
N ASP A 5 -13.80 -1.67 14.62
CA ASP A 5 -14.43 -1.17 13.41
C ASP A 5 -14.31 -2.22 12.30
N ARG A 6 -15.28 -2.20 11.39
CA ARG A 6 -15.28 -3.14 10.29
C ARG A 6 -14.44 -2.62 9.13
N HIS A 7 -14.33 -1.30 9.08
CA HIS A 7 -13.56 -0.65 8.03
C HIS A 7 -12.18 -1.31 7.92
N MET A 8 -11.70 -1.80 9.06
CA MET A 8 -10.41 -2.44 9.10
C MET A 8 -10.21 -3.37 7.89
N ILE A 9 -11.32 -3.94 7.45
CA ILE A 9 -11.28 -4.85 6.31
C ILE A 9 -10.45 -4.22 5.19
N ARG A 10 -10.87 -3.03 4.80
CA ARG A 10 -10.18 -2.30 3.74
C ARG A 10 -8.66 -2.42 3.92
N MET A 11 -8.25 -2.47 5.18
CA MET A 11 -6.84 -2.59 5.50
C MET A 11 -6.40 -4.04 5.54
N ARG A 12 -6.88 -4.74 6.56
CA ARG A 12 -6.55 -6.14 6.74
C ARG A 12 -6.49 -6.84 5.37
N GLN A 13 -7.44 -6.49 4.52
CA GLN A 13 -7.50 -7.08 3.19
C GLN A 13 -6.22 -6.78 2.42
N LEU A 14 -5.82 -5.52 2.43
CA LEU A 14 -4.61 -5.10 1.74
C LEU A 14 -3.43 -5.92 2.26
N ILE A 15 -3.29 -5.93 3.58
CA ILE A 15 -2.21 -6.67 4.21
C ILE A 15 -2.37 -8.16 3.91
N ASP A 16 -3.59 -8.54 3.59
CA ASP A 16 -3.89 -9.93 3.28
C ASP A 16 -3.32 -10.27 1.90
N ILE A 17 -3.87 -9.62 0.90
CA ILE A 17 -3.42 -9.84 -0.47
C ILE A 17 -1.90 -9.62 -0.55
N VAL A 18 -1.42 -8.72 0.30
CA VAL A 18 -0.02 -8.41 0.33
C VAL A 18 0.78 -9.66 0.74
N ASP A 19 0.60 -10.05 1.99
CA ASP A 19 1.27 -11.21 2.53
C ASP A 19 0.94 -12.43 1.65
N GLN A 20 -0.31 -12.47 1.19
CA GLN A 20 -0.77 -13.56 0.37
C GLN A 20 0.04 -13.61 -0.93
N LEU A 21 0.41 -12.44 -1.42
CA LEU A 21 1.18 -12.35 -2.65
C LEU A 21 2.66 -12.59 -2.33
N LYS A 22 3.10 -12.03 -1.21
CA LYS A 22 4.48 -12.18 -0.79
C LYS A 22 4.81 -13.67 -0.67
N ASN A 23 3.84 -14.43 -0.17
CA ASN A 23 4.01 -15.85 0.00
C ASN A 23 4.05 -16.53 -1.38
N TYR A 24 3.86 -15.71 -2.40
CA TYR A 24 3.87 -16.21 -3.77
C TYR A 24 4.83 -15.39 -4.64
N VAL A 25 5.79 -14.77 -3.98
CA VAL A 25 6.77 -13.95 -4.69
C VAL A 25 7.26 -14.71 -5.92
N ASN A 26 7.18 -16.03 -5.84
CA ASN A 26 7.61 -16.88 -6.94
C ASN A 26 6.89 -16.45 -8.22
N ASP A 27 5.79 -15.74 -8.04
CA ASP A 27 5.00 -15.26 -9.17
C ASP A 27 5.10 -13.74 -9.24
N LEU A 28 6.29 -13.23 -8.93
CA LEU A 28 6.53 -11.80 -8.96
C LEU A 28 7.68 -11.50 -9.92
N VAL A 29 7.49 -10.45 -10.70
CA VAL A 29 8.51 -10.05 -11.66
C VAL A 29 9.20 -8.78 -11.17
N PRO A 30 10.56 -8.79 -11.23
CA PRO A 30 11.34 -7.66 -10.79
C PRO A 30 11.28 -6.52 -11.81
N GLU A 31 10.52 -5.50 -11.48
CA GLU A 31 10.36 -4.35 -12.35
C GLU A 31 10.53 -3.05 -11.56
N PHE A 32 10.79 -1.97 -12.28
CA PHE A 32 10.97 -0.67 -11.67
C PHE A 32 9.67 -0.19 -11.02
N LEU A 33 9.53 -0.48 -9.73
CA LEU A 33 8.35 -0.08 -8.99
C LEU A 33 8.72 1.04 -8.02
N PRO A 34 7.88 2.11 -8.04
CA PRO A 34 8.11 3.26 -7.17
C PRO A 34 7.72 2.94 -5.73
N ALA A 35 8.64 3.22 -4.82
CA ALA A 35 8.41 2.97 -3.40
C ALA A 35 8.92 4.14 -2.59
N PRO A 36 7.95 4.91 -2.01
CA PRO A 36 8.29 6.07 -1.20
C PRO A 36 8.82 5.65 0.17
N GLU A 37 10.07 6.03 0.42
CA GLU A 37 10.70 5.69 1.69
C GLU A 37 10.60 6.87 2.66
N ASP A 38 10.08 6.59 3.84
CA ASP A 38 9.93 7.62 4.87
C ASP A 38 9.01 8.72 4.33
N VAL A 39 7.76 8.65 4.76
CA VAL A 39 6.77 9.64 4.34
C VAL A 39 6.36 10.49 5.55
N GLU A 40 6.26 11.78 5.31
CA GLU A 40 5.88 12.71 6.36
C GLU A 40 4.53 12.30 6.96
N THR A 41 4.34 12.71 8.21
CA THR A 41 3.10 12.40 8.92
C THR A 41 1.91 12.44 7.94
N ASN A 42 1.99 13.36 7.01
CA ASN A 42 0.94 13.52 6.02
C ASN A 42 1.53 13.36 4.61
N CYS A 43 2.17 12.22 4.40
CA CYS A 43 2.78 11.93 3.12
C CYS A 43 2.37 10.52 2.70
N GLU A 44 2.47 9.60 3.64
CA GLU A 44 2.11 8.21 3.39
C GLU A 44 0.95 8.13 2.41
N TRP A 45 0.00 9.06 2.59
CA TRP A 45 -1.16 9.11 1.73
C TRP A 45 -0.70 9.40 0.30
N SER A 46 -0.06 10.55 0.15
CA SER A 46 0.45 10.96 -1.14
C SER A 46 1.38 9.89 -1.71
N ALA A 47 1.84 9.02 -0.82
CA ALA A 47 2.74 7.94 -1.22
C ALA A 47 1.90 6.73 -1.63
N PHE A 48 0.78 6.56 -0.96
CA PHE A 48 -0.11 5.45 -1.24
C PHE A 48 -0.30 5.27 -2.75
N SER A 49 -0.46 6.40 -3.43
CA SER A 49 -0.65 6.38 -4.87
C SER A 49 0.58 5.77 -5.55
N CYS A 50 1.74 6.08 -5.00
CA CYS A 50 2.98 5.57 -5.54
C CYS A 50 2.91 4.04 -5.56
N PHE A 51 2.42 3.49 -4.47
CA PHE A 51 2.30 2.05 -4.36
C PHE A 51 1.21 1.51 -5.30
N GLN A 52 0.22 2.37 -5.55
CA GLN A 52 -0.88 1.99 -6.43
C GLN A 52 -0.42 1.99 -7.88
N LYS A 53 -0.02 3.16 -8.36
CA LYS A 53 0.45 3.30 -9.72
C LYS A 53 1.55 2.28 -9.99
N ALA A 54 2.17 1.83 -8.90
CA ALA A 54 3.24 0.85 -9.01
C ALA A 54 2.80 -0.29 -9.92
N GLN A 55 1.64 -0.84 -9.61
CA GLN A 55 1.08 -1.94 -10.39
C GLN A 55 2.00 -3.17 -10.27
N LEU A 56 1.46 -4.19 -9.62
CA LEU A 56 2.21 -5.43 -9.43
C LEU A 56 2.18 -6.23 -10.73
N LYS A 57 3.32 -6.84 -11.04
CA LYS A 57 3.44 -7.62 -12.25
C LYS A 57 4.06 -8.98 -11.90
N SER A 58 3.32 -10.03 -12.24
CA SER A 58 3.78 -11.39 -11.96
C SER A 58 4.92 -11.75 -12.91
N ALA A 59 5.69 -12.74 -12.49
CA ALA A 59 6.82 -13.20 -13.28
C ALA A 59 6.32 -13.67 -14.65
N ASN A 60 5.03 -13.95 -14.70
CA ASN A 60 4.41 -14.40 -15.95
C ASN A 60 4.82 -15.84 -16.21
N THR A 61 4.68 -16.67 -15.19
CA THR A 61 5.05 -18.07 -15.30
C THR A 61 3.92 -18.96 -14.77
N GLY A 62 2.72 -18.38 -14.74
CA GLY A 62 1.56 -19.10 -14.26
C GLY A 62 1.71 -19.47 -12.77
N ASN A 63 1.21 -20.65 -12.44
CA ASN A 63 1.28 -21.11 -11.06
C ASN A 63 0.38 -20.25 -10.18
N ASN A 64 0.85 -19.03 -9.95
CA ASN A 64 0.11 -18.10 -9.12
C ASN A 64 0.02 -16.75 -9.84
N GLU A 65 -0.21 -16.82 -11.15
CA GLU A 65 -0.32 -15.62 -11.95
C GLU A 65 -1.75 -15.08 -11.92
N ARG A 66 -2.69 -15.95 -12.27
CA ARG A 66 -4.09 -15.59 -12.29
C ARG A 66 -4.57 -15.28 -10.86
N ILE A 67 -3.82 -15.79 -9.90
CA ILE A 67 -4.16 -15.59 -8.50
C ILE A 67 -3.62 -14.23 -8.04
N ILE A 68 -2.35 -14.00 -8.35
CA ILE A 68 -1.70 -12.76 -7.98
C ILE A 68 -2.56 -11.59 -8.45
N ASN A 69 -3.26 -11.80 -9.55
CA ASN A 69 -4.13 -10.77 -10.10
C ASN A 69 -5.25 -10.47 -9.12
N VAL A 70 -5.41 -11.36 -8.15
CA VAL A 70 -6.44 -11.20 -7.15
C VAL A 70 -6.00 -10.15 -6.12
N SER A 71 -4.69 -10.00 -6.01
CA SER A 71 -4.12 -9.04 -5.08
C SER A 71 -3.96 -7.68 -5.77
N ILE A 72 -3.70 -7.73 -7.06
CA ILE A 72 -3.54 -6.52 -7.84
C ILE A 72 -4.82 -5.68 -7.76
N LYS A 73 -5.94 -6.40 -7.73
CA LYS A 73 -7.23 -5.73 -7.65
C LYS A 73 -7.27 -4.84 -6.41
N LYS A 74 -7.30 -5.47 -5.26
CA LYS A 74 -7.34 -4.74 -4.01
C LYS A 74 -6.09 -3.86 -3.89
N LEU A 75 -4.94 -4.48 -4.13
CA LEU A 75 -3.67 -3.77 -4.06
C LEU A 75 -3.85 -2.37 -4.66
N LYS A 76 -4.57 -2.32 -5.77
CA LYS A 76 -4.81 -1.06 -6.44
C LYS A 76 -5.88 -0.27 -5.69
N ARG A 77 -5.58 -0.02 -4.41
CA ARG A 77 -6.50 0.71 -3.56
C ARG A 77 -6.16 2.20 -3.57
N LYS A 78 -7.15 3.00 -3.94
CA LYS A 78 -6.97 4.44 -3.99
C LYS A 78 -7.24 5.04 -2.61
N PRO A 79 -6.63 6.23 -2.37
CA PRO A 79 -6.81 6.92 -1.10
C PRO A 79 -8.19 7.57 -1.01
N PRO A 80 -8.49 8.12 0.19
CA PRO A 80 -9.76 8.77 0.42
C PRO A 80 -9.80 10.15 -0.25
N SER A 81 -10.75 10.95 0.20
CA SER A 81 -10.91 12.29 -0.35
C SER A 81 -9.53 12.93 -0.56
N THR A 82 -8.81 13.08 0.54
CA THR A 82 -7.48 13.67 0.48
C THR A 82 -6.51 12.75 -0.26
N ASN A 83 -6.56 12.83 -1.58
CA ASN A 83 -5.70 12.02 -2.42
C ASN A 83 -4.31 12.65 -2.48
N ALA A 84 -4.29 13.93 -2.81
CA ALA A 84 -3.04 14.66 -2.89
C ALA A 84 -3.34 16.15 -3.12
N GLY A 85 -3.84 16.45 -4.30
CA GLY A 85 -4.17 17.82 -4.65
C GLY A 85 -4.03 18.06 -6.15
N ARG A 86 -3.19 19.02 -6.50
CA ARG A 86 -2.96 19.35 -7.89
C ARG A 86 -1.98 20.52 -8.01
N ARG A 87 -0.70 20.18 -7.99
CA ARG A 87 0.35 21.18 -8.10
C ARG A 87 0.48 21.94 -6.78
N GLN A 88 -0.62 22.60 -6.40
CA GLN A 88 -0.64 23.36 -5.17
C GLN A 88 -0.06 22.54 -4.01
N LYS A 89 -0.65 21.37 -3.81
CA LYS A 89 -0.20 20.49 -2.75
C LYS A 89 -0.15 21.26 -1.43
N HIS A 90 -1.25 21.19 -0.69
CA HIS A 90 -1.33 21.88 0.59
C HIS A 90 -1.91 20.94 1.64
N ARG A 91 -2.19 21.50 2.81
CA ARG A 91 -2.75 20.72 3.90
C ARG A 91 -1.73 19.71 4.41
N LEU A 92 -0.51 19.84 3.90
CA LEU A 92 0.57 18.94 4.29
C LEU A 92 1.85 19.33 3.54
N THR A 93 2.93 19.41 4.29
CA THR A 93 4.22 19.77 3.70
C THR A 93 4.96 18.51 3.24
N CYS A 94 4.29 17.74 2.40
CA CYS A 94 4.88 16.51 1.88
C CYS A 94 5.30 16.75 0.43
N PRO A 95 6.51 16.26 0.09
CA PRO A 95 7.04 16.41 -1.26
C PRO A 95 6.34 15.46 -2.24
N SER A 96 6.91 15.35 -3.42
CA SER A 96 6.35 14.49 -4.45
C SER A 96 7.10 13.15 -4.46
N CYS A 97 6.61 12.24 -5.29
CA CYS A 97 7.20 10.93 -5.42
C CYS A 97 8.35 11.02 -6.44
N ASP A 98 9.39 11.72 -6.05
CA ASP A 98 10.55 11.89 -6.91
C ASP A 98 11.82 11.51 -6.14
N SER A 99 11.98 12.14 -4.99
CA SER A 99 13.15 11.88 -4.16
C SER A 99 13.38 10.38 -4.05
N TYR A 100 12.30 9.65 -3.85
CA TYR A 100 12.37 8.21 -3.72
C TYR A 100 12.90 7.57 -5.01
N GLU A 101 12.97 6.25 -5.00
CA GLU A 101 13.46 5.52 -6.16
C GLU A 101 12.67 4.21 -6.33
N LYS A 102 13.03 3.48 -7.37
CA LYS A 102 12.38 2.22 -7.66
C LYS A 102 12.73 1.21 -6.55
N LYS A 103 12.20 0.00 -6.72
CA LYS A 103 12.45 -1.06 -5.75
C LYS A 103 11.81 -2.36 -6.25
N PRO A 104 12.19 -3.47 -5.57
CA PRO A 104 11.65 -4.78 -5.93
C PRO A 104 10.21 -4.93 -5.46
N PRO A 105 9.59 -6.07 -5.85
CA PRO A 105 8.21 -6.35 -5.48
C PRO A 105 8.12 -6.78 -4.01
N LYS A 106 8.84 -7.85 -3.69
CA LYS A 106 8.86 -8.37 -2.33
C LYS A 106 8.86 -7.20 -1.35
N GLU A 107 9.66 -6.20 -1.67
CA GLU A 107 9.76 -5.02 -0.82
C GLU A 107 8.55 -4.11 -1.02
N PHE A 108 8.38 -3.66 -2.25
CA PHE A 108 7.26 -2.79 -2.58
C PHE A 108 5.99 -3.24 -1.87
N LEU A 109 5.88 -4.54 -1.67
CA LEU A 109 4.73 -5.11 -1.00
C LEU A 109 4.93 -5.04 0.52
N GLU A 110 6.07 -5.54 0.95
CA GLU A 110 6.40 -5.54 2.37
C GLU A 110 6.41 -4.12 2.91
N ARG A 111 6.62 -3.17 2.01
CA ARG A 111 6.64 -1.77 2.38
C ARG A 111 5.23 -1.18 2.35
N PHE A 112 4.57 -1.41 1.21
CA PHE A 112 3.22 -0.90 1.03
C PHE A 112 2.30 -1.36 2.16
N LYS A 113 2.23 -2.67 2.31
CA LYS A 113 1.39 -3.26 3.36
C LYS A 113 1.75 -2.63 4.70
N SER A 114 3.06 -2.62 4.99
CA SER A 114 3.55 -2.06 6.24
C SER A 114 3.02 -0.64 6.41
N LEU A 115 3.23 0.17 5.38
CA LEU A 115 2.78 1.55 5.41
C LEU A 115 1.25 1.59 5.50
N LEU A 116 0.64 0.71 4.72
CA LEU A 116 -0.82 0.64 4.70
C LEU A 116 -1.32 0.17 6.07
N GLN A 117 -0.49 -0.62 6.73
CA GLN A 117 -0.84 -1.14 8.04
C GLN A 117 -0.21 -0.28 9.13
N LYS A 118 0.59 0.68 8.70
CA LYS A 118 1.25 1.58 9.63
C LYS A 118 0.34 2.78 9.90
N MET A 119 0.21 3.64 8.89
CA MET A 119 -0.62 4.82 9.00
C MET A 119 -2.09 4.48 8.78
N ILE A 120 -2.41 4.16 7.53
CA ILE A 120 -3.77 3.82 7.17
C ILE A 120 -4.41 3.01 8.30
N HIS A 121 -3.58 2.23 8.97
CA HIS A 121 -4.04 1.41 10.08
C HIS A 121 -4.43 2.30 11.26
N GLN A 122 -3.42 2.89 11.87
CA GLN A 122 -3.64 3.76 13.01
C GLN A 122 -4.79 4.74 12.72
N HIS A 123 -4.86 5.15 11.45
CA HIS A 123 -5.90 6.07 11.03
C HIS A 123 -7.21 5.72 11.72
N LEU A 124 -7.56 4.44 11.64
CA LEU A 124 -8.79 3.97 12.25
C LEU A 124 -8.79 4.32 13.73
N SER A 125 -7.76 3.85 14.43
CA SER A 125 -7.62 4.11 15.84
C SER A 125 -7.62 5.62 16.11
N SER A 126 -6.63 6.28 15.54
CA SER A 126 -6.49 7.72 15.70
C SER A 126 -6.14 8.05 17.14
N ARG A 127 -4.88 7.82 17.48
CA ARG A 127 -4.41 8.10 18.83
C ARG A 127 -2.89 7.93 18.90
N THR A 128 -2.24 8.92 19.49
CA THR A 128 -0.80 8.90 19.62
C THR A 128 -0.13 8.77 18.25
N HIS A 129 1.14 9.15 18.20
CA HIS A 129 1.90 9.08 16.97
C HIS A 129 3.34 8.66 17.27
N GLY A 130 3.47 7.46 17.79
CA GLY A 130 4.79 6.94 18.12
C GLY A 130 5.50 7.84 19.13
N SER A 131 5.73 7.30 20.32
CA SER A 131 6.39 8.05 21.37
C SER A 131 7.04 7.08 22.36
N GLU A 132 8.30 6.79 22.11
CA GLU A 132 9.05 5.89 22.97
C GLU A 132 9.57 6.64 24.20
N ASP A 133 9.88 5.87 25.24
CA ASP A 133 10.39 6.44 26.47
C ASP A 133 11.81 5.95 26.72
N SER A 134 12.76 6.85 26.53
CA SER A 134 14.16 6.52 26.74
C SER A 134 15.02 7.78 26.62
N MET A 1 -25.70 -4.37 9.51
CA MET A 1 -24.50 -4.87 8.87
C MET A 1 -23.93 -6.06 9.65
N GLN A 2 -23.55 -7.08 8.90
CA GLN A 2 -22.98 -8.28 9.50
C GLN A 2 -21.99 -7.91 10.61
N GLY A 3 -21.10 -7.00 10.26
CA GLY A 3 -20.09 -6.54 11.22
C GLY A 3 -18.89 -5.94 10.49
N GLN A 4 -18.33 -6.72 9.58
CA GLN A 4 -17.18 -6.28 8.81
C GLN A 4 -17.43 -4.89 8.21
N ASP A 5 -16.38 -4.10 8.18
CA ASP A 5 -16.48 -2.75 7.64
C ASP A 5 -15.62 -2.64 6.38
N ARG A 6 -16.17 -1.97 5.38
CA ARG A 6 -15.47 -1.79 4.12
C ARG A 6 -14.05 -1.27 4.37
N HIS A 7 -13.88 -0.66 5.53
CA HIS A 7 -12.58 -0.11 5.90
C HIS A 7 -11.76 -1.19 6.62
N MET A 8 -12.24 -1.58 7.79
CA MET A 8 -11.57 -2.59 8.59
C MET A 8 -11.07 -3.73 7.71
N ILE A 9 -11.76 -3.92 6.59
CA ILE A 9 -11.40 -4.98 5.66
C ILE A 9 -10.35 -4.44 4.68
N ARG A 10 -10.62 -3.25 4.16
CA ARG A 10 -9.72 -2.62 3.21
C ARG A 10 -8.27 -2.73 3.71
N MET A 11 -8.09 -2.41 4.98
CA MET A 11 -6.77 -2.46 5.58
C MET A 11 -6.24 -3.90 5.61
N ARG A 12 -6.84 -4.69 6.49
CA ARG A 12 -6.45 -6.08 6.63
C ARG A 12 -6.32 -6.74 5.27
N GLN A 13 -7.18 -6.30 4.35
CA GLN A 13 -7.18 -6.84 3.00
C GLN A 13 -5.89 -6.45 2.28
N LEU A 14 -5.52 -5.18 2.42
CA LEU A 14 -4.32 -4.67 1.78
C LEU A 14 -3.11 -5.46 2.28
N ILE A 15 -3.09 -5.70 3.59
CA ILE A 15 -2.00 -6.44 4.20
C ILE A 15 -2.10 -7.91 3.79
N ASP A 16 -3.33 -8.33 3.51
CA ASP A 16 -3.58 -9.71 3.11
C ASP A 16 -3.00 -9.94 1.72
N ILE A 17 -3.56 -9.22 0.75
CA ILE A 17 -3.11 -9.35 -0.62
C ILE A 17 -1.58 -9.20 -0.67
N VAL A 18 -1.10 -8.19 0.04
CA VAL A 18 0.33 -7.94 0.08
C VAL A 18 1.07 -9.22 0.47
N ASP A 19 0.84 -9.64 1.70
CA ASP A 19 1.46 -10.85 2.21
C ASP A 19 1.16 -12.01 1.27
N GLN A 20 -0.11 -12.15 0.94
CA GLN A 20 -0.55 -13.22 0.04
C GLN A 20 0.31 -13.23 -1.22
N LEU A 21 0.45 -12.06 -1.81
CA LEU A 21 1.23 -11.92 -3.03
C LEU A 21 2.71 -12.20 -2.71
N LYS A 22 3.16 -11.62 -1.60
CA LYS A 22 4.54 -11.80 -1.19
C LYS A 22 4.85 -13.30 -1.09
N ASN A 23 3.95 -14.01 -0.41
CA ASN A 23 4.12 -15.44 -0.23
C ASN A 23 4.34 -16.10 -1.61
N TYR A 24 3.87 -15.41 -2.63
CA TYR A 24 4.00 -15.91 -3.99
C TYR A 24 5.04 -15.10 -4.77
N VAL A 25 6.07 -14.68 -4.05
CA VAL A 25 7.14 -13.90 -4.65
C VAL A 25 7.67 -14.65 -5.89
N ASN A 26 7.59 -15.97 -5.82
CA ASN A 26 8.06 -16.80 -6.92
C ASN A 26 7.37 -16.37 -8.21
N ASP A 27 6.27 -15.65 -8.05
CA ASP A 27 5.50 -15.17 -9.18
C ASP A 27 5.52 -13.65 -9.20
N LEU A 28 6.71 -13.10 -8.96
CA LEU A 28 6.87 -11.65 -8.95
C LEU A 28 7.92 -11.27 -10.00
N VAL A 29 7.57 -10.25 -10.79
CA VAL A 29 8.47 -9.77 -11.82
C VAL A 29 9.18 -8.52 -11.33
N PRO A 30 10.55 -8.56 -11.41
CA PRO A 30 11.36 -7.43 -10.98
C PRO A 30 11.30 -6.29 -11.98
N GLU A 31 10.56 -5.26 -11.62
CA GLU A 31 10.41 -4.09 -12.48
C GLU A 31 10.55 -2.80 -11.66
N PHE A 32 10.80 -1.72 -12.38
CA PHE A 32 10.94 -0.42 -11.73
C PHE A 32 9.63 0.02 -11.08
N LEU A 33 9.51 -0.30 -9.80
CA LEU A 33 8.32 0.05 -9.05
C LEU A 33 8.65 1.18 -8.07
N PRO A 34 7.82 2.26 -8.13
CA PRO A 34 8.02 3.41 -7.26
C PRO A 34 7.57 3.09 -5.83
N ALA A 35 8.47 3.37 -4.88
CA ALA A 35 8.18 3.12 -3.49
C ALA A 35 8.65 4.31 -2.66
N PRO A 36 7.66 5.00 -2.03
CA PRO A 36 7.95 6.16 -1.20
C PRO A 36 8.55 5.74 0.13
N GLU A 37 9.81 6.11 0.33
CA GLU A 37 10.51 5.79 1.55
C GLU A 37 10.48 6.97 2.51
N ASP A 38 10.02 6.70 3.73
CA ASP A 38 9.94 7.75 4.75
C ASP A 38 9.03 8.86 4.25
N VAL A 39 7.75 8.76 4.64
CA VAL A 39 6.78 9.75 4.24
C VAL A 39 6.29 10.50 5.49
N GLU A 40 6.02 11.79 5.29
CA GLU A 40 5.55 12.63 6.38
C GLU A 40 4.29 12.02 7.01
N THR A 41 4.10 12.35 8.28
CA THR A 41 2.94 11.85 9.01
C THR A 41 1.69 11.87 8.11
N ASN A 42 1.53 12.99 7.41
CA ASN A 42 0.39 13.15 6.52
C ASN A 42 0.88 13.05 5.07
N CYS A 43 1.61 11.99 4.79
CA CYS A 43 2.13 11.77 3.45
C CYS A 43 1.83 10.32 3.06
N GLU A 44 2.05 9.42 4.01
CA GLU A 44 1.81 8.01 3.77
C GLU A 44 0.60 7.83 2.86
N TRP A 45 -0.37 8.73 3.01
CA TRP A 45 -1.58 8.67 2.21
C TRP A 45 -1.22 9.09 0.78
N SER A 46 -0.70 10.30 0.66
CA SER A 46 -0.31 10.82 -0.64
C SER A 46 0.64 9.85 -1.33
N ALA A 47 1.30 9.04 -0.52
CA ALA A 47 2.25 8.06 -1.04
C ALA A 47 1.48 6.81 -1.49
N PHE A 48 0.30 6.65 -0.92
CA PHE A 48 -0.53 5.51 -1.24
C PHE A 48 -0.71 5.37 -2.76
N SER A 49 -0.78 6.52 -3.42
CA SER A 49 -0.95 6.55 -4.86
C SER A 49 0.26 5.91 -5.54
N CYS A 50 1.43 6.43 -5.19
CA CYS A 50 2.67 5.91 -5.76
C CYS A 50 2.71 4.40 -5.56
N PHE A 51 1.95 3.95 -4.57
CA PHE A 51 1.89 2.54 -4.25
C PHE A 51 0.82 1.84 -5.09
N GLN A 52 -0.38 2.40 -5.07
CA GLN A 52 -1.49 1.85 -5.82
C GLN A 52 -1.26 2.03 -7.31
N LYS A 53 -0.25 2.83 -7.63
CA LYS A 53 0.09 3.09 -9.02
C LYS A 53 1.24 2.17 -9.45
N ALA A 54 2.07 1.83 -8.48
CA ALA A 54 3.20 0.96 -8.74
C ALA A 54 2.76 -0.20 -9.64
N GLN A 55 1.56 -0.70 -9.37
CA GLN A 55 1.00 -1.79 -10.15
C GLN A 55 1.88 -3.03 -10.00
N LEU A 56 1.38 -4.00 -9.24
CA LEU A 56 2.10 -5.24 -9.02
C LEU A 56 1.95 -6.14 -10.24
N LYS A 57 3.07 -6.72 -10.66
CA LYS A 57 3.08 -7.61 -11.80
C LYS A 57 3.82 -8.89 -11.44
N SER A 58 3.20 -10.01 -11.78
CA SER A 58 3.79 -11.31 -11.50
C SER A 58 4.66 -11.75 -12.68
N ALA A 59 5.63 -12.60 -12.37
CA ALA A 59 6.53 -13.11 -13.39
C ALA A 59 5.72 -13.86 -14.46
N ASN A 60 4.49 -14.17 -14.10
CA ASN A 60 3.61 -14.88 -15.01
C ASN A 60 4.29 -16.17 -15.48
N THR A 61 4.53 -17.05 -14.52
CA THR A 61 5.18 -18.33 -14.81
C THR A 61 4.69 -19.40 -13.84
N GLY A 62 3.49 -19.18 -13.31
CA GLY A 62 2.92 -20.13 -12.37
C GLY A 62 1.38 -20.02 -12.36
N ASN A 63 0.77 -20.86 -11.54
CA ASN A 63 -0.68 -20.85 -11.43
C ASN A 63 -1.13 -19.67 -10.57
N ASN A 64 -0.29 -19.34 -9.59
CA ASN A 64 -0.59 -18.24 -8.70
C ASN A 64 -0.86 -16.97 -9.53
N GLU A 65 -0.37 -17.00 -10.76
CA GLU A 65 -0.55 -15.88 -11.66
C GLU A 65 -1.97 -15.33 -11.54
N ARG A 66 -2.88 -16.21 -11.17
CA ARG A 66 -4.28 -15.83 -11.02
C ARG A 66 -4.53 -15.27 -9.62
N ILE A 67 -3.96 -15.95 -8.64
CA ILE A 67 -4.11 -15.52 -7.25
C ILE A 67 -3.40 -14.18 -7.06
N ILE A 68 -2.65 -13.79 -8.07
CA ILE A 68 -1.92 -12.54 -8.03
C ILE A 68 -2.77 -11.43 -8.64
N ASN A 69 -3.36 -11.73 -9.78
CA ASN A 69 -4.21 -10.77 -10.48
C ASN A 69 -5.28 -10.27 -9.53
N VAL A 70 -5.56 -11.07 -8.51
CA VAL A 70 -6.56 -10.71 -7.52
C VAL A 70 -6.01 -9.60 -6.63
N SER A 71 -4.73 -9.68 -6.35
CA SER A 71 -4.07 -8.70 -5.51
C SER A 71 -4.00 -7.36 -6.24
N ILE A 72 -4.31 -7.41 -7.53
CA ILE A 72 -4.28 -6.21 -8.35
C ILE A 72 -5.47 -5.32 -7.99
N LYS A 73 -6.66 -5.83 -8.25
CA LYS A 73 -7.88 -5.11 -7.96
C LYS A 73 -7.75 -4.43 -6.59
N LYS A 74 -7.32 -5.22 -5.62
CA LYS A 74 -7.15 -4.71 -4.27
C LYS A 74 -6.02 -3.69 -4.25
N LEU A 75 -4.81 -4.18 -4.50
CA LEU A 75 -3.64 -3.33 -4.52
C LEU A 75 -4.00 -2.00 -5.19
N LYS A 76 -4.77 -2.10 -6.27
CA LYS A 76 -5.17 -0.92 -7.01
C LYS A 76 -6.36 -0.27 -6.30
N ARG A 77 -6.16 0.01 -5.02
CA ARG A 77 -7.20 0.64 -4.22
C ARG A 77 -7.19 2.16 -4.41
N LYS A 78 -8.25 2.79 -3.95
CA LYS A 78 -8.37 4.23 -4.06
C LYS A 78 -8.14 4.88 -2.69
N PRO A 79 -7.45 6.05 -2.72
CA PRO A 79 -7.16 6.76 -1.49
C PRO A 79 -8.41 7.47 -0.96
N PRO A 80 -8.25 8.08 0.25
CA PRO A 80 -9.36 8.80 0.87
C PRO A 80 -9.61 10.13 0.18
N SER A 81 -8.86 11.14 0.61
CA SER A 81 -8.99 12.47 0.06
C SER A 81 -8.16 12.58 -1.22
N THR A 82 -8.46 11.70 -2.17
CA THR A 82 -7.75 11.69 -3.44
C THR A 82 -6.28 12.08 -3.23
N ASN A 83 -5.51 11.12 -2.72
CA ASN A 83 -4.10 11.35 -2.47
C ASN A 83 -3.95 12.37 -1.33
N ALA A 84 -4.37 13.59 -1.61
CA ALA A 84 -4.28 14.66 -0.62
C ALA A 84 -5.61 15.41 -0.57
N GLY A 85 -6.10 15.77 -1.75
CA GLY A 85 -7.37 16.48 -1.84
C GLY A 85 -7.27 17.61 -2.88
N ARG A 86 -7.62 17.26 -4.11
CA ARG A 86 -7.57 18.23 -5.20
C ARG A 86 -6.20 18.89 -5.28
N ARG A 87 -6.10 19.87 -6.15
CA ARG A 87 -4.84 20.59 -6.33
C ARG A 87 -4.28 21.02 -4.98
N GLN A 88 -2.96 21.20 -4.95
CA GLN A 88 -2.30 21.62 -3.72
C GLN A 88 -2.54 20.60 -2.61
N LYS A 89 -1.53 19.79 -2.36
CA LYS A 89 -1.62 18.77 -1.32
C LYS A 89 -2.34 19.35 -0.11
N HIS A 90 -2.08 20.62 0.15
CA HIS A 90 -2.70 21.30 1.27
C HIS A 90 -2.14 20.75 2.58
N ARG A 91 -2.35 19.45 2.78
CA ARG A 91 -1.88 18.78 3.98
C ARG A 91 -0.36 18.88 4.07
N LEU A 92 0.11 20.04 4.53
CA LEU A 92 1.53 20.26 4.67
C LEU A 92 2.25 19.75 3.43
N THR A 93 3.58 19.69 3.53
CA THR A 93 4.40 19.22 2.43
C THR A 93 4.56 17.70 2.49
N CYS A 94 5.34 17.17 1.56
CA CYS A 94 5.59 15.75 1.51
C CYS A 94 6.47 15.46 0.29
N PRO A 95 7.36 14.45 0.45
CA PRO A 95 8.26 14.06 -0.62
C PRO A 95 7.52 13.27 -1.70
N SER A 96 7.68 13.73 -2.93
CA SER A 96 7.04 13.09 -4.05
C SER A 96 7.88 11.90 -4.53
N CYS A 97 7.46 11.32 -5.64
CA CYS A 97 8.16 10.17 -6.21
C CYS A 97 9.25 10.70 -7.14
N ASP A 98 10.46 10.78 -6.61
CA ASP A 98 11.59 11.26 -7.39
C ASP A 98 12.84 11.27 -6.51
N SER A 99 12.64 11.72 -5.27
CA SER A 99 13.74 11.79 -4.32
C SER A 99 14.39 10.41 -4.15
N TYR A 100 13.58 9.39 -4.40
CA TYR A 100 14.05 8.02 -4.27
C TYR A 100 13.84 7.25 -5.58
N GLU A 101 14.75 6.31 -5.83
CA GLU A 101 14.68 5.50 -7.03
C GLU A 101 13.55 4.47 -6.92
N LYS A 102 13.61 3.48 -7.78
CA LYS A 102 12.61 2.43 -7.78
C LYS A 102 12.97 1.37 -6.74
N LYS A 103 12.40 0.19 -6.89
CA LYS A 103 12.65 -0.91 -5.98
C LYS A 103 11.96 -2.17 -6.49
N PRO A 104 12.33 -3.32 -5.88
CA PRO A 104 11.76 -4.60 -6.26
C PRO A 104 10.34 -4.74 -5.73
N PRO A 105 9.67 -5.85 -6.16
CA PRO A 105 8.31 -6.12 -5.73
C PRO A 105 8.27 -6.60 -4.28
N LYS A 106 9.15 -7.55 -3.98
CA LYS A 106 9.22 -8.10 -2.64
C LYS A 106 9.34 -6.96 -1.63
N GLU A 107 10.16 -5.98 -1.97
CA GLU A 107 10.37 -4.83 -1.11
C GLU A 107 9.18 -3.88 -1.19
N PHE A 108 8.80 -3.57 -2.43
CA PHE A 108 7.69 -2.67 -2.66
C PHE A 108 6.46 -3.09 -1.85
N LEU A 109 6.31 -4.41 -1.71
CA LEU A 109 5.20 -4.96 -0.98
C LEU A 109 5.52 -4.95 0.53
N GLU A 110 6.75 -5.33 0.83
CA GLU A 110 7.20 -5.37 2.21
C GLU A 110 7.02 -3.99 2.86
N ARG A 111 6.99 -2.97 2.02
CA ARG A 111 6.83 -1.60 2.49
C ARG A 111 5.36 -1.21 2.47
N PHE A 112 4.72 -1.51 1.36
CA PHE A 112 3.30 -1.19 1.19
C PHE A 112 2.50 -1.63 2.42
N LYS A 113 2.57 -2.94 2.68
CA LYS A 113 1.85 -3.50 3.82
C LYS A 113 2.14 -2.67 5.07
N SER A 114 3.41 -2.32 5.23
CA SER A 114 3.82 -1.52 6.37
C SER A 114 3.15 -0.15 6.33
N LEU A 115 3.36 0.54 5.21
CA LEU A 115 2.78 1.86 5.04
C LEU A 115 1.33 1.85 5.51
N LEU A 116 0.59 0.87 5.02
CA LEU A 116 -0.82 0.73 5.38
C LEU A 116 -0.93 0.61 6.91
N GLN A 117 -0.23 -0.38 7.44
CA GLN A 117 -0.25 -0.61 8.87
C GLN A 117 0.39 0.56 9.62
N LYS A 118 0.96 1.47 8.83
CA LYS A 118 1.60 2.64 9.39
C LYS A 118 0.54 3.70 9.71
N MET A 119 -0.02 4.27 8.66
CA MET A 119 -1.04 5.29 8.82
C MET A 119 -2.44 4.69 8.69
N ILE A 120 -2.71 4.16 7.51
CA ILE A 120 -4.00 3.55 7.24
C ILE A 120 -4.51 2.86 8.51
N HIS A 121 -3.80 1.81 8.91
CA HIS A 121 -4.16 1.07 10.10
C HIS A 121 -4.68 2.03 11.17
N GLN A 122 -3.86 3.04 11.45
CA GLN A 122 -4.23 4.03 12.45
C GLN A 122 -5.74 4.28 12.43
N HIS A 123 -6.29 4.23 11.22
CA HIS A 123 -7.72 4.45 11.05
C HIS A 123 -8.49 3.79 12.20
N LEU A 124 -8.10 2.55 12.49
CA LEU A 124 -8.74 1.80 13.56
C LEU A 124 -7.97 2.02 14.87
N SER A 125 -6.66 1.90 14.77
CA SER A 125 -5.79 2.08 15.92
C SER A 125 -6.08 0.99 16.96
N SER A 126 -5.15 0.06 17.06
CA SER A 126 -5.30 -1.04 18.00
C SER A 126 -3.93 -1.70 18.25
N ARG A 127 -3.40 -2.30 17.19
CA ARG A 127 -2.11 -2.96 17.27
C ARG A 127 -2.24 -4.27 18.07
N THR A 128 -1.83 -5.35 17.43
CA THR A 128 -1.88 -6.66 18.06
C THR A 128 -0.97 -7.64 17.34
N HIS A 129 0.31 -7.32 17.33
CA HIS A 129 1.30 -8.17 16.68
C HIS A 129 1.68 -9.32 17.61
N GLY A 130 2.51 -10.22 17.08
CA GLY A 130 2.95 -11.36 17.85
C GLY A 130 4.47 -11.33 18.06
N SER A 131 5.16 -12.23 17.38
CA SER A 131 6.60 -12.31 17.48
C SER A 131 7.17 -13.08 16.30
N GLU A 132 8.49 -13.00 16.16
CA GLU A 132 9.16 -13.70 15.08
C GLU A 132 10.00 -14.85 15.62
N ASP A 133 9.66 -16.06 15.19
CA ASP A 133 10.36 -17.25 15.62
C ASP A 133 11.85 -17.08 15.35
N SER A 134 12.16 -16.69 14.12
CA SER A 134 13.54 -16.50 13.72
C SER A 134 13.60 -15.81 12.35
N MET A 1 -10.85 -13.24 13.07
CA MET A 1 -11.39 -12.71 11.83
C MET A 1 -12.90 -12.93 11.75
N GLN A 2 -13.63 -11.95 12.26
CA GLN A 2 -15.08 -12.02 12.26
C GLN A 2 -15.69 -10.65 12.57
N GLY A 3 -16.25 -10.04 11.53
CA GLY A 3 -16.85 -8.72 11.68
C GLY A 3 -15.97 -7.80 12.52
N GLN A 4 -16.62 -7.01 13.36
CA GLN A 4 -15.91 -6.08 14.22
C GLN A 4 -15.35 -4.92 13.40
N ASP A 5 -16.22 -3.96 13.12
CA ASP A 5 -15.82 -2.79 12.35
C ASP A 5 -15.57 -3.21 10.90
N ARG A 6 -16.60 -3.06 10.08
CA ARG A 6 -16.49 -3.41 8.68
C ARG A 6 -15.27 -2.75 8.04
N HIS A 7 -15.10 -1.46 8.36
CA HIS A 7 -13.98 -0.71 7.82
C HIS A 7 -12.68 -1.44 8.14
N MET A 8 -12.48 -1.72 9.42
CA MET A 8 -11.28 -2.40 9.87
C MET A 8 -10.91 -3.53 8.90
N ILE A 9 -11.87 -4.40 8.64
CA ILE A 9 -11.65 -5.52 7.74
C ILE A 9 -10.89 -5.03 6.50
N ARG A 10 -11.45 -4.00 5.88
CA ARG A 10 -10.84 -3.43 4.69
C ARG A 10 -9.32 -3.37 4.86
N MET A 11 -8.90 -2.63 5.87
CA MET A 11 -7.47 -2.48 6.14
C MET A 11 -6.77 -3.84 6.13
N ARG A 12 -7.14 -4.68 7.08
CA ARG A 12 -6.55 -6.00 7.19
C ARG A 12 -6.55 -6.69 5.82
N GLN A 13 -7.70 -6.66 5.18
CA GLN A 13 -7.85 -7.28 3.87
C GLN A 13 -6.69 -6.87 2.95
N LEU A 14 -6.44 -5.57 2.93
CA LEU A 14 -5.36 -5.03 2.11
C LEU A 14 -4.04 -5.65 2.55
N ILE A 15 -3.71 -5.43 3.81
CA ILE A 15 -2.48 -5.96 4.37
C ILE A 15 -2.37 -7.46 4.05
N ASP A 16 -3.49 -8.14 4.25
CA ASP A 16 -3.54 -9.58 3.99
C ASP A 16 -3.25 -9.83 2.51
N ILE A 17 -4.06 -9.19 1.66
CA ILE A 17 -3.91 -9.34 0.22
C ILE A 17 -2.43 -9.18 -0.14
N VAL A 18 -1.79 -8.20 0.48
CA VAL A 18 -0.38 -7.94 0.22
C VAL A 18 0.42 -9.20 0.53
N ASP A 19 0.47 -9.53 1.82
CA ASP A 19 1.20 -10.70 2.27
C ASP A 19 0.87 -11.89 1.35
N GLN A 20 -0.38 -11.94 0.93
CA GLN A 20 -0.84 -13.00 0.05
C GLN A 20 0.01 -13.04 -1.22
N LEU A 21 0.13 -11.88 -1.85
CA LEU A 21 0.90 -11.76 -3.06
C LEU A 21 2.39 -11.93 -2.74
N LYS A 22 2.77 -11.42 -1.58
CA LYS A 22 4.15 -11.51 -1.15
C LYS A 22 4.51 -12.98 -0.89
N ASN A 23 3.52 -13.73 -0.43
CA ASN A 23 3.72 -15.14 -0.15
C ASN A 23 3.87 -15.90 -1.46
N TYR A 24 3.72 -15.16 -2.55
CA TYR A 24 3.84 -15.76 -3.88
C TYR A 24 4.97 -15.10 -4.69
N VAL A 25 5.79 -14.35 -3.97
CA VAL A 25 6.90 -13.65 -4.60
C VAL A 25 7.54 -14.58 -5.64
N ASN A 26 7.47 -15.87 -5.36
CA ASN A 26 8.04 -16.87 -6.26
C ASN A 26 7.63 -16.54 -7.69
N ASP A 27 6.51 -15.85 -7.82
CA ASP A 27 6.00 -15.48 -9.12
C ASP A 27 5.88 -13.95 -9.19
N LEU A 28 6.98 -13.29 -8.89
CA LEU A 28 7.02 -11.84 -8.92
C LEU A 28 8.10 -11.38 -9.90
N VAL A 29 7.74 -10.40 -10.71
CA VAL A 29 8.66 -9.86 -11.69
C VAL A 29 9.34 -8.60 -11.12
N PRO A 30 10.70 -8.65 -11.06
CA PRO A 30 11.46 -7.54 -10.54
C PRO A 30 11.51 -6.39 -11.56
N GLU A 31 10.73 -5.35 -11.28
CA GLU A 31 10.68 -4.19 -12.15
C GLU A 31 10.90 -2.91 -11.35
N PHE A 32 11.24 -1.85 -12.06
CA PHE A 32 11.48 -0.57 -11.43
C PHE A 32 10.19 0.00 -10.83
N LEU A 33 10.01 -0.27 -9.55
CA LEU A 33 8.83 0.21 -8.85
C LEU A 33 9.23 1.31 -7.87
N PRO A 34 8.42 2.41 -7.88
CA PRO A 34 8.69 3.53 -7.00
C PRO A 34 8.29 3.21 -5.56
N ALA A 35 9.15 2.47 -4.89
CA ALA A 35 8.91 2.08 -3.52
C ALA A 35 9.42 3.18 -2.58
N PRO A 36 8.47 3.81 -1.84
CA PRO A 36 8.82 4.87 -0.92
C PRO A 36 9.47 4.30 0.35
N GLU A 37 10.61 4.88 0.69
CA GLU A 37 11.33 4.44 1.87
C GLU A 37 11.13 5.43 3.02
N ASP A 38 10.41 4.96 4.04
CA ASP A 38 10.13 5.79 5.21
C ASP A 38 9.44 7.07 4.75
N VAL A 39 8.14 7.12 4.95
CA VAL A 39 7.35 8.28 4.57
C VAL A 39 6.89 9.02 5.84
N GLU A 40 6.84 10.34 5.73
CA GLU A 40 6.42 11.16 6.85
C GLU A 40 5.04 10.72 7.34
N THR A 41 4.70 11.18 8.54
CA THR A 41 3.42 10.84 9.14
C THR A 41 2.28 11.20 8.17
N ASN A 42 2.45 12.32 7.48
CA ASN A 42 1.46 12.78 6.54
C ASN A 42 1.98 12.59 5.11
N CYS A 43 2.72 11.51 4.93
CA CYS A 43 3.29 11.21 3.62
C CYS A 43 2.76 9.85 3.17
N GLU A 44 2.69 8.93 4.13
CA GLU A 44 2.21 7.59 3.86
C GLU A 44 1.08 7.63 2.81
N TRP A 45 0.32 8.73 2.86
CA TRP A 45 -0.78 8.90 1.93
C TRP A 45 -0.19 9.32 0.58
N SER A 46 0.46 10.47 0.59
CA SER A 46 1.07 10.99 -0.63
C SER A 46 1.92 9.91 -1.29
N ALA A 47 2.36 8.97 -0.47
CA ALA A 47 3.18 7.87 -0.97
C ALA A 47 2.28 6.76 -1.49
N PHE A 48 1.13 6.61 -0.85
CA PHE A 48 0.18 5.59 -1.24
C PHE A 48 0.07 5.50 -2.77
N SER A 49 -0.09 6.65 -3.39
CA SER A 49 -0.21 6.71 -4.84
C SER A 49 0.97 6.01 -5.48
N CYS A 50 2.14 6.17 -4.88
CA CYS A 50 3.35 5.56 -5.38
C CYS A 50 3.08 4.06 -5.58
N PHE A 51 2.26 3.52 -4.68
CA PHE A 51 1.93 2.11 -4.75
C PHE A 51 0.78 1.87 -5.73
N GLN A 52 0.01 2.92 -5.98
CA GLN A 52 -1.10 2.84 -6.89
C GLN A 52 -0.62 2.92 -8.34
N LYS A 53 0.57 3.48 -8.50
CA LYS A 53 1.15 3.62 -9.82
C LYS A 53 2.17 2.50 -10.05
N ALA A 54 2.85 2.14 -8.98
CA ALA A 54 3.85 1.08 -9.04
C ALA A 54 3.34 -0.03 -9.96
N GLN A 55 2.20 -0.58 -9.59
CA GLN A 55 1.60 -1.66 -10.36
C GLN A 55 2.47 -2.91 -10.30
N LEU A 56 2.16 -3.76 -9.34
CA LEU A 56 2.91 -4.99 -9.16
C LEU A 56 2.55 -5.97 -10.28
N LYS A 57 3.56 -6.69 -10.74
CA LYS A 57 3.37 -7.65 -11.81
C LYS A 57 4.14 -8.94 -11.47
N SER A 58 3.60 -10.05 -11.96
CA SER A 58 4.22 -11.34 -11.72
C SER A 58 5.07 -11.74 -12.92
N ALA A 59 6.00 -12.66 -12.66
CA ALA A 59 6.88 -13.14 -13.71
C ALA A 59 6.04 -13.68 -14.87
N ASN A 60 4.79 -13.97 -14.57
CA ASN A 60 3.87 -14.50 -15.57
C ASN A 60 4.43 -15.81 -16.12
N THR A 61 4.88 -16.66 -15.20
CA THR A 61 5.44 -17.95 -15.58
C THR A 61 4.97 -19.04 -14.61
N GLY A 62 3.85 -18.75 -13.95
CA GLY A 62 3.30 -19.71 -13.00
C GLY A 62 1.77 -19.62 -12.97
N ASN A 63 1.17 -20.49 -12.19
CA ASN A 63 -0.28 -20.53 -12.07
C ASN A 63 -0.73 -19.41 -11.14
N ASN A 64 0.12 -19.09 -10.19
CA ASN A 64 -0.19 -18.03 -9.22
C ASN A 64 -0.43 -16.73 -9.99
N GLU A 65 0.02 -16.71 -11.23
CA GLU A 65 -0.14 -15.53 -12.07
C GLU A 65 -1.53 -14.91 -11.85
N ARG A 66 -2.49 -15.78 -11.61
CA ARG A 66 -3.86 -15.34 -11.38
C ARG A 66 -4.04 -14.88 -9.94
N ILE A 67 -3.66 -15.75 -9.02
CA ILE A 67 -3.77 -15.45 -7.60
C ILE A 67 -3.00 -14.17 -7.30
N ILE A 68 -2.20 -13.74 -8.27
CA ILE A 68 -1.41 -12.54 -8.12
C ILE A 68 -2.24 -11.34 -8.57
N ASN A 69 -2.81 -11.46 -9.75
CA ASN A 69 -3.62 -10.39 -10.31
C ASN A 69 -4.86 -10.20 -9.45
N VAL A 70 -5.48 -11.33 -9.10
CA VAL A 70 -6.68 -11.30 -8.28
C VAL A 70 -6.53 -10.21 -7.21
N SER A 71 -5.36 -10.18 -6.60
CA SER A 71 -5.09 -9.19 -5.56
C SER A 71 -4.92 -7.80 -6.19
N ILE A 72 -4.16 -7.76 -7.27
CA ILE A 72 -3.90 -6.52 -7.97
C ILE A 72 -5.20 -5.70 -8.01
N LYS A 73 -6.21 -6.29 -8.62
CA LYS A 73 -7.50 -5.63 -8.73
C LYS A 73 -7.79 -4.86 -7.45
N LYS A 74 -7.46 -5.47 -6.33
CA LYS A 74 -7.67 -4.86 -5.03
C LYS A 74 -6.47 -3.97 -4.69
N LEU A 75 -5.31 -4.60 -4.61
CA LEU A 75 -4.09 -3.88 -4.29
C LEU A 75 -4.10 -2.52 -5.00
N LYS A 76 -4.74 -2.50 -6.16
CA LYS A 76 -4.83 -1.29 -6.95
C LYS A 76 -5.97 -0.42 -6.40
N ARG A 77 -5.92 -0.18 -5.10
CA ARG A 77 -6.93 0.63 -4.44
C ARG A 77 -6.44 2.07 -4.29
N LYS A 78 -7.30 2.99 -4.67
CA LYS A 78 -6.97 4.41 -4.57
C LYS A 78 -7.13 4.87 -3.12
N PRO A 79 -6.34 5.92 -2.77
CA PRO A 79 -6.38 6.46 -1.42
C PRO A 79 -7.64 7.30 -1.21
N PRO A 80 -8.53 6.78 -0.32
CA PRO A 80 -9.77 7.47 -0.02
C PRO A 80 -9.53 8.68 0.89
N SER A 81 -10.57 9.49 1.04
CA SER A 81 -10.48 10.68 1.86
C SER A 81 -9.34 11.57 1.36
N THR A 82 -8.15 11.30 1.86
CA THR A 82 -6.98 12.07 1.48
C THR A 82 -6.81 12.06 -0.04
N ASN A 83 -6.49 10.89 -0.56
CA ASN A 83 -6.30 10.74 -1.99
C ASN A 83 -5.05 11.51 -2.43
N ALA A 84 -5.14 12.83 -2.35
CA ALA A 84 -4.03 13.68 -2.72
C ALA A 84 -3.66 13.42 -4.18
N GLY A 85 -2.54 14.00 -4.59
CA GLY A 85 -2.07 13.83 -5.95
C GLY A 85 -2.88 14.71 -6.92
N ARG A 86 -4.19 14.45 -6.95
CA ARG A 86 -5.07 15.19 -7.82
C ARG A 86 -4.78 16.69 -7.74
N ARG A 87 -4.65 17.16 -6.50
CA ARG A 87 -4.36 18.57 -6.27
C ARG A 87 -3.21 18.72 -5.27
N GLN A 88 -3.47 18.22 -4.06
CA GLN A 88 -2.47 18.30 -3.01
C GLN A 88 -3.00 17.66 -1.72
N LYS A 89 -4.11 18.22 -1.23
CA LYS A 89 -4.73 17.72 -0.02
C LYS A 89 -4.05 18.35 1.20
N HIS A 90 -3.56 19.56 0.99
CA HIS A 90 -2.88 20.29 2.06
C HIS A 90 -1.77 19.42 2.65
N ARG A 91 -1.12 18.67 1.77
CA ARG A 91 -0.04 17.79 2.19
C ARG A 91 0.79 18.46 3.29
N LEU A 92 0.60 17.96 4.51
CA LEU A 92 1.32 18.50 5.66
C LEU A 92 2.82 18.31 5.44
N THR A 93 3.40 19.23 4.68
CA THR A 93 4.82 19.18 4.39
C THR A 93 5.21 17.78 3.90
N CYS A 94 5.30 17.66 2.57
CA CYS A 94 5.67 16.40 1.96
C CYS A 94 5.80 16.62 0.45
N PRO A 95 6.86 15.98 -0.12
CA PRO A 95 7.11 16.10 -1.55
C PRO A 95 6.12 15.26 -2.35
N SER A 96 6.07 15.55 -3.65
CA SER A 96 5.17 14.82 -4.54
C SER A 96 5.61 13.37 -4.66
N CYS A 97 4.75 12.57 -5.28
CA CYS A 97 5.04 11.16 -5.47
C CYS A 97 5.48 10.95 -6.92
N ASP A 98 6.77 10.69 -7.08
CA ASP A 98 7.33 10.46 -8.40
C ASP A 98 8.86 10.41 -8.30
N SER A 99 9.39 11.28 -7.45
CA SER A 99 10.83 11.34 -7.26
C SER A 99 11.19 10.78 -5.88
N TYR A 100 11.76 9.58 -5.90
CA TYR A 100 12.15 8.91 -4.67
C TYR A 100 13.25 7.89 -4.94
N GLU A 101 12.84 6.70 -5.37
CA GLU A 101 13.78 5.64 -5.65
C GLU A 101 13.03 4.38 -6.13
N LYS A 102 13.77 3.54 -6.82
CA LYS A 102 13.19 2.30 -7.34
C LYS A 102 13.53 1.15 -6.40
N LYS A 103 12.74 0.09 -6.50
CA LYS A 103 12.95 -1.09 -5.67
C LYS A 103 12.19 -2.27 -6.25
N PRO A 104 12.49 -3.47 -5.71
CA PRO A 104 11.84 -4.69 -6.17
C PRO A 104 10.40 -4.77 -5.65
N PRO A 105 9.67 -5.81 -6.14
CA PRO A 105 8.29 -6.01 -5.73
C PRO A 105 8.22 -6.59 -4.31
N LYS A 106 9.15 -7.49 -4.03
CA LYS A 106 9.20 -8.13 -2.72
C LYS A 106 9.14 -7.04 -1.63
N GLU A 107 10.07 -6.10 -1.74
CA GLU A 107 10.14 -5.01 -0.77
C GLU A 107 8.93 -4.08 -0.94
N PHE A 108 8.79 -3.57 -2.15
CA PHE A 108 7.69 -2.66 -2.45
C PHE A 108 6.39 -3.13 -1.78
N LEU A 109 6.25 -4.45 -1.70
CA LEU A 109 5.07 -5.04 -1.09
C LEU A 109 5.24 -5.04 0.43
N GLU A 110 6.42 -5.46 0.86
CA GLU A 110 6.71 -5.52 2.28
C GLU A 110 6.56 -4.13 2.91
N ARG A 111 6.67 -3.12 2.07
CA ARG A 111 6.53 -1.75 2.53
C ARG A 111 5.08 -1.29 2.44
N PHE A 112 4.48 -1.56 1.29
CA PHE A 112 3.11 -1.17 1.05
C PHE A 112 2.20 -1.65 2.20
N LYS A 113 2.20 -2.96 2.41
CA LYS A 113 1.40 -3.55 3.46
C LYS A 113 1.58 -2.74 4.75
N SER A 114 2.83 -2.45 5.06
CA SER A 114 3.15 -1.69 6.26
C SER A 114 2.49 -0.31 6.19
N LEU A 115 2.83 0.43 5.15
CA LEU A 115 2.28 1.76 4.96
C LEU A 115 0.80 1.75 5.33
N LEU A 116 0.14 0.66 4.97
CA LEU A 116 -1.27 0.52 5.26
C LEU A 116 -1.47 0.43 6.77
N GLN A 117 -0.86 -0.59 7.37
CA GLN A 117 -0.97 -0.80 8.80
C GLN A 117 -0.18 0.29 9.54
N LYS A 118 0.47 1.14 8.77
CA LYS A 118 1.25 2.21 9.35
C LYS A 118 0.34 3.42 9.61
N MET A 119 -0.07 4.06 8.54
CA MET A 119 -0.95 5.22 8.64
C MET A 119 -2.41 4.80 8.50
N ILE A 120 -2.75 4.29 7.33
CA ILE A 120 -4.11 3.86 7.06
C ILE A 120 -4.70 3.23 8.32
N HIS A 121 -3.85 2.48 9.01
CA HIS A 121 -4.28 1.82 10.24
C HIS A 121 -4.59 2.85 11.31
N GLN A 122 -3.53 3.47 11.82
CA GLN A 122 -3.66 4.48 12.85
C GLN A 122 -4.73 5.51 12.45
N HIS A 123 -4.76 5.79 11.15
CA HIS A 123 -5.72 6.74 10.63
C HIS A 123 -7.07 6.56 11.33
N LEU A 124 -7.44 5.30 11.51
CA LEU A 124 -8.70 4.98 12.16
C LEU A 124 -8.43 4.65 13.63
N SER A 125 -7.49 3.74 13.84
CA SER A 125 -7.13 3.32 15.19
C SER A 125 -6.34 4.44 15.88
N SER A 126 -6.97 5.05 16.87
CA SER A 126 -6.34 6.12 17.61
C SER A 126 -4.93 5.71 18.03
N ARG A 127 -4.10 6.72 18.27
CA ARG A 127 -2.72 6.47 18.67
C ARG A 127 -2.54 6.80 20.16
N THR A 128 -2.32 5.75 20.94
CA THR A 128 -2.13 5.90 22.37
C THR A 128 -0.67 6.24 22.68
N HIS A 129 0.20 5.31 22.32
CA HIS A 129 1.62 5.49 22.56
C HIS A 129 2.42 4.50 21.72
N GLY A 130 3.70 4.79 21.56
CA GLY A 130 4.58 3.93 20.78
C GLY A 130 5.80 4.70 20.26
N SER A 131 6.94 4.03 20.29
CA SER A 131 8.17 4.64 19.83
C SER A 131 9.26 3.57 19.67
N GLU A 132 10.03 3.72 18.61
CA GLU A 132 11.11 2.78 18.33
C GLU A 132 10.53 1.41 17.99
N ASP A 133 10.87 0.95 16.78
CA ASP A 133 10.39 -0.35 16.32
C ASP A 133 11.59 -1.27 16.08
N SER A 134 11.74 -2.24 16.98
CA SER A 134 12.83 -3.18 16.87
C SER A 134 12.51 -4.23 15.82
N MET A 1 -18.09 1.94 17.21
CA MET A 1 -16.98 1.36 16.46
C MET A 1 -16.83 -0.12 16.77
N GLN A 2 -15.96 -0.76 15.99
CA GLN A 2 -15.71 -2.19 16.17
C GLN A 2 -14.54 -2.63 15.30
N GLY A 3 -13.43 -2.93 15.96
CA GLY A 3 -12.23 -3.37 15.26
C GLY A 3 -12.42 -4.77 14.68
N GLN A 4 -13.25 -4.86 13.66
CA GLN A 4 -13.53 -6.13 13.01
C GLN A 4 -14.46 -5.93 11.82
N ASP A 5 -15.49 -5.13 12.04
CA ASP A 5 -16.46 -4.84 10.99
C ASP A 5 -15.71 -4.53 9.69
N ARG A 6 -16.48 -4.55 8.60
CA ARG A 6 -15.90 -4.26 7.29
C ARG A 6 -14.85 -3.15 7.39
N HIS A 7 -15.10 -2.25 8.33
CA HIS A 7 -14.20 -1.13 8.54
C HIS A 7 -12.75 -1.65 8.61
N MET A 8 -12.55 -2.63 9.46
CA MET A 8 -11.23 -3.22 9.63
C MET A 8 -10.77 -3.92 8.35
N ILE A 9 -11.54 -4.92 7.96
CA ILE A 9 -11.23 -5.68 6.76
C ILE A 9 -10.75 -4.72 5.67
N ARG A 10 -11.35 -3.55 5.66
CA ARG A 10 -10.99 -2.54 4.67
C ARG A 10 -9.48 -2.51 4.46
N MET A 11 -8.76 -2.32 5.55
CA MET A 11 -7.30 -2.28 5.50
C MET A 11 -6.71 -3.65 5.83
N ARG A 12 -7.44 -4.41 6.62
CA ARG A 12 -7.00 -5.73 7.02
C ARG A 12 -6.77 -6.60 5.78
N GLN A 13 -7.75 -6.58 4.89
CA GLN A 13 -7.67 -7.36 3.67
C GLN A 13 -6.48 -6.90 2.83
N LEU A 14 -6.22 -5.61 2.88
CA LEU A 14 -5.10 -5.03 2.12
C LEU A 14 -3.80 -5.64 2.61
N ILE A 15 -3.44 -5.30 3.84
CA ILE A 15 -2.21 -5.81 4.44
C ILE A 15 -2.09 -7.31 4.14
N ASP A 16 -3.20 -8.00 4.29
CA ASP A 16 -3.24 -9.43 4.04
C ASP A 16 -2.96 -9.70 2.56
N ILE A 17 -3.80 -9.10 1.72
CA ILE A 17 -3.66 -9.26 0.28
C ILE A 17 -2.19 -9.15 -0.10
N VAL A 18 -1.53 -8.14 0.46
CA VAL A 18 -0.12 -7.92 0.19
C VAL A 18 0.67 -9.15 0.61
N ASP A 19 0.52 -9.50 1.88
CA ASP A 19 1.21 -10.66 2.42
C ASP A 19 0.95 -11.88 1.52
N GLN A 20 -0.26 -11.93 0.99
CA GLN A 20 -0.64 -13.02 0.12
C GLN A 20 0.25 -13.07 -1.12
N LEU A 21 0.37 -11.92 -1.77
CA LEU A 21 1.20 -11.82 -2.97
C LEU A 21 2.66 -12.02 -2.57
N LYS A 22 3.05 -11.37 -1.48
CA LYS A 22 4.42 -11.47 -1.00
C LYS A 22 4.83 -12.94 -0.93
N ASN A 23 4.09 -13.69 -0.13
CA ASN A 23 4.36 -15.12 0.02
C ASN A 23 4.57 -15.75 -1.36
N TYR A 24 3.99 -15.11 -2.35
CA TYR A 24 4.10 -15.60 -3.72
C TYR A 24 5.06 -14.74 -4.53
N VAL A 25 6.13 -14.33 -3.87
CA VAL A 25 7.15 -13.51 -4.51
C VAL A 25 7.76 -14.27 -5.68
N ASN A 26 7.75 -15.59 -5.55
CA ASN A 26 8.29 -16.45 -6.59
C ASN A 26 7.67 -16.08 -7.93
N ASP A 27 6.53 -15.42 -7.85
CA ASP A 27 5.82 -15.00 -9.06
C ASP A 27 5.78 -13.47 -9.11
N LEU A 28 6.95 -12.88 -8.87
CA LEU A 28 7.06 -11.43 -8.90
C LEU A 28 8.11 -11.02 -9.94
N VAL A 29 7.71 -10.09 -10.79
CA VAL A 29 8.60 -9.61 -11.84
C VAL A 29 9.23 -8.29 -11.39
N PRO A 30 10.59 -8.26 -11.46
CA PRO A 30 11.33 -7.07 -11.07
C PRO A 30 11.22 -5.99 -12.14
N GLU A 31 10.49 -4.93 -11.79
CA GLU A 31 10.31 -3.82 -12.71
C GLU A 31 10.35 -2.49 -11.95
N PHE A 32 10.52 -1.41 -12.71
CA PHE A 32 10.59 -0.08 -12.12
C PHE A 32 9.28 0.28 -11.44
N LEU A 33 9.22 -0.01 -10.14
CA LEU A 33 8.04 0.29 -9.36
C LEU A 33 8.35 1.41 -8.36
N PRO A 34 7.48 2.45 -8.38
CA PRO A 34 7.66 3.58 -7.48
C PRO A 34 7.25 3.21 -6.05
N ALA A 35 8.25 3.09 -5.20
CA ALA A 35 8.01 2.75 -3.80
C ALA A 35 8.63 3.82 -2.90
N PRO A 36 7.73 4.61 -2.26
CA PRO A 36 8.17 5.67 -1.37
C PRO A 36 8.67 5.11 -0.05
N GLU A 37 9.95 5.33 0.21
CA GLU A 37 10.56 4.85 1.44
C GLU A 37 10.68 5.98 2.47
N ASP A 38 9.92 5.86 3.53
CA ASP A 38 9.94 6.86 4.58
C ASP A 38 8.98 8.00 4.20
N VAL A 39 7.75 7.88 4.67
CA VAL A 39 6.74 8.89 4.39
C VAL A 39 6.36 9.60 5.69
N GLU A 40 6.22 10.91 5.59
CA GLU A 40 5.87 11.72 6.74
C GLU A 40 4.57 11.21 7.36
N THR A 41 4.42 11.46 8.66
CA THR A 41 3.23 11.04 9.38
C THR A 41 1.99 11.23 8.51
N ASN A 42 2.06 12.24 7.64
CA ASN A 42 0.94 12.54 6.76
C ASN A 42 1.44 12.50 5.31
N CYS A 43 2.09 11.39 4.97
CA CYS A 43 2.61 11.22 3.63
C CYS A 43 2.17 9.84 3.13
N GLU A 44 2.23 8.87 4.04
CA GLU A 44 1.85 7.51 3.69
C GLU A 44 0.68 7.51 2.71
N TRP A 45 -0.19 8.49 2.86
CA TRP A 45 -1.34 8.62 1.99
C TRP A 45 -0.86 9.09 0.62
N SER A 46 -0.18 10.24 0.63
CA SER A 46 0.35 10.80 -0.60
C SER A 46 1.23 9.77 -1.31
N ALA A 47 1.68 8.80 -0.54
CA ALA A 47 2.54 7.74 -1.08
C ALA A 47 1.67 6.57 -1.53
N PHE A 48 0.43 6.57 -1.05
CA PHE A 48 -0.50 5.51 -1.39
C PHE A 48 -0.73 5.44 -2.91
N SER A 49 -0.95 6.62 -3.48
CA SER A 49 -1.19 6.71 -4.92
C SER A 49 -0.02 6.07 -5.68
N CYS A 50 1.18 6.42 -5.23
CA CYS A 50 2.39 5.89 -5.87
C CYS A 50 2.18 4.40 -6.15
N PHE A 51 1.82 3.68 -5.09
CA PHE A 51 1.60 2.25 -5.20
C PHE A 51 0.60 1.95 -6.33
N GLN A 52 -0.39 2.83 -6.46
CA GLN A 52 -1.40 2.67 -7.49
C GLN A 52 -0.75 2.60 -8.87
N LYS A 53 -0.11 3.69 -9.25
CA LYS A 53 0.55 3.76 -10.54
C LYS A 53 1.61 2.66 -10.63
N ALA A 54 1.94 2.11 -9.46
CA ALA A 54 2.94 1.06 -9.39
C ALA A 54 2.42 -0.18 -10.14
N GLN A 55 1.36 -0.76 -9.59
CA GLN A 55 0.76 -1.94 -10.20
C GLN A 55 1.73 -3.12 -10.12
N LEU A 56 1.38 -4.07 -9.26
CA LEU A 56 2.21 -5.25 -9.09
C LEU A 56 2.06 -6.15 -10.31
N LYS A 57 3.19 -6.67 -10.77
CA LYS A 57 3.20 -7.55 -11.93
C LYS A 57 3.99 -8.82 -11.60
N SER A 58 3.31 -9.95 -11.75
CA SER A 58 3.94 -11.23 -11.47
C SER A 58 4.80 -11.67 -12.66
N ALA A 59 5.78 -12.51 -12.36
CA ALA A 59 6.68 -13.00 -13.39
C ALA A 59 5.87 -13.72 -14.47
N ASN A 60 4.65 -14.06 -14.12
CA ASN A 60 3.76 -14.74 -15.04
C ASN A 60 4.42 -16.05 -15.51
N THR A 61 4.69 -16.91 -14.55
CA THR A 61 5.33 -18.19 -14.85
C THR A 61 4.89 -19.24 -13.84
N GLY A 62 3.67 -19.08 -13.34
CA GLY A 62 3.12 -20.01 -12.37
C GLY A 62 1.61 -19.82 -12.23
N ASN A 63 0.96 -20.86 -11.74
CA ASN A 63 -0.48 -20.82 -11.54
C ASN A 63 -0.84 -19.62 -10.66
N ASN A 64 -0.12 -19.51 -9.55
CA ASN A 64 -0.34 -18.43 -8.61
C ASN A 64 -0.57 -17.13 -9.39
N GLU A 65 0.03 -17.07 -10.57
CA GLU A 65 -0.10 -15.90 -11.42
C GLU A 65 -1.54 -15.39 -11.41
N ARG A 66 -2.46 -16.32 -11.16
CA ARG A 66 -3.87 -15.98 -11.12
C ARG A 66 -4.25 -15.44 -9.74
N ILE A 67 -3.75 -16.11 -8.72
CA ILE A 67 -4.02 -15.72 -7.34
C ILE A 67 -3.38 -14.36 -7.08
N ILE A 68 -2.56 -13.92 -8.03
CA ILE A 68 -1.88 -12.64 -7.91
C ILE A 68 -2.78 -11.54 -8.48
N ASN A 69 -3.28 -11.78 -9.69
CA ASN A 69 -4.14 -10.83 -10.34
C ASN A 69 -5.29 -10.43 -9.40
N VAL A 70 -5.66 -11.38 -8.56
CA VAL A 70 -6.73 -11.15 -7.60
C VAL A 70 -6.30 -10.08 -6.61
N SER A 71 -5.00 -10.07 -6.32
CA SER A 71 -4.45 -9.10 -5.38
C SER A 71 -4.31 -7.75 -6.06
N ILE A 72 -4.00 -7.78 -7.35
CA ILE A 72 -3.83 -6.57 -8.12
C ILE A 72 -5.08 -5.70 -7.97
N LYS A 73 -6.22 -6.29 -8.28
CA LYS A 73 -7.49 -5.59 -8.17
C LYS A 73 -7.52 -4.79 -6.86
N LYS A 74 -7.61 -5.52 -5.77
CA LYS A 74 -7.65 -4.90 -4.46
C LYS A 74 -6.43 -4.00 -4.28
N LEU A 75 -5.26 -4.62 -4.39
CA LEU A 75 -4.01 -3.89 -4.25
C LEU A 75 -4.15 -2.53 -4.92
N LYS A 76 -4.86 -2.52 -6.04
CA LYS A 76 -5.08 -1.28 -6.79
C LYS A 76 -6.16 -0.45 -6.08
N ARG A 77 -5.93 -0.19 -4.81
CA ARG A 77 -6.87 0.59 -4.02
C ARG A 77 -6.72 2.08 -4.35
N LYS A 78 -7.74 2.83 -3.96
CA LYS A 78 -7.74 4.27 -4.20
C LYS A 78 -7.60 5.01 -2.87
N PRO A 79 -6.98 6.22 -2.94
CA PRO A 79 -6.78 7.03 -1.76
C PRO A 79 -8.08 7.69 -1.32
N PRO A 80 -8.02 8.37 -0.14
CA PRO A 80 -9.19 9.04 0.40
C PRO A 80 -9.48 10.33 -0.36
N SER A 81 -9.54 10.21 -1.67
CA SER A 81 -9.81 11.34 -2.52
C SER A 81 -8.63 12.32 -2.47
N THR A 82 -8.39 12.84 -1.28
CA THR A 82 -7.30 13.80 -1.08
C THR A 82 -6.13 13.45 -2.01
N ASN A 83 -5.68 12.20 -1.93
CA ASN A 83 -4.58 11.74 -2.74
C ASN A 83 -3.45 12.79 -2.70
N ALA A 84 -2.45 12.54 -3.53
CA ALA A 84 -1.31 13.45 -3.59
C ALA A 84 -0.19 12.79 -4.42
N GLY A 85 0.75 13.62 -4.85
CA GLY A 85 1.87 13.14 -5.63
C GLY A 85 1.76 13.60 -7.08
N ARG A 86 1.86 14.91 -7.26
CA ARG A 86 1.77 15.50 -8.58
C ARG A 86 2.44 16.87 -8.61
N ARG A 87 1.90 17.78 -7.80
CA ARG A 87 2.44 19.12 -7.72
C ARG A 87 3.05 19.37 -6.34
N GLN A 88 2.16 19.51 -5.36
CA GLN A 88 2.60 19.74 -3.99
C GLN A 88 1.41 19.70 -3.04
N LYS A 89 1.72 19.81 -1.75
CA LYS A 89 0.68 19.78 -0.74
C LYS A 89 1.01 20.82 0.35
N HIS A 90 0.34 21.95 0.26
CA HIS A 90 0.55 23.03 1.22
C HIS A 90 0.56 22.45 2.64
N ARG A 91 -0.56 21.85 3.01
CA ARG A 91 -0.70 21.25 4.33
C ARG A 91 0.66 20.74 4.82
N LEU A 92 1.15 19.72 4.12
CA LEU A 92 2.43 19.13 4.47
C LEU A 92 3.19 18.77 3.19
N THR A 93 4.41 19.29 3.10
CA THR A 93 5.24 19.03 1.94
C THR A 93 5.27 17.54 1.62
N CYS A 94 5.93 16.79 2.50
CA CYS A 94 6.04 15.36 2.32
C CYS A 94 6.86 15.09 1.06
N PRO A 95 7.75 14.07 1.15
CA PRO A 95 8.60 13.70 0.03
C PRO A 95 7.80 12.94 -1.03
N SER A 96 8.24 13.09 -2.27
CA SER A 96 7.58 12.42 -3.38
C SER A 96 8.38 11.18 -3.80
N CYS A 97 7.94 10.58 -4.89
CA CYS A 97 8.60 9.39 -5.41
C CYS A 97 9.55 9.81 -6.52
N ASP A 98 10.75 10.23 -6.09
CA ASP A 98 11.76 10.66 -7.04
C ASP A 98 13.14 10.26 -6.52
N SER A 99 13.43 10.67 -5.30
CA SER A 99 14.70 10.36 -4.67
C SER A 99 14.88 8.85 -4.59
N TYR A 100 13.92 8.19 -3.97
CA TYR A 100 13.97 6.75 -3.82
C TYR A 100 14.47 6.08 -5.10
N GLU A 101 13.99 6.59 -6.22
CA GLU A 101 14.39 6.06 -7.51
C GLU A 101 13.89 4.62 -7.66
N LYS A 102 12.59 4.51 -7.95
CA LYS A 102 11.98 3.21 -8.13
C LYS A 102 12.49 2.25 -7.04
N LYS A 103 12.26 0.97 -7.28
CA LYS A 103 12.70 -0.05 -6.33
C LYS A 103 12.13 -1.40 -6.74
N PRO A 104 12.59 -2.47 -6.04
CA PRO A 104 12.13 -3.82 -6.33
C PRO A 104 10.71 -4.04 -5.80
N PRO A 105 10.16 -5.24 -6.12
CA PRO A 105 8.81 -5.58 -5.70
C PRO A 105 8.79 -5.93 -4.21
N LYS A 106 9.64 -6.89 -3.85
CA LYS A 106 9.72 -7.33 -2.46
C LYS A 106 9.64 -6.11 -1.54
N GLU A 107 10.33 -5.05 -1.93
CA GLU A 107 10.34 -3.83 -1.16
C GLU A 107 9.03 -3.07 -1.35
N PHE A 108 8.74 -2.76 -2.61
CA PHE A 108 7.53 -2.03 -2.94
C PHE A 108 6.33 -2.60 -2.18
N LEU A 109 6.35 -3.90 -1.98
CA LEU A 109 5.28 -4.57 -1.27
C LEU A 109 5.50 -4.43 0.24
N GLU A 110 6.74 -4.64 0.64
CA GLU A 110 7.10 -4.54 2.04
C GLU A 110 6.75 -3.15 2.58
N ARG A 111 6.74 -2.19 1.68
CA ARG A 111 6.42 -0.82 2.05
C ARG A 111 4.91 -0.59 1.99
N PHE A 112 4.32 -1.03 0.89
CA PHE A 112 2.89 -0.88 0.69
C PHE A 112 2.12 -1.41 1.90
N LYS A 113 2.26 -2.71 2.14
CA LYS A 113 1.58 -3.35 3.25
C LYS A 113 1.78 -2.50 4.52
N SER A 114 3.02 -2.10 4.73
CA SER A 114 3.36 -1.30 5.90
C SER A 114 2.60 0.03 5.85
N LEU A 115 2.87 0.80 4.82
CA LEU A 115 2.22 2.09 4.65
C LEU A 115 0.75 1.97 5.09
N LEU A 116 0.18 0.82 4.82
CA LEU A 116 -1.21 0.56 5.18
C LEU A 116 -1.32 0.44 6.70
N GLN A 117 -0.65 -0.57 7.23
CA GLN A 117 -0.67 -0.82 8.66
C GLN A 117 0.04 0.33 9.39
N LYS A 118 0.60 1.24 8.62
CA LYS A 118 1.31 2.38 9.17
C LYS A 118 0.32 3.52 9.42
N MET A 119 -0.10 4.13 8.32
CA MET A 119 -1.04 5.23 8.40
C MET A 119 -2.49 4.72 8.38
N ILE A 120 -2.86 4.15 7.25
CA ILE A 120 -4.21 3.62 7.09
C ILE A 120 -4.69 3.06 8.43
N HIS A 121 -3.91 2.12 8.95
CA HIS A 121 -4.25 1.49 10.22
C HIS A 121 -4.74 2.55 11.20
N GLN A 122 -3.94 3.59 11.35
CA GLN A 122 -4.28 4.69 12.25
C GLN A 122 -5.79 4.95 12.21
N HIS A 123 -6.32 4.95 11.00
CA HIS A 123 -7.74 5.19 10.82
C HIS A 123 -8.54 4.47 11.90
N LEU A 124 -8.32 3.17 11.98
CA LEU A 124 -9.00 2.36 12.97
C LEU A 124 -8.83 2.99 14.36
N SER A 125 -7.58 3.26 14.70
CA SER A 125 -7.28 3.87 15.98
C SER A 125 -8.02 5.19 16.13
N SER A 126 -7.66 6.14 15.27
CA SER A 126 -8.29 7.45 15.29
C SER A 126 -9.39 7.53 14.24
N ARG A 127 -10.63 7.39 14.70
CA ARG A 127 -11.77 7.44 13.82
C ARG A 127 -12.60 8.70 14.09
N THR A 128 -12.11 9.50 15.02
CA THR A 128 -12.80 10.73 15.38
C THR A 128 -12.52 11.82 14.34
N HIS A 129 -12.84 11.49 13.09
CA HIS A 129 -12.62 12.42 12.00
C HIS A 129 -13.98 12.98 11.54
N GLY A 130 -14.67 12.18 10.75
CA GLY A 130 -15.97 12.58 10.24
C GLY A 130 -16.39 11.70 9.06
N SER A 131 -15.63 11.79 7.99
CA SER A 131 -15.92 11.01 6.79
C SER A 131 -17.27 11.41 6.22
N GLU A 132 -17.23 11.98 5.03
CA GLU A 132 -18.44 12.42 4.35
C GLU A 132 -18.70 11.56 3.11
N ASP A 133 -19.83 10.86 3.14
CA ASP A 133 -20.20 10.00 2.03
C ASP A 133 -20.80 10.86 0.90
N SER A 134 -20.09 10.89 -0.21
CA SER A 134 -20.54 11.66 -1.36
C SER A 134 -21.22 10.74 -2.37
N MET A 1 -18.67 -12.96 8.86
CA MET A 1 -20.00 -13.26 9.37
C MET A 1 -20.82 -11.98 9.56
N GLN A 2 -20.14 -10.94 10.02
CA GLN A 2 -20.79 -9.66 10.23
C GLN A 2 -19.76 -8.53 10.21
N GLY A 3 -19.42 -8.10 9.01
CA GLY A 3 -18.44 -7.03 8.83
C GLY A 3 -19.11 -5.66 9.00
N GLN A 4 -18.43 -4.80 9.73
CA GLN A 4 -18.94 -3.46 9.97
C GLN A 4 -17.92 -2.42 9.50
N ASP A 5 -16.75 -2.43 10.13
CA ASP A 5 -15.70 -1.50 9.78
C ASP A 5 -15.45 -1.56 8.28
N ARG A 6 -15.44 -0.38 7.66
CA ARG A 6 -15.20 -0.29 6.24
C ARG A 6 -13.71 -0.11 5.96
N HIS A 7 -13.03 0.51 6.89
CA HIS A 7 -11.60 0.75 6.76
C HIS A 7 -10.83 -0.50 7.17
N MET A 8 -11.00 -0.88 8.43
CA MET A 8 -10.32 -2.05 8.96
C MET A 8 -10.33 -3.19 7.95
N ILE A 9 -11.32 -3.17 7.08
CA ILE A 9 -11.45 -4.19 6.05
C ILE A 9 -10.64 -3.78 4.83
N ARG A 10 -10.80 -2.52 4.44
CA ARG A 10 -10.09 -1.99 3.29
C ARG A 10 -8.58 -2.14 3.49
N MET A 11 -8.17 -2.06 4.74
CA MET A 11 -6.76 -2.17 5.08
C MET A 11 -6.36 -3.64 5.29
N ARG A 12 -7.29 -4.39 5.89
CA ARG A 12 -7.06 -5.80 6.15
C ARG A 12 -6.66 -6.52 4.86
N GLN A 13 -7.44 -6.27 3.82
CA GLN A 13 -7.18 -6.88 2.54
C GLN A 13 -5.81 -6.46 2.00
N LEU A 14 -5.57 -5.15 2.07
CA LEU A 14 -4.31 -4.59 1.60
C LEU A 14 -3.16 -5.43 2.13
N ILE A 15 -3.15 -5.60 3.44
CA ILE A 15 -2.10 -6.38 4.10
C ILE A 15 -2.29 -7.85 3.75
N ASP A 16 -3.53 -8.20 3.43
CA ASP A 16 -3.85 -9.58 3.09
C ASP A 16 -3.24 -9.91 1.72
N ILE A 17 -3.73 -9.22 0.71
CA ILE A 17 -3.25 -9.43 -0.65
C ILE A 17 -1.72 -9.35 -0.66
N VAL A 18 -1.20 -8.37 0.06
CA VAL A 18 0.23 -8.19 0.14
C VAL A 18 0.89 -9.48 0.63
N ASP A 19 0.41 -9.95 1.77
CA ASP A 19 0.93 -11.17 2.36
C ASP A 19 0.67 -12.33 1.41
N GLN A 20 -0.51 -12.30 0.80
CA GLN A 20 -0.90 -13.35 -0.13
C GLN A 20 0.05 -13.39 -1.32
N LEU A 21 0.30 -12.21 -1.88
CA LEU A 21 1.19 -12.10 -3.03
C LEU A 21 2.61 -12.44 -2.58
N LYS A 22 2.97 -11.99 -1.40
CA LYS A 22 4.29 -12.23 -0.85
C LYS A 22 4.60 -13.73 -0.96
N ASN A 23 3.77 -14.53 -0.30
CA ASN A 23 3.95 -15.97 -0.31
C ASN A 23 4.03 -16.46 -1.77
N TYR A 24 3.51 -15.63 -2.66
CA TYR A 24 3.52 -15.96 -4.08
C TYR A 24 4.62 -15.18 -4.81
N VAL A 25 5.67 -14.87 -4.08
CA VAL A 25 6.79 -14.12 -4.66
C VAL A 25 7.38 -14.92 -5.81
N ASN A 26 7.30 -16.24 -5.69
CA ASN A 26 7.84 -17.13 -6.72
C ASN A 26 7.27 -16.70 -8.08
N ASP A 27 6.16 -16.00 -8.04
CA ASP A 27 5.52 -15.52 -9.25
C ASP A 27 5.52 -14.00 -9.27
N LEU A 28 6.69 -13.43 -8.97
CA LEU A 28 6.84 -11.99 -8.96
C LEU A 28 7.93 -11.59 -9.94
N VAL A 29 7.67 -10.49 -10.65
CA VAL A 29 8.62 -9.98 -11.62
C VAL A 29 9.37 -8.80 -11.03
N PRO A 30 10.72 -8.95 -10.95
CA PRO A 30 11.57 -7.90 -10.41
C PRO A 30 11.73 -6.75 -11.40
N GLU A 31 11.00 -5.68 -11.14
CA GLU A 31 11.05 -4.50 -12.00
C GLU A 31 11.20 -3.24 -11.16
N PHE A 32 11.61 -2.17 -11.83
CA PHE A 32 11.78 -0.89 -11.16
C PHE A 32 10.46 -0.34 -10.65
N LEU A 33 10.13 -0.69 -9.42
CA LEU A 33 8.89 -0.25 -8.81
C LEU A 33 9.17 0.96 -7.93
N PRO A 34 8.36 2.03 -8.13
CA PRO A 34 8.52 3.25 -7.35
C PRO A 34 7.98 3.08 -5.94
N ALA A 35 8.84 3.32 -4.97
CA ALA A 35 8.47 3.19 -3.57
C ALA A 35 8.87 4.45 -2.82
N PRO A 36 7.94 4.93 -1.95
CA PRO A 36 8.19 6.13 -1.16
C PRO A 36 9.15 5.84 -0.02
N GLU A 37 10.21 6.64 0.03
CA GLU A 37 11.22 6.48 1.08
C GLU A 37 10.99 7.51 2.19
N ASP A 38 10.58 7.00 3.34
CA ASP A 38 10.32 7.86 4.49
C ASP A 38 9.35 8.97 4.09
N VAL A 39 8.10 8.80 4.52
CA VAL A 39 7.08 9.78 4.21
C VAL A 39 6.69 10.52 5.49
N GLU A 40 6.34 11.79 5.32
CA GLU A 40 5.95 12.62 6.45
C GLU A 40 4.79 11.97 7.21
N THR A 41 4.55 12.48 8.40
CA THR A 41 3.48 11.97 9.23
C THR A 41 2.17 11.91 8.44
N ASN A 42 1.92 12.97 7.69
CA ASN A 42 0.71 13.06 6.89
C ASN A 42 1.09 13.02 5.40
N CYS A 43 1.91 12.03 5.06
CA CYS A 43 2.35 11.87 3.69
C CYS A 43 2.08 10.42 3.26
N GLU A 44 2.30 9.52 4.19
CA GLU A 44 2.08 8.11 3.92
C GLU A 44 0.89 7.92 2.97
N TRP A 45 -0.16 8.68 3.24
CA TRP A 45 -1.36 8.63 2.41
C TRP A 45 -0.97 8.98 0.98
N SER A 46 -0.46 10.19 0.82
CA SER A 46 -0.05 10.66 -0.49
C SER A 46 0.89 9.64 -1.15
N ALA A 47 1.53 8.84 -0.30
CA ALA A 47 2.45 7.82 -0.77
C ALA A 47 1.66 6.62 -1.26
N PHE A 48 0.48 6.44 -0.68
CA PHE A 48 -0.38 5.33 -1.04
C PHE A 48 -0.55 5.24 -2.55
N SER A 49 -0.62 6.41 -3.17
CA SER A 49 -0.79 6.47 -4.62
C SER A 49 0.40 5.79 -5.31
N CYS A 50 1.59 6.10 -4.82
CA CYS A 50 2.80 5.52 -5.37
C CYS A 50 2.57 4.02 -5.58
N PHE A 51 2.39 3.32 -4.47
CA PHE A 51 2.16 1.89 -4.53
C PHE A 51 1.02 1.55 -5.48
N GLN A 52 0.19 2.55 -5.74
CA GLN A 52 -0.95 2.38 -6.63
C GLN A 52 -0.48 2.34 -8.09
N LYS A 53 0.47 3.22 -8.39
CA LYS A 53 1.01 3.31 -9.74
C LYS A 53 2.08 2.23 -9.92
N ALA A 54 2.65 1.81 -8.80
CA ALA A 54 3.68 0.79 -8.82
C ALA A 54 3.20 -0.41 -9.65
N GLN A 55 1.96 -0.82 -9.36
CA GLN A 55 1.38 -1.95 -10.07
C GLN A 55 2.25 -3.20 -9.91
N LEU A 56 1.74 -4.13 -9.12
CA LEU A 56 2.46 -5.37 -8.87
C LEU A 56 2.35 -6.28 -10.10
N LYS A 57 3.51 -6.57 -10.68
CA LYS A 57 3.57 -7.42 -11.86
C LYS A 57 4.17 -8.77 -11.49
N SER A 58 3.45 -9.82 -11.82
CA SER A 58 3.90 -11.17 -11.53
C SER A 58 4.75 -11.70 -12.68
N ALA A 59 5.68 -12.57 -12.33
CA ALA A 59 6.57 -13.16 -13.32
C ALA A 59 5.74 -13.63 -14.52
N ASN A 60 4.49 -13.92 -14.26
CA ASN A 60 3.58 -14.36 -15.31
C ASN A 60 4.22 -15.55 -16.04
N THR A 61 4.25 -16.69 -15.35
CA THR A 61 4.81 -17.89 -15.93
C THR A 61 3.86 -19.07 -15.77
N GLY A 62 2.69 -18.76 -15.24
CA GLY A 62 1.67 -19.79 -15.02
C GLY A 62 1.81 -20.41 -13.64
N ASN A 63 0.84 -20.10 -12.79
CA ASN A 63 0.84 -20.62 -11.43
C ASN A 63 0.03 -19.70 -10.53
N ASN A 64 0.69 -18.68 -10.02
CA ASN A 64 0.05 -17.72 -9.14
C ASN A 64 -0.38 -16.50 -9.95
N GLU A 65 0.19 -16.40 -11.15
CA GLU A 65 -0.12 -15.28 -12.04
C GLU A 65 -1.60 -14.93 -11.94
N ARG A 66 -2.41 -15.93 -11.66
CA ARG A 66 -3.84 -15.73 -11.53
C ARG A 66 -4.20 -15.27 -10.11
N ILE A 67 -3.64 -15.99 -9.14
CA ILE A 67 -3.90 -15.67 -7.74
C ILE A 67 -3.32 -14.28 -7.43
N ILE A 68 -2.52 -13.78 -8.37
CA ILE A 68 -1.92 -12.47 -8.21
C ILE A 68 -2.86 -11.40 -8.75
N ASN A 69 -3.36 -11.65 -9.95
CA ASN A 69 -4.27 -10.71 -10.58
C ASN A 69 -5.41 -10.38 -9.63
N VAL A 70 -5.64 -11.30 -8.69
CA VAL A 70 -6.70 -11.12 -7.71
C VAL A 70 -6.29 -10.03 -6.72
N SER A 71 -4.98 -9.96 -6.47
CA SER A 71 -4.45 -8.97 -5.55
C SER A 71 -4.36 -7.61 -6.24
N ILE A 72 -3.79 -7.63 -7.44
CA ILE A 72 -3.63 -6.41 -8.21
C ILE A 72 -4.93 -5.59 -8.13
N LYS A 73 -6.03 -6.25 -8.45
CA LYS A 73 -7.32 -5.61 -8.43
C LYS A 73 -7.45 -4.79 -7.14
N LYS A 74 -7.56 -5.50 -6.03
CA LYS A 74 -7.69 -4.86 -4.74
C LYS A 74 -6.53 -3.88 -4.54
N LEU A 75 -5.32 -4.40 -4.66
CA LEU A 75 -4.12 -3.58 -4.50
C LEU A 75 -4.35 -2.24 -5.19
N LYS A 76 -4.92 -2.30 -6.38
CA LYS A 76 -5.19 -1.10 -7.15
C LYS A 76 -6.39 -0.36 -6.54
N ARG A 77 -6.25 -0.02 -5.27
CA ARG A 77 -7.30 0.68 -4.56
C ARG A 77 -7.06 2.19 -4.60
N LYS A 78 -8.14 2.93 -4.39
CA LYS A 78 -8.06 4.38 -4.41
C LYS A 78 -7.96 4.90 -2.97
N PRO A 79 -7.24 6.04 -2.80
CA PRO A 79 -7.06 6.64 -1.50
C PRO A 79 -8.35 7.35 -1.06
N PRO A 80 -8.34 7.80 0.23
CA PRO A 80 -9.48 8.50 0.79
C PRO A 80 -9.57 9.93 0.25
N SER A 81 -10.41 10.72 0.90
CA SER A 81 -10.60 12.11 0.49
C SER A 81 -9.27 12.72 0.08
N THR A 82 -8.31 12.63 1.01
CA THR A 82 -6.98 13.17 0.77
C THR A 82 -6.20 12.27 -0.19
N ASN A 83 -6.47 12.45 -1.48
CA ASN A 83 -5.81 11.66 -2.49
C ASN A 83 -4.42 12.23 -2.75
N ALA A 84 -4.40 13.51 -3.12
CA ALA A 84 -3.14 14.19 -3.39
C ALA A 84 -2.57 13.67 -4.72
N GLY A 85 -2.31 14.62 -5.61
CA GLY A 85 -1.76 14.27 -6.91
C GLY A 85 -0.65 15.24 -7.31
N ARG A 86 -1.02 16.50 -7.42
CA ARG A 86 -0.07 17.54 -7.80
C ARG A 86 -0.65 18.93 -7.50
N ARG A 87 -1.88 19.13 -7.97
CA ARG A 87 -2.55 20.40 -7.76
C ARG A 87 -2.41 20.84 -6.30
N GLN A 88 -2.85 22.07 -6.04
CA GLN A 88 -2.79 22.62 -4.71
C GLN A 88 -3.27 21.58 -3.68
N LYS A 89 -2.41 21.33 -2.71
CA LYS A 89 -2.73 20.36 -1.67
C LYS A 89 -2.97 21.10 -0.35
N HIS A 90 -2.12 22.08 -0.10
CA HIS A 90 -2.23 22.87 1.12
C HIS A 90 -1.84 22.01 2.32
N ARG A 91 -2.58 20.92 2.50
CA ARG A 91 -2.31 20.02 3.61
C ARG A 91 -0.94 19.35 3.44
N LEU A 92 0.09 20.16 3.61
CA LEU A 92 1.45 19.67 3.49
C LEU A 92 1.68 19.17 2.06
N THR A 93 2.81 19.55 1.50
CA THR A 93 3.17 19.14 0.15
C THR A 93 4.37 18.20 0.16
N CYS A 94 4.07 16.91 0.16
CA CYS A 94 5.12 15.90 0.18
C CYS A 94 6.04 16.15 -1.01
N PRO A 95 7.32 15.74 -0.85
CA PRO A 95 8.31 15.91 -1.91
C PRO A 95 8.09 14.88 -3.02
N SER A 96 7.08 15.15 -3.84
CA SER A 96 6.75 14.26 -4.94
C SER A 96 6.46 12.86 -4.42
N CYS A 97 5.73 12.11 -5.22
CA CYS A 97 5.36 10.75 -4.86
C CYS A 97 6.48 9.81 -5.32
N ASP A 98 6.79 9.90 -6.60
CA ASP A 98 7.83 9.08 -7.19
C ASP A 98 9.04 9.95 -7.54
N SER A 99 9.87 10.20 -6.54
CA SER A 99 11.05 11.02 -6.72
C SER A 99 12.11 10.65 -5.68
N TYR A 100 12.23 9.36 -5.43
CA TYR A 100 13.20 8.86 -4.47
C TYR A 100 14.04 7.72 -5.07
N GLU A 101 13.36 6.66 -5.43
CA GLU A 101 14.03 5.51 -6.01
C GLU A 101 13.12 4.28 -5.98
N LYS A 102 13.13 3.53 -7.07
CA LYS A 102 12.31 2.34 -7.19
C LYS A 102 12.66 1.39 -6.04
N LYS A 103 12.27 0.13 -6.23
CA LYS A 103 12.53 -0.88 -5.21
C LYS A 103 12.01 -2.23 -5.72
N PRO A 104 12.42 -3.31 -4.99
CA PRO A 104 12.00 -4.65 -5.36
C PRO A 104 10.55 -4.90 -4.98
N PRO A 105 10.02 -6.08 -5.41
CA PRO A 105 8.65 -6.45 -5.12
C PRO A 105 8.49 -6.88 -3.66
N LYS A 106 9.50 -7.58 -3.17
CA LYS A 106 9.49 -8.06 -1.80
C LYS A 106 9.33 -6.87 -0.86
N GLU A 107 10.15 -5.86 -1.08
CA GLU A 107 10.12 -4.67 -0.25
C GLU A 107 8.86 -3.85 -0.56
N PHE A 108 8.73 -3.46 -1.82
CA PHE A 108 7.59 -2.69 -2.25
C PHE A 108 6.31 -3.15 -1.55
N LEU A 109 6.24 -4.45 -1.33
CA LEU A 109 5.08 -5.04 -0.66
C LEU A 109 5.26 -4.93 0.86
N GLU A 110 6.44 -5.29 1.31
CA GLU A 110 6.75 -5.24 2.73
C GLU A 110 6.68 -3.79 3.23
N ARG A 111 6.72 -2.87 2.29
CA ARG A 111 6.66 -1.45 2.61
C ARG A 111 5.22 -0.96 2.55
N PHE A 112 4.55 -1.32 1.45
CA PHE A 112 3.17 -0.91 1.25
C PHE A 112 2.29 -1.41 2.39
N LYS A 113 2.26 -2.72 2.56
CA LYS A 113 1.45 -3.33 3.61
C LYS A 113 1.74 -2.62 4.93
N SER A 114 3.02 -2.37 5.18
CA SER A 114 3.43 -1.70 6.40
C SER A 114 2.83 -0.29 6.45
N LEU A 115 3.02 0.44 5.38
CA LEU A 115 2.51 1.79 5.29
C LEU A 115 1.02 1.80 5.66
N LEU A 116 0.35 0.72 5.30
CA LEU A 116 -1.06 0.58 5.59
C LEU A 116 -1.25 0.17 7.06
N GLN A 117 -0.54 -0.89 7.44
CA GLN A 117 -0.62 -1.39 8.80
C GLN A 117 0.01 -0.39 9.76
N LYS A 118 0.58 0.66 9.19
CA LYS A 118 1.23 1.70 9.98
C LYS A 118 0.26 2.88 10.14
N MET A 119 0.07 3.60 9.05
CA MET A 119 -0.82 4.75 9.06
C MET A 119 -2.28 4.31 9.02
N ILE A 120 -2.68 3.79 7.87
CA ILE A 120 -4.04 3.33 7.68
C ILE A 120 -4.53 2.65 8.96
N HIS A 121 -3.69 1.78 9.49
CA HIS A 121 -4.01 1.06 10.71
C HIS A 121 -4.10 2.04 11.87
N GLN A 122 -2.93 2.50 12.32
CA GLN A 122 -2.88 3.43 13.42
C GLN A 122 -3.98 4.48 13.30
N HIS A 123 -4.36 4.74 12.05
CA HIS A 123 -5.40 5.72 11.78
C HIS A 123 -6.54 5.54 12.77
N LEU A 124 -6.99 4.30 12.90
CA LEU A 124 -8.08 3.98 13.80
C LEU A 124 -7.58 4.07 15.24
N SER A 125 -6.49 3.37 15.50
CA SER A 125 -5.90 3.37 16.83
C SER A 125 -6.73 2.50 17.78
N SER A 126 -8.01 2.86 17.88
CA SER A 126 -8.92 2.13 18.75
C SER A 126 -8.66 0.62 18.63
N ARG A 127 -8.31 0.03 19.76
CA ARG A 127 -8.03 -1.40 19.79
C ARG A 127 -8.35 -1.98 21.17
N THR A 128 -8.18 -3.28 21.29
CA THR A 128 -8.44 -3.96 22.54
C THR A 128 -7.17 -4.08 23.37
N HIS A 129 -6.21 -3.20 23.05
CA HIS A 129 -4.94 -3.19 23.75
C HIS A 129 -4.82 -1.89 24.56
N GLY A 130 -5.08 -0.78 23.87
CA GLY A 130 -4.99 0.52 24.50
C GLY A 130 -5.75 1.57 23.68
N SER A 131 -6.78 2.14 24.32
CA SER A 131 -7.59 3.16 23.66
C SER A 131 -7.18 4.55 24.17
N GLU A 132 -6.97 5.45 23.21
CA GLU A 132 -6.59 6.80 23.54
C GLU A 132 -7.35 7.29 24.78
N ASP A 133 -6.58 7.75 25.76
CA ASP A 133 -7.17 8.25 26.99
C ASP A 133 -8.42 9.05 26.68
N SER A 134 -9.46 8.81 27.47
CA SER A 134 -10.72 9.52 27.28
C SER A 134 -10.48 11.03 27.27
N MET A 1 -15.26 -17.44 14.19
CA MET A 1 -16.49 -16.84 13.72
C MET A 1 -16.91 -15.68 14.63
N GLN A 2 -17.07 -14.51 14.02
CA GLN A 2 -17.46 -13.33 14.76
C GLN A 2 -17.53 -12.12 13.82
N GLY A 3 -18.03 -11.02 14.36
CA GLY A 3 -18.15 -9.80 13.59
C GLY A 3 -16.89 -8.93 13.71
N GLN A 4 -16.64 -8.14 12.68
CA GLN A 4 -15.48 -7.27 12.66
C GLN A 4 -15.83 -5.92 12.03
N ASP A 5 -15.20 -4.88 12.53
CA ASP A 5 -15.44 -3.54 12.02
C ASP A 5 -15.16 -3.51 10.52
N ARG A 6 -15.93 -2.68 9.83
CA ARG A 6 -15.78 -2.55 8.39
C ARG A 6 -14.55 -1.71 8.06
N HIS A 7 -14.11 -0.94 9.04
CA HIS A 7 -12.96 -0.09 8.87
C HIS A 7 -11.69 -0.86 9.22
N MET A 8 -11.83 -1.77 10.17
CA MET A 8 -10.71 -2.59 10.61
C MET A 8 -10.29 -3.57 9.52
N ILE A 9 -11.28 -4.04 8.77
CA ILE A 9 -11.02 -4.98 7.70
C ILE A 9 -10.60 -4.21 6.45
N ARG A 10 -11.13 -3.00 6.32
CA ARG A 10 -10.82 -2.16 5.18
C ARG A 10 -9.31 -2.14 4.93
N MET A 11 -8.56 -2.08 6.02
CA MET A 11 -7.12 -2.05 5.93
C MET A 11 -6.53 -3.45 6.06
N ARG A 12 -7.25 -4.30 6.78
CA ARG A 12 -6.82 -5.67 6.98
C ARG A 12 -6.71 -6.40 5.64
N GLN A 13 -7.82 -6.43 4.92
CA GLN A 13 -7.86 -7.09 3.63
C GLN A 13 -6.64 -6.68 2.79
N LEU A 14 -6.24 -5.43 2.96
CA LEU A 14 -5.10 -4.90 2.23
C LEU A 14 -3.82 -5.62 2.70
N ILE A 15 -3.47 -5.35 3.96
CA ILE A 15 -2.28 -5.96 4.53
C ILE A 15 -2.32 -7.47 4.30
N ASP A 16 -3.53 -8.01 4.32
CA ASP A 16 -3.72 -9.44 4.11
C ASP A 16 -3.46 -9.77 2.65
N ILE A 17 -3.97 -8.92 1.77
CA ILE A 17 -3.81 -9.12 0.35
C ILE A 17 -2.31 -9.15 0.02
N VAL A 18 -1.57 -8.27 0.65
CA VAL A 18 -0.14 -8.20 0.43
C VAL A 18 0.52 -9.48 0.95
N ASP A 19 0.39 -9.67 2.26
CA ASP A 19 0.96 -10.85 2.89
C ASP A 19 0.67 -12.08 2.03
N GLN A 20 -0.46 -12.04 1.36
CA GLN A 20 -0.87 -13.14 0.51
C GLN A 20 0.03 -13.22 -0.73
N LEU A 21 0.13 -12.09 -1.42
CA LEU A 21 0.97 -12.02 -2.62
C LEU A 21 2.42 -12.22 -2.23
N LYS A 22 2.78 -11.67 -1.08
CA LYS A 22 4.14 -11.78 -0.58
C LYS A 22 4.51 -13.26 -0.45
N ASN A 23 3.60 -14.01 0.14
CA ASN A 23 3.81 -15.44 0.34
C ASN A 23 3.78 -16.15 -1.02
N TYR A 24 3.46 -15.38 -2.04
CA TYR A 24 3.38 -15.91 -3.39
C TYR A 24 4.32 -15.16 -4.34
N VAL A 25 5.31 -14.51 -3.73
CA VAL A 25 6.29 -13.75 -4.50
C VAL A 25 6.99 -14.68 -5.50
N ASN A 26 6.94 -15.97 -5.18
CA ASN A 26 7.56 -16.97 -6.04
C ASN A 26 7.20 -16.68 -7.50
N ASP A 27 6.08 -16.00 -7.68
CA ASP A 27 5.61 -15.66 -9.00
C ASP A 27 5.48 -14.14 -9.12
N LEU A 28 6.58 -13.46 -8.85
CA LEU A 28 6.60 -12.01 -8.91
C LEU A 28 7.69 -11.57 -9.89
N VAL A 29 7.32 -10.63 -10.75
CA VAL A 29 8.24 -10.11 -11.75
C VAL A 29 8.98 -8.90 -11.17
N PRO A 30 10.34 -9.03 -11.13
CA PRO A 30 11.17 -7.96 -10.61
C PRO A 30 11.26 -6.79 -11.60
N GLU A 31 10.56 -5.73 -11.27
CA GLU A 31 10.55 -4.55 -12.13
C GLU A 31 10.78 -3.29 -11.30
N PHE A 32 11.15 -2.22 -11.98
CA PHE A 32 11.41 -0.96 -11.31
C PHE A 32 10.12 -0.38 -10.73
N LEU A 33 9.88 -0.72 -9.46
CA LEU A 33 8.70 -0.25 -8.77
C LEU A 33 9.08 0.92 -7.86
N PRO A 34 8.25 1.99 -7.92
CA PRO A 34 8.49 3.17 -7.11
C PRO A 34 8.10 2.92 -5.65
N ALA A 35 9.04 3.19 -4.77
CA ALA A 35 8.81 3.00 -3.35
C ALA A 35 9.19 4.29 -2.59
N PRO A 36 8.22 4.77 -1.77
CA PRO A 36 8.43 5.98 -0.99
C PRO A 36 9.36 5.72 0.19
N GLU A 37 10.36 6.57 0.32
CA GLU A 37 11.32 6.43 1.41
C GLU A 37 11.04 7.48 2.49
N ASP A 38 10.60 7.00 3.64
CA ASP A 38 10.29 7.88 4.76
C ASP A 38 9.26 8.92 4.32
N VAL A 39 8.04 8.72 4.79
CA VAL A 39 6.95 9.62 4.45
C VAL A 39 6.44 10.30 5.73
N GLU A 40 6.19 11.59 5.63
CA GLU A 40 5.70 12.36 6.76
C GLU A 40 4.43 11.73 7.32
N THR A 41 4.11 12.10 8.55
CA THR A 41 2.92 11.58 9.20
C THR A 41 1.73 11.63 8.25
N ASN A 42 1.57 12.76 7.60
CA ASN A 42 0.47 12.95 6.66
C ASN A 42 1.01 12.84 5.23
N CYS A 43 1.85 11.83 5.02
CA CYS A 43 2.43 11.61 3.71
C CYS A 43 2.10 10.17 3.28
N GLU A 44 2.23 9.26 4.23
CA GLU A 44 1.94 7.85 3.96
C GLU A 44 0.77 7.73 2.99
N TRP A 45 -0.15 8.69 3.08
CA TRP A 45 -1.32 8.69 2.22
C TRP A 45 -0.87 9.13 0.83
N SER A 46 -0.29 10.32 0.79
CA SER A 46 0.18 10.87 -0.47
C SER A 46 1.17 9.90 -1.14
N ALA A 47 1.67 8.98 -0.33
CA ALA A 47 2.62 8.00 -0.82
C ALA A 47 1.85 6.77 -1.33
N PHE A 48 0.71 6.52 -0.72
CA PHE A 48 -0.12 5.39 -1.11
C PHE A 48 -0.39 5.39 -2.61
N SER A 49 -0.28 6.58 -3.20
CA SER A 49 -0.51 6.73 -4.62
C SER A 49 0.70 6.19 -5.40
N CYS A 50 1.82 6.08 -4.70
CA CYS A 50 3.04 5.59 -5.31
C CYS A 50 2.86 4.10 -5.60
N PHE A 51 2.07 3.46 -4.77
CA PHE A 51 1.80 2.04 -4.92
C PHE A 51 0.66 1.80 -5.92
N GLN A 52 0.00 2.89 -6.29
CA GLN A 52 -1.11 2.82 -7.22
C GLN A 52 -0.59 2.74 -8.66
N LYS A 53 0.61 3.28 -8.85
CA LYS A 53 1.22 3.28 -10.17
C LYS A 53 2.18 2.09 -10.27
N ALA A 54 2.78 1.75 -9.15
CA ALA A 54 3.71 0.63 -9.11
C ALA A 54 3.19 -0.50 -9.99
N GLN A 55 1.96 -0.92 -9.70
CA GLN A 55 1.33 -1.99 -10.45
C GLN A 55 2.11 -3.30 -10.26
N LEU A 56 1.54 -4.16 -9.43
CA LEU A 56 2.17 -5.45 -9.16
C LEU A 56 1.90 -6.39 -10.34
N LYS A 57 2.98 -7.00 -10.81
CA LYS A 57 2.90 -7.93 -11.93
C LYS A 57 3.64 -9.22 -11.57
N SER A 58 3.09 -10.33 -12.04
CA SER A 58 3.69 -11.63 -11.78
C SER A 58 4.77 -11.92 -12.82
N ALA A 59 5.65 -12.84 -12.48
CA ALA A 59 6.74 -13.21 -13.37
C ALA A 59 6.22 -13.22 -14.82
N ASN A 60 5.33 -14.15 -15.09
CA ASN A 60 4.75 -14.28 -16.42
C ASN A 60 4.27 -15.71 -16.64
N THR A 61 5.18 -16.65 -16.37
CA THR A 61 4.88 -18.05 -16.53
C THR A 61 4.38 -18.64 -15.21
N GLY A 62 4.61 -17.90 -14.14
CA GLY A 62 4.19 -18.34 -12.82
C GLY A 62 2.70 -18.74 -12.82
N ASN A 63 2.41 -19.78 -12.04
CA ASN A 63 1.05 -20.26 -11.94
C ASN A 63 0.20 -19.25 -11.16
N ASN A 64 0.76 -18.79 -10.05
CA ASN A 64 0.07 -17.83 -9.21
C ASN A 64 -0.18 -16.55 -10.01
N GLU A 65 0.52 -16.45 -11.13
CA GLU A 65 0.37 -15.29 -11.99
C GLU A 65 -1.08 -14.79 -11.99
N ARG A 66 -2.00 -15.74 -12.03
CA ARG A 66 -3.41 -15.42 -12.03
C ARG A 66 -3.85 -14.98 -10.63
N ILE A 67 -3.65 -15.87 -9.67
CA ILE A 67 -4.02 -15.59 -8.29
C ILE A 67 -3.38 -14.27 -7.86
N ILE A 68 -2.33 -13.89 -8.58
CA ILE A 68 -1.63 -12.65 -8.28
C ILE A 68 -2.35 -11.48 -8.95
N ASN A 69 -2.98 -11.80 -10.07
CA ASN A 69 -3.70 -10.79 -10.83
C ASN A 69 -5.02 -10.46 -10.11
N VAL A 70 -5.27 -11.20 -9.04
CA VAL A 70 -6.48 -11.00 -8.26
C VAL A 70 -6.28 -9.82 -7.32
N SER A 71 -5.05 -9.67 -6.85
CA SER A 71 -4.72 -8.58 -5.94
C SER A 71 -4.63 -7.26 -6.73
N ILE A 72 -4.60 -7.39 -8.04
CA ILE A 72 -4.52 -6.23 -8.91
C ILE A 72 -5.79 -5.39 -8.76
N LYS A 73 -6.92 -6.05 -8.98
CA LYS A 73 -8.21 -5.40 -8.87
C LYS A 73 -8.22 -4.50 -7.63
N LYS A 74 -7.93 -5.12 -6.49
CA LYS A 74 -7.90 -4.40 -5.23
C LYS A 74 -6.74 -3.40 -5.25
N LEU A 75 -5.55 -3.94 -5.44
CA LEU A 75 -4.34 -3.12 -5.48
C LEU A 75 -4.61 -1.88 -6.33
N LYS A 76 -5.55 -2.02 -7.25
CA LYS A 76 -5.91 -0.92 -8.13
C LYS A 76 -6.96 -0.05 -7.45
N ARG A 77 -6.68 0.27 -6.19
CA ARG A 77 -7.60 1.10 -5.41
C ARG A 77 -7.08 2.54 -5.36
N LYS A 78 -7.98 3.44 -4.98
CA LYS A 78 -7.63 4.84 -4.89
C LYS A 78 -7.54 5.23 -3.40
N PRO A 79 -6.69 6.27 -3.14
CA PRO A 79 -6.50 6.75 -1.79
C PRO A 79 -7.70 7.57 -1.32
N PRO A 80 -8.39 7.04 -0.28
CA PRO A 80 -9.55 7.71 0.28
C PRO A 80 -9.15 8.92 1.11
N SER A 81 -10.15 9.60 1.66
CA SER A 81 -9.91 10.76 2.49
C SER A 81 -9.23 11.85 1.66
N THR A 82 -7.91 11.75 1.58
CA THR A 82 -7.12 12.71 0.82
C THR A 82 -6.31 12.01 -0.25
N ASN A 83 -6.98 11.66 -1.33
CA ASN A 83 -6.33 10.98 -2.44
C ASN A 83 -4.94 11.60 -2.67
N ALA A 84 -4.93 12.93 -2.69
CA ALA A 84 -3.68 13.65 -2.91
C ALA A 84 -3.21 13.43 -4.35
N GLY A 85 -2.23 14.24 -4.74
CA GLY A 85 -1.67 14.14 -6.07
C GLY A 85 -2.25 15.23 -6.98
N ARG A 86 -1.66 16.41 -6.88
CA ARG A 86 -2.10 17.54 -7.68
C ARG A 86 -1.10 18.69 -7.57
N ARG A 87 -0.09 18.65 -8.43
CA ARG A 87 0.93 19.68 -8.44
C ARG A 87 1.24 20.13 -7.01
N GLN A 88 2.01 19.30 -6.32
CA GLN A 88 2.39 19.60 -4.95
C GLN A 88 1.29 19.15 -3.98
N LYS A 89 1.68 18.97 -2.73
CA LYS A 89 0.73 18.55 -1.70
C LYS A 89 0.42 19.74 -0.79
N HIS A 90 -0.53 20.54 -1.22
CA HIS A 90 -0.93 21.70 -0.45
C HIS A 90 -1.27 21.28 0.98
N ARG A 91 -2.03 20.20 1.08
CA ARG A 91 -2.43 19.68 2.38
C ARG A 91 -1.32 19.92 3.42
N LEU A 92 -0.28 19.11 3.32
CA LEU A 92 0.84 19.24 4.24
C LEU A 92 2.14 18.99 3.48
N THR A 93 3.24 19.02 4.23
CA THR A 93 4.54 18.79 3.64
C THR A 93 4.78 17.30 3.38
N CYS A 94 5.17 17.00 2.16
CA CYS A 94 5.42 15.63 1.76
C CYS A 94 5.96 15.62 0.33
N PRO A 95 7.02 14.79 0.13
CA PRO A 95 7.65 14.69 -1.18
C PRO A 95 6.77 13.87 -2.14
N SER A 96 6.79 14.27 -3.40
CA SER A 96 6.01 13.59 -4.41
C SER A 96 6.75 12.34 -4.89
N CYS A 97 6.14 11.65 -5.84
CA CYS A 97 6.72 10.44 -6.39
C CYS A 97 7.50 10.81 -7.66
N ASP A 98 8.81 10.79 -7.54
CA ASP A 98 9.68 11.12 -8.65
C ASP A 98 11.12 11.23 -8.18
N SER A 99 11.26 11.83 -7.00
CA SER A 99 12.58 12.01 -6.41
C SER A 99 13.29 10.65 -6.26
N TYR A 100 12.48 9.64 -5.93
CA TYR A 100 13.02 8.30 -5.77
C TYR A 100 13.17 7.60 -7.12
N GLU A 101 13.67 6.37 -7.05
CA GLU A 101 13.87 5.58 -8.26
C GLU A 101 12.86 4.43 -8.31
N LYS A 102 13.13 3.42 -7.49
CA LYS A 102 12.27 2.25 -7.42
C LYS A 102 12.76 1.32 -6.33
N LYS A 103 12.35 0.06 -6.44
CA LYS A 103 12.74 -0.95 -5.47
C LYS A 103 12.23 -2.32 -5.93
N PRO A 104 12.64 -3.37 -5.17
CA PRO A 104 12.24 -4.72 -5.48
C PRO A 104 10.78 -4.96 -5.07
N PRO A 105 10.27 -6.17 -5.44
CA PRO A 105 8.90 -6.53 -5.12
C PRO A 105 8.76 -6.89 -3.64
N LYS A 106 9.48 -7.94 -3.24
CA LYS A 106 9.45 -8.39 -1.87
C LYS A 106 9.44 -7.18 -0.94
N GLU A 107 10.24 -6.18 -1.31
CA GLU A 107 10.34 -4.97 -0.52
C GLU A 107 9.10 -4.10 -0.72
N PHE A 108 8.92 -3.66 -1.96
CA PHE A 108 7.77 -2.83 -2.29
C PHE A 108 6.52 -3.31 -1.57
N LEU A 109 6.42 -4.62 -1.42
CA LEU A 109 5.27 -5.22 -0.74
C LEU A 109 5.46 -5.10 0.77
N GLU A 110 6.66 -5.43 1.22
CA GLU A 110 6.98 -5.37 2.63
C GLU A 110 6.84 -3.94 3.14
N ARG A 111 6.92 -2.99 2.22
CA ARG A 111 6.82 -1.59 2.56
C ARG A 111 5.35 -1.15 2.51
N PHE A 112 4.67 -1.54 1.44
CA PHE A 112 3.28 -1.19 1.26
C PHE A 112 2.44 -1.76 2.40
N LYS A 113 2.49 -3.07 2.55
CA LYS A 113 1.73 -3.75 3.60
C LYS A 113 1.94 -3.02 4.92
N SER A 114 3.21 -2.79 5.24
CA SER A 114 3.56 -2.11 6.47
C SER A 114 2.97 -0.70 6.48
N LEU A 115 3.35 0.08 5.46
CA LEU A 115 2.88 1.44 5.33
C LEU A 115 1.39 1.49 5.72
N LEU A 116 0.69 0.41 5.40
CA LEU A 116 -0.72 0.32 5.70
C LEU A 116 -0.91 0.11 7.21
N GLN A 117 -0.43 -1.02 7.67
CA GLN A 117 -0.53 -1.36 9.08
C GLN A 117 0.22 -0.33 9.93
N LYS A 118 0.92 0.56 9.24
CA LYS A 118 1.68 1.60 9.91
C LYS A 118 0.78 2.82 10.13
N MET A 119 0.47 3.50 9.05
CA MET A 119 -0.38 4.68 9.12
C MET A 119 -1.86 4.30 9.01
N ILE A 120 -2.22 3.76 7.86
CA ILE A 120 -3.60 3.36 7.63
C ILE A 120 -4.18 2.80 8.92
N HIS A 121 -3.52 1.77 9.44
CA HIS A 121 -3.97 1.14 10.67
C HIS A 121 -4.43 2.22 11.66
N GLN A 122 -3.54 3.15 11.93
CA GLN A 122 -3.84 4.24 12.85
C GLN A 122 -5.28 4.70 12.67
N HIS A 123 -5.70 4.74 11.42
CA HIS A 123 -7.06 5.17 11.10
C HIS A 123 -8.03 4.59 12.13
N LEU A 124 -7.88 3.30 12.39
CA LEU A 124 -8.73 2.62 13.35
C LEU A 124 -8.59 3.29 14.71
N SER A 125 -7.34 3.43 15.14
CA SER A 125 -7.05 4.05 16.43
C SER A 125 -5.56 4.36 16.54
N SER A 126 -4.78 3.31 16.74
CA SER A 126 -3.34 3.46 16.86
C SER A 126 -2.67 2.09 16.75
N ARG A 127 -1.34 2.11 16.85
CA ARG A 127 -0.57 0.88 16.77
C ARG A 127 -0.74 0.06 18.05
N THR A 128 -0.33 -1.20 17.96
CA THR A 128 -0.43 -2.08 19.10
C THR A 128 0.62 -1.74 20.15
N HIS A 129 0.17 -1.03 21.18
CA HIS A 129 1.06 -0.62 22.25
C HIS A 129 1.79 -1.85 22.81
N GLY A 130 2.78 -1.58 23.64
CA GLY A 130 3.57 -2.65 24.24
C GLY A 130 4.59 -3.21 23.25
N SER A 131 5.25 -4.27 23.66
CA SER A 131 6.25 -4.91 22.82
C SER A 131 5.76 -6.29 22.38
N GLU A 132 6.35 -6.76 21.29
CA GLU A 132 5.98 -8.05 20.75
C GLU A 132 7.10 -8.60 19.85
N ASP A 133 7.29 -7.91 18.73
CA ASP A 133 8.31 -8.30 17.78
C ASP A 133 9.02 -7.04 17.24
N SER A 134 10.30 -7.20 16.96
CA SER A 134 11.10 -6.09 16.45
C SER A 134 12.52 -6.57 16.15
N MET A 1 -19.71 -3.44 12.43
CA MET A 1 -20.83 -2.86 13.15
C MET A 1 -21.07 -3.60 14.46
N GLN A 2 -21.28 -4.91 14.34
CA GLN A 2 -21.52 -5.74 15.51
C GLN A 2 -20.26 -6.50 15.89
N GLY A 3 -19.80 -7.33 14.96
CA GLY A 3 -18.61 -8.13 15.19
C GLY A 3 -17.41 -7.54 14.45
N GLN A 4 -17.37 -7.79 13.15
CA GLN A 4 -16.29 -7.30 12.32
C GLN A 4 -16.50 -5.82 11.99
N ASP A 5 -15.42 -5.06 12.05
CA ASP A 5 -15.48 -3.64 11.76
C ASP A 5 -15.27 -3.42 10.26
N ARG A 6 -16.36 -3.11 9.58
CA ARG A 6 -16.31 -2.88 8.15
C ARG A 6 -15.13 -1.96 7.80
N HIS A 7 -14.92 -0.97 8.65
CA HIS A 7 -13.84 -0.02 8.46
C HIS A 7 -12.52 -0.77 8.31
N MET A 8 -12.09 -1.36 9.41
CA MET A 8 -10.84 -2.11 9.42
C MET A 8 -10.67 -2.90 8.13
N ILE A 9 -11.65 -3.75 7.85
CA ILE A 9 -11.63 -4.57 6.65
C ILE A 9 -11.06 -3.76 5.50
N ARG A 10 -11.47 -2.50 5.45
CA ARG A 10 -11.02 -1.60 4.39
C ARG A 10 -9.52 -1.77 4.17
N MET A 11 -8.76 -1.55 5.24
CA MET A 11 -7.32 -1.66 5.17
C MET A 11 -6.87 -3.09 5.51
N ARG A 12 -7.61 -3.70 6.41
CA ARG A 12 -7.30 -5.06 6.84
C ARG A 12 -7.16 -5.97 5.62
N GLN A 13 -8.15 -5.90 4.74
CA GLN A 13 -8.15 -6.71 3.54
C GLN A 13 -6.88 -6.43 2.71
N LEU A 14 -6.55 -5.16 2.61
CA LEU A 14 -5.37 -4.75 1.86
C LEU A 14 -4.15 -5.51 2.38
N ILE A 15 -3.78 -5.18 3.61
CA ILE A 15 -2.63 -5.81 4.23
C ILE A 15 -2.65 -7.31 3.92
N ASP A 16 -3.84 -7.90 4.09
CA ASP A 16 -4.01 -9.32 3.83
C ASP A 16 -3.74 -9.60 2.35
N ILE A 17 -4.36 -8.79 1.51
CA ILE A 17 -4.19 -8.94 0.07
C ILE A 17 -2.70 -9.00 -0.27
N VAL A 18 -1.97 -8.00 0.22
CA VAL A 18 -0.54 -7.92 -0.03
C VAL A 18 0.11 -9.24 0.39
N ASP A 19 0.13 -9.48 1.70
CA ASP A 19 0.72 -10.69 2.24
C ASP A 19 0.38 -11.87 1.31
N GLN A 20 -0.87 -11.90 0.87
CA GLN A 20 -1.33 -12.95 -0.01
C GLN A 20 -0.44 -13.03 -1.26
N LEU A 21 -0.22 -11.88 -1.87
CA LEU A 21 0.61 -11.80 -3.06
C LEU A 21 2.08 -11.90 -2.65
N LYS A 22 2.39 -11.30 -1.51
CA LYS A 22 3.75 -11.32 -1.01
C LYS A 22 4.18 -12.77 -0.74
N ASN A 23 3.21 -13.54 -0.26
CA ASN A 23 3.47 -14.94 0.04
C ASN A 23 3.77 -15.70 -1.25
N TYR A 24 3.47 -15.05 -2.36
CA TYR A 24 3.71 -15.65 -3.67
C TYR A 24 4.82 -14.89 -4.42
N VAL A 25 5.66 -14.22 -3.65
CA VAL A 25 6.76 -13.47 -4.23
C VAL A 25 7.50 -14.34 -5.24
N ASN A 26 7.59 -15.62 -4.91
CA ASN A 26 8.27 -16.58 -5.78
C ASN A 26 7.70 -16.46 -7.20
N ASP A 27 6.49 -15.91 -7.27
CA ASP A 27 5.83 -15.73 -8.55
C ASP A 27 5.62 -14.24 -8.82
N LEU A 28 6.69 -13.48 -8.60
CA LEU A 28 6.65 -12.06 -8.82
C LEU A 28 7.72 -11.65 -9.83
N VAL A 29 7.42 -10.61 -10.58
CA VAL A 29 8.36 -10.12 -11.59
C VAL A 29 9.07 -8.87 -11.05
N PRO A 30 10.43 -8.98 -10.98
CA PRO A 30 11.23 -7.87 -10.49
C PRO A 30 11.33 -6.76 -11.55
N GLU A 31 10.76 -5.62 -11.22
CA GLU A 31 10.78 -4.48 -12.12
C GLU A 31 10.95 -3.18 -11.34
N PHE A 32 11.35 -2.15 -12.06
CA PHE A 32 11.57 -0.85 -11.44
C PHE A 32 10.26 -0.26 -10.92
N LEU A 33 10.00 -0.52 -9.64
CA LEU A 33 8.79 -0.02 -9.01
C LEU A 33 9.15 1.07 -8.00
N PRO A 34 8.41 2.20 -8.10
CA PRO A 34 8.65 3.32 -7.20
C PRO A 34 8.08 3.04 -5.80
N ALA A 35 8.99 2.73 -4.89
CA ALA A 35 8.60 2.43 -3.52
C ALA A 35 9.17 3.49 -2.58
N PRO A 36 8.25 4.28 -1.97
CA PRO A 36 8.66 5.34 -1.05
C PRO A 36 9.11 4.75 0.29
N GLU A 37 10.31 5.15 0.69
CA GLU A 37 10.86 4.68 1.95
C GLU A 37 11.05 5.84 2.92
N ASP A 38 10.36 5.74 4.05
CA ASP A 38 10.44 6.78 5.06
C ASP A 38 9.58 7.98 4.64
N VAL A 39 8.43 7.67 4.05
CA VAL A 39 7.52 8.70 3.59
C VAL A 39 7.37 9.76 4.68
N GLU A 40 7.06 10.98 4.24
CA GLU A 40 6.89 12.08 5.16
C GLU A 40 5.83 11.75 6.21
N THR A 41 5.81 12.55 7.26
CA THR A 41 4.86 12.34 8.34
C THR A 41 3.46 12.10 7.78
N ASN A 42 3.04 13.02 6.92
CA ASN A 42 1.73 12.92 6.30
C ASN A 42 1.89 12.58 4.82
N CYS A 43 2.64 11.52 4.56
CA CYS A 43 2.88 11.09 3.19
C CYS A 43 2.35 9.67 3.04
N GLU A 44 2.40 8.93 4.14
CA GLU A 44 1.92 7.56 4.13
C GLU A 44 0.67 7.43 3.27
N TRP A 45 -0.09 8.51 3.23
CA TRP A 45 -1.32 8.53 2.44
C TRP A 45 -0.94 8.83 0.99
N SER A 46 -0.23 9.93 0.80
CA SER A 46 0.20 10.33 -0.52
C SER A 46 0.97 9.20 -1.20
N ALA A 47 1.45 8.28 -0.37
CA ALA A 47 2.19 7.13 -0.86
C ALA A 47 1.22 6.05 -1.33
N PHE A 48 0.11 5.94 -0.61
CA PHE A 48 -0.89 4.96 -0.95
C PHE A 48 -1.15 4.92 -2.46
N SER A 49 -1.28 6.11 -3.03
CA SER A 49 -1.53 6.22 -4.46
C SER A 49 -0.27 5.83 -5.24
N CYS A 50 0.87 6.28 -4.74
CA CYS A 50 2.14 5.98 -5.37
C CYS A 50 2.24 4.46 -5.54
N PHE A 51 1.81 3.74 -4.52
CA PHE A 51 1.85 2.30 -4.55
C PHE A 51 1.00 1.75 -5.68
N GLN A 52 0.00 2.53 -6.06
CA GLN A 52 -0.90 2.14 -7.13
C GLN A 52 -0.19 2.24 -8.49
N LYS A 53 0.45 3.39 -8.71
CA LYS A 53 1.17 3.62 -9.94
C LYS A 53 2.15 2.47 -10.19
N ALA A 54 2.85 2.11 -9.13
CA ALA A 54 3.83 1.03 -9.22
C ALA A 54 3.25 -0.10 -10.07
N GLN A 55 2.14 -0.65 -9.59
CA GLN A 55 1.48 -1.73 -10.30
C GLN A 55 2.35 -2.99 -10.26
N LEU A 56 2.05 -3.86 -9.31
CA LEU A 56 2.79 -5.10 -9.16
C LEU A 56 2.40 -6.05 -10.29
N LYS A 57 3.37 -6.88 -10.68
CA LYS A 57 3.13 -7.85 -11.74
C LYS A 57 3.83 -9.17 -11.38
N SER A 58 3.29 -10.25 -11.91
CA SER A 58 3.85 -11.56 -11.66
C SER A 58 4.85 -11.93 -12.76
N ALA A 59 5.79 -12.80 -12.40
CA ALA A 59 6.81 -13.23 -13.34
C ALA A 59 6.18 -13.38 -14.73
N ASN A 60 4.91 -13.75 -14.74
CA ASN A 60 4.18 -13.93 -15.98
C ASN A 60 4.57 -15.28 -16.60
N THR A 61 4.79 -16.25 -15.72
CA THR A 61 5.16 -17.58 -16.17
C THR A 61 5.28 -18.53 -14.97
N GLY A 62 5.75 -17.98 -13.86
CA GLY A 62 5.90 -18.77 -12.65
C GLY A 62 4.72 -19.73 -12.47
N ASN A 63 3.69 -19.22 -11.81
CA ASN A 63 2.50 -20.02 -11.56
C ASN A 63 1.41 -19.13 -10.99
N ASN A 64 1.67 -18.60 -9.79
CA ASN A 64 0.73 -17.74 -9.12
C ASN A 64 0.70 -16.38 -9.82
N GLU A 65 0.38 -16.42 -11.12
CA GLU A 65 0.31 -15.20 -11.91
C GLU A 65 -1.08 -14.58 -11.80
N ARG A 66 -2.07 -15.30 -12.30
CA ARG A 66 -3.44 -14.83 -12.27
C ARG A 66 -3.87 -14.55 -10.82
N ILE A 67 -3.53 -15.48 -9.95
CA ILE A 67 -3.88 -15.35 -8.55
C ILE A 67 -3.27 -14.05 -8.00
N ILE A 68 -2.30 -13.54 -8.73
CA ILE A 68 -1.64 -12.31 -8.33
C ILE A 68 -2.41 -11.11 -8.90
N ASN A 69 -2.86 -11.26 -10.14
CA ASN A 69 -3.61 -10.21 -10.79
C ASN A 69 -4.83 -9.86 -9.95
N VAL A 70 -5.26 -10.83 -9.15
CA VAL A 70 -6.42 -10.63 -8.29
C VAL A 70 -6.07 -9.61 -7.21
N SER A 71 -4.82 -9.65 -6.77
CA SER A 71 -4.36 -8.74 -5.75
C SER A 71 -4.22 -7.32 -6.33
N ILE A 72 -4.30 -7.25 -7.65
CA ILE A 72 -4.18 -5.97 -8.33
C ILE A 72 -5.47 -5.17 -8.12
N LYS A 73 -6.59 -5.84 -8.33
CA LYS A 73 -7.88 -5.21 -8.16
C LYS A 73 -7.93 -4.48 -6.82
N LYS A 74 -7.83 -5.27 -5.76
CA LYS A 74 -7.85 -4.71 -4.41
C LYS A 74 -6.75 -3.67 -4.28
N LEU A 75 -5.53 -4.07 -4.62
CA LEU A 75 -4.39 -3.19 -4.55
C LEU A 75 -4.80 -1.79 -5.02
N LYS A 76 -5.51 -1.76 -6.14
CA LYS A 76 -5.96 -0.50 -6.71
C LYS A 76 -7.19 -0.02 -5.93
N ARG A 77 -6.99 0.15 -4.62
CA ARG A 77 -8.07 0.60 -3.76
C ARG A 77 -8.05 2.13 -3.66
N LYS A 78 -9.18 2.68 -3.24
CA LYS A 78 -9.31 4.12 -3.09
C LYS A 78 -8.92 4.52 -1.66
N PRO A 79 -8.09 5.58 -1.58
CA PRO A 79 -7.64 6.07 -0.29
C PRO A 79 -8.75 6.84 0.43
N PRO A 80 -9.22 6.24 1.56
CA PRO A 80 -10.28 6.86 2.35
C PRO A 80 -9.74 8.05 3.14
N SER A 81 -10.63 8.60 3.97
CA SER A 81 -10.27 9.74 4.80
C SER A 81 -9.99 10.96 3.91
N THR A 82 -8.87 10.89 3.21
CA THR A 82 -8.48 11.98 2.32
C THR A 82 -7.79 11.44 1.07
N ASN A 83 -8.60 10.79 0.24
CA ASN A 83 -8.08 10.21 -1.00
C ASN A 83 -7.07 11.17 -1.62
N ALA A 84 -7.48 12.42 -1.74
CA ALA A 84 -6.62 13.44 -2.32
C ALA A 84 -7.46 14.69 -2.65
N GLY A 85 -8.31 15.05 -1.70
CA GLY A 85 -9.17 16.21 -1.87
C GLY A 85 -9.86 16.18 -3.23
N ARG A 86 -9.89 17.34 -3.87
CA ARG A 86 -10.52 17.46 -5.17
C ARG A 86 -9.47 17.68 -6.27
N ARG A 87 -8.86 18.86 -6.23
CA ARG A 87 -7.84 19.20 -7.20
C ARG A 87 -6.45 19.02 -6.58
N GLN A 88 -6.23 19.68 -5.46
CA GLN A 88 -4.96 19.60 -4.77
C GLN A 88 -5.17 19.08 -3.35
N LYS A 89 -4.89 17.79 -3.18
CA LYS A 89 -5.04 17.17 -1.87
C LYS A 89 -4.50 18.11 -0.80
N HIS A 90 -5.31 18.27 0.25
CA HIS A 90 -4.94 19.14 1.35
C HIS A 90 -4.53 18.30 2.56
N ARG A 91 -4.38 18.97 3.68
CA ARG A 91 -3.99 18.30 4.91
C ARG A 91 -2.58 17.72 4.77
N LEU A 92 -1.92 18.12 3.69
CA LEU A 92 -0.56 17.65 3.44
C LEU A 92 -0.09 18.21 2.10
N THR A 93 1.17 18.62 2.08
CA THR A 93 1.76 19.17 0.87
C THR A 93 2.94 18.31 0.40
N CYS A 94 2.69 17.01 0.37
CA CYS A 94 3.71 16.07 -0.06
C CYS A 94 3.98 16.29 -1.55
N PRO A 95 5.26 16.10 -1.94
CA PRO A 95 5.66 16.27 -3.33
C PRO A 95 5.19 15.10 -4.19
N SER A 96 6.04 14.09 -4.27
CA SER A 96 5.73 12.90 -5.05
C SER A 96 6.64 11.74 -4.64
N CYS A 97 6.28 10.56 -5.12
CA CYS A 97 7.06 9.37 -4.80
C CYS A 97 7.91 9.01 -6.02
N ASP A 98 8.76 9.96 -6.42
CA ASP A 98 9.63 9.77 -7.56
C ASP A 98 11.07 10.08 -7.16
N SER A 99 11.22 11.20 -6.48
CA SER A 99 12.54 11.63 -6.03
C SER A 99 13.30 10.44 -5.44
N TYR A 100 12.55 9.52 -4.86
CA TYR A 100 13.15 8.33 -4.26
C TYR A 100 13.70 7.40 -5.33
N GLU A 101 14.10 6.22 -4.89
CA GLU A 101 14.65 5.22 -5.80
C GLU A 101 13.71 4.03 -5.91
N LYS A 102 13.68 3.45 -7.11
CA LYS A 102 12.82 2.29 -7.35
C LYS A 102 13.24 1.15 -6.43
N LYS A 103 12.42 0.11 -6.42
CA LYS A 103 12.68 -1.05 -5.60
C LYS A 103 12.02 -2.28 -6.21
N PRO A 104 12.36 -3.47 -5.64
CA PRO A 104 11.80 -4.73 -6.13
C PRO A 104 10.35 -4.88 -5.67
N PRO A 105 9.71 -5.97 -6.19
CA PRO A 105 8.32 -6.26 -5.83
C PRO A 105 8.22 -6.82 -4.42
N LYS A 106 9.29 -7.48 -4.00
CA LYS A 106 9.33 -8.06 -2.67
C LYS A 106 9.19 -6.96 -1.62
N GLU A 107 10.13 -6.03 -1.66
CA GLU A 107 10.11 -4.92 -0.72
C GLU A 107 8.90 -4.03 -0.97
N PHE A 108 8.70 -3.70 -2.24
CA PHE A 108 7.58 -2.86 -2.63
C PHE A 108 6.29 -3.29 -1.94
N LEU A 109 6.11 -4.60 -1.87
CA LEU A 109 4.93 -5.17 -1.25
C LEU A 109 5.12 -5.18 0.27
N GLU A 110 6.28 -5.66 0.68
CA GLU A 110 6.60 -5.74 2.10
C GLU A 110 6.52 -4.34 2.73
N ARG A 111 6.65 -3.34 1.89
CA ARG A 111 6.59 -1.96 2.36
C ARG A 111 5.15 -1.46 2.34
N PHE A 112 4.49 -1.68 1.21
CA PHE A 112 3.10 -1.26 1.06
C PHE A 112 2.23 -1.81 2.19
N LYS A 113 2.30 -3.12 2.35
CA LYS A 113 1.52 -3.79 3.39
C LYS A 113 1.78 -3.10 4.73
N SER A 114 3.05 -2.99 5.07
CA SER A 114 3.45 -2.36 6.32
C SER A 114 2.86 -0.94 6.39
N LEU A 115 3.31 -0.09 5.48
CA LEU A 115 2.83 1.28 5.44
C LEU A 115 1.35 1.31 5.81
N LEU A 116 0.60 0.37 5.27
CA LEU A 116 -0.82 0.29 5.54
C LEU A 116 -1.04 0.06 7.04
N GLN A 117 -0.51 -1.05 7.52
CA GLN A 117 -0.63 -1.39 8.93
C GLN A 117 0.22 -0.44 9.78
N LYS A 118 0.93 0.43 9.09
CA LYS A 118 1.79 1.40 9.77
C LYS A 118 0.95 2.61 10.20
N MET A 119 0.58 3.42 9.21
CA MET A 119 -0.21 4.61 9.46
C MET A 119 -1.70 4.32 9.26
N ILE A 120 -2.04 3.95 8.03
CA ILE A 120 -3.42 3.64 7.69
C ILE A 120 -4.08 2.92 8.86
N HIS A 121 -3.33 2.01 9.46
CA HIS A 121 -3.82 1.25 10.59
C HIS A 121 -4.12 2.20 11.76
N GLN A 122 -3.06 2.68 12.38
CA GLN A 122 -3.19 3.60 13.49
C GLN A 122 -4.27 4.64 13.20
N HIS A 123 -4.34 5.04 11.94
CA HIS A 123 -5.33 6.02 11.52
C HIS A 123 -6.71 5.63 12.04
N LEU A 124 -6.88 4.34 12.26
CA LEU A 124 -8.15 3.82 12.77
C LEU A 124 -8.21 4.04 14.27
N SER A 125 -7.07 3.89 14.91
CA SER A 125 -6.98 4.07 16.35
C SER A 125 -6.59 5.51 16.69
N SER A 126 -6.40 5.76 17.97
CA SER A 126 -6.02 7.08 18.43
C SER A 126 -4.86 6.99 19.42
N ARG A 127 -3.66 6.87 18.86
CA ARG A 127 -2.47 6.76 19.69
C ARG A 127 -1.21 6.88 18.82
N THR A 128 -0.20 7.52 19.39
CA THR A 128 1.05 7.71 18.68
C THR A 128 2.07 6.64 19.09
N HIS A 129 2.86 6.22 18.11
CA HIS A 129 3.88 5.20 18.37
C HIS A 129 5.16 5.58 17.63
N GLY A 130 6.28 5.17 18.22
CA GLY A 130 7.58 5.45 17.64
C GLY A 130 8.01 6.89 17.92
N SER A 131 9.30 7.13 17.76
CA SER A 131 9.85 8.45 18.01
C SER A 131 11.17 8.62 17.24
N GLU A 132 11.62 9.87 17.15
CA GLU A 132 12.85 10.18 16.45
C GLU A 132 14.04 9.62 17.23
N ASP A 133 15.08 9.25 16.50
CA ASP A 133 16.27 8.70 17.09
C ASP A 133 17.24 8.26 15.99
N SER A 134 16.74 7.40 15.11
CA SER A 134 17.54 6.90 14.02
C SER A 134 18.75 6.14 14.56
N MET A 1 -10.79 -11.86 15.91
CA MET A 1 -10.81 -10.78 14.93
C MET A 1 -12.17 -10.69 14.25
N GLN A 2 -12.56 -9.46 13.93
CA GLN A 2 -13.84 -9.22 13.27
C GLN A 2 -13.73 -8.05 12.30
N GLY A 3 -14.60 -8.05 11.32
CA GLY A 3 -14.61 -6.99 10.32
C GLY A 3 -16.03 -6.71 9.82
N GLN A 4 -16.29 -5.44 9.55
CA GLN A 4 -17.61 -5.04 9.07
C GLN A 4 -17.48 -3.89 8.08
N ASP A 5 -17.04 -2.75 8.60
CA ASP A 5 -16.87 -1.56 7.78
C ASP A 5 -16.17 -1.95 6.48
N ARG A 6 -16.31 -1.08 5.48
CA ARG A 6 -15.70 -1.33 4.19
C ARG A 6 -14.25 -0.85 4.19
N HIS A 7 -13.97 0.09 5.09
CA HIS A 7 -12.63 0.64 5.19
C HIS A 7 -11.77 -0.28 6.08
N MET A 8 -12.32 -0.60 7.24
CA MET A 8 -11.62 -1.45 8.18
C MET A 8 -11.10 -2.72 7.49
N ILE A 9 -11.97 -3.30 6.67
CA ILE A 9 -11.62 -4.51 5.95
C ILE A 9 -10.59 -4.17 4.86
N ARG A 10 -10.85 -3.06 4.17
CA ARG A 10 -9.96 -2.62 3.11
C ARG A 10 -8.51 -2.72 3.56
N MET A 11 -8.27 -2.31 4.81
CA MET A 11 -6.93 -2.35 5.36
C MET A 11 -6.37 -3.77 5.35
N ARG A 12 -7.00 -4.63 6.12
CA ARG A 12 -6.57 -6.02 6.20
C ARG A 12 -6.39 -6.60 4.79
N GLN A 13 -7.41 -6.40 3.97
CA GLN A 13 -7.37 -6.89 2.60
C GLN A 13 -5.98 -6.69 1.99
N LEU A 14 -5.57 -5.44 1.97
CA LEU A 14 -4.27 -5.08 1.43
C LEU A 14 -3.19 -5.89 2.16
N ILE A 15 -3.04 -5.58 3.44
CA ILE A 15 -2.06 -6.26 4.26
C ILE A 15 -2.12 -7.77 3.99
N ASP A 16 -3.31 -8.21 3.60
CA ASP A 16 -3.52 -9.62 3.32
C ASP A 16 -2.99 -9.94 1.93
N ILE A 17 -3.65 -9.35 0.93
CA ILE A 17 -3.25 -9.56 -0.45
C ILE A 17 -1.75 -9.32 -0.59
N VAL A 18 -1.24 -8.42 0.24
CA VAL A 18 0.17 -8.09 0.21
C VAL A 18 0.98 -9.28 0.73
N ASP A 19 0.75 -9.61 1.98
CA ASP A 19 1.44 -10.72 2.61
C ASP A 19 1.16 -12.00 1.82
N GLN A 20 0.00 -12.01 1.17
CA GLN A 20 -0.40 -13.17 0.38
C GLN A 20 0.41 -13.22 -0.92
N LEU A 21 0.23 -12.20 -1.74
CA LEU A 21 0.93 -12.11 -3.01
C LEU A 21 2.43 -12.27 -2.76
N LYS A 22 2.86 -11.83 -1.59
CA LYS A 22 4.26 -11.91 -1.22
C LYS A 22 4.70 -13.38 -1.23
N ASN A 23 3.90 -14.21 -0.58
CA ASN A 23 4.20 -15.63 -0.50
C ASN A 23 4.31 -16.20 -1.92
N TYR A 24 3.76 -15.46 -2.86
CA TYR A 24 3.79 -15.86 -4.26
C TYR A 24 4.89 -15.13 -5.02
N VAL A 25 5.90 -14.69 -4.27
CA VAL A 25 7.00 -13.97 -4.87
C VAL A 25 7.52 -14.73 -6.09
N ASN A 26 7.39 -16.05 -6.02
CA ASN A 26 7.83 -16.91 -7.10
C ASN A 26 7.21 -16.42 -8.41
N ASP A 27 6.09 -15.73 -8.28
CA ASP A 27 5.39 -15.20 -9.44
C ASP A 27 5.34 -13.68 -9.35
N LEU A 28 6.48 -13.10 -9.01
CA LEU A 28 6.58 -11.65 -8.90
C LEU A 28 7.66 -11.14 -9.84
N VAL A 29 7.22 -10.46 -10.88
CA VAL A 29 8.14 -9.91 -11.88
C VAL A 29 8.88 -8.73 -11.27
N PRO A 30 10.24 -8.86 -11.23
CA PRO A 30 11.07 -7.81 -10.68
C PRO A 30 11.18 -6.62 -11.64
N GLU A 31 10.47 -5.56 -11.28
CA GLU A 31 10.47 -4.35 -12.10
C GLU A 31 10.68 -3.11 -11.24
N PHE A 32 11.07 -2.03 -11.89
CA PHE A 32 11.30 -0.77 -11.19
C PHE A 32 10.00 -0.23 -10.59
N LEU A 33 9.76 -0.58 -9.34
CA LEU A 33 8.56 -0.14 -8.65
C LEU A 33 8.93 0.98 -7.67
N PRO A 34 8.01 1.97 -7.55
CA PRO A 34 8.23 3.10 -6.66
C PRO A 34 8.01 2.69 -5.21
N ALA A 35 8.99 3.02 -4.38
CA ALA A 35 8.93 2.69 -2.96
C ALA A 35 9.41 3.89 -2.14
N PRO A 36 8.43 4.54 -1.46
CA PRO A 36 8.76 5.70 -0.64
C PRO A 36 9.42 5.28 0.67
N GLU A 37 10.65 5.74 0.84
CA GLU A 37 11.42 5.42 2.04
C GLU A 37 11.32 6.57 3.05
N ASP A 38 10.70 6.27 4.17
CA ASP A 38 10.53 7.25 5.24
C ASP A 38 9.65 8.39 4.72
N VAL A 39 8.38 8.31 5.09
CA VAL A 39 7.41 9.32 4.68
C VAL A 39 7.05 10.19 5.88
N GLU A 40 6.84 11.47 5.61
CA GLU A 40 6.48 12.41 6.65
C GLU A 40 5.25 11.93 7.41
N THR A 41 5.03 12.54 8.57
CA THR A 41 3.90 12.17 9.40
C THR A 41 2.63 12.00 8.55
N ASN A 42 2.36 13.03 7.75
CA ASN A 42 1.20 13.00 6.87
C ASN A 42 1.66 12.85 5.42
N CYS A 43 2.45 11.82 5.19
CA CYS A 43 2.96 11.56 3.85
C CYS A 43 2.53 10.15 3.44
N GLU A 44 2.54 9.24 4.41
CA GLU A 44 2.15 7.87 4.17
C GLU A 44 1.02 7.82 3.14
N TRP A 45 0.11 8.78 3.24
CA TRP A 45 -1.02 8.86 2.34
C TRP A 45 -0.49 9.24 0.96
N SER A 46 0.19 10.36 0.90
CA SER A 46 0.76 10.85 -0.35
C SER A 46 1.62 9.75 -0.99
N ALA A 47 2.06 8.82 -0.14
CA ALA A 47 2.90 7.73 -0.60
C ALA A 47 2.01 6.61 -1.14
N PHE A 48 0.76 6.62 -0.68
CA PHE A 48 -0.20 5.61 -1.11
C PHE A 48 -0.28 5.55 -2.63
N SER A 49 -0.10 6.71 -3.26
CA SER A 49 -0.17 6.80 -4.71
C SER A 49 1.00 6.03 -5.32
N CYS A 50 2.17 6.22 -4.73
CA CYS A 50 3.37 5.55 -5.21
C CYS A 50 3.06 4.06 -5.38
N PHE A 51 2.61 3.46 -4.28
CA PHE A 51 2.27 2.04 -4.30
C PHE A 51 1.10 1.76 -5.23
N GLN A 52 0.32 2.81 -5.49
CA GLN A 52 -0.82 2.70 -6.36
C GLN A 52 -0.38 2.59 -7.82
N LYS A 53 0.49 3.52 -8.20
CA LYS A 53 1.00 3.54 -9.56
C LYS A 53 2.05 2.44 -9.72
N ALA A 54 2.39 1.81 -8.61
CA ALA A 54 3.37 0.74 -8.61
C ALA A 54 2.95 -0.33 -9.63
N GLN A 55 1.72 -0.81 -9.46
CA GLN A 55 1.18 -1.83 -10.34
C GLN A 55 1.97 -3.13 -10.18
N LEU A 56 1.43 -4.02 -9.36
CA LEU A 56 2.07 -5.30 -9.12
C LEU A 56 1.84 -6.21 -10.32
N LYS A 57 2.94 -6.77 -10.82
CA LYS A 57 2.88 -7.66 -11.96
C LYS A 57 3.62 -8.96 -11.64
N SER A 58 2.96 -10.07 -11.93
CA SER A 58 3.53 -11.38 -11.67
C SER A 58 4.40 -11.81 -12.85
N ALA A 59 5.30 -12.75 -12.58
CA ALA A 59 6.18 -13.26 -13.61
C ALA A 59 5.37 -13.95 -14.70
N ASN A 60 4.10 -14.19 -14.37
CA ASN A 60 3.20 -14.85 -15.31
C ASN A 60 3.57 -16.33 -15.41
N THR A 61 4.80 -16.57 -15.85
CA THR A 61 5.29 -17.93 -15.99
C THR A 61 5.39 -18.61 -14.63
N GLY A 62 4.24 -18.96 -14.08
CA GLY A 62 4.19 -19.61 -12.79
C GLY A 62 2.89 -20.43 -12.63
N ASN A 63 2.37 -20.42 -11.42
CA ASN A 63 1.14 -21.14 -11.13
C ASN A 63 0.12 -20.19 -10.52
N ASN A 64 0.57 -19.44 -9.52
CA ASN A 64 -0.30 -18.48 -8.85
C ASN A 64 -0.29 -17.17 -9.63
N GLU A 65 -0.46 -17.30 -10.94
CA GLU A 65 -0.48 -16.13 -11.81
C GLU A 65 -1.86 -15.47 -11.79
N ARG A 66 -2.85 -16.23 -12.27
CA ARG A 66 -4.22 -15.73 -12.30
C ARG A 66 -4.66 -15.29 -10.92
N ILE A 67 -4.25 -16.06 -9.92
CA ILE A 67 -4.59 -15.75 -8.54
C ILE A 67 -4.03 -14.37 -8.17
N ILE A 68 -2.77 -14.19 -8.48
CA ILE A 68 -2.10 -12.92 -8.19
C ILE A 68 -2.96 -11.76 -8.70
N ASN A 69 -3.61 -12.01 -9.83
CA ASN A 69 -4.47 -11.01 -10.44
C ASN A 69 -5.51 -10.56 -9.41
N VAL A 70 -5.72 -11.39 -8.41
CA VAL A 70 -6.68 -11.09 -7.37
C VAL A 70 -6.11 -10.02 -6.44
N SER A 71 -4.79 -10.06 -6.29
CA SER A 71 -4.10 -9.10 -5.44
C SER A 71 -4.02 -7.74 -6.14
N ILE A 72 -4.34 -7.76 -7.43
CA ILE A 72 -4.30 -6.54 -8.22
C ILE A 72 -5.44 -5.62 -7.78
N LYS A 73 -6.66 -6.07 -8.07
CA LYS A 73 -7.84 -5.29 -7.71
C LYS A 73 -7.63 -4.65 -6.34
N LYS A 74 -7.36 -5.50 -5.37
CA LYS A 74 -7.14 -5.03 -4.01
C LYS A 74 -6.01 -4.00 -4.01
N LEU A 75 -4.82 -4.47 -4.32
CA LEU A 75 -3.65 -3.61 -4.36
C LEU A 75 -4.03 -2.27 -5.02
N LYS A 76 -4.72 -2.39 -6.15
CA LYS A 76 -5.15 -1.21 -6.87
C LYS A 76 -6.24 -0.50 -6.08
N ARG A 77 -5.86 -0.02 -4.91
CA ARG A 77 -6.80 0.68 -4.04
C ARG A 77 -6.80 2.17 -4.38
N LYS A 78 -7.91 2.82 -4.03
CA LYS A 78 -8.06 4.24 -4.29
C LYS A 78 -7.86 5.01 -2.99
N PRO A 79 -7.09 6.13 -3.09
CA PRO A 79 -6.82 6.97 -1.94
C PRO A 79 -8.04 7.82 -1.58
N PRO A 80 -7.92 8.53 -0.43
CA PRO A 80 -9.01 9.38 0.04
C PRO A 80 -9.11 10.66 -0.79
N SER A 81 -9.44 10.47 -2.06
CA SER A 81 -9.56 11.60 -2.97
C SER A 81 -8.39 12.57 -2.78
N THR A 82 -7.20 12.01 -2.77
CA THR A 82 -6.00 12.80 -2.60
C THR A 82 -4.75 11.95 -2.79
N ASN A 83 -4.69 11.29 -3.94
CA ASN A 83 -3.56 10.44 -4.26
C ASN A 83 -2.27 11.27 -4.25
N ALA A 84 -2.28 12.33 -5.03
CA ALA A 84 -1.13 13.22 -5.12
C ALA A 84 0.02 12.47 -5.79
N GLY A 85 0.58 13.11 -6.81
CA GLY A 85 1.68 12.52 -7.55
C GLY A 85 2.15 13.45 -8.67
N ARG A 86 2.17 14.74 -8.35
CA ARG A 86 2.59 15.74 -9.32
C ARG A 86 2.49 17.15 -8.72
N ARG A 87 3.38 17.40 -7.77
CA ARG A 87 3.39 18.70 -7.10
C ARG A 87 1.98 19.26 -6.99
N GLN A 88 1.90 20.59 -6.96
CA GLN A 88 0.62 21.26 -6.86
C GLN A 88 -0.33 20.45 -5.98
N LYS A 89 -0.06 20.46 -4.68
CA LYS A 89 -0.88 19.73 -3.74
C LYS A 89 -0.68 20.33 -2.34
N HIS A 90 -1.77 20.34 -1.57
CA HIS A 90 -1.72 20.87 -0.22
C HIS A 90 -2.16 19.79 0.77
N ARG A 91 -2.90 20.23 1.78
CA ARG A 91 -3.38 19.31 2.81
C ARG A 91 -2.25 18.94 3.77
N LEU A 92 -1.15 18.46 3.18
CA LEU A 92 0.01 18.07 3.97
C LEU A 92 1.28 18.46 3.22
N THR A 93 2.13 19.22 3.91
CA THR A 93 3.38 19.65 3.32
C THR A 93 4.25 18.45 2.95
N CYS A 94 3.95 17.88 1.79
CA CYS A 94 4.70 16.73 1.31
C CYS A 94 4.96 16.92 -0.19
N PRO A 95 6.25 16.71 -0.58
CA PRO A 95 6.65 16.85 -1.97
C PRO A 95 6.17 15.66 -2.79
N SER A 96 6.73 15.55 -3.99
CA SER A 96 6.36 14.47 -4.90
C SER A 96 6.95 13.15 -4.39
N CYS A 97 6.10 12.14 -4.38
CA CYS A 97 6.53 10.82 -3.92
C CYS A 97 7.28 10.13 -5.06
N ASP A 98 6.79 10.34 -6.27
CA ASP A 98 7.41 9.75 -7.45
C ASP A 98 8.89 10.12 -7.47
N SER A 99 9.22 11.18 -6.76
CA SER A 99 10.59 11.64 -6.69
C SER A 99 11.30 11.02 -5.48
N TYR A 100 11.71 9.77 -5.66
CA TYR A 100 12.40 9.05 -4.60
C TYR A 100 13.36 8.01 -5.18
N GLU A 101 12.79 6.85 -5.51
CA GLU A 101 13.58 5.77 -6.07
C GLU A 101 12.69 4.56 -6.36
N LYS A 102 13.31 3.50 -6.84
CA LYS A 102 12.59 2.28 -7.15
C LYS A 102 12.94 1.20 -6.11
N LYS A 103 12.65 -0.04 -6.48
CA LYS A 103 12.92 -1.17 -5.59
C LYS A 103 12.23 -2.42 -6.14
N PRO A 104 12.56 -3.57 -5.51
CA PRO A 104 11.99 -4.84 -5.92
C PRO A 104 10.54 -4.96 -5.44
N PRO A 105 9.88 -6.07 -5.88
CA PRO A 105 8.49 -6.31 -5.50
C PRO A 105 8.40 -6.78 -4.06
N LYS A 106 9.25 -7.74 -3.71
CA LYS A 106 9.27 -8.29 -2.37
C LYS A 106 9.24 -7.14 -1.36
N GLU A 107 10.03 -6.12 -1.64
CA GLU A 107 10.11 -4.96 -0.77
C GLU A 107 8.87 -4.09 -0.95
N PHE A 108 8.65 -3.67 -2.18
CA PHE A 108 7.50 -2.83 -2.50
C PHE A 108 6.25 -3.33 -1.78
N LEU A 109 6.21 -4.62 -1.54
CA LEU A 109 5.08 -5.24 -0.85
C LEU A 109 5.29 -5.14 0.66
N GLU A 110 6.44 -5.59 1.10
CA GLU A 110 6.78 -5.56 2.51
C GLU A 110 6.68 -4.14 3.05
N ARG A 111 6.75 -3.18 2.13
CA ARG A 111 6.66 -1.79 2.49
C ARG A 111 5.21 -1.30 2.39
N PHE A 112 4.61 -1.56 1.24
CA PHE A 112 3.23 -1.15 1.01
C PHE A 112 2.33 -1.58 2.17
N LYS A 113 2.30 -2.88 2.41
CA LYS A 113 1.49 -3.43 3.48
C LYS A 113 1.79 -2.69 4.78
N SER A 114 3.09 -2.58 5.07
CA SER A 114 3.52 -1.89 6.28
C SER A 114 2.97 -0.47 6.30
N LEU A 115 3.24 0.26 5.22
CA LEU A 115 2.78 1.63 5.10
C LEU A 115 1.30 1.70 5.50
N LEU A 116 0.54 0.74 4.98
CA LEU A 116 -0.88 0.68 5.26
C LEU A 116 -1.09 0.46 6.75
N GLN A 117 -0.54 -0.63 7.24
CA GLN A 117 -0.65 -0.97 8.65
C GLN A 117 0.09 0.05 9.51
N LYS A 118 0.76 0.96 8.82
CA LYS A 118 1.51 2.00 9.51
C LYS A 118 0.57 3.17 9.86
N MET A 119 0.17 3.90 8.83
CA MET A 119 -0.72 5.03 9.01
C MET A 119 -2.17 4.61 8.80
N ILE A 120 -2.48 4.18 7.59
CA ILE A 120 -3.82 3.75 7.26
C ILE A 120 -4.44 3.04 8.46
N HIS A 121 -3.66 2.12 9.03
CA HIS A 121 -4.11 1.37 10.18
C HIS A 121 -4.51 2.33 11.30
N GLN A 122 -3.49 2.94 11.90
CA GLN A 122 -3.72 3.89 12.98
C GLN A 122 -4.83 4.86 12.61
N HIS A 123 -4.74 5.38 11.40
CA HIS A 123 -5.73 6.33 10.91
C HIS A 123 -7.12 5.90 11.38
N LEU A 124 -7.41 4.63 11.19
CA LEU A 124 -8.70 4.09 11.59
C LEU A 124 -8.71 3.87 13.10
N SER A 125 -7.58 3.38 13.61
CA SER A 125 -7.45 3.14 15.03
C SER A 125 -7.87 4.38 15.82
N SER A 126 -7.11 5.44 15.64
CA SER A 126 -7.39 6.69 16.33
C SER A 126 -6.47 7.79 15.82
N ARG A 127 -5.18 7.53 15.92
CA ARG A 127 -4.17 8.48 15.47
C ARG A 127 -4.25 9.77 16.30
N THR A 128 -3.46 9.80 17.35
CA THR A 128 -3.43 10.96 18.23
C THR A 128 -2.80 12.16 17.52
N HIS A 129 -3.66 13.01 17.00
CA HIS A 129 -3.20 14.20 16.29
C HIS A 129 -2.57 13.79 14.96
N GLY A 130 -1.46 13.07 15.07
CA GLY A 130 -0.75 12.61 13.89
C GLY A 130 -0.69 13.70 12.82
N SER A 131 0.15 14.69 13.08
CA SER A 131 0.31 15.80 12.16
C SER A 131 1.44 16.72 12.63
N GLU A 132 2.26 17.13 11.67
CA GLU A 132 3.38 18.01 11.98
C GLU A 132 4.29 17.36 13.02
N ASP A 133 5.46 17.96 13.21
CA ASP A 133 6.43 17.46 14.16
C ASP A 133 7.71 18.29 14.06
N SER A 134 8.08 18.88 15.19
CA SER A 134 9.27 19.70 15.25
C SER A 134 10.15 19.26 16.43
N MET A 1 -5.80 -11.53 17.73
CA MET A 1 -6.54 -10.89 16.66
C MET A 1 -8.01 -11.30 16.69
N GLN A 2 -8.84 -10.40 17.20
CA GLN A 2 -10.27 -10.66 17.30
C GLN A 2 -11.06 -9.42 16.85
N GLY A 3 -12.33 -9.65 16.57
CA GLY A 3 -13.21 -8.58 16.14
C GLY A 3 -13.48 -8.65 14.63
N GLN A 4 -14.23 -7.68 14.14
CA GLN A 4 -14.58 -7.64 12.73
C GLN A 4 -15.40 -6.38 12.43
N ASP A 5 -14.83 -5.53 11.57
CA ASP A 5 -15.50 -4.30 11.20
C ASP A 5 -15.33 -4.09 9.69
N ARG A 6 -16.42 -3.68 9.06
CA ARG A 6 -16.41 -3.43 7.62
C ARG A 6 -15.23 -2.52 7.26
N HIS A 7 -14.84 -1.70 8.21
CA HIS A 7 -13.74 -0.78 7.99
C HIS A 7 -12.42 -1.55 7.99
N MET A 8 -12.06 -2.07 9.16
CA MET A 8 -10.83 -2.82 9.30
C MET A 8 -10.58 -3.70 8.07
N ILE A 9 -11.59 -4.49 7.73
CA ILE A 9 -11.49 -5.37 6.58
C ILE A 9 -10.78 -4.64 5.44
N ARG A 10 -11.19 -3.39 5.23
CA ARG A 10 -10.60 -2.58 4.18
C ARG A 10 -9.07 -2.72 4.19
N MET A 11 -8.48 -2.33 5.32
CA MET A 11 -7.04 -2.39 5.46
C MET A 11 -6.59 -3.83 5.74
N ARG A 12 -7.42 -4.55 6.48
CA ARG A 12 -7.12 -5.93 6.82
C ARG A 12 -6.85 -6.74 5.55
N GLN A 13 -7.75 -6.60 4.59
CA GLN A 13 -7.63 -7.30 3.33
C GLN A 13 -6.45 -6.76 2.53
N LEU A 14 -6.12 -5.50 2.81
CA LEU A 14 -5.02 -4.86 2.12
C LEU A 14 -3.71 -5.58 2.45
N ILE A 15 -3.50 -5.78 3.74
CA ILE A 15 -2.30 -6.46 4.20
C ILE A 15 -2.41 -7.96 3.90
N ASP A 16 -3.65 -8.43 3.90
CA ASP A 16 -3.91 -9.83 3.64
C ASP A 16 -3.49 -10.16 2.20
N ILE A 17 -4.11 -9.45 1.26
CA ILE A 17 -3.81 -9.65 -0.15
C ILE A 17 -2.30 -9.46 -0.37
N VAL A 18 -1.77 -8.41 0.25
CA VAL A 18 -0.36 -8.11 0.12
C VAL A 18 0.46 -9.38 0.34
N ASP A 19 0.39 -9.89 1.57
CA ASP A 19 1.11 -11.09 1.93
C ASP A 19 0.71 -12.22 0.98
N GLN A 20 -0.57 -12.25 0.66
CA GLN A 20 -1.10 -13.28 -0.23
C GLN A 20 -0.35 -13.24 -1.57
N LEU A 21 0.11 -12.06 -1.93
CA LEU A 21 0.84 -11.89 -3.17
C LEU A 21 2.34 -12.11 -2.91
N LYS A 22 2.78 -11.65 -1.76
CA LYS A 22 4.18 -11.79 -1.39
C LYS A 22 4.50 -13.27 -1.18
N ASN A 23 3.49 -13.99 -0.70
CA ASN A 23 3.66 -15.41 -0.45
C ASN A 23 3.90 -16.14 -1.77
N TYR A 24 3.67 -15.40 -2.86
CA TYR A 24 3.86 -15.96 -4.19
C TYR A 24 5.01 -15.27 -4.92
N VAL A 25 5.95 -14.78 -4.13
CA VAL A 25 7.11 -14.09 -4.68
C VAL A 25 7.68 -14.91 -5.83
N ASN A 26 7.56 -16.22 -5.70
CA ASN A 26 8.06 -17.13 -6.72
C ASN A 26 7.47 -16.73 -8.08
N ASP A 27 6.30 -16.12 -8.03
CA ASP A 27 5.62 -15.69 -9.24
C ASP A 27 5.57 -14.17 -9.27
N LEU A 28 6.68 -13.55 -8.91
CA LEU A 28 6.77 -12.10 -8.88
C LEU A 28 7.91 -11.66 -9.80
N VAL A 29 7.58 -10.75 -10.71
CA VAL A 29 8.56 -10.24 -11.64
C VAL A 29 9.18 -8.95 -11.07
N PRO A 30 10.53 -8.97 -10.95
CA PRO A 30 11.25 -7.82 -10.43
C PRO A 30 11.33 -6.70 -11.47
N GLU A 31 10.57 -5.64 -11.22
CA GLU A 31 10.54 -4.51 -12.12
C GLU A 31 10.71 -3.20 -11.34
N PHE A 32 11.07 -2.15 -12.06
CA PHE A 32 11.27 -0.85 -11.45
C PHE A 32 9.96 -0.30 -10.89
N LEU A 33 9.81 -0.43 -9.57
CA LEU A 33 8.62 0.05 -8.90
C LEU A 33 8.98 1.19 -7.96
N PRO A 34 8.20 2.30 -8.07
CA PRO A 34 8.44 3.47 -7.23
C PRO A 34 7.96 3.22 -5.80
N ALA A 35 8.86 3.45 -4.85
CA ALA A 35 8.55 3.26 -3.45
C ALA A 35 8.98 4.50 -2.66
N PRO A 36 8.07 4.94 -1.75
CA PRO A 36 8.34 6.11 -0.92
C PRO A 36 9.35 5.78 0.17
N GLU A 37 10.10 6.80 0.58
CA GLU A 37 11.09 6.63 1.62
C GLU A 37 10.86 7.63 2.74
N ASP A 38 10.45 7.12 3.88
CA ASP A 38 10.18 7.95 5.04
C ASP A 38 9.18 9.04 4.66
N VAL A 39 7.91 8.73 4.88
CA VAL A 39 6.84 9.67 4.57
C VAL A 39 6.33 10.30 5.86
N GLU A 40 6.09 11.61 5.79
CA GLU A 40 5.59 12.34 6.94
C GLU A 40 4.31 11.70 7.46
N THR A 41 3.97 12.08 8.69
CA THR A 41 2.77 11.55 9.32
C THR A 41 1.54 11.80 8.44
N ASN A 42 1.66 12.82 7.61
CA ASN A 42 0.58 13.18 6.71
C ASN A 42 1.06 13.07 5.26
N CYS A 43 1.94 12.10 5.04
CA CYS A 43 2.48 11.88 3.72
C CYS A 43 2.13 10.44 3.28
N GLU A 44 2.23 9.53 4.25
CA GLU A 44 1.93 8.15 3.98
C GLU A 44 0.75 8.03 3.01
N TRP A 45 -0.15 9.00 3.09
CA TRP A 45 -1.32 9.02 2.23
C TRP A 45 -0.85 9.29 0.81
N SER A 46 -0.28 10.48 0.62
CA SER A 46 0.22 10.87 -0.69
C SER A 46 1.15 9.79 -1.24
N ALA A 47 1.70 9.00 -0.34
CA ALA A 47 2.60 7.93 -0.72
C ALA A 47 1.79 6.76 -1.27
N PHE A 48 0.57 6.63 -0.76
CA PHE A 48 -0.31 5.56 -1.19
C PHE A 48 -0.38 5.48 -2.72
N SER A 49 -0.34 6.65 -3.34
CA SER A 49 -0.39 6.73 -4.79
C SER A 49 0.89 6.13 -5.39
N CYS A 50 1.94 6.14 -4.59
CA CYS A 50 3.22 5.60 -5.04
C CYS A 50 3.08 4.09 -5.16
N PHE A 51 2.27 3.52 -4.28
CA PHE A 51 2.04 2.08 -4.30
C PHE A 51 0.89 1.71 -5.24
N GLN A 52 0.20 2.74 -5.70
CA GLN A 52 -0.92 2.54 -6.60
C GLN A 52 -0.44 2.49 -8.04
N LYS A 53 0.29 3.53 -8.43
CA LYS A 53 0.81 3.62 -9.78
C LYS A 53 1.85 2.52 -9.99
N ALA A 54 2.55 2.19 -8.92
CA ALA A 54 3.56 1.14 -8.97
C ALA A 54 3.02 -0.05 -9.76
N GLN A 55 2.11 -0.76 -9.14
CA GLN A 55 1.50 -1.92 -9.76
C GLN A 55 2.49 -3.10 -9.78
N LEU A 56 2.06 -4.20 -9.18
CA LEU A 56 2.89 -5.39 -9.11
C LEU A 56 2.60 -6.28 -10.31
N LYS A 57 3.65 -6.90 -10.81
CA LYS A 57 3.52 -7.78 -11.96
C LYS A 57 4.05 -9.18 -11.60
N SER A 58 3.38 -10.19 -12.11
CA SER A 58 3.79 -11.56 -11.86
C SER A 58 4.90 -11.98 -12.82
N ALA A 59 5.61 -13.02 -12.43
CA ALA A 59 6.70 -13.52 -13.24
C ALA A 59 6.13 -14.18 -14.51
N ASN A 60 4.81 -14.29 -14.53
CA ASN A 60 4.13 -14.88 -15.67
C ASN A 60 4.28 -16.41 -15.60
N THR A 61 4.61 -16.88 -14.41
CA THR A 61 4.77 -18.31 -14.19
C THR A 61 3.50 -19.06 -14.57
N GLY A 62 2.38 -18.39 -14.37
CA GLY A 62 1.09 -18.98 -14.68
C GLY A 62 0.47 -19.62 -13.43
N ASN A 63 1.33 -20.21 -12.62
CA ASN A 63 0.88 -20.86 -11.40
C ASN A 63 0.06 -19.87 -10.58
N ASN A 64 0.77 -18.95 -9.93
CA ASN A 64 0.12 -17.94 -9.11
C ASN A 64 0.09 -16.60 -9.87
N GLU A 65 -0.26 -16.71 -11.15
CA GLU A 65 -0.34 -15.52 -11.99
C GLU A 65 -1.74 -14.92 -11.94
N ARG A 66 -2.70 -15.70 -12.41
CA ARG A 66 -4.08 -15.25 -12.41
C ARG A 66 -4.56 -14.96 -10.99
N ILE A 67 -3.86 -15.57 -10.04
CA ILE A 67 -4.20 -15.38 -8.63
C ILE A 67 -3.66 -14.03 -8.15
N ILE A 68 -2.40 -13.79 -8.50
CA ILE A 68 -1.76 -12.54 -8.11
C ILE A 68 -2.65 -11.37 -8.49
N ASN A 69 -3.37 -11.55 -9.59
CA ASN A 69 -4.26 -10.51 -10.09
C ASN A 69 -5.33 -10.22 -9.02
N VAL A 70 -5.43 -11.14 -8.07
CA VAL A 70 -6.40 -11.00 -7.00
C VAL A 70 -5.87 -10.00 -5.96
N SER A 71 -4.55 -9.94 -5.86
CA SER A 71 -3.91 -9.04 -4.92
C SER A 71 -3.78 -7.65 -5.54
N ILE A 72 -3.45 -7.63 -6.83
CA ILE A 72 -3.29 -6.37 -7.54
C ILE A 72 -4.59 -5.56 -7.42
N LYS A 73 -5.67 -6.16 -7.89
CA LYS A 73 -6.96 -5.51 -7.85
C LYS A 73 -7.13 -4.79 -6.50
N LYS A 74 -6.78 -5.51 -5.45
CA LYS A 74 -6.89 -4.96 -4.10
C LYS A 74 -5.79 -3.92 -3.90
N LEU A 75 -4.55 -4.38 -3.97
CA LEU A 75 -3.41 -3.50 -3.80
C LEU A 75 -3.68 -2.18 -4.52
N LYS A 76 -4.46 -2.27 -5.58
CA LYS A 76 -4.80 -1.10 -6.36
C LYS A 76 -5.94 -0.34 -5.68
N ARG A 77 -5.74 -0.06 -4.40
CA ARG A 77 -6.74 0.66 -3.63
C ARG A 77 -6.67 2.15 -3.92
N LYS A 78 -7.74 2.84 -3.56
CA LYS A 78 -7.82 4.27 -3.78
C LYS A 78 -7.90 4.99 -2.43
N PRO A 79 -7.24 6.17 -2.36
CA PRO A 79 -7.23 6.96 -1.13
C PRO A 79 -8.57 7.66 -0.92
N PRO A 80 -8.70 8.31 0.27
CA PRO A 80 -9.92 9.02 0.60
C PRO A 80 -10.03 10.33 -0.16
N SER A 81 -9.30 11.33 0.33
CA SER A 81 -9.29 12.64 -0.30
C SER A 81 -7.86 13.10 -0.54
N THR A 82 -7.06 13.02 0.52
CA THR A 82 -5.66 13.43 0.44
C THR A 82 -4.87 12.43 -0.41
N ASN A 83 -5.31 12.29 -1.66
CA ASN A 83 -4.65 11.38 -2.57
C ASN A 83 -3.26 11.92 -2.92
N ALA A 84 -3.25 13.20 -3.29
CA ALA A 84 -2.00 13.86 -3.65
C ALA A 84 -1.43 13.19 -4.90
N GLY A 85 -1.00 14.02 -5.84
CA GLY A 85 -0.43 13.53 -7.08
C GLY A 85 0.13 14.68 -7.92
N ARG A 86 1.44 14.89 -7.76
CA ARG A 86 2.11 15.96 -8.50
C ARG A 86 1.47 17.31 -8.18
N ARG A 87 2.16 18.37 -8.58
CA ARG A 87 1.67 19.71 -8.35
C ARG A 87 1.85 20.11 -6.89
N GLN A 88 1.77 21.40 -6.63
CA GLN A 88 1.92 21.92 -5.28
C GLN A 88 1.10 21.08 -4.30
N LYS A 89 1.40 21.28 -3.02
CA LYS A 89 0.70 20.56 -1.97
C LYS A 89 0.04 21.55 -1.02
N HIS A 90 0.81 22.56 -0.64
CA HIS A 90 0.32 23.57 0.27
C HIS A 90 0.08 22.96 1.66
N ARG A 91 -0.86 22.04 1.69
CA ARG A 91 -1.19 21.37 2.94
C ARG A 91 0.04 21.28 3.84
N LEU A 92 1.03 20.54 3.38
CA LEU A 92 2.27 20.38 4.12
C LEU A 92 3.45 20.38 3.16
N THR A 93 4.49 19.66 3.55
CA THR A 93 5.69 19.57 2.73
C THR A 93 6.08 18.11 2.50
N CYS A 94 5.16 17.37 1.91
CA CYS A 94 5.39 15.96 1.63
C CYS A 94 5.82 15.82 0.16
N PRO A 95 6.84 14.95 -0.06
CA PRO A 95 7.35 14.73 -1.40
C PRO A 95 6.38 13.85 -2.21
N SER A 96 6.40 14.06 -3.51
CA SER A 96 5.53 13.31 -4.41
C SER A 96 6.32 12.14 -5.02
N CYS A 97 5.55 11.15 -5.49
CA CYS A 97 6.16 9.98 -6.10
C CYS A 97 7.04 10.44 -7.27
N ASP A 98 8.30 10.70 -6.95
CA ASP A 98 9.25 11.14 -7.96
C ASP A 98 10.64 11.22 -7.34
N SER A 99 10.71 11.82 -6.16
CA SER A 99 11.97 11.95 -5.46
C SER A 99 12.22 10.72 -4.58
N TYR A 100 12.65 9.65 -5.23
CA TYR A 100 12.93 8.41 -4.52
C TYR A 100 13.79 7.48 -5.39
N GLU A 101 13.87 6.23 -4.94
CA GLU A 101 14.66 5.24 -5.65
C GLU A 101 13.83 3.97 -5.87
N LYS A 102 13.76 3.57 -7.14
CA LYS A 102 13.01 2.37 -7.50
C LYS A 102 13.33 1.25 -6.52
N LYS A 103 12.40 0.33 -6.39
CA LYS A 103 12.57 -0.79 -5.49
C LYS A 103 11.91 -2.04 -6.10
N PRO A 104 12.30 -3.22 -5.57
CA PRO A 104 11.77 -4.48 -6.05
C PRO A 104 10.34 -4.69 -5.56
N PRO A 105 9.72 -5.81 -6.05
CA PRO A 105 8.36 -6.13 -5.66
C PRO A 105 8.31 -6.68 -4.23
N LYS A 106 9.05 -7.77 -4.03
CA LYS A 106 9.10 -8.40 -2.72
C LYS A 106 9.12 -7.33 -1.63
N GLU A 107 9.98 -6.35 -1.84
CA GLU A 107 10.11 -5.25 -0.89
C GLU A 107 8.93 -4.29 -1.02
N PHE A 108 8.77 -3.75 -2.23
CA PHE A 108 7.68 -2.83 -2.49
C PHE A 108 6.40 -3.26 -1.79
N LEU A 109 6.19 -4.58 -1.76
CA LEU A 109 5.01 -5.14 -1.12
C LEU A 109 5.21 -5.14 0.39
N GLU A 110 6.32 -5.73 0.81
CA GLU A 110 6.64 -5.81 2.23
C GLU A 110 6.68 -4.41 2.84
N ARG A 111 6.94 -3.43 1.98
CA ARG A 111 7.03 -2.05 2.43
C ARG A 111 5.65 -1.39 2.33
N PHE A 112 5.03 -1.53 1.17
CA PHE A 112 3.72 -0.95 0.94
C PHE A 112 2.76 -1.30 2.09
N LYS A 113 2.52 -2.58 2.26
CA LYS A 113 1.64 -3.04 3.31
C LYS A 113 1.95 -2.29 4.61
N SER A 114 3.18 -2.49 5.08
CA SER A 114 3.62 -1.84 6.30
C SER A 114 3.16 -0.38 6.31
N LEU A 115 3.44 0.31 5.21
CA LEU A 115 3.06 1.70 5.09
C LEU A 115 1.53 1.83 5.14
N LEU A 116 0.87 0.82 4.59
CA LEU A 116 -0.58 0.80 4.57
C LEU A 116 -1.10 0.42 5.95
N GLN A 117 -0.29 -0.36 6.65
CA GLN A 117 -0.65 -0.80 7.99
C GLN A 117 -0.02 0.10 9.05
N LYS A 118 0.74 1.08 8.56
CA LYS A 118 1.41 2.02 9.44
C LYS A 118 0.57 3.30 9.56
N MET A 119 0.19 3.82 8.41
CA MET A 119 -0.61 5.03 8.36
C MET A 119 -2.10 4.71 8.33
N ILE A 120 -2.56 4.25 7.18
CA ILE A 120 -3.96 3.90 7.02
C ILE A 120 -4.46 3.20 8.29
N HIS A 121 -3.65 2.28 8.77
CA HIS A 121 -4.00 1.53 9.97
C HIS A 121 -4.31 2.52 11.10
N GLN A 122 -3.28 3.17 11.59
CA GLN A 122 -3.43 4.14 12.66
C GLN A 122 -4.60 5.08 12.37
N HIS A 123 -4.81 5.33 11.09
CA HIS A 123 -5.89 6.20 10.66
C HIS A 123 -7.22 5.67 11.19
N LEU A 124 -7.47 4.41 10.90
CA LEU A 124 -8.70 3.77 11.34
C LEU A 124 -8.88 4.03 12.84
N SER A 125 -7.83 3.77 13.59
CA SER A 125 -7.86 3.96 15.03
C SER A 125 -7.73 5.45 15.37
N SER A 126 -8.22 5.80 16.55
CA SER A 126 -8.17 7.18 17.00
C SER A 126 -9.34 7.97 16.41
N ARG A 127 -9.29 8.15 15.09
CA ARG A 127 -10.34 8.87 14.40
C ARG A 127 -11.67 8.11 14.50
N THR A 128 -12.61 8.72 15.21
CA THR A 128 -13.91 8.12 15.39
C THR A 128 -15.01 9.04 14.84
N HIS A 129 -16.08 8.41 14.36
CA HIS A 129 -17.19 9.16 13.80
C HIS A 129 -18.43 8.27 13.75
N GLY A 130 -18.28 7.15 13.05
CA GLY A 130 -19.38 6.21 12.91
C GLY A 130 -19.13 4.96 13.75
N SER A 131 -19.10 5.16 15.06
CA SER A 131 -18.88 4.08 16.00
C SER A 131 -19.52 4.40 17.35
N GLU A 132 -20.82 4.12 17.42
CA GLU A 132 -21.56 4.38 18.66
C GLU A 132 -21.52 5.88 18.99
N ASP A 133 -22.61 6.34 19.59
CA ASP A 133 -22.72 7.73 19.97
C ASP A 133 -21.66 8.05 21.03
N SER A 134 -21.01 9.19 20.85
CA SER A 134 -19.97 9.62 21.78
C SER A 134 -20.50 9.56 23.21
#